data_9BGO
#
_entry.id   9BGO
#
_cell.length_a   1.00
_cell.length_b   1.00
_cell.length_c   1.00
_cell.angle_alpha   90.00
_cell.angle_beta   90.00
_cell.angle_gamma   90.00
#
_symmetry.space_group_name_H-M   'P 1'
#
_entity_poly.entity_id   1
_entity_poly.type   'polypeptide(L)'
_entity_poly.pdbx_seq_one_letter_code
;MAQEITWRNIGATVSPGSASSMSAGTTGVQQALGALGDIISRQQEMNVNNAKLQREANTQSYLDQVAASTLEQLSNADYR
SGLEAQRDAMGMNLDRAATRDAITKQISAQQNQAAATQKFDDMQAEVGQRGIVDQLRTLSAEGRAGEVNQILAEQQLINE
GEIRKELTGVQDAIQNRQYRAAGEQRAQAAANRAAEAHSLSMAAGRENLAFTREQRDELRRDRDEAKLVSGTIATTFQDY
DESRQAQSEIMRIVGKEVGMPTDDQGMPDMSRASQDQLDAFSNALNEAGVQANTSPTERRNAVLKSLVDAGVSSKGIAQA
KQEMELRESLEGLAPQDRTKVEATIGAVNAELDTLQRTATEDYEREVARNPFVEPDKDPLGSVNKIVDKAVKSGFGWEGD
RQDLNNMLVDFATNGIKLPDGRTAVVPSKLLEQAFNTTNTWLFKNAGDVEKRIIELMTTDGMTQMREDAPTIRENFLKTV
SDIANQKRSNAVKVTRSAEREKGVTMDPTDDLTFALRGRKR
;
_entity_poly.pdbx_strand_id   A,B,C,D,E,F,G,H,I,J,K,L
#
# COMPACT_ATOMS: atom_id res chain seq x y z
N ASP A 95 -12.34 -63.00 57.07
CA ASP A 95 -13.40 -62.74 58.04
C ASP A 95 -13.13 -63.48 59.34
N ARG A 96 -13.85 -63.08 60.40
CA ARG A 96 -13.70 -63.69 61.71
C ARG A 96 -14.98 -64.42 62.06
N ALA A 97 -14.86 -65.70 62.43
CA ALA A 97 -16.00 -66.53 62.79
C ALA A 97 -16.03 -66.88 64.28
N ALA A 98 -15.27 -66.17 65.10
CA ALA A 98 -15.23 -66.47 66.53
C ALA A 98 -16.54 -66.07 67.19
N THR A 99 -16.89 -66.81 68.25
CA THR A 99 -18.12 -66.56 69.00
C THR A 99 -17.86 -65.49 70.05
N ARG A 100 -18.65 -64.42 70.02
CA ARG A 100 -18.48 -63.33 70.96
C ARG A 100 -18.81 -63.76 72.39
N ASP A 101 -19.97 -64.38 72.58
CA ASP A 101 -20.44 -64.87 73.88
C ASP A 101 -20.56 -63.69 74.83
N ALA A 102 -19.85 -63.65 75.97
CA ALA A 102 -20.06 -62.60 76.96
C ALA A 102 -19.61 -61.24 76.44
N ILE A 103 -18.42 -61.17 75.85
CA ILE A 103 -17.75 -59.95 75.39
C ILE A 103 -18.10 -58.75 76.27
N THR A 104 -17.77 -58.85 77.56
CA THR A 104 -18.13 -57.78 78.49
C THR A 104 -17.30 -56.53 78.26
N LYS A 105 -16.04 -56.69 77.85
CA LYS A 105 -15.12 -55.57 77.70
C LYS A 105 -14.43 -55.63 76.35
N GLN A 106 -13.92 -54.48 75.94
CA GLN A 106 -13.10 -54.32 74.73
C GLN A 106 -13.89 -54.54 73.44
N ILE A 107 -15.17 -54.86 73.57
CA ILE A 107 -16.05 -55.07 72.42
C ILE A 107 -17.19 -54.06 72.39
N SER A 108 -17.82 -53.80 73.55
CA SER A 108 -18.70 -52.64 73.65
C SER A 108 -17.91 -51.36 73.41
N ALA A 109 -16.69 -51.30 73.97
CA ALA A 109 -15.78 -50.20 73.65
C ALA A 109 -15.44 -50.18 72.17
N GLN A 110 -15.33 -51.35 71.54
CA GLN A 110 -15.07 -51.40 70.10
C GLN A 110 -16.22 -50.79 69.31
N GLN A 111 -17.46 -51.13 69.68
CA GLN A 111 -18.61 -50.53 69.01
C GLN A 111 -18.66 -49.03 69.24
N ASN A 112 -18.36 -48.59 70.46
CA ASN A 112 -18.40 -47.17 70.76
C ASN A 112 -17.33 -46.41 69.98
N GLN A 113 -16.13 -46.98 69.85
CA GLN A 113 -15.08 -46.30 69.10
C GLN A 113 -15.39 -46.32 67.60
N ALA A 114 -16.03 -47.38 67.12
CA ALA A 114 -16.48 -47.39 65.73
C ALA A 114 -17.49 -46.27 65.50
N ALA A 115 -18.43 -46.09 66.43
CA ALA A 115 -19.39 -45.01 66.32
C ALA A 115 -18.70 -43.64 66.34
N ALA A 116 -17.71 -43.47 67.23
CA ALA A 116 -16.98 -42.22 67.28
C ALA A 116 -16.25 -41.95 65.96
N THR A 117 -15.60 -42.97 65.41
CA THR A 117 -14.87 -42.80 64.16
C THR A 117 -15.81 -42.46 63.01
N GLN A 118 -16.95 -43.14 62.91
CA GLN A 118 -17.88 -42.84 61.82
C GLN A 118 -18.48 -41.45 61.98
N LYS A 119 -18.74 -41.02 63.22
CA LYS A 119 -19.25 -39.68 63.43
C LYS A 119 -18.21 -38.63 63.04
N PHE A 120 -16.94 -38.88 63.38
CA PHE A 120 -15.88 -37.97 62.98
C PHE A 120 -15.75 -37.90 61.46
N ASP A 121 -15.85 -39.06 60.80
CA ASP A 121 -15.78 -39.08 59.34
C ASP A 121 -16.96 -38.32 58.72
N ASP A 122 -18.16 -38.50 59.27
CA ASP A 122 -19.32 -37.78 58.76
C ASP A 122 -19.17 -36.28 58.95
N MET A 123 -18.66 -35.85 60.11
CA MET A 123 -18.44 -34.43 60.35
C MET A 123 -17.38 -33.87 59.41
N GLN A 124 -16.31 -34.63 59.16
CA GLN A 124 -15.27 -34.17 58.25
C GLN A 124 -15.76 -34.11 56.81
N ALA A 125 -16.70 -34.99 56.45
CA ALA A 125 -17.25 -34.97 55.09
C ALA A 125 -17.99 -33.68 54.79
N GLU A 126 -18.46 -32.97 55.82
CA GLU A 126 -19.17 -31.71 55.67
C GLU A 126 -20.40 -31.87 54.77
N VAL A 127 -21.35 -32.68 55.23
CA VAL A 127 -22.58 -32.90 54.48
C VAL A 127 -23.35 -31.59 54.37
N GLY A 128 -23.79 -31.28 53.15
CA GLY A 128 -24.46 -30.02 52.92
C GLY A 128 -23.48 -28.86 52.95
N GLN A 129 -24.02 -27.68 53.26
CA GLN A 129 -23.24 -26.45 53.35
C GLN A 129 -23.10 -26.06 54.81
N ARG A 130 -21.87 -25.77 55.24
CA ARG A 130 -21.58 -25.38 56.61
C ARG A 130 -20.46 -24.35 56.58
N GLY A 131 -19.85 -24.10 57.73
CA GLY A 131 -18.75 -23.17 57.82
C GLY A 131 -17.40 -23.80 57.53
N ILE A 132 -16.45 -23.61 58.44
CA ILE A 132 -15.11 -24.18 58.33
C ILE A 132 -14.46 -23.71 57.02
N VAL A 133 -14.18 -22.42 56.93
CA VAL A 133 -13.51 -21.89 55.74
C VAL A 133 -12.12 -22.48 55.59
N ASP A 134 -11.37 -22.58 56.70
CA ASP A 134 -10.04 -23.15 56.69
C ASP A 134 -10.16 -24.68 56.77
N GLN A 135 -9.04 -25.36 57.00
CA GLN A 135 -9.07 -26.82 57.07
C GLN A 135 -9.94 -27.29 58.24
N LEU A 136 -9.77 -26.68 59.41
CA LEU A 136 -10.56 -26.98 60.61
C LEU A 136 -10.50 -28.46 60.94
N ARG A 137 -9.28 -28.96 61.12
CA ARG A 137 -9.09 -30.37 61.48
C ARG A 137 -9.71 -30.67 62.83
N THR A 138 -9.53 -29.77 63.80
CA THR A 138 -10.08 -29.92 65.16
C THR A 138 -9.64 -31.23 65.80
N LEU A 139 -8.38 -31.60 65.58
CA LEU A 139 -7.85 -32.82 66.18
C LEU A 139 -7.67 -32.66 67.69
N SER A 140 -7.15 -31.52 68.13
CA SER A 140 -6.94 -31.23 69.54
C SER A 140 -7.36 -29.80 69.83
N ALA A 141 -7.33 -29.44 71.12
CA ALA A 141 -7.70 -28.09 71.52
C ALA A 141 -6.74 -27.06 70.94
N GLU A 142 -5.44 -27.36 70.98
CA GLU A 142 -4.46 -26.44 70.41
C GLU A 142 -4.63 -26.29 68.90
N GLY A 143 -4.84 -27.41 68.21
CA GLY A 143 -5.06 -27.35 66.77
C GLY A 143 -6.35 -26.64 66.42
N ARG A 144 -7.40 -26.87 67.21
CA ARG A 144 -8.67 -26.19 66.96
C ARG A 144 -8.53 -24.69 67.18
N ALA A 145 -7.78 -24.29 68.21
CA ALA A 145 -7.54 -22.86 68.43
C ALA A 145 -6.73 -22.26 67.29
N GLY A 146 -5.74 -23.00 66.78
CA GLY A 146 -5.00 -22.53 65.63
C GLY A 146 -5.88 -22.36 64.40
N GLU A 147 -6.79 -23.31 64.18
CA GLU A 147 -7.73 -23.18 63.07
C GLU A 147 -8.67 -21.99 63.24
N VAL A 148 -9.13 -21.75 64.48
CA VAL A 148 -9.98 -20.59 64.75
C VAL A 148 -9.22 -19.30 64.46
N ASN A 149 -7.95 -19.25 64.86
CA ASN A 149 -7.11 -18.09 64.52
C ASN A 149 -6.96 -17.95 63.01
N GLN A 150 -6.83 -19.07 62.31
CA GLN A 150 -6.78 -19.02 60.84
C GLN A 150 -8.05 -18.46 60.26
N ILE A 151 -9.20 -18.75 60.89
CA ILE A 151 -10.47 -18.18 60.45
C ILE A 151 -10.45 -16.66 60.62
N LEU A 152 -9.91 -16.18 61.74
CA LEU A 152 -9.81 -14.75 62.00
C LEU A 152 -8.95 -14.05 60.97
N GLU A 162 6.08 -2.48 62.91
CA GLU A 162 4.77 -2.04 62.46
C GLU A 162 4.13 -3.08 61.54
N ILE A 163 4.25 -2.86 60.22
CA ILE A 163 3.74 -3.85 59.27
C ILE A 163 4.59 -5.11 59.29
N ARG A 164 5.92 -4.96 59.34
CA ARG A 164 6.79 -6.11 59.46
C ARG A 164 6.61 -6.82 60.79
N LYS A 165 6.18 -6.09 61.82
CA LYS A 165 5.88 -6.70 63.11
C LYS A 165 4.85 -7.82 62.96
N GLU A 166 3.65 -7.46 62.50
CA GLU A 166 2.60 -8.46 62.32
C GLU A 166 2.96 -9.46 61.24
N LEU A 167 3.67 -9.03 60.19
CA LEU A 167 4.07 -9.95 59.14
C LEU A 167 4.94 -11.08 59.68
N THR A 168 5.88 -10.75 60.58
CA THR A 168 6.71 -11.78 61.18
C THR A 168 5.95 -12.57 62.24
N GLY A 169 5.10 -11.90 63.02
CA GLY A 169 4.41 -12.57 64.11
C GLY A 169 3.42 -13.62 63.63
N VAL A 170 2.63 -13.29 62.60
CA VAL A 170 1.67 -14.25 62.07
C VAL A 170 2.39 -15.47 61.51
N GLN A 171 3.46 -15.24 60.77
CA GLN A 171 4.22 -16.35 60.20
C GLN A 171 4.82 -17.22 61.31
N ASP A 172 5.40 -16.60 62.34
CA ASP A 172 5.98 -17.37 63.43
C ASP A 172 4.91 -18.20 64.15
N ALA A 173 3.74 -17.61 64.40
CA ALA A 173 2.67 -18.34 65.05
C ALA A 173 2.23 -19.53 64.21
N ILE A 174 2.06 -19.31 62.90
CA ILE A 174 1.65 -20.40 62.01
C ILE A 174 2.69 -21.51 62.01
N GLN A 175 3.97 -21.15 61.92
CA GLN A 175 5.03 -22.16 61.88
C GLN A 175 5.06 -22.97 63.16
N ASN A 176 4.99 -22.29 64.31
CA ASN A 176 5.03 -23.01 65.59
C ASN A 176 3.83 -23.94 65.74
N ARG A 177 2.63 -23.44 65.42
CA ARG A 177 1.43 -24.26 65.55
C ARG A 177 1.48 -25.47 64.62
N GLN A 178 1.89 -25.25 63.37
CA GLN A 178 1.97 -26.35 62.41
C GLN A 178 2.99 -27.39 62.85
N TYR A 179 4.16 -26.94 63.31
CA TYR A 179 5.19 -27.87 63.75
C TYR A 179 4.70 -28.70 64.93
N ARG A 180 4.09 -28.05 65.93
CA ARG A 180 3.61 -28.76 67.10
C ARG A 180 2.53 -29.78 66.73
N ALA A 181 1.57 -29.36 65.89
CA ALA A 181 0.49 -30.25 65.51
C ALA A 181 1.00 -31.44 64.71
N ALA A 182 1.92 -31.20 63.76
CA ALA A 182 2.47 -32.29 62.97
C ALA A 182 3.25 -33.26 63.85
N GLY A 183 4.05 -32.74 64.79
CA GLY A 183 4.76 -33.62 65.69
C GLY A 183 3.83 -34.47 66.53
N GLU A 184 2.77 -33.84 67.07
CA GLU A 184 1.82 -34.57 67.90
C GLU A 184 1.11 -35.66 67.11
N GLN A 185 0.68 -35.35 65.88
CA GLN A 185 -0.07 -36.35 65.11
C GLN A 185 0.84 -37.47 64.64
N ARG A 186 2.08 -37.17 64.25
CA ARG A 186 3.01 -38.23 63.87
C ARG A 186 3.32 -39.12 65.07
N ALA A 187 3.52 -38.51 66.25
CA ALA A 187 3.76 -39.31 67.45
C ALA A 187 2.58 -40.20 67.77
N GLN A 188 1.36 -39.67 67.63
CA GLN A 188 0.17 -40.48 67.92
C GLN A 188 0.06 -41.65 66.95
N ALA A 189 0.31 -41.41 65.66
CA ALA A 189 0.24 -42.49 64.68
C ALA A 189 1.29 -43.56 64.95
N ALA A 190 2.53 -43.12 65.25
CA ALA A 190 3.59 -44.08 65.55
C ALA A 190 3.26 -44.89 66.79
N ALA A 191 2.71 -44.23 67.82
CA ALA A 191 2.33 -44.95 69.03
C ALA A 191 1.22 -45.95 68.77
N ASN A 192 0.25 -45.58 67.91
CA ASN A 192 -0.82 -46.51 67.56
C ASN A 192 -0.25 -47.74 66.85
N ARG A 193 0.65 -47.52 65.90
CA ARG A 193 1.25 -48.66 65.20
C ARG A 193 2.05 -49.54 66.15
N ALA A 194 2.80 -48.92 67.07
CA ALA A 194 3.58 -49.69 68.03
C ALA A 194 2.67 -50.49 68.95
N ALA A 195 1.55 -49.90 69.38
CA ALA A 195 0.61 -50.62 70.23
C ALA A 195 -0.01 -51.80 69.51
N GLU A 196 -0.37 -51.61 68.23
CA GLU A 196 -0.90 -52.72 67.46
C GLU A 196 0.11 -53.84 67.31
N ALA A 197 1.37 -53.48 67.04
CA ALA A 197 2.42 -54.49 66.93
C ALA A 197 2.63 -55.22 68.24
N HIS A 198 2.58 -54.49 69.36
CA HIS A 198 2.76 -55.12 70.67
C HIS A 198 1.63 -56.07 70.98
N SER A 199 0.38 -55.68 70.64
CA SER A 199 -0.75 -56.58 70.85
C SER A 199 -0.61 -57.83 69.99
N LEU A 200 -0.18 -57.67 68.74
CA LEU A 200 0.01 -58.83 67.88
C LEU A 200 1.09 -59.76 68.43
N SER A 201 2.18 -59.19 68.93
CA SER A 201 3.26 -60.00 69.51
C SER A 201 2.77 -60.73 70.75
N MET A 202 2.02 -60.05 71.61
CA MET A 202 1.52 -60.67 72.83
C MET A 202 0.46 -61.73 72.54
N ALA A 203 -0.22 -61.64 71.39
CA ALA A 203 -1.31 -62.55 71.08
C ALA A 203 -0.82 -63.95 70.72
N ALA A 204 0.47 -64.23 70.95
CA ALA A 204 1.01 -65.55 70.71
C ALA A 204 0.37 -66.56 71.66
N GLY A 205 0.03 -67.73 71.13
CA GLY A 205 -0.58 -68.77 71.93
C GLY A 205 -2.02 -69.06 71.54
N PHE A 211 -10.00 -63.45 77.55
CA PHE A 211 -9.52 -63.56 76.18
C PHE A 211 -8.05 -63.18 76.08
N THR A 212 -7.24 -63.70 77.00
CA THR A 212 -5.80 -63.45 77.05
C THR A 212 -5.52 -61.94 77.10
N ARG A 213 -5.96 -61.32 78.19
CA ARG A 213 -5.85 -59.87 78.32
C ARG A 213 -4.45 -59.46 78.77
N GLU A 214 -4.09 -59.81 80.01
CA GLU A 214 -2.78 -59.49 80.58
C GLU A 214 -2.46 -57.99 80.55
N GLN A 215 -1.20 -57.64 80.83
CA GLN A 215 -0.82 -56.25 80.93
C GLN A 215 -0.83 -55.55 79.58
N ARG A 216 -0.51 -56.26 78.51
CA ARG A 216 -0.52 -55.64 77.19
C ARG A 216 -1.91 -55.16 76.81
N ASP A 217 -2.92 -56.02 76.97
CA ASP A 217 -4.28 -55.58 76.71
C ASP A 217 -4.83 -54.68 77.79
N GLU A 218 -4.24 -54.68 79.00
CA GLU A 218 -4.60 -53.66 79.97
C GLU A 218 -4.18 -52.27 79.49
N LEU A 219 -2.95 -52.15 78.98
CA LEU A 219 -2.50 -50.90 78.38
C LEU A 219 -3.35 -50.54 77.18
N ARG A 220 -3.67 -51.53 76.35
CA ARG A 220 -4.56 -51.30 75.21
C ARG A 220 -5.92 -50.80 75.68
N ARG A 221 -6.44 -51.36 76.76
CA ARG A 221 -7.75 -50.97 77.28
C ARG A 221 -7.74 -49.54 77.77
N ASP A 222 -6.71 -49.15 78.53
CA ASP A 222 -6.69 -47.78 79.04
C ASP A 222 -6.48 -46.77 77.92
N ARG A 223 -5.63 -47.11 76.93
CA ARG A 223 -5.47 -46.22 75.79
C ARG A 223 -6.76 -46.09 75.00
N ASP A 224 -7.48 -47.21 74.82
CA ASP A 224 -8.75 -47.15 74.12
C ASP A 224 -9.80 -46.37 74.90
N GLU A 225 -9.77 -46.46 76.22
CA GLU A 225 -10.69 -45.65 77.03
C GLU A 225 -10.38 -44.17 76.84
N ALA A 226 -9.10 -43.81 76.83
CA ALA A 226 -8.74 -42.41 76.58
C ALA A 226 -9.21 -41.96 75.20
N LYS A 227 -9.03 -42.81 74.19
CA LYS A 227 -9.46 -42.48 72.84
C LYS A 227 -10.97 -42.32 72.77
N LEU A 228 -11.71 -43.22 73.42
CA LEU A 228 -13.16 -43.11 73.48
C LEU A 228 -13.59 -41.82 74.14
N VAL A 229 -12.94 -41.46 75.25
CA VAL A 229 -13.28 -40.22 75.94
C VAL A 229 -13.05 -39.03 75.01
N SER A 230 -11.89 -38.98 74.36
CA SER A 230 -11.58 -37.85 73.49
C SER A 230 -12.58 -37.76 72.34
N GLY A 231 -12.89 -38.89 71.70
CA GLY A 231 -13.82 -38.86 70.59
C GLY A 231 -15.22 -38.45 70.99
N THR A 232 -15.71 -39.00 72.11
CA THR A 232 -17.04 -38.64 72.60
C THR A 232 -17.13 -37.16 72.94
N ILE A 233 -16.09 -36.63 73.58
CA ILE A 233 -16.10 -35.22 73.98
C ILE A 233 -16.09 -34.33 72.75
N ALA A 234 -15.26 -34.67 71.75
CA ALA A 234 -15.23 -33.90 70.52
C ALA A 234 -16.58 -33.93 69.82
N THR A 235 -17.21 -35.11 69.77
CA THR A 235 -18.52 -35.21 69.13
C THR A 235 -19.56 -34.38 69.86
N THR A 236 -19.55 -34.41 71.20
CA THR A 236 -20.51 -33.63 71.96
C THR A 236 -20.32 -32.13 71.72
N PHE A 237 -19.07 -31.67 71.72
CA PHE A 237 -18.83 -30.25 71.46
C PHE A 237 -19.25 -29.85 70.05
N GLN A 238 -18.95 -30.70 69.06
CA GLN A 238 -19.35 -30.40 67.69
C GLN A 238 -20.87 -30.34 67.56
N ASP A 239 -21.57 -31.25 68.22
CA ASP A 239 -23.03 -31.22 68.19
C ASP A 239 -23.56 -29.96 68.87
N TYR A 240 -22.93 -29.55 69.97
CA TYR A 240 -23.39 -28.37 70.69
C TYR A 240 -23.18 -27.10 69.88
N ASP A 241 -22.12 -27.05 69.07
CA ASP A 241 -21.79 -25.82 68.35
C ASP A 241 -22.90 -25.39 67.40
N GLU A 242 -23.54 -26.36 66.73
CA GLU A 242 -24.62 -26.02 65.80
C GLU A 242 -25.79 -25.36 66.53
N SER A 243 -26.17 -25.92 67.69
CA SER A 243 -27.22 -25.30 68.49
C SER A 243 -26.81 -23.93 68.99
N ARG A 244 -25.53 -23.78 69.36
CA ARG A 244 -25.05 -22.47 69.80
C ARG A 244 -25.20 -21.44 68.69
N GLN A 245 -24.84 -21.79 67.46
CA GLN A 245 -24.98 -20.86 66.35
C GLN A 245 -26.45 -20.57 66.07
N ALA A 246 -27.31 -21.59 66.10
CA ALA A 246 -28.72 -21.38 65.83
C ALA A 246 -29.34 -20.44 66.85
N GLN A 247 -28.98 -20.58 68.13
CA GLN A 247 -29.49 -19.69 69.15
C GLN A 247 -28.83 -18.30 69.09
N SER A 248 -27.56 -18.25 68.68
CA SER A 248 -26.89 -16.97 68.51
C SER A 248 -27.54 -16.14 67.41
N GLU A 249 -28.14 -16.80 66.43
CA GLU A 249 -28.93 -16.09 65.43
C GLU A 249 -29.98 -15.21 66.11
N ILE A 250 -30.77 -15.81 67.01
CA ILE A 250 -31.83 -15.05 67.68
C ILE A 250 -31.25 -14.07 68.70
N MET A 251 -30.15 -14.43 69.39
CA MET A 251 -29.56 -13.42 70.27
C MET A 251 -29.15 -12.19 69.50
N ARG A 252 -28.53 -12.38 68.32
CA ARG A 252 -28.14 -11.23 67.50
C ARG A 252 -29.37 -10.47 67.00
N ILE A 253 -30.41 -11.18 66.57
CA ILE A 253 -31.60 -10.51 66.06
C ILE A 253 -32.23 -9.65 67.16
N VAL A 254 -32.36 -10.22 68.37
CA VAL A 254 -32.95 -9.46 69.47
C VAL A 254 -32.07 -8.27 69.83
N GLY A 255 -30.74 -8.48 69.90
CA GLY A 255 -29.84 -7.39 70.23
C GLY A 255 -29.90 -6.26 69.23
N LYS A 256 -30.03 -6.60 67.94
CA LYS A 256 -30.20 -5.57 66.92
C LYS A 256 -31.55 -4.87 67.08
N GLU A 257 -32.58 -5.62 67.45
CA GLU A 257 -33.90 -5.02 67.63
C GLU A 257 -33.89 -3.98 68.74
N VAL A 258 -33.40 -4.35 69.92
CA VAL A 258 -33.31 -3.39 71.02
C VAL A 258 -32.16 -2.41 70.80
N GLY A 259 -31.00 -2.92 70.39
CA GLY A 259 -29.86 -2.10 70.01
C GLY A 259 -28.77 -2.00 71.05
N MET A 260 -27.77 -2.86 70.93
CA MET A 260 -26.56 -2.94 71.74
C MET A 260 -25.33 -2.77 70.85
N PRO A 261 -24.20 -2.34 71.41
CA PRO A 261 -22.97 -2.28 70.63
C PRO A 261 -22.56 -3.68 70.18
N THR A 262 -22.37 -3.83 68.88
CA THR A 262 -22.16 -5.14 68.26
C THR A 262 -20.99 -5.07 67.28
N ASP A 263 -20.44 -6.26 66.99
CA ASP A 263 -19.35 -6.41 66.03
C ASP A 263 -19.72 -7.42 64.96
N ASP A 264 -18.73 -7.86 64.18
CA ASP A 264 -19.01 -8.72 63.03
C ASP A 264 -19.75 -9.99 63.41
N GLN A 265 -19.53 -10.50 64.62
CA GLN A 265 -20.23 -11.71 65.04
C GLN A 265 -21.71 -11.47 65.33
N GLY A 266 -22.09 -10.23 65.61
CA GLY A 266 -23.48 -9.88 65.82
C GLY A 266 -23.95 -9.88 67.27
N MET A 267 -23.26 -10.58 68.15
CA MET A 267 -23.66 -10.61 69.55
C MET A 267 -23.13 -9.36 70.26
N PRO A 268 -23.90 -8.80 71.19
CA PRO A 268 -23.46 -7.60 71.90
C PRO A 268 -22.12 -7.82 72.62
N ASP A 269 -21.30 -6.77 72.63
CA ASP A 269 -19.95 -6.82 73.19
C ASP A 269 -20.02 -6.95 74.70
N MET A 270 -19.27 -7.92 75.26
CA MET A 270 -19.34 -8.16 76.70
C MET A 270 -18.80 -6.99 77.49
N SER A 271 -17.64 -6.45 77.11
CA SER A 271 -17.05 -5.35 77.86
C SER A 271 -17.89 -4.09 77.75
N ARG A 272 -18.42 -3.80 76.57
CA ARG A 272 -19.19 -2.58 76.35
C ARG A 272 -20.63 -2.67 76.85
N ALA A 273 -21.14 -3.88 77.08
CA ALA A 273 -22.51 -4.04 77.56
C ALA A 273 -22.57 -3.68 79.05
N SER A 274 -23.24 -2.58 79.36
CA SER A 274 -23.47 -2.21 80.75
C SER A 274 -24.66 -2.99 81.31
N GLN A 275 -24.97 -2.71 82.58
CA GLN A 275 -26.12 -3.35 83.20
C GLN A 275 -27.41 -2.95 82.50
N ASP A 276 -27.55 -1.67 82.13
CA ASP A 276 -28.72 -1.23 81.40
C ASP A 276 -28.78 -1.88 80.01
N GLN A 277 -27.61 -2.07 79.38
CA GLN A 277 -27.58 -2.77 78.10
C GLN A 277 -28.06 -4.20 78.24
N LEU A 278 -27.62 -4.90 79.28
CA LEU A 278 -28.07 -6.26 79.51
C LEU A 278 -29.50 -6.34 80.02
N ASP A 279 -30.06 -5.21 80.47
CA ASP A 279 -31.45 -5.21 80.87
C ASP A 279 -32.38 -5.52 79.71
N ALA A 280 -32.03 -5.09 78.50
CA ALA A 280 -32.83 -5.43 77.33
C ALA A 280 -32.84 -6.93 77.09
N PHE A 281 -31.68 -7.58 77.22
CA PHE A 281 -31.61 -9.02 77.07
C PHE A 281 -32.39 -9.73 78.17
N SER A 282 -32.31 -9.20 79.40
CA SER A 282 -33.07 -9.79 80.50
C SER A 282 -34.58 -9.70 80.24
N ASN A 283 -35.04 -8.54 79.76
CA ASN A 283 -36.45 -8.38 79.44
C ASN A 283 -36.87 -9.29 78.30
N ALA A 284 -36.00 -9.45 77.30
CA ALA A 284 -36.31 -10.37 76.20
C ALA A 284 -36.41 -11.80 76.69
N LEU A 285 -35.51 -12.20 77.58
CA LEU A 285 -35.57 -13.55 78.15
C LEU A 285 -36.84 -13.75 78.97
N ASN A 286 -37.23 -12.74 79.74
CA ASN A 286 -38.49 -12.81 80.46
C ASN A 286 -39.68 -12.87 79.50
N GLU A 287 -39.52 -12.27 78.32
CA GLU A 287 -40.60 -12.26 77.34
C GLU A 287 -40.82 -13.63 76.72
N ALA A 288 -39.81 -14.15 76.04
CA ALA A 288 -39.93 -15.44 75.36
C ALA A 288 -38.54 -16.08 75.32
N GLY A 289 -38.37 -17.06 74.45
CA GLY A 289 -37.11 -17.76 74.33
C GLY A 289 -37.00 -18.97 75.22
N VAL A 290 -36.93 -18.73 76.54
CA VAL A 290 -36.84 -19.78 77.55
C VAL A 290 -35.65 -20.69 77.27
N GLN A 291 -34.53 -20.08 76.87
CA GLN A 291 -33.30 -20.83 76.60
C GLN A 291 -32.48 -20.86 77.88
N ALA A 292 -32.64 -21.93 78.66
CA ALA A 292 -31.93 -22.05 79.93
C ALA A 292 -30.42 -22.14 79.72
N ASN A 293 -29.99 -22.92 78.72
CA ASN A 293 -28.57 -23.13 78.44
C ASN A 293 -27.83 -23.64 79.67
N THR A 294 -28.49 -24.51 80.42
CA THR A 294 -27.90 -25.12 81.61
C THR A 294 -27.02 -26.32 81.29
N SER A 295 -26.99 -26.74 80.03
CA SER A 295 -26.15 -27.85 79.57
C SER A 295 -24.76 -27.91 80.21
N PRO A 296 -24.02 -26.78 80.39
CA PRO A 296 -22.69 -26.86 81.02
C PRO A 296 -22.61 -27.67 82.30
N THR A 297 -23.74 -28.01 82.93
CA THR A 297 -23.71 -29.08 83.92
C THR A 297 -24.24 -30.39 83.36
N GLU A 298 -25.50 -30.43 82.91
CA GLU A 298 -26.11 -31.69 82.51
C GLU A 298 -25.22 -32.44 81.53
N ARG A 299 -24.66 -31.72 80.55
CA ARG A 299 -23.80 -32.30 79.54
C ARG A 299 -22.86 -33.34 80.15
N ARG A 300 -22.00 -32.92 81.10
CA ARG A 300 -20.94 -33.86 81.47
C ARG A 300 -21.51 -35.07 82.19
N ASN A 301 -22.55 -34.87 83.00
CA ASN A 301 -23.13 -36.04 83.68
C ASN A 301 -23.68 -37.01 82.65
N ALA A 302 -24.34 -36.49 81.62
CA ALA A 302 -24.80 -37.34 80.53
C ALA A 302 -23.63 -38.13 79.95
N VAL A 303 -22.52 -37.44 79.64
CA VAL A 303 -21.35 -38.13 79.14
C VAL A 303 -20.91 -39.19 80.12
N LEU A 304 -20.89 -38.84 81.41
CA LEU A 304 -20.52 -39.80 82.43
C LEU A 304 -21.38 -41.06 82.32
N LYS A 305 -22.70 -40.87 82.19
CA LYS A 305 -23.59 -42.01 82.05
C LYS A 305 -23.21 -42.84 80.84
N SER A 306 -22.94 -42.18 79.70
CA SER A 306 -22.50 -42.90 78.52
C SER A 306 -21.23 -43.68 78.82
N LEU A 307 -20.28 -43.04 79.52
CA LEU A 307 -19.09 -43.76 79.95
C LEU A 307 -19.47 -44.92 80.87
N VAL A 308 -20.41 -44.68 81.79
CA VAL A 308 -20.92 -45.76 82.62
C VAL A 308 -21.56 -46.84 81.75
N ASP A 309 -22.24 -46.41 80.68
CA ASP A 309 -22.76 -47.39 79.72
C ASP A 309 -21.63 -48.15 79.04
N ALA A 310 -20.54 -47.45 78.69
CA ALA A 310 -19.43 -48.12 78.02
C ALA A 310 -18.62 -48.96 78.99
N GLY A 311 -18.35 -48.43 80.18
CA GLY A 311 -17.52 -49.10 81.16
C GLY A 311 -16.12 -48.53 81.14
N VAL A 312 -15.81 -47.66 82.09
CA VAL A 312 -14.56 -46.92 82.11
C VAL A 312 -13.95 -47.02 83.50
N SER A 313 -12.64 -47.21 83.56
CA SER A 313 -11.93 -47.18 84.82
C SER A 313 -11.91 -45.77 85.39
N SER A 314 -11.60 -45.67 86.69
CA SER A 314 -11.65 -44.38 87.38
C SER A 314 -10.71 -43.36 86.76
N LYS A 315 -9.56 -43.82 86.22
CA LYS A 315 -8.64 -42.89 85.58
C LYS A 315 -9.27 -42.23 84.35
N GLY A 316 -10.02 -43.00 83.57
CA GLY A 316 -10.71 -42.41 82.43
C GLY A 316 -11.77 -41.41 82.85
N ILE A 317 -12.47 -41.69 83.95
CA ILE A 317 -13.48 -40.76 84.46
C ILE A 317 -12.80 -39.46 84.90
N ALA A 318 -11.65 -39.56 85.58
CA ALA A 318 -10.92 -38.37 85.99
C ALA A 318 -10.46 -37.58 84.77
N GLN A 319 -9.98 -38.27 83.74
CA GLN A 319 -9.56 -37.58 82.51
C GLN A 319 -10.74 -36.86 81.87
N ALA A 320 -11.92 -37.50 81.85
CA ALA A 320 -13.10 -36.87 81.27
C ALA A 320 -13.52 -35.65 82.07
N LYS A 321 -13.46 -35.73 83.41
CA LYS A 321 -13.81 -34.58 84.22
C LYS A 321 -12.85 -33.42 83.99
N GLN A 322 -11.55 -33.73 83.88
CA GLN A 322 -10.57 -32.69 83.58
C GLN A 322 -10.82 -32.07 82.21
N GLU A 323 -11.17 -32.89 81.22
CA GLU A 323 -11.49 -32.37 79.90
C GLU A 323 -12.70 -31.45 79.96
N MET A 324 -13.73 -31.83 80.72
CA MET A 324 -14.87 -30.96 80.96
C MET A 324 -14.46 -29.62 81.55
N GLU A 325 -13.69 -29.63 82.64
CA GLU A 325 -13.36 -28.37 83.27
C GLU A 325 -12.55 -27.48 82.34
N LEU A 326 -11.57 -28.06 81.64
CA LEU A 326 -10.73 -27.25 80.75
C LEU A 326 -11.51 -26.76 79.53
N ARG A 327 -12.38 -27.60 78.97
CA ARG A 327 -13.17 -27.21 77.81
C ARG A 327 -14.15 -26.10 78.17
N GLU A 328 -14.80 -26.21 79.33
CA GLU A 328 -15.73 -25.17 79.74
C GLU A 328 -15.00 -23.87 80.05
N SER A 329 -13.83 -23.96 80.69
CA SER A 329 -13.02 -22.76 80.90
C SER A 329 -12.63 -22.11 79.59
N LEU A 330 -12.20 -22.92 78.61
CA LEU A 330 -11.83 -22.40 77.30
C LEU A 330 -13.01 -21.76 76.60
N GLU A 331 -14.19 -22.38 76.68
CA GLU A 331 -15.38 -21.82 76.07
C GLU A 331 -15.78 -20.51 76.73
N GLY A 332 -15.55 -20.38 78.04
CA GLY A 332 -15.89 -19.15 78.74
C GLY A 332 -14.98 -17.98 78.42
N LEU A 333 -13.78 -18.24 77.91
CA LEU A 333 -12.84 -17.17 77.65
C LEU A 333 -13.23 -16.36 76.41
N ALA A 334 -12.80 -15.11 76.39
CA ALA A 334 -12.91 -14.29 75.19
C ALA A 334 -11.94 -14.79 74.13
N PRO A 335 -12.23 -14.56 72.84
CA PRO A 335 -11.35 -15.09 71.79
C PRO A 335 -9.88 -14.72 71.95
N GLN A 336 -9.58 -13.45 72.24
CA GLN A 336 -8.20 -13.05 72.45
C GLN A 336 -7.61 -13.71 73.68
N ASP A 337 -8.36 -13.70 74.78
CA ASP A 337 -7.89 -14.36 76.00
C ASP A 337 -7.76 -15.86 75.80
N ARG A 338 -8.69 -16.46 75.03
CA ARG A 338 -8.59 -17.88 74.73
C ARG A 338 -7.33 -18.19 73.94
N THR A 339 -7.01 -17.35 72.95
CA THR A 339 -5.77 -17.55 72.20
C THR A 339 -4.55 -17.42 73.09
N LYS A 340 -4.56 -16.42 73.99
CA LYS A 340 -3.44 -16.26 74.91
C LYS A 340 -3.27 -17.49 75.80
N VAL A 341 -4.38 -18.01 76.33
CA VAL A 341 -4.31 -19.16 77.22
C VAL A 341 -3.81 -20.39 76.47
N GLU A 342 -4.34 -20.63 75.26
CA GLU A 342 -3.92 -21.81 74.52
C GLU A 342 -2.45 -21.71 74.09
N ALA A 343 -1.99 -20.50 73.76
CA ALA A 343 -0.59 -20.35 73.40
C ALA A 343 0.32 -20.52 74.62
N THR A 344 -0.11 -20.06 75.80
CA THR A 344 0.66 -20.34 77.01
C THR A 344 0.70 -21.82 77.31
N ILE A 345 -0.41 -22.53 77.07
CA ILE A 345 -0.43 -23.97 77.25
C ILE A 345 0.55 -24.64 76.30
N GLY A 346 0.58 -24.20 75.04
CA GLY A 346 1.54 -24.73 74.09
C GLY A 346 2.97 -24.48 74.52
N ALA A 347 3.24 -23.28 75.06
CA ALA A 347 4.59 -22.96 75.53
C ALA A 347 4.99 -23.86 76.69
N VAL A 348 4.09 -24.05 77.66
CA VAL A 348 4.43 -24.86 78.81
C VAL A 348 4.49 -26.34 78.45
N ASN A 349 3.88 -26.74 77.33
CA ASN A 349 3.96 -28.11 76.84
C ASN A 349 5.04 -28.30 75.78
N ALA A 350 5.77 -27.24 75.42
CA ALA A 350 6.78 -27.34 74.38
C ALA A 350 7.88 -28.34 74.74
N GLU A 351 8.35 -28.32 75.99
CA GLU A 351 9.42 -29.25 76.36
C GLU A 351 8.93 -30.69 76.34
N LEU A 352 7.71 -30.93 76.79
CA LEU A 352 7.12 -32.26 76.70
C LEU A 352 6.99 -32.69 75.25
N ASP A 353 6.59 -31.77 74.38
CA ASP A 353 6.48 -32.08 72.96
C ASP A 353 7.83 -32.44 72.36
N THR A 354 8.88 -31.70 72.73
CA THR A 354 10.22 -31.99 72.22
C THR A 354 10.69 -33.36 72.68
N LEU A 355 10.49 -33.67 73.97
CA LEU A 355 10.87 -34.99 74.47
C LEU A 355 10.10 -36.08 73.73
N GLN A 356 8.79 -35.89 73.54
CA GLN A 356 7.97 -36.87 72.85
C GLN A 356 8.44 -37.09 71.44
N ARG A 357 8.67 -36.01 70.69
CA ARG A 357 9.08 -36.18 69.29
C ARG A 357 10.43 -36.86 69.20
N THR A 358 11.40 -36.45 70.03
CA THR A 358 12.73 -37.07 69.99
C THR A 358 12.65 -38.55 70.29
N ALA A 359 11.86 -38.92 71.32
CA ALA A 359 11.65 -40.33 71.61
C ALA A 359 11.04 -41.03 70.41
N THR A 360 10.13 -40.35 69.69
CA THR A 360 9.51 -41.00 68.54
C THR A 360 10.51 -41.28 67.43
N GLU A 361 11.39 -40.31 67.11
CA GLU A 361 12.38 -40.62 66.07
C GLU A 361 13.31 -41.73 66.52
N ASP A 362 13.74 -41.71 67.79
CA ASP A 362 14.61 -42.77 68.27
C ASP A 362 13.96 -44.14 68.12
N TYR A 363 12.71 -44.25 68.56
CA TYR A 363 12.04 -45.55 68.54
C TYR A 363 11.68 -45.97 67.12
N GLU A 364 11.33 -45.04 66.22
CA GLU A 364 11.02 -45.47 64.86
C GLU A 364 12.28 -45.87 64.12
N ARG A 365 13.43 -45.24 64.42
CA ARG A 365 14.68 -45.73 63.86
C ARG A 365 15.00 -47.13 64.37
N GLU A 366 14.77 -47.37 65.66
CA GLU A 366 14.99 -48.71 66.19
C GLU A 366 14.06 -49.72 65.54
N VAL A 367 12.83 -49.31 65.23
CA VAL A 367 11.91 -50.16 64.48
C VAL A 367 12.44 -50.44 63.09
N ALA A 368 12.94 -49.41 62.42
CA ALA A 368 13.54 -49.61 61.10
C ALA A 368 14.71 -50.58 61.16
N ARG A 369 15.41 -50.61 62.29
CA ARG A 369 16.49 -51.58 62.47
C ARG A 369 15.95 -52.98 62.75
N ASN A 370 14.85 -53.09 63.52
CA ASN A 370 14.40 -54.37 64.02
C ASN A 370 13.09 -54.79 63.34
N PRO A 371 13.07 -55.92 62.63
CA PRO A 371 11.80 -56.40 62.06
C PRO A 371 10.91 -57.05 63.10
N PHE A 372 11.53 -57.60 64.16
CA PHE A 372 10.76 -58.31 65.18
C PHE A 372 9.83 -57.38 65.94
N VAL A 373 10.20 -56.11 66.08
CA VAL A 373 9.35 -55.16 66.78
C VAL A 373 8.14 -54.74 65.95
N GLU A 374 8.19 -54.92 64.63
CA GLU A 374 7.10 -54.51 63.75
C GLU A 374 7.01 -55.47 62.57
N PRO A 375 6.08 -56.41 62.59
CA PRO A 375 5.87 -57.31 61.45
C PRO A 375 5.07 -56.61 60.36
N ASP A 376 4.76 -57.36 59.30
CA ASP A 376 3.99 -56.83 58.19
C ASP A 376 3.26 -57.96 57.50
N LYS A 377 2.01 -57.70 57.08
CA LYS A 377 1.22 -58.70 56.38
C LYS A 377 1.55 -58.75 54.89
N ASP A 378 2.22 -57.72 54.35
CA ASP A 378 2.57 -57.72 52.93
C ASP A 378 3.49 -58.86 52.54
N PRO A 379 4.60 -59.13 53.24
CA PRO A 379 5.50 -60.22 52.81
C PRO A 379 4.84 -61.58 52.74
N LEU A 380 3.66 -61.75 53.34
CA LEU A 380 2.92 -63.00 53.19
C LEU A 380 2.66 -63.33 51.72
N GLY A 381 2.52 -62.31 50.88
CA GLY A 381 2.35 -62.54 49.46
C GLY A 381 3.66 -62.47 48.70
N SER A 382 4.71 -61.96 49.36
CA SER A 382 6.00 -61.81 48.71
C SER A 382 6.75 -63.13 48.59
N VAL A 383 6.59 -64.02 49.57
CA VAL A 383 7.41 -65.23 49.67
C VAL A 383 7.40 -66.02 48.38
N ASN A 384 6.32 -65.90 47.60
CA ASN A 384 6.20 -66.68 46.37
C ASN A 384 7.37 -66.44 45.43
N LYS A 385 7.86 -65.20 45.35
CA LYS A 385 8.96 -64.93 44.42
C LYS A 385 10.22 -65.69 44.83
N ILE A 386 10.44 -65.84 46.14
CA ILE A 386 11.56 -66.64 46.62
C ILE A 386 11.42 -68.07 46.11
N VAL A 387 10.20 -68.58 46.05
CA VAL A 387 9.97 -69.91 45.51
C VAL A 387 10.52 -70.01 44.10
N ASP A 388 10.34 -68.95 43.29
CA ASP A 388 10.87 -68.98 41.94
C ASP A 388 12.38 -69.12 41.96
N LYS A 389 13.06 -68.47 42.91
CA LYS A 389 14.51 -68.59 43.00
C LYS A 389 14.95 -70.00 43.34
N ALA A 390 14.04 -70.84 43.79
CA ALA A 390 14.36 -72.24 44.06
C ALA A 390 14.20 -73.13 42.84
N VAL A 391 13.72 -72.59 41.72
CA VAL A 391 13.42 -73.38 40.53
C VAL A 391 14.36 -73.04 39.38
N LYS A 392 14.68 -71.76 39.18
CA LYS A 392 15.46 -71.33 38.02
C LYS A 392 16.89 -71.83 38.18
N SER A 393 17.22 -72.90 37.46
CA SER A 393 18.55 -73.50 37.46
C SER A 393 19.01 -73.82 38.88
N GLY A 394 18.09 -74.33 39.70
CA GLY A 394 18.39 -74.65 41.07
C GLY A 394 17.74 -75.93 41.55
N PHE A 395 18.48 -76.71 42.34
CA PHE A 395 17.97 -77.96 42.90
C PHE A 395 17.30 -77.69 44.23
N GLY A 396 15.98 -77.60 44.23
CA GLY A 396 15.24 -77.37 45.46
C GLY A 396 14.36 -78.54 45.83
N TRP A 397 13.11 -78.27 46.20
CA TRP A 397 12.18 -79.34 46.52
C TRP A 397 11.86 -80.15 45.29
N GLU A 398 11.64 -81.46 45.48
CA GLU A 398 11.37 -82.38 44.38
C GLU A 398 9.92 -82.19 43.92
N GLY A 399 9.71 -81.12 43.17
CA GLY A 399 8.38 -80.81 42.65
C GLY A 399 7.35 -80.53 43.72
N ASP A 400 7.72 -79.76 44.73
CA ASP A 400 6.84 -79.45 45.85
C ASP A 400 6.72 -77.94 46.03
N ARG A 401 6.50 -77.23 44.93
CA ARG A 401 6.35 -75.77 45.00
C ARG A 401 5.14 -75.39 45.84
N GLN A 402 4.02 -76.09 45.65
CA GLN A 402 2.85 -75.83 46.47
C GLN A 402 3.11 -76.17 47.94
N ASP A 403 3.81 -77.27 48.19
CA ASP A 403 4.16 -77.62 49.57
C ASP A 403 5.08 -76.59 50.19
N LEU A 404 6.06 -76.11 49.42
CA LEU A 404 6.94 -75.06 49.92
C LEU A 404 6.16 -73.79 50.24
N ASN A 405 5.25 -73.40 49.36
CA ASN A 405 4.44 -72.21 49.61
C ASN A 405 3.60 -72.38 50.86
N ASN A 406 2.98 -73.54 51.02
CA ASN A 406 2.15 -73.79 52.20
C ASN A 406 2.98 -73.73 53.48
N MET A 407 4.15 -74.37 53.48
CA MET A 407 4.97 -74.37 54.69
C MET A 407 5.52 -72.98 54.97
N LEU A 408 5.86 -72.21 53.94
CA LEU A 408 6.37 -70.87 54.18
C LEU A 408 5.28 -69.93 54.72
N VAL A 409 4.06 -70.03 54.17
CA VAL A 409 3.00 -69.17 54.69
C VAL A 409 2.60 -69.62 56.10
N ASP A 410 2.70 -70.92 56.39
CA ASP A 410 2.47 -71.37 57.76
C ASP A 410 3.52 -70.81 58.71
N PHE A 411 4.78 -70.81 58.29
CA PHE A 411 5.85 -70.29 59.13
C PHE A 411 5.69 -68.78 59.34
N ALA A 412 5.27 -68.06 58.30
CA ALA A 412 5.05 -66.63 58.41
C ALA A 412 3.72 -66.30 59.07
N THR A 413 2.86 -67.29 59.30
CA THR A 413 1.58 -67.07 59.97
C THR A 413 1.62 -67.46 61.44
N ASN A 414 2.13 -68.66 61.75
CA ASN A 414 2.17 -69.15 63.13
C ASN A 414 3.56 -69.11 63.75
N GLY A 415 4.62 -69.21 62.94
CA GLY A 415 5.97 -69.15 63.46
C GLY A 415 6.59 -70.53 63.58
N ILE A 416 7.91 -70.55 63.70
CA ILE A 416 8.67 -71.79 63.84
C ILE A 416 8.72 -72.18 65.31
N LYS A 417 8.90 -73.47 65.55
CA LYS A 417 8.98 -73.99 66.92
C LYS A 417 10.41 -73.79 67.42
N LEU A 418 10.61 -72.76 68.23
CA LEU A 418 11.92 -72.50 68.79
C LEU A 418 12.30 -73.59 69.79
N PRO A 419 13.56 -74.02 69.83
CA PRO A 419 13.94 -75.10 70.75
C PRO A 419 13.72 -74.79 72.22
N ASP A 420 13.67 -73.51 72.59
CA ASP A 420 13.44 -73.16 74.00
C ASP A 420 12.05 -73.59 74.47
N GLY A 421 11.10 -73.68 73.54
CA GLY A 421 9.74 -74.05 73.89
C GLY A 421 8.73 -73.01 73.48
N ARG A 422 9.15 -72.05 72.68
CA ARG A 422 8.30 -70.95 72.22
C ARG A 422 8.16 -71.02 70.71
N THR A 423 7.33 -70.12 70.18
CA THR A 423 7.05 -70.04 68.75
C THR A 423 7.16 -68.58 68.32
N ALA A 424 8.08 -68.31 67.40
CA ALA A 424 8.32 -66.96 66.91
C ALA A 424 8.18 -66.92 65.39
N VAL A 425 7.55 -65.86 64.90
CA VAL A 425 7.33 -65.70 63.46
C VAL A 425 8.57 -65.11 62.82
N VAL A 426 9.04 -65.77 61.77
CA VAL A 426 10.27 -65.33 61.09
C VAL A 426 9.94 -64.12 60.21
N PRO A 427 10.74 -63.05 60.25
CA PRO A 427 10.49 -61.90 59.36
C PRO A 427 10.87 -62.19 57.92
N SER A 428 10.78 -61.16 57.07
CA SER A 428 10.91 -61.38 55.62
C SER A 428 12.37 -61.39 55.17
N LYS A 429 13.10 -60.30 55.41
CA LYS A 429 14.44 -60.21 54.84
C LYS A 429 15.41 -61.19 55.48
N LEU A 430 15.21 -61.50 56.77
CA LEU A 430 15.99 -62.58 57.37
C LEU A 430 15.72 -63.91 56.67
N LEU A 431 14.46 -64.16 56.33
CA LEU A 431 14.12 -65.38 55.60
C LEU A 431 14.80 -65.43 54.24
N GLU A 432 14.74 -64.32 53.49
CA GLU A 432 15.30 -64.34 52.14
C GLU A 432 16.82 -64.40 52.16
N GLN A 433 17.45 -63.78 53.15
CA GLN A 433 18.91 -63.90 53.25
C GLN A 433 19.32 -65.29 53.74
N ALA A 434 18.47 -65.95 54.53
CA ALA A 434 18.70 -67.34 54.87
C ALA A 434 18.62 -68.22 53.63
N PHE A 435 17.65 -67.96 52.76
CA PHE A 435 17.51 -68.77 51.55
C PHE A 435 18.64 -68.49 50.55
N ASN A 436 19.07 -67.24 50.45
CA ASN A 436 20.06 -66.83 49.46
C ASN A 436 21.45 -67.23 49.97
N THR A 437 21.93 -68.38 49.51
CA THR A 437 23.26 -68.86 49.86
C THR A 437 24.18 -68.76 48.65
N THR A 438 25.42 -69.25 48.79
CA THR A 438 26.36 -69.19 47.69
C THR A 438 25.97 -70.15 46.56
N ASN A 439 25.38 -71.29 46.90
CA ASN A 439 24.94 -72.26 45.91
C ASN A 439 23.69 -72.96 46.43
N THR A 440 22.59 -72.85 45.70
CA THR A 440 21.30 -73.33 46.15
C THR A 440 21.21 -74.85 46.24
N TRP A 441 22.20 -75.57 45.71
CA TRP A 441 22.17 -77.03 45.76
C TRP A 441 22.24 -77.57 47.19
N LEU A 442 22.70 -76.76 48.14
CA LEU A 442 22.81 -77.23 49.51
C LEU A 442 21.43 -77.40 50.15
N PHE A 443 20.47 -76.55 49.77
CA PHE A 443 19.15 -76.53 50.39
C PHE A 443 18.13 -77.07 49.39
N LYS A 444 17.78 -78.34 49.52
CA LYS A 444 16.83 -78.99 48.62
C LYS A 444 15.57 -79.46 49.33
N ASN A 445 15.69 -80.24 50.40
CA ASN A 445 14.53 -80.78 51.07
C ASN A 445 13.99 -79.78 52.10
N ALA A 446 12.74 -80.03 52.51
CA ALA A 446 12.10 -79.15 53.49
C ALA A 446 12.80 -79.24 54.84
N GLY A 447 13.22 -80.44 55.24
CA GLY A 447 13.89 -80.59 56.52
C GLY A 447 15.18 -79.79 56.60
N ASP A 448 15.96 -79.81 55.51
CA ASP A 448 17.22 -79.07 55.50
C ASP A 448 16.99 -77.57 55.64
N VAL A 449 16.02 -77.03 54.89
CA VAL A 449 15.78 -75.58 54.95
C VAL A 449 15.19 -75.18 56.30
N GLU A 450 14.32 -76.02 56.89
CA GLU A 450 13.79 -75.66 58.20
C GLU A 450 14.88 -75.75 59.27
N LYS A 451 15.80 -76.72 59.16
CA LYS A 451 16.94 -76.74 60.07
C LYS A 451 17.80 -75.48 59.89
N ARG A 452 17.99 -75.05 58.65
CA ARG A 452 18.77 -73.85 58.39
C ARG A 452 18.14 -72.62 59.04
N ILE A 453 16.82 -72.44 58.85
CA ILE A 453 16.18 -71.27 59.42
C ILE A 453 16.14 -71.36 60.94
N ILE A 454 15.99 -72.58 61.49
CA ILE A 454 15.99 -72.75 62.92
C ILE A 454 17.34 -72.35 63.52
N GLU A 455 18.42 -72.83 62.90
CA GLU A 455 19.75 -72.49 63.43
C GLU A 455 20.09 -71.03 63.22
N LEU A 456 19.57 -70.42 62.15
CA LEU A 456 19.85 -68.99 61.94
C LEU A 456 19.06 -68.11 62.90
N MET A 457 17.82 -68.49 63.22
CA MET A 457 17.06 -67.69 64.18
C MET A 457 17.61 -67.81 65.60
N THR A 458 18.38 -68.85 65.87
CA THR A 458 18.99 -69.04 67.18
C THR A 458 20.32 -68.32 67.32
N THR A 459 20.66 -67.42 66.40
CA THR A 459 21.89 -66.66 66.51
C THR A 459 21.87 -65.80 67.76
N ASP A 460 23.03 -65.69 68.42
CA ASP A 460 23.10 -64.96 69.68
C ASP A 460 22.67 -63.51 69.52
N GLY A 461 23.24 -62.81 68.54
CA GLY A 461 22.82 -61.44 68.30
C GLY A 461 21.38 -61.34 67.87
N MET A 462 20.95 -62.25 66.99
CA MET A 462 19.56 -62.27 66.55
C MET A 462 18.63 -62.55 67.73
N THR A 463 19.00 -63.49 68.60
CA THR A 463 18.17 -63.78 69.77
C THR A 463 18.07 -62.56 70.68
N GLN A 464 19.21 -61.94 71.00
CA GLN A 464 19.22 -60.76 71.84
C GLN A 464 18.33 -59.67 71.26
N MET A 465 18.41 -59.47 69.94
CA MET A 465 17.55 -58.50 69.26
C MET A 465 16.08 -58.90 69.41
N ARG A 466 15.80 -60.20 69.36
CA ARG A 466 14.43 -60.68 69.50
C ARG A 466 13.84 -60.31 70.85
N GLU A 467 14.55 -60.64 71.95
CA GLU A 467 13.98 -60.22 73.22
C GLU A 467 14.18 -58.74 73.52
N ASP A 468 14.97 -58.02 72.72
CA ASP A 468 15.05 -56.58 72.87
C ASP A 468 13.84 -55.88 72.28
N ALA A 469 13.28 -56.42 71.20
CA ALA A 469 12.15 -55.76 70.54
C ALA A 469 10.95 -55.49 71.46
N PRO A 470 10.42 -56.47 72.19
CA PRO A 470 9.26 -56.16 73.06
C PRO A 470 9.58 -55.16 74.14
N THR A 471 10.80 -55.21 74.69
CA THR A 471 11.17 -54.28 75.76
C THR A 471 11.17 -52.84 75.26
N ILE A 472 11.79 -52.60 74.11
CA ILE A 472 11.79 -51.24 73.57
C ILE A 472 10.39 -50.82 73.16
N ARG A 473 9.56 -51.76 72.66
CA ARG A 473 8.19 -51.42 72.30
C ARG A 473 7.41 -50.95 73.51
N GLU A 474 7.47 -51.72 74.61
CA GLU A 474 6.73 -51.33 75.81
C GLU A 474 7.32 -50.08 76.44
N ASN A 475 8.63 -49.87 76.33
CA ASN A 475 9.23 -48.63 76.80
C ASN A 475 8.69 -47.43 76.02
N PHE A 476 8.56 -47.58 74.69
CA PHE A 476 8.00 -46.51 73.88
C PHE A 476 6.56 -46.22 74.29
N LEU A 477 5.77 -47.27 74.50
CA LEU A 477 4.38 -47.07 74.91
C LEU A 477 4.29 -46.37 76.27
N LYS A 478 5.11 -46.81 77.23
CA LYS A 478 5.10 -46.19 78.54
C LYS A 478 5.54 -44.72 78.46
N THR A 479 6.55 -44.44 77.65
CA THR A 479 7.03 -43.06 77.54
C THR A 479 5.96 -42.15 76.94
N VAL A 480 5.28 -42.61 75.87
CA VAL A 480 4.26 -41.76 75.28
C VAL A 480 3.08 -41.58 76.23
N SER A 481 2.72 -42.64 76.97
CA SER A 481 1.66 -42.52 77.95
C SER A 481 2.01 -41.49 79.03
N ASP A 482 3.24 -41.55 79.53
CA ASP A 482 3.67 -40.60 80.55
C ASP A 482 3.71 -39.18 79.99
N ILE A 483 4.14 -39.03 78.74
CA ILE A 483 4.18 -37.71 78.12
C ILE A 483 2.77 -37.13 78.03
N ALA A 484 1.81 -37.95 77.59
CA ALA A 484 0.43 -37.48 77.51
C ALA A 484 -0.12 -37.11 78.88
N ASN A 485 0.16 -37.95 79.88
CA ASN A 485 -0.33 -37.68 81.24
C ASN A 485 0.24 -36.37 81.78
N GLN A 486 1.54 -36.15 81.58
CA GLN A 486 2.17 -34.92 82.07
C GLN A 486 1.65 -33.71 81.31
N LYS A 487 1.44 -33.85 80.00
CA LYS A 487 0.84 -32.75 79.24
C LYS A 487 -0.52 -32.37 79.80
N ARG A 488 -1.38 -33.37 80.02
CA ARG A 488 -2.71 -33.09 80.56
C ARG A 488 -2.62 -32.49 81.96
N SER A 489 -1.68 -32.98 82.78
CA SER A 489 -1.56 -32.49 84.15
C SER A 489 -1.13 -31.03 84.18
N ASN A 490 -0.09 -30.68 83.43
CA ASN A 490 0.33 -29.28 83.42
C ASN A 490 -0.74 -28.39 82.79
N ALA A 491 -1.45 -28.90 81.79
CA ALA A 491 -2.53 -28.12 81.19
C ALA A 491 -3.63 -27.83 82.20
N VAL A 492 -4.07 -28.86 82.95
CA VAL A 492 -5.14 -28.65 83.91
C VAL A 492 -4.70 -27.72 85.03
N LYS A 493 -3.46 -27.88 85.50
CA LYS A 493 -2.96 -27.00 86.56
C LYS A 493 -2.91 -25.55 86.09
N VAL A 494 -2.36 -25.30 84.90
CA VAL A 494 -2.26 -23.93 84.40
C VAL A 494 -3.65 -23.34 84.18
N THR A 495 -4.57 -24.12 83.61
CA THR A 495 -5.90 -23.60 83.34
C THR A 495 -6.64 -23.26 84.64
N ARG A 496 -6.56 -24.13 85.65
CA ARG A 496 -7.25 -23.84 86.90
C ARG A 496 -6.62 -22.68 87.62
N SER A 497 -5.29 -22.56 87.58
CA SER A 497 -4.64 -21.40 88.18
C SER A 497 -5.06 -20.11 87.50
N ALA A 498 -5.11 -20.11 86.16
CA ALA A 498 -5.54 -18.92 85.43
C ALA A 498 -7.00 -18.58 85.74
N GLU A 499 -7.86 -19.60 85.83
CA GLU A 499 -9.26 -19.34 86.13
C GLU A 499 -9.43 -18.76 87.53
N ARG A 500 -8.67 -19.28 88.51
CA ARG A 500 -8.73 -18.72 89.86
C ARG A 500 -8.22 -17.28 89.88
N GLU A 501 -7.13 -17.01 89.14
CA GLU A 501 -6.56 -15.66 89.15
C GLU A 501 -7.49 -14.66 88.49
N LYS A 502 -8.13 -15.04 87.38
CA LYS A 502 -9.07 -14.14 86.72
C LYS A 502 -10.25 -13.81 87.61
N GLY A 503 -10.79 -14.81 88.30
CA GLY A 503 -11.92 -14.60 89.19
C GLY A 503 -11.88 -15.46 90.43
N ASP B 95 -51.00 -55.09 38.66
CA ASP B 95 -52.28 -54.53 39.09
C ASP B 95 -52.82 -55.28 40.30
N ARG B 96 -53.80 -54.67 40.97
CA ARG B 96 -54.43 -55.26 42.15
C ARG B 96 -55.87 -55.60 41.82
N ALA B 97 -56.26 -56.84 42.08
CA ALA B 97 -57.61 -57.33 41.82
C ALA B 97 -58.38 -57.62 43.09
N ALA B 98 -57.92 -57.13 44.24
CA ALA B 98 -58.60 -57.38 45.49
C ALA B 98 -59.93 -56.63 45.56
N THR B 99 -60.88 -57.21 46.28
CA THR B 99 -62.21 -56.62 46.44
C THR B 99 -62.19 -55.64 47.60
N ARG B 100 -62.57 -54.40 47.33
CA ARG B 100 -62.56 -53.37 48.37
C ARG B 100 -63.59 -53.67 49.46
N ASP B 101 -64.84 -53.93 49.06
CA ASP B 101 -65.94 -54.24 49.97
C ASP B 101 -66.17 -53.04 50.89
N ALA B 102 -66.06 -53.19 52.21
CA ALA B 102 -66.41 -52.10 53.12
C ALA B 102 -65.45 -50.92 52.99
N ILE B 103 -64.14 -51.20 53.00
CA ILE B 103 -63.05 -50.23 53.00
C ILE B 103 -63.44 -48.95 53.76
N THR B 104 -63.75 -49.10 55.04
CA THR B 104 -64.20 -47.96 55.83
C THR B 104 -63.06 -47.00 56.12
N LYS B 105 -61.84 -47.50 56.29
CA LYS B 105 -60.70 -46.69 56.67
C LYS B 105 -59.52 -46.97 55.75
N GLN B 106 -58.59 -46.01 55.71
CA GLN B 106 -57.31 -46.12 55.02
C GLN B 106 -57.47 -46.14 53.51
N ILE B 107 -58.72 -46.09 53.02
CA ILE B 107 -59.00 -46.07 51.60
C ILE B 107 -59.71 -44.79 51.18
N SER B 108 -60.69 -44.34 51.96
CA SER B 108 -61.19 -42.98 51.79
C SER B 108 -60.08 -41.98 52.05
N ALA B 109 -59.27 -42.23 53.09
CA ALA B 109 -58.08 -41.44 53.31
C ALA B 109 -57.11 -41.55 52.14
N GLN B 110 -57.03 -42.72 51.50
CA GLN B 110 -56.18 -42.88 50.33
C GLN B 110 -56.66 -41.99 49.18
N GLN B 111 -57.97 -41.96 48.93
CA GLN B 111 -58.50 -41.09 47.89
C GLN B 111 -58.26 -39.63 48.23
N ASN B 112 -58.44 -39.26 49.50
CA ASN B 112 -58.24 -37.87 49.90
C ASN B 112 -56.78 -37.46 49.75
N GLN B 113 -55.83 -38.34 50.10
CA GLN B 113 -54.42 -37.99 49.95
C GLN B 113 -54.02 -37.97 48.48
N ALA B 114 -54.63 -38.82 47.66
CA ALA B 114 -54.41 -38.74 46.21
C ALA B 114 -54.88 -37.40 45.67
N ALA B 115 -56.05 -36.94 46.13
CA ALA B 115 -56.55 -35.62 45.73
C ALA B 115 -55.61 -34.51 46.19
N ALA B 116 -55.11 -34.60 47.42
CA ALA B 116 -54.18 -33.59 47.92
C ALA B 116 -52.90 -33.57 47.09
N THR B 117 -52.37 -34.75 46.76
CA THR B 117 -51.14 -34.81 45.98
C THR B 117 -51.34 -34.25 44.58
N GLN B 118 -52.46 -34.59 43.93
CA GLN B 118 -52.67 -34.07 42.59
C GLN B 118 -52.90 -32.56 42.62
N LYS B 119 -53.57 -32.05 43.65
CA LYS B 119 -53.76 -30.62 43.76
C LYS B 119 -52.42 -29.91 43.97
N PHE B 120 -51.55 -30.49 44.80
CA PHE B 120 -50.23 -29.91 45.00
C PHE B 120 -49.42 -29.93 43.70
N ASP B 121 -49.51 -31.03 42.94
CA ASP B 121 -48.80 -31.10 41.66
C ASP B 121 -49.33 -30.05 40.68
N ASP B 122 -50.66 -29.88 40.63
CA ASP B 122 -51.24 -28.88 39.75
C ASP B 122 -50.80 -27.47 40.13
N MET B 123 -50.78 -27.18 41.44
CA MET B 123 -50.33 -25.87 41.89
C MET B 123 -48.86 -25.65 41.58
N GLN B 124 -48.03 -26.68 41.74
CA GLN B 124 -46.61 -26.55 41.43
C GLN B 124 -46.37 -26.40 39.93
N ALA B 125 -47.24 -26.98 39.10
CA ALA B 125 -47.10 -26.84 37.66
C ALA B 125 -47.27 -25.40 37.20
N GLU B 126 -47.95 -24.57 37.99
CA GLU B 126 -48.16 -23.16 37.67
C GLU B 126 -48.86 -22.99 36.32
N VAL B 127 -50.09 -23.51 36.23
CA VAL B 127 -50.85 -23.39 35.00
C VAL B 127 -51.13 -21.93 34.70
N GLY B 128 -50.88 -21.54 33.45
CA GLY B 128 -51.01 -20.14 33.09
C GLY B 128 -49.89 -19.29 33.66
N GLN B 129 -50.20 -18.01 33.83
CA GLN B 129 -49.25 -17.04 34.37
C GLN B 129 -49.69 -16.66 35.78
N ARG B 130 -48.75 -16.72 36.72
CA ARG B 130 -49.01 -16.40 38.12
C ARG B 130 -47.77 -15.71 38.69
N GLY B 131 -47.70 -15.63 40.00
CA GLY B 131 -46.56 -15.02 40.66
C GLY B 131 -45.44 -16.01 40.92
N ILE B 132 -44.98 -16.08 42.18
CA ILE B 132 -43.93 -16.99 42.60
C ILE B 132 -42.67 -16.77 41.77
N VAL B 133 -42.05 -15.59 41.93
CA VAL B 133 -40.82 -15.29 41.22
C VAL B 133 -39.70 -16.25 41.63
N ASP B 134 -39.59 -16.53 42.93
CA ASP B 134 -38.59 -17.44 43.45
C ASP B 134 -39.12 -18.87 43.30
N GLN B 135 -38.44 -19.85 43.93
CA GLN B 135 -38.89 -21.24 43.84
C GLN B 135 -40.27 -21.42 44.46
N LEU B 136 -40.48 -20.85 45.64
CA LEU B 136 -41.77 -20.89 46.33
C LEU B 136 -42.27 -22.32 46.50
N ARG B 137 -41.42 -23.14 47.14
CA ARG B 137 -41.79 -24.52 47.39
C ARG B 137 -43.00 -24.62 48.31
N THR B 138 -43.05 -23.79 49.35
CA THR B 138 -44.16 -23.74 50.29
C THR B 138 -44.41 -25.10 50.93
N LEU B 139 -43.32 -25.82 51.24
CA LEU B 139 -43.45 -27.11 51.89
C LEU B 139 -43.93 -26.98 53.33
N SER B 140 -43.39 -26.01 54.07
CA SER B 140 -43.77 -25.76 55.45
C SER B 140 -43.89 -24.26 55.68
N ALA B 141 -44.35 -23.90 56.88
CA ALA B 141 -44.50 -22.49 57.21
C ALA B 141 -43.14 -21.78 57.22
N GLU B 142 -42.12 -22.42 57.79
CA GLU B 142 -40.80 -21.82 57.81
C GLU B 142 -40.24 -21.67 56.40
N GLY B 143 -40.38 -22.71 55.58
CA GLY B 143 -39.92 -22.62 54.20
C GLY B 143 -40.68 -21.59 53.39
N ARG B 144 -41.99 -21.51 53.61
CA ARG B 144 -42.80 -20.50 52.92
C ARG B 144 -42.39 -19.10 53.32
N ALA B 145 -42.11 -18.90 54.62
CA ALA B 145 -41.63 -17.59 55.06
C ALA B 145 -40.27 -17.25 54.47
N GLY B 146 -39.39 -18.26 54.37
CA GLY B 146 -38.12 -18.04 53.71
C GLY B 146 -38.28 -17.66 52.24
N GLU B 147 -39.20 -18.32 51.54
CA GLU B 147 -39.47 -17.96 50.15
C GLU B 147 -40.05 -16.56 50.03
N VAL B 148 -40.93 -16.17 50.96
CA VAL B 148 -41.48 -14.82 50.94
C VAL B 148 -40.37 -13.80 51.15
N ASN B 149 -39.44 -14.09 52.08
CA ASN B 149 -38.28 -13.22 52.25
C ASN B 149 -37.45 -13.15 50.98
N GLN B 150 -37.30 -14.28 50.29
CA GLN B 150 -36.59 -14.30 49.01
C GLN B 150 -37.28 -13.40 47.99
N ILE B 151 -38.61 -13.36 48.02
CA ILE B 151 -39.36 -12.46 47.14
C ILE B 151 -39.02 -11.00 47.45
N LEU B 152 -38.94 -10.66 48.74
CA LEU B 152 -38.61 -9.31 49.17
C LEU B 152 -37.22 -8.90 48.69
N GLU B 162 -22.24 -1.91 58.18
CA GLU B 162 -23.05 -1.13 57.25
C GLU B 162 -23.45 -1.98 56.04
N ILE B 163 -22.71 -1.83 54.93
CA ILE B 163 -22.97 -2.66 53.77
C ILE B 163 -22.58 -4.10 54.03
N ARG B 164 -21.42 -4.32 54.65
CA ARG B 164 -21.03 -5.67 55.02
C ARG B 164 -21.96 -6.27 56.06
N LYS B 165 -22.60 -5.43 56.88
CA LYS B 165 -23.59 -5.91 57.84
C LYS B 165 -24.70 -6.69 57.14
N GLU B 166 -25.43 -6.03 56.24
CA GLU B 166 -26.50 -6.70 55.51
C GLU B 166 -25.96 -7.79 54.60
N LEU B 167 -24.77 -7.59 54.02
CA LEU B 167 -24.19 -8.61 53.15
C LEU B 167 -23.99 -9.93 53.91
N THR B 168 -23.50 -9.85 55.15
CA THR B 168 -23.33 -11.06 55.95
C THR B 168 -24.66 -11.58 56.47
N GLY B 169 -25.56 -10.68 56.87
CA GLY B 169 -26.81 -11.10 57.47
C GLY B 169 -27.71 -11.85 56.50
N VAL B 170 -27.84 -11.34 55.28
CA VAL B 170 -28.68 -12.00 54.29
C VAL B 170 -28.13 -13.39 53.98
N GLN B 171 -26.81 -13.48 53.80
CA GLN B 171 -26.20 -14.79 53.51
C GLN B 171 -26.40 -15.76 54.66
N ASP B 172 -26.22 -15.29 55.91
CA ASP B 172 -26.40 -16.17 57.05
C ASP B 172 -27.85 -16.66 57.15
N ALA B 173 -28.80 -15.76 56.93
CA ALA B 173 -30.21 -16.16 56.97
C ALA B 173 -30.51 -17.19 55.90
N ILE B 174 -30.01 -16.96 54.67
CA ILE B 174 -30.25 -17.91 53.59
C ILE B 174 -29.64 -19.27 53.92
N GLN B 175 -28.41 -19.28 54.44
CA GLN B 175 -27.75 -20.55 54.75
C GLN B 175 -28.51 -21.31 55.83
N ASN B 176 -28.91 -20.61 56.90
CA ASN B 176 -29.63 -21.28 57.98
C ASN B 176 -30.97 -21.83 57.50
N ARG B 177 -31.72 -21.02 56.74
CA ARG B 177 -33.02 -21.48 56.26
C ARG B 177 -32.86 -22.68 55.32
N GLN B 178 -31.90 -22.61 54.40
CA GLN B 178 -31.70 -23.72 53.47
C GLN B 178 -31.28 -24.98 54.19
N TYR B 179 -30.37 -24.87 55.16
CA TYR B 179 -29.93 -26.03 55.91
C TYR B 179 -31.09 -26.66 56.67
N ARG B 180 -31.89 -25.85 57.35
CA ARG B 180 -33.00 -26.38 58.13
C ARG B 180 -34.03 -27.05 57.21
N ALA B 181 -34.36 -26.40 56.09
CA ALA B 181 -35.36 -26.97 55.19
C ALA B 181 -34.86 -28.28 54.57
N ALA B 182 -33.59 -28.31 54.15
CA ALA B 182 -33.04 -29.53 53.57
C ALA B 182 -33.03 -30.66 54.60
N GLY B 183 -32.62 -30.37 55.83
CA GLY B 183 -32.64 -31.39 56.86
C GLY B 183 -34.04 -31.92 57.12
N GLU B 184 -35.02 -31.01 57.20
CA GLU B 184 -36.39 -31.44 57.45
C GLU B 184 -36.92 -32.30 56.33
N GLN B 185 -36.66 -31.92 55.08
CA GLN B 185 -37.21 -32.69 53.96
C GLN B 185 -36.53 -34.03 53.81
N ARG B 186 -35.21 -34.08 54.04
CA ARG B 186 -34.52 -35.38 54.00
C ARG B 186 -35.01 -36.29 55.12
N ALA B 187 -35.22 -35.73 56.32
CA ALA B 187 -35.75 -36.53 57.41
C ALA B 187 -37.14 -37.05 57.09
N GLN B 188 -37.99 -36.22 56.49
CA GLN B 188 -39.34 -36.66 56.14
C GLN B 188 -39.30 -37.77 55.11
N ALA B 189 -38.44 -37.64 54.08
CA ALA B 189 -38.34 -38.68 53.07
C ALA B 189 -37.83 -39.99 53.66
N ALA B 190 -36.80 -39.91 54.51
CA ALA B 190 -36.27 -41.11 55.14
C ALA B 190 -37.33 -41.77 56.03
N ALA B 191 -38.09 -40.97 56.77
CA ALA B 191 -39.13 -41.52 57.62
C ALA B 191 -40.23 -42.18 56.79
N ASN B 192 -40.58 -41.58 55.65
CA ASN B 192 -41.58 -42.18 54.77
C ASN B 192 -41.10 -43.54 54.26
N ARG B 193 -39.84 -43.60 53.82
CA ARG B 193 -39.31 -44.87 53.33
C ARG B 193 -39.28 -45.92 54.45
N ALA B 194 -38.88 -45.51 55.65
CA ALA B 194 -38.85 -46.44 56.78
C ALA B 194 -40.24 -46.93 57.12
N ALA B 195 -41.24 -46.05 57.08
CA ALA B 195 -42.61 -46.46 57.36
C ALA B 195 -43.12 -47.44 56.32
N GLU B 196 -42.81 -47.19 55.04
CA GLU B 196 -43.21 -48.13 53.99
C GLU B 196 -42.56 -49.48 54.20
N ALA B 197 -41.26 -49.50 54.54
CA ALA B 197 -40.58 -50.76 54.78
C ALA B 197 -41.18 -51.49 55.98
N HIS B 198 -41.52 -50.75 57.04
CA HIS B 198 -42.12 -51.37 58.22
C HIS B 198 -43.48 -51.96 57.90
N SER B 199 -44.29 -51.26 57.10
CA SER B 199 -45.58 -51.79 56.70
C SER B 199 -45.41 -53.06 55.86
N LEU B 200 -44.43 -53.06 54.94
CA LEU B 200 -44.19 -54.25 54.13
C LEU B 200 -43.75 -55.42 55.01
N SER B 201 -42.89 -55.16 55.99
CA SER B 201 -42.44 -56.22 56.88
C SER B 201 -43.60 -56.77 57.72
N MET B 202 -44.45 -55.88 58.23
CA MET B 202 -45.59 -56.31 59.03
C MET B 202 -46.63 -57.04 58.19
N ALA B 203 -46.68 -56.79 56.88
CA ALA B 203 -47.71 -57.38 56.04
C ALA B 203 -47.49 -58.86 55.79
N ALA B 204 -46.56 -59.47 56.52
CA ALA B 204 -46.34 -60.91 56.40
C ALA B 204 -47.56 -61.69 56.88
N GLY B 205 -47.92 -62.72 56.13
CA GLY B 205 -49.06 -63.54 56.48
C GLY B 205 -50.21 -63.43 55.47
N PHE B 211 -58.28 -55.68 57.95
CA PHE B 211 -57.29 -55.95 56.92
C PHE B 211 -55.88 -55.99 57.50
N THR B 212 -55.73 -56.70 58.63
CA THR B 212 -54.45 -56.85 59.33
C THR B 212 -53.85 -55.48 59.65
N ARG B 213 -54.56 -54.73 60.49
CA ARG B 213 -54.14 -53.36 60.81
C ARG B 213 -53.05 -53.34 61.87
N GLU B 214 -53.38 -53.75 63.10
CA GLU B 214 -52.44 -53.80 64.21
C GLU B 214 -51.75 -52.46 64.47
N GLN B 215 -50.71 -52.46 65.31
CA GLN B 215 -50.07 -51.22 65.72
C GLN B 215 -49.30 -50.57 64.57
N ARG B 216 -48.72 -51.37 63.68
CA ARG B 216 -47.98 -50.81 62.56
C ARG B 216 -48.89 -49.97 61.68
N ASP B 217 -50.04 -50.52 61.29
CA ASP B 217 -50.97 -49.73 60.49
C ASP B 217 -51.69 -48.68 61.33
N GLU B 218 -51.72 -48.81 62.65
CA GLU B 218 -52.21 -47.71 63.48
C GLU B 218 -51.28 -46.50 63.37
N LEU B 219 -49.97 -46.74 63.47
CA LEU B 219 -48.99 -45.68 63.26
C LEU B 219 -49.09 -45.12 61.85
N ARG B 220 -49.24 -46.01 60.86
CA ARG B 220 -49.44 -45.57 59.48
C ARG B 220 -50.68 -44.70 59.37
N ARG B 221 -51.76 -45.07 60.04
CA ARG B 221 -53.01 -44.32 59.98
C ARG B 221 -52.85 -42.93 60.57
N ASP B 222 -52.21 -42.83 61.73
CA ASP B 222 -52.07 -41.51 62.34
C ASP B 222 -51.13 -40.62 61.53
N ARG B 223 -50.05 -41.20 60.99
CA ARG B 223 -49.17 -40.42 60.13
C ARG B 223 -49.89 -39.96 58.87
N ASP B 224 -50.71 -40.84 58.28
CA ASP B 224 -51.47 -40.45 57.10
C ASP B 224 -52.52 -39.39 57.43
N GLU B 225 -53.11 -39.46 58.62
CA GLU B 225 -54.04 -38.40 59.02
C GLU B 225 -53.32 -37.06 59.15
N ALA B 226 -52.12 -37.07 59.73
CA ALA B 226 -51.34 -35.83 59.81
C ALA B 226 -51.01 -35.31 58.41
N LYS B 227 -50.62 -36.20 57.51
CA LYS B 227 -50.29 -35.79 56.14
C LYS B 227 -51.53 -35.22 55.43
N LEU B 228 -52.68 -35.86 55.61
CA LEU B 228 -53.92 -35.37 55.03
C LEU B 228 -54.25 -33.98 55.57
N VAL B 229 -54.09 -33.79 56.88
CA VAL B 229 -54.37 -32.49 57.48
C VAL B 229 -53.47 -31.44 56.87
N SER B 230 -52.16 -31.73 56.80
CA SER B 230 -51.22 -30.75 56.27
C SER B 230 -51.54 -30.40 54.82
N GLY B 231 -51.80 -31.42 54.00
CA GLY B 231 -52.09 -31.17 52.60
C GLY B 231 -53.38 -30.38 52.40
N THR B 232 -54.43 -30.73 53.13
CA THR B 232 -55.70 -30.01 53.01
C THR B 232 -55.54 -28.56 53.45
N ILE B 233 -54.80 -28.32 54.53
CA ILE B 233 -54.63 -26.96 55.01
C ILE B 233 -53.83 -26.13 54.01
N ALA B 234 -52.77 -26.71 53.46
CA ALA B 234 -51.99 -26.01 52.44
C ALA B 234 -52.84 -25.68 51.22
N THR B 235 -53.67 -26.64 50.78
CA THR B 235 -54.52 -26.39 49.63
C THR B 235 -55.53 -25.28 49.92
N THR B 236 -56.13 -25.29 51.11
CA THR B 236 -57.08 -24.26 51.46
C THR B 236 -56.43 -22.88 51.48
N PHE B 237 -55.23 -22.78 52.07
CA PHE B 237 -54.55 -21.49 52.09
C PHE B 237 -54.19 -21.02 50.68
N GLN B 238 -53.71 -21.94 49.85
CA GLN B 238 -53.36 -21.58 48.47
C GLN B 238 -54.58 -21.10 47.70
N ASP B 239 -55.72 -21.77 47.89
CA ASP B 239 -56.95 -21.34 47.24
C ASP B 239 -57.38 -19.96 47.74
N TYR B 240 -57.21 -19.71 49.05
CA TYR B 240 -57.63 -18.43 49.61
C TYR B 240 -56.76 -17.29 49.10
N ASP B 241 -55.47 -17.56 48.85
CA ASP B 241 -54.56 -16.49 48.48
C ASP B 241 -54.98 -15.79 47.18
N GLU B 242 -55.47 -16.56 46.21
CA GLU B 242 -55.90 -15.95 44.95
C GLU B 242 -57.06 -14.98 45.16
N SER B 243 -58.03 -15.38 45.97
CA SER B 243 -59.14 -14.48 46.29
C SER B 243 -58.65 -13.26 47.06
N ARG B 244 -57.69 -13.47 47.96
CA ARG B 244 -57.13 -12.33 48.70
C ARG B 244 -56.50 -11.33 47.75
N GLN B 245 -55.74 -11.80 46.78
CA GLN B 245 -55.12 -10.89 45.81
C GLN B 245 -56.17 -10.20 44.94
N ALA B 246 -57.19 -10.95 44.50
CA ALA B 246 -58.23 -10.36 43.66
C ALA B 246 -58.97 -9.26 44.40
N GLN B 247 -59.27 -9.47 45.69
CA GLN B 247 -59.93 -8.44 46.48
C GLN B 247 -58.98 -7.30 46.86
N SER B 248 -57.69 -7.60 47.04
CA SER B 248 -56.72 -6.57 47.31
C SER B 248 -56.56 -5.62 46.14
N GLU B 249 -56.81 -6.12 44.92
CA GLU B 249 -56.86 -5.24 43.76
C GLU B 249 -57.84 -4.08 44.00
N ILE B 250 -59.07 -4.41 44.40
CA ILE B 250 -60.07 -3.38 44.63
C ILE B 250 -59.79 -2.57 45.89
N MET B 251 -59.25 -3.20 46.94
CA MET B 251 -58.87 -2.39 48.10
C MET B 251 -57.86 -1.33 47.71
N ARG B 252 -56.86 -1.70 46.91
CA ARG B 252 -55.86 -0.73 46.46
C ARG B 252 -56.48 0.33 45.56
N ILE B 253 -57.37 -0.08 44.65
CA ILE B 253 -58.00 0.88 43.74
C ILE B 253 -58.79 1.91 44.54
N VAL B 254 -59.59 1.44 45.50
CA VAL B 254 -60.40 2.35 46.31
C VAL B 254 -59.50 3.25 47.15
N GLY B 255 -58.46 2.68 47.76
CA GLY B 255 -57.55 3.49 48.56
C GLY B 255 -56.86 4.56 47.75
N LYS B 256 -56.47 4.26 46.51
CA LYS B 256 -55.91 5.26 45.64
C LYS B 256 -56.95 6.31 45.26
N GLU B 257 -58.20 5.89 45.07
CA GLU B 257 -59.25 6.83 44.71
C GLU B 257 -59.46 7.85 45.82
N VAL B 258 -59.67 7.39 47.06
CA VAL B 258 -59.84 8.32 48.17
C VAL B 258 -58.49 8.93 48.58
N GLY B 259 -57.45 8.11 48.66
CA GLY B 259 -56.10 8.58 48.90
C GLY B 259 -55.61 8.40 50.32
N MET B 260 -54.91 7.28 50.56
CA MET B 260 -54.26 6.89 51.80
C MET B 260 -52.77 6.70 51.55
N PRO B 261 -51.95 6.82 52.60
CA PRO B 261 -50.52 6.50 52.44
C PRO B 261 -50.34 5.04 52.08
N THR B 262 -49.62 4.81 50.97
CA THR B 262 -49.50 3.49 50.39
C THR B 262 -48.05 3.20 50.02
N ASP B 263 -47.76 1.91 49.87
CA ASP B 263 -46.43 1.44 49.48
C ASP B 263 -46.53 0.54 48.25
N ASP B 264 -45.44 -0.18 47.94
CA ASP B 264 -45.38 -0.95 46.70
C ASP B 264 -46.53 -1.96 46.59
N GLN B 265 -47.01 -2.49 47.71
CA GLN B 265 -48.11 -3.45 47.66
C GLN B 265 -49.44 -2.79 47.30
N GLY B 266 -49.58 -1.49 47.52
CA GLY B 266 -50.77 -0.76 47.13
C GLY B 266 -51.81 -0.60 48.22
N MET B 267 -51.81 -1.44 49.24
CA MET B 267 -52.77 -1.32 50.31
C MET B 267 -52.32 -0.26 51.30
N PRO B 268 -53.26 0.52 51.85
CA PRO B 268 -52.88 1.57 52.81
C PRO B 268 -52.12 1.00 54.01
N ASP B 269 -51.15 1.79 54.49
CA ASP B 269 -50.26 1.37 55.57
C ASP B 269 -51.02 1.30 56.88
N MET B 270 -50.89 0.19 57.60
CA MET B 270 -51.64 0.00 58.83
C MET B 270 -51.24 1.00 59.91
N SER B 271 -49.93 1.18 60.12
CA SER B 271 -49.47 2.09 61.16
C SER B 271 -49.83 3.53 60.83
N ARG B 272 -49.68 3.93 59.57
CA ARG B 272 -49.92 5.30 59.16
C ARG B 272 -51.40 5.63 58.99
N ALA B 273 -52.26 4.62 58.84
CA ALA B 273 -53.68 4.86 58.66
C ALA B 273 -54.31 5.25 59.99
N SER B 274 -54.74 6.51 60.09
CA SER B 274 -55.46 6.96 61.27
C SER B 274 -56.93 6.55 61.18
N GLN B 275 -57.69 6.93 62.20
CA GLN B 275 -59.12 6.64 62.19
C GLN B 275 -59.82 7.37 61.05
N ASP B 276 -59.43 8.63 60.80
CA ASP B 276 -59.98 9.36 59.67
C ASP B 276 -59.59 8.73 58.34
N GLN B 277 -58.36 8.20 58.27
CA GLN B 277 -57.94 7.50 57.06
C GLN B 277 -58.78 6.25 56.82
N LEU B 278 -59.06 5.49 57.88
CA LEU B 278 -59.88 4.30 57.75
C LEU B 278 -61.36 4.63 57.56
N ASP B 279 -61.75 5.88 57.84
CA ASP B 279 -63.13 6.28 57.60
C ASP B 279 -63.49 6.22 56.12
N ALA B 280 -62.52 6.50 55.24
CA ALA B 280 -62.77 6.37 53.81
C ALA B 280 -63.07 4.93 53.43
N PHE B 281 -62.29 3.99 53.99
CA PHE B 281 -62.54 2.58 53.73
C PHE B 281 -63.88 2.14 54.31
N SER B 282 -64.23 2.65 55.49
CA SER B 282 -65.53 2.32 56.08
C SER B 282 -66.67 2.83 55.21
N ASN B 283 -66.55 4.06 54.69
CA ASN B 283 -67.58 4.59 53.81
C ASN B 283 -67.66 3.81 52.51
N ALA B 284 -66.52 3.38 51.98
CA ALA B 284 -66.52 2.57 50.77
C ALA B 284 -67.19 1.22 51.01
N LEU B 285 -66.92 0.61 52.17
CA LEU B 285 -67.59 -0.66 52.50
C LEU B 285 -69.08 -0.47 52.66
N ASN B 286 -69.51 0.63 53.28
CA ASN B 286 -70.93 0.93 53.38
C ASN B 286 -71.52 1.17 51.99
N GLU B 287 -70.71 1.67 51.06
CA GLU B 287 -71.19 1.97 49.72
C GLU B 287 -71.46 0.70 48.93
N ALA B 288 -70.43 -0.10 48.71
CA ALA B 288 -70.54 -1.32 47.91
C ALA B 288 -69.51 -2.32 48.42
N GLY B 289 -69.23 -3.34 47.62
CA GLY B 289 -68.27 -4.36 47.98
C GLY B 289 -68.90 -5.53 48.71
N VAL B 290 -69.37 -5.29 49.94
CA VAL B 290 -70.01 -6.29 50.77
C VAL B 290 -69.10 -7.50 50.94
N GLN B 291 -67.81 -7.25 51.14
CA GLN B 291 -66.82 -8.31 51.36
C GLN B 291 -66.70 -8.53 52.86
N ALA B 292 -67.47 -9.51 53.37
CA ALA B 292 -67.44 -9.78 54.80
C ALA B 292 -66.09 -10.29 55.26
N ASN B 293 -65.47 -11.18 54.47
CA ASN B 293 -64.18 -11.79 54.82
C ASN B 293 -64.24 -12.46 56.18
N THR B 294 -65.36 -13.09 56.49
CA THR B 294 -65.55 -13.80 57.75
C THR B 294 -64.96 -15.21 57.71
N SER B 295 -64.47 -15.65 56.56
CA SER B 295 -63.83 -16.97 56.40
C SER B 295 -62.95 -17.39 57.57
N PRO B 296 -62.09 -16.51 58.17
CA PRO B 296 -61.26 -16.93 59.31
C PRO B 296 -61.98 -17.71 60.40
N THR B 297 -63.32 -17.71 60.43
CA THR B 297 -64.01 -18.71 61.22
C THR B 297 -64.54 -19.84 60.35
N GLU B 298 -65.43 -19.54 59.40
CA GLU B 298 -66.11 -20.60 58.65
C GLU B 298 -65.10 -21.58 58.08
N ARG B 299 -64.00 -21.06 57.53
CA ARG B 299 -62.96 -21.89 56.94
C ARG B 299 -62.70 -23.13 57.78
N ARG B 300 -62.27 -22.95 59.04
CA ARG B 300 -61.77 -24.13 59.74
C ARG B 300 -62.90 -25.11 60.01
N ASN B 301 -64.10 -24.62 60.30
CA ASN B 301 -65.19 -25.56 60.54
C ASN B 301 -65.46 -26.37 59.28
N ALA B 302 -65.42 -25.71 58.12
CA ALA B 302 -65.56 -26.43 56.86
C ALA B 302 -64.50 -27.53 56.77
N VAL B 303 -63.24 -27.17 57.06
CA VAL B 303 -62.18 -28.17 57.04
C VAL B 303 -62.52 -29.29 58.00
N LEU B 304 -62.99 -28.93 59.19
CA LEU B 304 -63.38 -29.94 60.18
C LEU B 304 -64.39 -30.90 59.56
N LYS B 305 -65.41 -30.36 58.89
CA LYS B 305 -66.40 -31.22 58.26
C LYS B 305 -65.75 -32.15 57.25
N SER B 306 -64.84 -31.61 56.44
CA SER B 306 -64.12 -32.45 55.49
C SER B 306 -63.37 -33.55 56.24
N LEU B 307 -62.71 -33.19 57.34
CA LEU B 307 -62.06 -34.19 58.17
C LEU B 307 -63.09 -35.18 58.70
N VAL B 308 -64.24 -34.66 59.15
CA VAL B 308 -65.34 -35.54 59.55
C VAL B 308 -65.77 -36.42 58.39
N ASP B 309 -65.76 -35.86 57.18
CA ASP B 309 -66.04 -36.67 55.99
C ASP B 309 -64.96 -37.72 55.80
N ALA B 310 -63.70 -37.37 56.03
CA ALA B 310 -62.61 -38.32 55.84
C ALA B 310 -62.57 -39.33 56.98
N GLY B 311 -62.74 -38.87 58.21
CA GLY B 311 -62.64 -39.73 59.38
C GLY B 311 -61.28 -39.58 60.04
N VAL B 312 -61.22 -38.79 61.10
CA VAL B 312 -59.97 -38.43 61.75
C VAL B 312 -60.09 -38.66 63.25
N SER B 313 -59.03 -39.20 63.85
CA SER B 313 -58.98 -39.35 65.29
C SER B 313 -58.86 -37.97 65.95
N SER B 314 -59.15 -37.94 67.26
CA SER B 314 -59.16 -36.67 67.99
C SER B 314 -57.82 -35.97 67.94
N LYS B 315 -56.72 -36.72 67.91
CA LYS B 315 -55.40 -36.11 67.84
C LYS B 315 -55.23 -35.33 66.54
N GLY B 316 -55.71 -35.88 65.43
CA GLY B 316 -55.65 -35.15 64.17
C GLY B 316 -56.48 -33.88 64.20
N ILE B 317 -57.65 -33.94 64.84
CA ILE B 317 -58.49 -32.75 64.96
C ILE B 317 -57.78 -31.68 65.78
N ALA B 318 -57.14 -32.08 66.88
CA ALA B 318 -56.37 -31.14 67.68
C ALA B 318 -55.23 -30.53 66.88
N GLN B 319 -54.53 -31.35 66.10
CA GLN B 319 -53.46 -30.83 65.25
C GLN B 319 -53.99 -29.82 64.24
N ALA B 320 -55.15 -30.12 63.64
CA ALA B 320 -55.75 -29.20 62.67
C ALA B 320 -56.15 -27.88 63.33
N LYS B 321 -56.72 -27.95 64.54
CA LYS B 321 -57.09 -26.73 65.24
C LYS B 321 -55.86 -25.89 65.58
N GLN B 322 -54.78 -26.54 66.00
CA GLN B 322 -53.54 -25.82 66.28
C GLN B 322 -52.98 -25.19 65.00
N GLU B 323 -53.06 -25.91 63.88
CA GLU B 323 -52.59 -25.35 62.62
C GLU B 323 -53.43 -24.13 62.23
N MET B 324 -54.74 -24.20 62.43
CA MET B 324 -55.59 -23.03 62.23
C MET B 324 -55.17 -21.84 63.09
N GLU B 325 -54.99 -22.05 64.39
CA GLU B 325 -54.67 -20.90 65.23
C GLU B 325 -53.33 -20.31 64.84
N LEU B 326 -52.32 -21.15 64.57
CA LEU B 326 -51.01 -20.63 64.24
C LEU B 326 -51.01 -19.97 62.86
N ARG B 327 -51.71 -20.55 61.89
CA ARG B 327 -51.77 -19.98 60.56
C ARG B 327 -52.48 -18.64 60.56
N GLU B 328 -53.58 -18.53 61.30
CA GLU B 328 -54.30 -17.27 61.38
C GLU B 328 -53.47 -16.22 62.10
N SER B 329 -52.78 -16.60 63.17
CA SER B 329 -51.88 -15.67 63.84
C SER B 329 -50.79 -15.19 62.89
N LEU B 330 -50.19 -16.11 62.12
CA LEU B 330 -49.15 -15.74 61.18
C LEU B 330 -49.69 -14.81 60.10
N GLU B 331 -50.89 -15.08 59.60
CA GLU B 331 -51.49 -14.22 58.59
C GLU B 331 -51.79 -12.84 59.14
N GLY B 332 -52.14 -12.75 60.43
CA GLY B 332 -52.44 -11.47 61.03
C GLY B 332 -51.21 -10.60 61.27
N LEU B 333 -50.02 -11.19 61.29
CA LEU B 333 -48.82 -10.43 61.58
C LEU B 333 -48.40 -9.58 60.40
N ALA B 334 -47.69 -8.49 60.70
CA ALA B 334 -47.04 -7.71 59.66
C ALA B 334 -45.87 -8.49 59.08
N PRO B 335 -45.48 -8.20 57.83
CA PRO B 335 -44.39 -8.98 57.22
C PRO B 335 -43.11 -9.02 58.03
N GLN B 336 -42.66 -7.88 58.57
CA GLN B 336 -41.46 -7.88 59.38
C GLN B 336 -41.68 -8.65 60.68
N ASP B 337 -42.81 -8.42 61.34
CA ASP B 337 -43.13 -9.14 62.57
C ASP B 337 -43.31 -10.63 62.27
N ARG B 338 -43.92 -10.96 61.13
CA ARG B 338 -44.06 -12.36 60.75
C ARG B 338 -42.70 -13.02 60.57
N THR B 339 -41.77 -12.34 59.91
CA THR B 339 -40.43 -12.89 59.75
C THR B 339 -39.75 -13.07 61.10
N LYS B 340 -39.90 -12.10 62.00
CA LYS B 340 -39.31 -12.22 63.33
C LYS B 340 -39.88 -13.43 64.07
N VAL B 341 -41.21 -13.61 64.01
CA VAL B 341 -41.84 -14.71 64.72
C VAL B 341 -41.40 -16.05 64.13
N GLU B 342 -41.36 -16.17 62.80
CA GLU B 342 -40.98 -17.44 62.20
C GLU B 342 -39.51 -17.75 62.46
N ALA B 343 -38.65 -16.73 62.49
CA ALA B 343 -37.25 -16.97 62.81
C ALA B 343 -37.06 -17.37 64.26
N THR B 344 -37.84 -16.77 65.18
CA THR B 344 -37.79 -17.22 66.57
C THR B 344 -38.27 -18.66 66.71
N ILE B 345 -39.30 -19.03 65.94
CA ILE B 345 -39.77 -20.41 65.93
C ILE B 345 -38.67 -21.34 65.45
N GLY B 346 -37.98 -20.96 64.37
CA GLY B 346 -36.86 -21.75 63.89
C GLY B 346 -35.76 -21.89 64.93
N ALA B 347 -35.46 -20.81 65.64
CA ALA B 347 -34.44 -20.86 66.68
C ALA B 347 -34.85 -21.81 67.80
N VAL B 348 -36.10 -21.72 68.26
CA VAL B 348 -36.54 -22.58 69.35
C VAL B 348 -36.71 -24.02 68.91
N ASN B 349 -36.83 -24.26 67.61
CA ASN B 349 -36.89 -25.61 67.05
C ASN B 349 -35.54 -26.12 66.56
N ALA B 350 -34.49 -25.31 66.67
CA ALA B 350 -33.18 -25.72 66.17
C ALA B 350 -32.66 -26.96 66.86
N GLU B 351 -32.80 -27.05 68.18
CA GLU B 351 -32.29 -28.22 68.89
C GLU B 351 -33.07 -29.48 68.50
N LEU B 352 -34.40 -29.35 68.35
CA LEU B 352 -35.20 -30.48 67.87
C LEU B 352 -34.76 -30.89 66.47
N ASP B 353 -34.48 -29.91 65.61
CA ASP B 353 -34.02 -30.21 64.27
C ASP B 353 -32.69 -30.95 64.29
N THR B 354 -31.78 -30.52 65.16
CA THR B 354 -30.47 -31.18 65.24
C THR B 354 -30.63 -32.61 65.72
N LEU B 355 -31.45 -32.83 66.75
CA LEU B 355 -31.68 -34.19 67.23
C LEU B 355 -32.30 -35.04 66.13
N GLN B 356 -33.29 -34.49 65.41
CA GLN B 356 -33.94 -35.24 64.33
C GLN B 356 -32.95 -35.62 63.24
N ARG B 357 -32.14 -34.65 62.78
CA ARG B 357 -31.21 -34.96 61.70
C ARG B 357 -30.19 -35.99 62.14
N THR B 358 -29.63 -35.84 63.34
CA THR B 358 -28.63 -36.80 63.82
C THR B 358 -29.22 -38.21 63.91
N ALA B 359 -30.44 -38.31 64.44
CA ALA B 359 -31.12 -39.60 64.46
C ALA B 359 -31.29 -40.14 63.05
N THR B 360 -31.57 -39.25 62.08
CA THR B 360 -31.75 -39.73 60.71
C THR B 360 -30.47 -40.29 60.13
N GLU B 361 -29.32 -39.62 60.32
CA GLU B 361 -28.09 -40.21 59.80
C GLU B 361 -27.79 -41.53 60.49
N ASP B 362 -27.97 -41.60 61.81
CA ASP B 362 -27.72 -42.85 62.52
C ASP B 362 -28.57 -43.98 61.95
N TYR B 363 -29.86 -43.74 61.80
CA TYR B 363 -30.75 -44.80 61.34
C TYR B 363 -30.54 -45.14 59.88
N GLU B 364 -30.20 -44.17 59.02
CA GLU B 364 -29.96 -44.52 57.63
C GLU B 364 -28.65 -45.28 57.47
N ARG B 365 -27.65 -44.98 58.30
CA ARG B 365 -26.45 -45.81 58.29
C ARG B 365 -26.76 -47.23 58.75
N GLU B 366 -27.60 -47.36 59.78
CA GLU B 366 -28.00 -48.70 60.22
C GLU B 366 -28.76 -49.43 59.11
N VAL B 367 -29.57 -48.70 58.34
CA VAL B 367 -30.24 -49.29 57.18
C VAL B 367 -29.23 -49.74 56.14
N ALA B 368 -28.24 -48.90 55.86
CA ALA B 368 -27.19 -49.28 54.92
C ALA B 368 -26.46 -50.55 55.39
N ARG B 369 -26.38 -50.75 56.70
CA ARG B 369 -25.79 -51.96 57.23
C ARG B 369 -26.74 -53.15 57.10
N ASN B 370 -28.04 -52.94 57.30
CA ASN B 370 -28.99 -54.03 57.42
C ASN B 370 -29.91 -54.09 56.20
N PRO B 371 -29.90 -55.18 55.44
CA PRO B 371 -30.85 -55.31 54.33
C PRO B 371 -32.26 -55.66 54.80
N PHE B 372 -32.34 -56.32 55.96
CA PHE B 372 -33.64 -56.78 56.46
C PHE B 372 -34.54 -55.61 56.83
N VAL B 373 -33.95 -54.49 57.24
CA VAL B 373 -34.76 -53.33 57.60
C VAL B 373 -35.31 -52.61 56.37
N GLU B 374 -34.72 -52.82 55.20
CA GLU B 374 -35.15 -52.15 53.98
C GLU B 374 -34.94 -53.08 52.78
N PRO B 375 -36.01 -53.72 52.30
CA PRO B 375 -35.90 -54.55 51.10
C PRO B 375 -35.92 -53.68 49.85
N ASP B 376 -35.90 -54.34 48.69
CA ASP B 376 -35.93 -53.64 47.41
C ASP B 376 -36.54 -54.56 46.36
N LYS B 377 -37.35 -53.97 45.48
CA LYS B 377 -37.97 -54.72 44.39
C LYS B 377 -37.04 -54.89 43.20
N ASP B 378 -35.96 -54.11 43.12
CA ASP B 378 -35.03 -54.24 42.00
C ASP B 378 -34.34 -55.59 41.94
N PRO B 379 -33.78 -56.15 43.02
CA PRO B 379 -33.10 -57.44 42.91
C PRO B 379 -33.99 -58.58 42.42
N LEU B 380 -35.31 -58.39 42.43
CA LEU B 380 -36.20 -59.40 41.84
C LEU B 380 -35.84 -59.68 40.39
N GLY B 381 -35.33 -58.68 39.68
CA GLY B 381 -34.90 -58.89 38.31
C GLY B 381 -33.42 -59.20 38.21
N SER B 382 -32.69 -58.98 39.30
CA SER B 382 -31.25 -59.21 39.29
C SER B 382 -30.90 -60.69 39.38
N VAL B 383 -31.69 -61.47 40.11
CA VAL B 383 -31.35 -62.86 40.42
C VAL B 383 -30.99 -63.66 39.18
N ASN B 384 -31.53 -63.26 38.03
CA ASN B 384 -31.29 -64.00 36.79
C ASN B 384 -29.81 -64.12 36.49
N LYS B 385 -29.02 -63.07 36.74
CA LYS B 385 -27.61 -63.14 36.43
C LYS B 385 -26.91 -64.20 37.27
N ILE B 386 -27.33 -64.37 38.53
CA ILE B 386 -26.80 -65.44 39.35
C ILE B 386 -27.05 -66.79 38.70
N VAL B 387 -28.21 -66.94 38.06
CA VAL B 387 -28.52 -68.17 37.34
C VAL B 387 -27.43 -68.45 36.29
N ASP B 388 -26.96 -67.41 35.61
CA ASP B 388 -25.90 -67.60 34.63
C ASP B 388 -24.64 -68.16 35.28
N LYS B 389 -24.33 -67.70 36.50
CA LYS B 389 -23.15 -68.21 37.20
C LYS B 389 -23.29 -69.68 37.56
N ALA B 390 -24.50 -70.24 37.47
CA ALA B 390 -24.70 -71.66 37.71
C ALA B 390 -24.52 -72.49 36.45
N VAL B 391 -24.29 -71.87 35.30
CA VAL B 391 -24.21 -72.58 34.03
C VAL B 391 -22.81 -72.54 33.44
N LYS B 392 -22.12 -71.40 33.53
CA LYS B 392 -20.83 -71.23 32.89
C LYS B 392 -19.80 -72.10 33.60
N SER B 393 -19.47 -73.24 32.98
CA SER B 393 -18.48 -74.19 33.51
C SER B 393 -18.81 -74.59 34.95
N GLY B 394 -20.09 -74.81 35.21
CA GLY B 394 -20.54 -75.16 36.54
C GLY B 394 -21.63 -76.20 36.56
N PHE B 395 -21.56 -77.13 37.51
CA PHE B 395 -22.56 -78.18 37.64
C PHE B 395 -23.66 -77.70 38.58
N GLY B 396 -24.78 -77.25 38.01
CA GLY B 396 -25.90 -76.79 38.81
C GLY B 396 -27.12 -77.67 38.64
N TRP B 397 -28.28 -77.05 38.46
CA TRP B 397 -29.50 -77.81 38.23
C TRP B 397 -29.43 -78.54 36.90
N GLU B 398 -30.05 -79.72 36.84
CA GLU B 398 -30.02 -80.56 35.65
C GLU B 398 -31.00 -79.98 34.62
N GLY B 399 -30.57 -78.92 33.96
CA GLY B 399 -31.40 -78.27 32.95
C GLY B 399 -32.69 -77.69 33.49
N ASP B 400 -32.63 -77.03 34.64
CA ASP B 400 -33.80 -76.45 35.29
C ASP B 400 -33.59 -74.97 35.56
N ARG B 401 -33.10 -74.25 34.54
CA ARG B 401 -32.88 -72.81 34.69
C ARG B 401 -34.20 -72.09 34.95
N GLN B 402 -35.26 -72.46 34.23
CA GLN B 402 -36.58 -71.86 34.48
C GLN B 402 -37.08 -72.22 35.86
N ASP B 403 -36.88 -73.47 36.28
CA ASP B 403 -37.29 -73.88 37.63
C ASP B 403 -36.51 -73.12 38.69
N LEU B 404 -35.19 -72.95 38.48
CA LEU B 404 -34.40 -72.18 39.43
C LEU B 404 -34.88 -70.73 39.50
N ASN B 405 -35.17 -70.12 38.35
CA ASN B 405 -35.66 -68.76 38.35
C ASN B 405 -36.99 -68.65 39.08
N ASN B 406 -37.90 -69.60 38.84
CA ASN B 406 -39.20 -69.57 39.51
C ASN B 406 -39.05 -69.72 41.01
N MET B 407 -38.21 -70.66 41.46
CA MET B 407 -38.05 -70.86 42.89
C MET B 407 -37.34 -69.66 43.54
N LEU B 408 -36.39 -69.04 42.84
CA LEU B 408 -35.71 -67.88 43.41
C LEU B 408 -36.65 -66.68 43.51
N VAL B 409 -37.46 -66.44 42.49
CA VAL B 409 -38.39 -65.32 42.58
C VAL B 409 -39.48 -65.60 43.62
N ASP B 410 -39.87 -66.86 43.78
CA ASP B 410 -40.79 -67.20 44.86
C ASP B 410 -40.17 -66.93 46.23
N PHE B 411 -38.90 -67.31 46.40
CA PHE B 411 -38.23 -67.06 47.67
C PHE B 411 -38.07 -65.58 47.94
N ALA B 412 -37.77 -64.79 46.91
CA ALA B 412 -37.64 -63.35 47.06
C ALA B 412 -39.00 -62.65 47.12
N THR B 413 -40.09 -63.35 46.84
CA THR B 413 -41.43 -62.78 46.90
C THR B 413 -42.16 -63.13 48.19
N ASN B 414 -42.16 -64.41 48.57
CA ASN B 414 -42.87 -64.86 49.75
C ASN B 414 -41.94 -65.20 50.92
N GLY B 415 -40.71 -65.59 50.66
CA GLY B 415 -39.77 -65.91 51.71
C GLY B 415 -39.65 -67.41 51.95
N ILE B 416 -38.57 -67.78 52.63
CA ILE B 416 -38.31 -69.18 52.96
C ILE B 416 -39.02 -69.54 54.25
N LYS B 417 -39.31 -70.82 54.42
CA LYS B 417 -39.98 -71.31 55.62
C LYS B 417 -38.93 -71.51 56.71
N LEU B 418 -38.86 -70.54 57.63
CA LEU B 418 -37.92 -70.65 58.73
C LEU B 418 -38.33 -71.77 59.67
N PRO B 419 -37.37 -72.54 60.21
CA PRO B 419 -37.73 -73.66 61.09
C PRO B 419 -38.50 -73.26 62.33
N ASP B 420 -38.38 -72.01 62.79
CA ASP B 420 -39.12 -71.59 63.98
C ASP B 420 -40.62 -71.60 63.74
N GLY B 421 -41.05 -71.43 62.49
CA GLY B 421 -42.47 -71.41 62.18
C GLY B 421 -42.88 -70.13 61.48
N ARG B 422 -41.91 -69.35 61.05
CA ARG B 422 -42.15 -68.08 60.38
C ARG B 422 -41.61 -68.13 58.96
N THR B 423 -41.86 -67.06 58.21
CA THR B 423 -41.44 -66.94 56.82
C THR B 423 -40.78 -65.59 56.64
N ALA B 424 -39.51 -65.59 56.24
CA ALA B 424 -38.73 -64.38 56.05
C ALA B 424 -38.17 -64.34 54.64
N VAL B 425 -38.21 -63.15 54.03
CA VAL B 425 -37.72 -62.97 52.66
C VAL B 425 -36.21 -62.76 52.69
N VAL B 426 -35.50 -63.56 51.90
CA VAL B 426 -34.04 -63.48 51.86
C VAL B 426 -33.62 -62.25 51.06
N PRO B 427 -32.67 -61.45 51.56
CA PRO B 427 -32.20 -60.30 50.77
C PRO B 427 -31.30 -60.71 49.62
N SER B 428 -30.72 -59.72 48.93
CA SER B 428 -30.02 -59.99 47.67
C SER B 428 -28.58 -60.42 47.90
N LYS B 429 -27.77 -59.57 48.54
CA LYS B 429 -26.35 -59.86 48.62
C LYS B 429 -26.07 -61.06 49.52
N LEU B 430 -26.89 -61.28 50.55
CA LEU B 430 -26.77 -62.51 51.32
C LEU B 430 -27.02 -63.72 50.44
N LEU B 431 -28.02 -63.64 49.56
CA LEU B 431 -28.30 -64.73 48.63
C LEU B 431 -27.11 -64.99 47.71
N GLU B 432 -26.55 -63.93 47.13
CA GLU B 432 -25.48 -64.14 46.15
C GLU B 432 -24.20 -64.62 46.83
N GLN B 433 -23.93 -64.17 48.06
CA GLN B 433 -22.77 -64.68 48.77
C GLN B 433 -22.99 -66.12 49.24
N ALA B 434 -24.24 -66.50 49.50
CA ALA B 434 -24.55 -67.91 49.77
C ALA B 434 -24.29 -68.76 48.54
N PHE B 435 -24.67 -68.25 47.35
CA PHE B 435 -24.46 -69.01 46.13
C PHE B 435 -22.98 -69.09 45.77
N ASN B 436 -22.24 -68.00 46.00
CA ASN B 436 -20.83 -67.91 45.58
C ASN B 436 -19.98 -68.66 46.60
N THR B 437 -19.66 -69.91 46.28
CA THR B 437 -18.80 -70.74 47.12
C THR B 437 -17.44 -70.91 46.45
N THR B 438 -16.57 -71.73 47.07
CA THR B 438 -15.26 -71.96 46.50
C THR B 438 -15.34 -72.80 45.22
N ASN B 439 -16.28 -73.72 45.15
CA ASN B 439 -16.47 -74.55 43.97
C ASN B 439 -17.96 -74.87 43.83
N THR B 440 -18.54 -74.48 42.69
CA THR B 440 -19.98 -74.57 42.49
C THR B 440 -20.47 -76.01 42.37
N TRP B 441 -19.58 -76.99 42.26
CA TRP B 441 -20.01 -78.38 42.13
C TRP B 441 -20.72 -78.89 43.38
N LEU B 442 -20.54 -78.22 44.52
CA LEU B 442 -21.20 -78.66 45.75
C LEU B 442 -22.70 -78.42 45.70
N PHE B 443 -23.14 -77.36 45.03
CA PHE B 443 -24.54 -76.96 45.01
C PHE B 443 -25.09 -77.22 43.61
N LYS B 444 -25.79 -78.34 43.45
CA LYS B 444 -26.36 -78.72 42.17
C LYS B 444 -27.89 -78.80 42.20
N ASN B 445 -28.45 -79.56 43.13
CA ASN B 445 -29.89 -79.74 43.17
C ASN B 445 -30.56 -78.62 43.95
N ALA B 446 -31.88 -78.48 43.75
CA ALA B 446 -32.64 -77.45 44.44
C ALA B 446 -32.66 -77.69 45.95
N GLY B 447 -32.80 -78.95 46.36
CA GLY B 447 -32.83 -79.26 47.78
C GLY B 447 -31.55 -78.85 48.50
N ASP B 448 -30.39 -79.10 47.86
CA ASP B 448 -29.13 -78.74 48.48
C ASP B 448 -29.00 -77.23 48.65
N VAL B 449 -29.36 -76.45 47.62
CA VAL B 449 -29.22 -75.01 47.72
C VAL B 449 -30.22 -74.42 48.70
N GLU B 450 -31.44 -74.98 48.77
CA GLU B 450 -32.39 -74.46 49.75
C GLU B 450 -31.96 -74.81 51.17
N LYS B 451 -31.38 -76.00 51.37
CA LYS B 451 -30.81 -76.31 52.68
C LYS B 451 -29.67 -75.35 53.02
N ARG B 452 -28.84 -75.02 52.05
CA ARG B 452 -27.75 -74.08 52.27
C ARG B 452 -28.27 -72.72 52.71
N ILE B 453 -29.26 -72.18 51.98
CA ILE B 453 -29.76 -70.86 52.33
C ILE B 453 -30.50 -70.91 53.67
N ILE B 454 -31.19 -72.02 53.96
CA ILE B 454 -31.88 -72.15 55.24
C ILE B 454 -30.88 -72.13 56.39
N GLU B 455 -29.79 -72.91 56.27
CA GLU B 455 -28.82 -72.94 57.35
C GLU B 455 -28.05 -71.63 57.46
N LEU B 456 -27.87 -70.92 56.35
CA LEU B 456 -27.16 -69.64 56.43
C LEU B 456 -28.03 -68.55 57.03
N MET B 457 -29.34 -68.56 56.74
CA MET B 457 -30.21 -67.55 57.35
C MET B 457 -30.40 -67.79 58.83
N THR B 458 -30.14 -69.01 59.31
CA THR B 458 -30.25 -69.32 60.74
C THR B 458 -28.98 -68.99 61.51
N THR B 459 -28.06 -68.24 60.92
CA THR B 459 -26.85 -67.85 61.64
C THR B 459 -27.20 -66.98 62.84
N ASP B 460 -26.48 -67.18 63.94
CA ASP B 460 -26.79 -66.48 65.18
C ASP B 460 -26.73 -64.98 65.00
N GLY B 461 -25.61 -64.48 64.45
CA GLY B 461 -25.51 -63.06 64.19
C GLY B 461 -26.53 -62.57 63.17
N MET B 462 -26.74 -63.35 62.11
CA MET B 462 -27.75 -62.99 61.12
C MET B 462 -29.14 -62.97 61.74
N THR B 463 -29.45 -63.95 62.58
CA THR B 463 -30.75 -63.97 63.23
C THR B 463 -30.93 -62.75 64.13
N GLN B 464 -29.94 -62.47 64.98
CA GLN B 464 -30.01 -61.31 65.86
C GLN B 464 -30.22 -60.04 65.06
N MET B 465 -29.51 -59.90 63.94
CA MET B 465 -29.70 -58.75 63.05
C MET B 465 -31.12 -58.72 62.51
N ARG B 466 -31.68 -59.89 62.21
CA ARG B 466 -33.04 -59.97 61.67
C ARG B 466 -34.05 -59.43 62.67
N GLU B 467 -34.03 -59.90 63.92
CA GLU B 467 -34.97 -59.31 64.86
C GLU B 467 -34.54 -57.94 65.37
N ASP B 468 -33.32 -57.50 65.07
CA ASP B 468 -32.96 -56.13 65.39
C ASP B 468 -33.55 -55.13 64.41
N ALA B 469 -33.69 -55.52 63.14
CA ALA B 469 -34.19 -54.58 62.13
C ALA B 469 -35.56 -53.97 62.45
N PRO B 470 -36.60 -54.76 62.77
CA PRO B 470 -37.89 -54.11 63.07
C PRO B 470 -37.84 -53.22 64.30
N THR B 471 -37.06 -53.58 65.30
CA THR B 471 -36.98 -52.78 66.52
C THR B 471 -36.39 -51.41 66.23
N ILE B 472 -35.28 -51.37 65.48
CA ILE B 472 -34.68 -50.08 65.15
C ILE B 472 -35.60 -49.30 64.21
N ARG B 473 -36.32 -49.99 63.32
CA ARG B 473 -37.24 -49.28 62.42
C ARG B 473 -38.35 -48.59 63.22
N GLU B 474 -38.98 -49.31 64.14
CA GLU B 474 -40.05 -48.71 64.94
C GLU B 474 -39.50 -47.66 65.89
N ASN B 475 -38.27 -47.82 66.37
CA ASN B 475 -37.65 -46.78 67.19
C ASN B 475 -37.45 -45.51 66.38
N PHE B 476 -37.01 -45.64 65.12
CA PHE B 476 -36.86 -44.48 64.25
C PHE B 476 -38.19 -43.78 64.04
N LEU B 477 -39.23 -44.57 63.76
CA LEU B 477 -40.56 -43.98 63.55
C LEU B 477 -41.06 -43.27 64.80
N LYS B 478 -40.91 -43.89 65.96
CA LYS B 478 -41.34 -43.26 67.21
C LYS B 478 -40.55 -41.97 67.47
N THR B 479 -39.24 -41.99 67.21
CA THR B 479 -38.43 -40.80 67.47
C THR B 479 -38.84 -39.66 66.56
N VAL B 480 -39.08 -39.93 65.27
CA VAL B 480 -39.45 -38.84 64.38
C VAL B 480 -40.85 -38.32 64.72
N SER B 481 -41.76 -39.22 65.12
CA SER B 481 -43.08 -38.78 65.55
C SER B 481 -42.99 -37.88 66.77
N ASP B 482 -42.18 -38.26 67.76
CA ASP B 482 -42.02 -37.43 68.95
C ASP B 482 -41.37 -36.10 68.62
N ILE B 483 -40.40 -36.10 67.69
CA ILE B 483 -39.75 -34.86 67.29
C ILE B 483 -40.77 -33.92 66.67
N ALA B 484 -41.61 -34.44 65.77
CA ALA B 484 -42.63 -33.61 65.14
C ALA B 484 -43.62 -33.08 66.17
N ASN B 485 -44.04 -33.93 67.10
CA ASN B 485 -45.00 -33.51 68.12
C ASN B 485 -44.41 -32.41 69.00
N GLN B 486 -43.15 -32.56 69.41
CA GLN B 486 -42.52 -31.54 70.24
C GLN B 486 -42.32 -30.24 69.47
N LYS B 487 -41.95 -30.34 68.19
CA LYS B 487 -41.83 -29.15 67.36
C LYS B 487 -43.15 -28.39 67.31
N ARG B 488 -44.24 -29.11 67.02
CA ARG B 488 -45.56 -28.46 66.95
C ARG B 488 -45.94 -27.88 68.31
N SER B 489 -45.63 -28.58 69.40
CA SER B 489 -46.03 -28.12 70.73
C SER B 489 -45.29 -26.83 71.10
N ASN B 490 -43.97 -26.80 70.92
CA ASN B 490 -43.25 -25.58 71.23
C ASN B 490 -43.65 -24.44 70.31
N ALA B 491 -43.94 -24.75 69.03
CA ALA B 491 -44.40 -23.72 68.11
C ALA B 491 -45.72 -23.12 68.57
N VAL B 492 -46.69 -23.95 68.95
CA VAL B 492 -48.00 -23.44 69.35
C VAL B 492 -47.87 -22.65 70.65
N LYS B 493 -47.06 -23.13 71.58
CA LYS B 493 -46.88 -22.39 72.84
C LYS B 493 -46.25 -21.03 72.59
N VAL B 494 -45.19 -20.97 71.79
CA VAL B 494 -44.53 -19.70 71.53
C VAL B 494 -45.46 -18.75 70.80
N THR B 495 -46.20 -19.26 69.80
CA THR B 495 -47.09 -18.39 69.04
C THR B 495 -48.20 -17.84 69.91
N ARG B 496 -48.81 -18.67 70.76
CA ARG B 496 -49.90 -18.18 71.60
C ARG B 496 -49.38 -17.20 72.65
N SER B 497 -48.18 -17.46 73.20
CA SER B 497 -47.61 -16.51 74.14
C SER B 497 -47.32 -15.17 73.47
N ALA B 498 -46.77 -15.19 72.26
CA ALA B 498 -46.50 -13.95 71.55
C ALA B 498 -47.80 -13.21 71.22
N GLU B 499 -48.84 -13.95 70.82
CA GLU B 499 -50.12 -13.31 70.51
C GLU B 499 -50.73 -12.67 71.75
N ARG B 500 -50.65 -13.35 72.90
CA ARG B 500 -51.16 -12.77 74.13
C ARG B 500 -50.37 -11.53 74.53
N GLU B 501 -49.03 -11.58 74.37
CA GLU B 501 -48.21 -10.45 74.77
C GLU B 501 -48.44 -9.24 73.87
N LYS B 502 -48.60 -9.46 72.56
CA LYS B 502 -48.87 -8.35 71.65
C LYS B 502 -50.19 -7.68 71.97
N GLY B 503 -51.23 -8.47 72.25
CA GLY B 503 -52.53 -7.94 72.57
C GLY B 503 -53.27 -8.76 73.61
N ASP C 95 -74.64 -39.38 8.18
CA ASP C 95 -75.80 -38.50 8.09
C ASP C 95 -76.97 -39.06 8.87
N ARG C 96 -77.97 -38.22 9.13
CA ARG C 96 -79.16 -38.59 9.87
C ARG C 96 -80.37 -38.56 8.94
N ALA C 97 -81.12 -39.65 8.89
CA ALA C 97 -82.29 -39.77 8.04
C ALA C 97 -83.59 -39.83 8.84
N ALA C 98 -83.55 -39.45 10.12
CA ALA C 98 -84.75 -39.50 10.95
C ALA C 98 -85.74 -38.43 10.52
N THR C 99 -87.03 -38.73 10.71
CA THR C 99 -88.10 -37.81 10.35
C THR C 99 -88.34 -36.85 11.51
N ARG C 100 -88.26 -35.55 11.23
CA ARG C 100 -88.45 -34.55 12.27
C ARG C 100 -89.89 -34.54 12.79
N ASP C 101 -90.86 -34.49 11.88
CA ASP C 101 -92.30 -34.48 12.21
C ASP C 101 -92.59 -33.25 13.06
N ALA C 102 -93.10 -33.39 14.29
CA ALA C 102 -93.53 -32.23 15.06
C ALA C 102 -92.36 -31.35 15.46
N ILE C 103 -91.29 -31.96 15.99
CA ILE C 103 -90.11 -31.30 16.55
C ILE C 103 -90.46 -29.97 17.20
N THR C 104 -91.32 -30.01 18.20
CA THR C 104 -91.78 -28.77 18.83
C THR C 104 -90.67 -28.12 19.67
N LYS C 105 -89.81 -28.94 20.28
CA LYS C 105 -88.79 -28.44 21.19
C LYS C 105 -87.43 -29.04 20.82
N GLN C 106 -86.38 -28.35 21.28
CA GLN C 106 -84.99 -28.80 21.17
C GLN C 106 -84.48 -28.80 19.73
N ILE C 107 -85.34 -28.44 18.78
CA ILE C 107 -84.97 -28.37 17.38
C ILE C 107 -85.09 -26.96 16.83
N SER C 108 -86.18 -26.25 17.16
CA SER C 108 -86.21 -24.82 16.92
C SER C 108 -85.11 -24.13 17.73
N ALA C 109 -84.92 -24.58 18.98
CA ALA C 109 -83.78 -24.12 19.76
C ALA C 109 -82.46 -24.49 19.10
N GLN C 110 -82.40 -25.66 18.44
CA GLN C 110 -81.19 -26.05 17.72
C GLN C 110 -80.91 -25.08 16.57
N GLN C 111 -81.93 -24.72 15.81
CA GLN C 111 -81.74 -23.76 14.73
C GLN C 111 -81.33 -22.40 15.28
N ASN C 112 -81.93 -21.98 16.38
CA ASN C 112 -81.59 -20.69 16.97
C ASN C 112 -80.15 -20.67 17.48
N GLN C 113 -79.70 -21.76 18.10
CA GLN C 113 -78.32 -21.80 18.59
C GLN C 113 -77.34 -21.91 17.43
N ALA C 114 -77.73 -22.58 16.35
CA ALA C 114 -76.89 -22.58 15.16
C ALA C 114 -76.74 -21.17 14.60
N ALA C 115 -77.84 -20.41 14.57
CA ALA C 115 -77.78 -19.03 14.12
C ALA C 115 -76.89 -18.19 15.03
N ALA C 116 -77.02 -18.38 16.34
CA ALA C 116 -76.18 -17.64 17.27
C ALA C 116 -74.70 -17.97 17.08
N THR C 117 -74.38 -19.26 16.89
CA THR C 117 -72.99 -19.65 16.70
C THR C 117 -72.43 -19.08 15.40
N GLN C 118 -73.20 -19.14 14.31
CA GLN C 118 -72.68 -18.60 13.06
C GLN C 118 -72.53 -17.08 13.12
N LYS C 119 -73.44 -16.40 13.83
CA LYS C 119 -73.29 -14.95 13.99
C LYS C 119 -72.05 -14.62 14.81
N PHE C 120 -71.79 -15.39 15.87
CA PHE C 120 -70.58 -15.18 16.65
C PHE C 120 -69.33 -15.43 15.83
N ASP C 121 -69.34 -16.47 15.00
CA ASP C 121 -68.21 -16.75 14.13
C ASP C 121 -67.99 -15.62 13.13
N ASP C 122 -69.08 -15.11 12.54
CA ASP C 122 -68.96 -14.01 11.59
C ASP C 122 -68.41 -12.75 12.26
N MET C 123 -68.87 -12.46 13.48
CA MET C 123 -68.36 -11.30 14.21
C MET C 123 -66.89 -11.48 14.56
N GLN C 124 -66.49 -12.69 14.95
CA GLN C 124 -65.09 -12.94 15.28
C GLN C 124 -64.20 -12.87 14.04
N ALA C 125 -64.74 -13.23 12.88
CA ALA C 125 -63.96 -13.16 11.65
C ALA C 125 -63.56 -11.73 11.29
N GLU C 126 -64.30 -10.74 11.80
CA GLU C 126 -64.01 -9.32 11.56
C GLU C 126 -63.98 -9.01 10.07
N VAL C 127 -65.15 -9.18 9.43
CA VAL C 127 -65.26 -8.90 8.01
C VAL C 127 -65.01 -7.42 7.76
N GLY C 128 -64.16 -7.12 6.78
CA GLY C 128 -63.79 -5.75 6.52
C GLY C 128 -62.85 -5.21 7.59
N GLN C 129 -62.87 -3.89 7.73
CA GLN C 129 -62.06 -3.20 8.72
C GLN C 129 -62.95 -2.69 9.85
N ARG C 130 -62.55 -2.98 11.09
CA ARG C 130 -63.30 -2.57 12.26
C ARG C 130 -62.29 -2.22 13.36
N GLY C 131 -62.78 -2.14 14.59
CA GLY C 131 -61.93 -1.83 15.72
C GLY C 131 -61.30 -3.07 16.34
N ILE C 132 -61.45 -3.24 17.65
CA ILE C 132 -60.94 -4.39 18.38
C ILE C 132 -59.43 -4.51 18.19
N VAL C 133 -58.69 -3.54 18.71
CA VAL C 133 -57.22 -3.59 18.60
C VAL C 133 -56.68 -4.79 19.35
N ASP C 134 -57.20 -5.06 20.54
CA ASP C 134 -56.78 -6.20 21.35
C ASP C 134 -57.52 -7.45 20.86
N GLN C 135 -57.43 -8.55 21.61
CA GLN C 135 -58.12 -9.78 21.21
C GLN C 135 -59.62 -9.58 21.16
N LEU C 136 -60.19 -8.95 22.20
CA LEU C 136 -61.62 -8.64 22.28
C LEU C 136 -62.46 -9.90 22.08
N ARG C 137 -62.21 -10.89 22.94
CA ARG C 137 -62.96 -12.14 22.88
C ARG C 137 -64.44 -11.90 23.19
N THR C 138 -64.71 -11.06 24.19
CA THR C 138 -66.09 -10.71 24.58
C THR C 138 -66.91 -11.95 24.93
N LEU C 139 -66.26 -12.91 25.60
CA LEU C 139 -66.98 -14.13 26.00
C LEU C 139 -67.98 -13.84 27.11
N SER C 140 -67.59 -13.04 28.09
CA SER C 140 -68.46 -12.67 29.20
C SER C 140 -68.29 -11.19 29.51
N ALA C 141 -69.13 -10.69 30.43
CA ALA C 141 -69.05 -9.29 30.81
C ALA C 141 -67.70 -8.96 31.45
N GLU C 142 -67.21 -9.84 32.32
CA GLU C 142 -65.92 -9.61 32.96
C GLU C 142 -64.79 -9.62 31.94
N GLY C 143 -64.81 -10.61 31.04
CA GLY C 143 -63.80 -10.66 30.00
C GLY C 143 -63.87 -9.49 29.05
N ARG C 144 -65.09 -9.06 28.70
CA ARG C 144 -65.24 -7.90 27.83
C ARG C 144 -64.72 -6.63 28.51
N ALA C 145 -64.98 -6.48 29.81
CA ALA C 145 -64.45 -5.34 30.55
C ALA C 145 -62.92 -5.40 30.60
N GLY C 146 -62.35 -6.59 30.79
CA GLY C 146 -60.91 -6.72 30.75
C GLY C 146 -60.33 -6.34 29.39
N GLU C 147 -60.99 -6.75 28.31
CA GLU C 147 -60.54 -6.36 26.98
C GLU C 147 -60.66 -4.86 26.76
N VAL C 148 -61.73 -4.24 27.27
CA VAL C 148 -61.87 -2.78 27.16
C VAL C 148 -60.74 -2.09 27.91
N ASN C 149 -60.41 -2.59 29.10
CA ASN C 149 -59.27 -2.05 29.83
C ASN C 149 -57.97 -2.22 29.03
N GLN C 150 -57.83 -3.37 28.37
CA GLN C 150 -56.66 -3.59 27.51
C GLN C 150 -56.61 -2.56 26.38
N ILE C 151 -57.77 -2.17 25.86
CA ILE C 151 -57.82 -1.13 24.84
C ILE C 151 -57.31 0.19 25.41
N LEU C 152 -57.71 0.52 26.63
CA LEU C 152 -57.27 1.75 27.29
C LEU C 152 -55.76 1.78 27.48
N GLU C 162 -45.12 4.80 42.99
CA GLU C 162 -45.22 5.74 41.89
C GLU C 162 -45.25 5.00 40.55
N ILE C 163 -44.11 4.92 39.88
CA ILE C 163 -44.03 4.18 38.63
C ILE C 163 -44.16 2.68 38.89
N ARG C 164 -43.47 2.18 39.92
CA ARG C 164 -43.61 0.78 40.29
C ARG C 164 -45.02 0.47 40.78
N LYS C 165 -45.72 1.46 41.32
CA LYS C 165 -47.11 1.28 41.73
C LYS C 165 -47.95 0.79 40.57
N GLU C 166 -48.05 1.61 39.51
CA GLU C 166 -48.83 1.23 38.34
C GLU C 166 -48.24 0.02 37.63
N LEU C 167 -46.90 -0.10 37.63
CA LEU C 167 -46.28 -1.26 36.99
C LEU C 167 -46.74 -2.57 37.63
N THR C 168 -46.83 -2.60 38.96
CA THR C 168 -47.32 -3.80 39.64
C THR C 168 -48.83 -3.94 39.51
N GLY C 169 -49.56 -2.83 39.58
CA GLY C 169 -51.01 -2.92 39.55
C GLY C 169 -51.56 -3.41 38.23
N VAL C 170 -51.02 -2.90 37.11
CA VAL C 170 -51.49 -3.34 35.80
C VAL C 170 -51.21 -4.83 35.62
N GLN C 171 -50.01 -5.28 36.01
CA GLN C 171 -49.67 -6.69 35.87
C GLN C 171 -50.58 -7.56 36.74
N ASP C 172 -50.83 -7.13 37.98
CA ASP C 172 -51.71 -7.91 38.85
C ASP C 172 -53.12 -8.00 38.29
N ALA C 173 -53.64 -6.89 37.78
CA ALA C 173 -54.98 -6.90 37.18
C ALA C 173 -55.03 -7.84 35.99
N ILE C 174 -54.02 -7.78 35.12
CA ILE C 174 -53.99 -8.65 33.94
C ILE C 174 -53.93 -10.11 34.37
N GLN C 175 -53.09 -10.44 35.34
CA GLN C 175 -52.96 -11.82 35.79
C GLN C 175 -54.26 -12.34 36.37
N ASN C 176 -54.90 -11.55 37.23
CA ASN C 176 -56.15 -11.98 37.85
C ASN C 176 -57.24 -12.17 36.80
N ARG C 177 -57.37 -11.22 35.88
CA ARG C 177 -58.40 -11.33 34.85
C ARG C 177 -58.16 -12.54 33.96
N GLN C 178 -56.91 -12.74 33.53
CA GLN C 178 -56.60 -13.87 32.67
C GLN C 178 -56.86 -15.19 33.38
N TYR C 179 -56.45 -15.30 34.65
CA TYR C 179 -56.67 -16.53 35.39
C TYR C 179 -58.16 -16.83 35.53
N ARG C 180 -58.95 -15.81 35.90
CA ARG C 180 -60.38 -16.02 36.07
C ARG C 180 -61.04 -16.43 34.76
N ALA C 181 -60.70 -15.73 33.67
CA ALA C 181 -61.32 -16.04 32.37
C ALA C 181 -60.93 -17.44 31.90
N ALA C 182 -59.66 -17.81 32.05
CA ALA C 182 -59.23 -19.14 31.64
C ALA C 182 -59.93 -20.22 32.46
N GLY C 183 -60.04 -20.02 33.77
CA GLY C 183 -60.75 -20.98 34.59
C GLY C 183 -62.20 -21.12 34.19
N GLU C 184 -62.87 -19.99 33.95
CA GLU C 184 -64.27 -20.04 33.56
C GLU C 184 -64.46 -20.77 32.23
N GLN C 185 -63.61 -20.47 31.24
CA GLN C 185 -63.79 -21.09 29.93
C GLN C 185 -63.46 -22.58 29.96
N ARG C 186 -62.41 -22.97 30.70
CA ARG C 186 -62.12 -24.39 30.84
C ARG C 186 -63.24 -25.12 31.56
N ALA C 187 -63.81 -24.51 32.60
CA ALA C 187 -64.93 -25.12 33.29
C ALA C 187 -66.13 -25.27 32.37
N GLN C 188 -66.41 -24.25 31.55
CA GLN C 188 -67.54 -24.33 30.63
C GLN C 188 -67.33 -25.43 29.60
N ALA C 189 -66.11 -25.54 29.05
CA ALA C 189 -65.85 -26.59 28.07
C ALA C 189 -65.98 -27.98 28.69
N ALA C 190 -65.42 -28.16 29.90
CA ALA C 190 -65.53 -29.45 30.57
C ALA C 190 -66.98 -29.80 30.87
N ALA C 191 -67.77 -28.81 31.30
CA ALA C 191 -69.18 -29.06 31.58
C ALA C 191 -69.93 -29.41 30.31
N ASN C 192 -69.60 -28.76 29.19
CA ASN C 192 -70.24 -29.11 27.92
C ASN C 192 -69.93 -30.55 27.52
N ARG C 193 -68.66 -30.95 27.65
CA ARG C 193 -68.29 -32.32 27.32
C ARG C 193 -69.00 -33.31 28.23
N ALA C 194 -69.08 -33.00 29.53
CA ALA C 194 -69.75 -33.89 30.46
C ALA C 194 -71.24 -34.00 30.14
N ALA C 195 -71.88 -32.88 29.77
CA ALA C 195 -73.29 -32.92 29.41
C ALA C 195 -73.52 -33.75 28.15
N GLU C 196 -72.64 -33.61 27.16
CA GLU C 196 -72.77 -34.43 25.96
C GLU C 196 -72.62 -35.91 26.28
N ALA C 197 -71.64 -36.25 27.13
CA ALA C 197 -71.46 -37.65 27.52
C ALA C 197 -72.67 -38.17 28.27
N HIS C 198 -73.24 -37.35 29.16
CA HIS C 198 -74.42 -37.76 29.92
C HIS C 198 -75.60 -37.99 29.00
N SER C 199 -75.79 -37.12 28.01
CA SER C 199 -76.88 -37.31 27.04
C SER C 199 -76.68 -38.59 26.25
N LEU C 200 -75.43 -38.85 25.82
CA LEU C 200 -75.16 -40.08 25.08
C LEU C 200 -75.44 -41.31 25.94
N SER C 201 -75.05 -41.27 27.21
CA SER C 201 -75.30 -42.40 28.11
C SER C 201 -76.80 -42.61 28.33
N MET C 202 -77.54 -41.52 28.52
CA MET C 202 -78.98 -41.62 28.71
C MET C 202 -79.71 -42.07 27.46
N ALA C 203 -79.13 -41.84 26.28
CA ALA C 203 -79.80 -42.15 25.02
C ALA C 203 -79.86 -43.65 24.74
N ALA C 204 -79.52 -44.46 25.74
CA ALA C 204 -79.62 -45.91 25.58
C ALA C 204 -81.08 -46.33 25.43
N GLY C 205 -81.32 -47.25 24.51
CA GLY C 205 -82.66 -47.74 24.25
C GLY C 205 -83.19 -47.35 22.89
N PHE C 211 -89.41 -37.72 22.49
CA PHE C 211 -88.17 -38.27 21.95
C PHE C 211 -87.21 -38.66 23.06
N THR C 212 -87.73 -39.36 24.07
CA THR C 212 -86.96 -39.83 25.21
C THR C 212 -86.24 -38.66 25.89
N ARG C 213 -87.04 -37.74 26.43
CA ARG C 213 -86.48 -36.52 27.03
C ARG C 213 -85.97 -36.77 28.44
N GLU C 214 -86.89 -37.06 29.38
CA GLU C 214 -86.56 -37.33 30.77
C GLU C 214 -85.75 -36.19 31.42
N GLN C 215 -85.21 -36.46 32.61
CA GLN C 215 -84.52 -35.42 33.37
C GLN C 215 -83.20 -35.02 32.73
N ARG C 216 -82.51 -35.96 32.09
CA ARG C 216 -81.24 -35.63 31.44
C ARG C 216 -81.45 -34.60 30.34
N ASP C 217 -82.42 -34.82 29.45
CA ASP C 217 -82.70 -33.84 28.42
C ASP C 217 -83.43 -32.63 28.97
N GLU C 218 -84.06 -32.72 30.14
CA GLU C 218 -84.56 -31.52 30.79
C GLU C 218 -83.41 -30.60 31.20
N LEU C 219 -82.38 -31.18 31.82
CA LEU C 219 -81.18 -30.40 32.14
C LEU C 219 -80.52 -29.86 30.88
N ARG C 220 -80.45 -30.70 29.84
CA ARG C 220 -79.92 -30.24 28.56
C ARG C 220 -80.74 -29.08 28.01
N ARG C 221 -82.07 -29.15 28.14
CA ARG C 221 -82.94 -28.10 27.62
C ARG C 221 -82.72 -26.79 28.36
N ASP C 222 -82.64 -26.84 29.69
CA ASP C 222 -82.45 -25.59 30.42
C ASP C 222 -81.07 -25.00 30.17
N ARG C 223 -80.05 -25.84 30.08
CA ARG C 223 -78.72 -25.34 29.74
C ARG C 223 -78.69 -24.73 28.35
N ASP C 224 -79.36 -25.36 27.39
CA ASP C 224 -79.42 -24.81 26.04
C ASP C 224 -80.21 -23.51 26.01
N GLU C 225 -81.27 -23.39 26.82
CA GLU C 225 -81.99 -22.13 26.90
C GLU C 225 -81.09 -21.03 27.45
N ALA C 226 -80.30 -21.33 28.47
CA ALA C 226 -79.35 -20.35 28.99
C ALA C 226 -78.33 -19.94 27.92
N LYS C 227 -77.82 -20.92 27.18
CA LYS C 227 -76.86 -20.63 26.12
C LYS C 227 -77.48 -19.78 25.02
N LEU C 228 -78.72 -20.10 24.63
CA LEU C 228 -79.43 -19.30 23.65
C LEU C 228 -79.62 -17.88 24.13
N VAL C 229 -80.00 -17.71 25.39
CA VAL C 229 -80.18 -16.37 25.94
C VAL C 229 -78.87 -15.60 25.87
N SER C 230 -77.78 -16.22 26.34
CA SER C 230 -76.49 -15.53 26.34
C SER C 230 -76.06 -15.14 24.93
N GLY C 231 -76.19 -16.07 23.98
CA GLY C 231 -75.78 -15.77 22.62
C GLY C 231 -76.61 -14.67 21.98
N THR C 232 -77.94 -14.74 22.16
CA THR C 232 -78.81 -13.71 21.60
C THR C 232 -78.51 -12.35 22.19
N ILE C 233 -78.27 -12.29 23.50
CA ILE C 233 -78.00 -11.01 24.15
C ILE C 233 -76.68 -10.43 23.65
N ALA C 234 -75.65 -11.28 23.54
CA ALA C 234 -74.37 -10.82 23.02
C ALA C 234 -74.51 -10.31 21.59
N THR C 235 -75.26 -11.03 20.76
CA THR C 235 -75.45 -10.58 19.38
C THR C 235 -76.19 -9.24 19.32
N THR C 236 -77.22 -9.08 20.15
CA THR C 236 -77.95 -7.81 20.17
C THR C 236 -77.06 -6.66 20.59
N PHE C 237 -76.25 -6.85 21.64
CA PHE C 237 -75.35 -5.79 22.07
C PHE C 237 -74.32 -5.46 21.00
N GLN C 238 -73.76 -6.50 20.35
CA GLN C 238 -72.78 -6.26 19.30
C GLN C 238 -73.40 -5.49 18.13
N ASP C 239 -74.63 -5.84 17.76
CA ASP C 239 -75.31 -5.10 16.70
C ASP C 239 -75.57 -3.66 17.11
N TYR C 240 -75.93 -3.45 18.38
CA TYR C 240 -76.22 -2.09 18.83
C TYR C 240 -74.97 -1.21 18.85
N ASP C 241 -73.81 -1.82 19.13
CA ASP C 241 -72.58 -1.03 19.29
C ASP C 241 -72.23 -0.27 18.01
N GLU C 242 -72.43 -0.89 16.85
CA GLU C 242 -72.11 -0.22 15.60
C GLU C 242 -72.97 1.02 15.40
N SER C 243 -74.27 0.91 15.67
CA SER C 243 -75.15 2.07 15.59
C SER C 243 -74.76 3.12 16.61
N ARG C 244 -74.36 2.70 17.81
CA ARG C 244 -73.92 3.66 18.82
C ARG C 244 -72.72 4.45 18.33
N GLN C 245 -71.74 3.77 17.71
CA GLN C 245 -70.57 4.48 17.18
C GLN C 245 -70.96 5.41 16.03
N ALA C 246 -71.83 4.94 15.14
CA ALA C 246 -72.23 5.76 14.00
C ALA C 246 -72.93 7.03 14.46
N GLN C 247 -73.79 6.92 15.47
CA GLN C 247 -74.45 8.10 16.01
C GLN C 247 -73.51 8.96 16.86
N SER C 248 -72.54 8.33 17.53
CA SER C 248 -71.56 9.09 18.30
C SER C 248 -70.70 9.95 17.39
N GLU C 249 -70.50 9.51 16.14
CA GLU C 249 -69.83 10.35 15.16
C GLU C 249 -70.51 11.73 15.07
N ILE C 250 -71.83 11.73 14.88
CA ILE C 250 -72.55 12.99 14.77
C ILE C 250 -72.65 13.71 16.11
N MET C 251 -72.79 12.99 17.22
CA MET C 251 -72.76 13.70 18.50
C MET C 251 -71.45 14.46 18.67
N ARG C 252 -70.33 13.82 18.34
CA ARG C 252 -69.03 14.48 18.44
C ARG C 252 -68.93 15.65 17.47
N ILE C 253 -69.40 15.47 16.23
CA ILE C 253 -69.33 16.55 15.26
C ILE C 253 -70.12 17.77 15.74
N VAL C 254 -71.35 17.53 16.23
CA VAL C 254 -72.17 18.63 16.70
C VAL C 254 -71.53 19.29 17.93
N GLY C 255 -71.02 18.48 18.87
CA GLY C 255 -70.38 19.03 20.04
C GLY C 255 -69.17 19.88 19.70
N LYS C 256 -68.38 19.46 18.72
CA LYS C 256 -67.26 20.27 18.26
C LYS C 256 -67.75 21.55 17.59
N GLU C 257 -68.86 21.46 16.85
CA GLU C 257 -69.40 22.64 16.17
C GLU C 257 -69.81 23.70 17.19
N VAL C 258 -70.63 23.32 18.17
CA VAL C 258 -71.03 24.29 19.19
C VAL C 258 -69.89 24.54 20.19
N GLY C 259 -69.23 23.48 20.63
CA GLY C 259 -68.03 23.57 21.45
C GLY C 259 -68.25 23.30 22.92
N MET C 260 -68.03 22.04 23.32
CA MET C 260 -68.09 21.52 24.68
C MET C 260 -66.73 20.94 25.06
N PRO C 261 -66.44 20.86 26.36
CA PRO C 261 -65.21 20.19 26.79
C PRO C 261 -65.24 18.71 26.39
N THR C 262 -64.20 18.28 25.67
CA THR C 262 -64.17 16.96 25.06
C THR C 262 -62.82 16.30 25.31
N ASP C 263 -62.81 14.98 25.17
CA ASP C 263 -61.60 14.17 25.33
C ASP C 263 -61.38 13.32 24.10
N ASP C 264 -60.48 12.33 24.20
CA ASP C 264 -60.07 11.55 23.03
C ASP C 264 -61.26 10.87 22.35
N GLN C 265 -62.29 10.51 23.11
CA GLN C 265 -63.46 9.86 22.52
C GLN C 265 -64.31 10.83 21.70
N GLY C 266 -64.21 12.13 21.95
CA GLY C 266 -64.90 13.13 21.18
C GLY C 266 -66.23 13.59 21.74
N MET C 267 -66.87 12.79 22.59
CA MET C 267 -68.15 13.18 23.15
C MET C 267 -67.92 14.10 24.36
N PRO C 268 -68.78 15.11 24.54
CA PRO C 268 -68.61 16.03 25.65
C PRO C 268 -68.61 15.32 27.00
N ASP C 269 -67.77 15.83 27.91
CA ASP C 269 -67.56 15.21 29.22
C ASP C 269 -68.80 15.37 30.09
N MET C 270 -69.27 14.26 30.68
CA MET C 270 -70.51 14.30 31.46
C MET C 270 -70.37 15.19 32.69
N SER C 271 -69.28 15.02 33.45
CA SER C 271 -69.11 15.80 34.67
C SER C 271 -68.93 17.28 34.36
N ARG C 272 -68.16 17.60 33.33
CA ARG C 272 -67.86 18.99 32.99
C ARG C 272 -68.99 19.68 32.24
N ALA C 273 -69.91 18.93 31.65
CA ALA C 273 -71.02 19.53 30.91
C ALA C 273 -72.04 20.09 31.89
N SER C 274 -72.16 21.41 31.92
CA SER C 274 -73.18 22.06 32.73
C SER C 274 -74.52 22.05 31.99
N GLN C 275 -75.53 22.63 32.63
CA GLN C 275 -76.84 22.73 32.00
C GLN C 275 -76.77 23.59 30.74
N ASP C 276 -76.03 24.70 30.80
CA ASP C 276 -75.85 25.53 29.62
C ASP C 276 -75.09 24.79 28.53
N GLN C 277 -74.11 23.97 28.92
CA GLN C 277 -73.39 23.15 27.94
C GLN C 277 -74.33 22.17 27.25
N LEU C 278 -75.21 21.51 28.02
CA LEU C 278 -76.16 20.58 27.44
C LEU C 278 -77.29 21.29 26.69
N ASP C 279 -77.44 22.60 26.90
CA ASP C 279 -78.44 23.35 26.14
C ASP C 279 -78.13 23.34 24.65
N ALA C 280 -76.85 23.36 24.28
CA ALA C 280 -76.49 23.27 22.87
C ALA C 280 -76.92 21.95 22.28
N PHE C 281 -76.71 20.85 23.00
CA PHE C 281 -77.17 19.54 22.53
C PHE C 281 -78.69 19.49 22.45
N SER C 282 -79.37 20.09 23.42
CA SER C 282 -80.83 20.12 23.37
C SER C 282 -81.34 20.89 22.16
N ASN C 283 -80.72 22.04 21.86
CA ASN C 283 -81.10 22.80 20.69
C ASN C 283 -80.80 22.04 19.41
N ALA C 284 -79.67 21.33 19.36
CA ALA C 284 -79.36 20.52 18.19
C ALA C 284 -80.38 19.41 18.00
N LEU C 285 -80.79 18.76 19.09
CA LEU C 285 -81.81 17.72 19.00
C LEU C 285 -83.13 18.30 18.53
N ASN C 286 -83.51 19.47 19.03
CA ASN C 286 -84.71 20.14 18.54
C ASN C 286 -84.58 20.50 17.07
N GLU C 287 -83.35 20.76 16.61
CA GLU C 287 -83.12 21.15 15.23
C GLU C 287 -83.32 19.97 14.28
N ALA C 288 -82.52 18.92 14.44
CA ALA C 288 -82.57 17.77 13.55
C ALA C 288 -82.13 16.54 14.34
N GLY C 289 -81.79 15.47 13.63
CA GLY C 289 -81.36 14.24 14.27
C GLY C 289 -82.51 13.29 14.54
N VAL C 290 -83.38 13.66 15.49
CA VAL C 290 -84.55 12.87 15.86
C VAL C 290 -84.11 11.48 16.29
N GLN C 291 -83.01 11.38 17.04
CA GLN C 291 -82.50 10.12 17.53
C GLN C 291 -83.10 9.89 18.92
N ALA C 292 -84.22 9.16 18.97
CA ALA C 292 -84.89 8.92 20.25
C ALA C 292 -84.03 8.08 21.18
N ASN C 293 -83.37 7.05 20.64
CA ASN C 293 -82.54 6.13 21.43
C ASN C 293 -83.34 5.53 22.59
N THR C 294 -84.60 5.20 22.32
CA THR C 294 -85.48 4.58 23.31
C THR C 294 -85.29 3.08 23.39
N SER C 295 -84.48 2.49 22.50
CA SER C 295 -84.18 1.06 22.51
C SER C 295 -84.02 0.45 23.90
N PRO C 296 -83.32 1.09 24.88
CA PRO C 296 -83.18 0.47 26.22
C PRO C 296 -84.47 -0.06 26.83
N THR C 297 -85.64 0.28 26.29
CA THR C 297 -86.83 -0.49 26.62
C THR C 297 -87.19 -1.46 25.50
N GLU C 298 -87.48 -0.95 24.30
CA GLU C 298 -88.00 -1.81 23.24
C GLU C 298 -87.12 -3.03 23.05
N ARG C 299 -85.80 -2.83 23.06
CA ARG C 299 -84.84 -3.91 22.89
C ARG C 299 -85.28 -5.16 23.64
N ARG C 300 -85.41 -5.07 24.97
CA ARG C 300 -85.56 -6.33 25.70
C ARG C 300 -86.89 -6.98 25.37
N ASN C 301 -87.95 -6.18 25.18
CA ASN C 301 -89.23 -6.81 24.85
C ASN C 301 -89.12 -7.54 23.52
N ALA C 302 -88.42 -6.93 22.55
CA ALA C 302 -88.17 -7.62 21.29
C ALA C 302 -87.48 -8.95 21.55
N VAL C 303 -86.42 -8.93 22.36
CA VAL C 303 -85.73 -10.18 22.68
C VAL C 303 -86.70 -11.16 23.31
N LEU C 304 -87.55 -10.66 24.23
CA LEU C 304 -88.56 -11.51 24.85
C LEU C 304 -89.41 -12.19 23.78
N LYS C 305 -89.87 -11.41 22.81
CA LYS C 305 -90.68 -11.99 21.74
C LYS C 305 -89.90 -13.07 21.00
N SER C 306 -88.62 -12.81 20.71
CA SER C 306 -87.80 -13.83 20.08
C SER C 306 -87.73 -15.06 20.95
N LEU C 307 -87.53 -14.86 22.25
CA LEU C 307 -87.57 -15.99 23.18
C LEU C 307 -88.94 -16.66 23.13
N VAL C 308 -90.01 -15.87 23.09
CA VAL C 308 -91.35 -16.42 22.93
C VAL C 308 -91.43 -17.17 21.61
N ASP C 309 -90.78 -16.65 20.57
CA ASP C 309 -90.70 -17.39 19.31
C ASP C 309 -89.94 -18.70 19.49
N ALA C 310 -88.85 -18.67 20.25
CA ALA C 310 -88.06 -19.88 20.44
C ALA C 310 -88.76 -20.84 21.40
N GLY C 311 -89.32 -20.33 22.48
CA GLY C 311 -89.93 -21.17 23.49
C GLY C 311 -89.01 -21.37 24.67
N VAL C 312 -89.22 -20.60 25.74
CA VAL C 312 -88.31 -20.57 26.89
C VAL C 312 -89.13 -20.74 28.16
N SER C 313 -88.59 -21.52 29.09
CA SER C 313 -89.21 -21.65 30.40
C SER C 313 -89.05 -20.33 31.18
N SER C 314 -89.86 -20.21 32.25
CA SER C 314 -89.88 -18.97 33.02
C SER C 314 -88.51 -18.65 33.61
N LYS C 315 -87.73 -19.67 33.97
CA LYS C 315 -86.40 -19.42 34.52
C LYS C 315 -85.51 -18.73 33.50
N GLY C 316 -85.58 -19.15 32.23
CA GLY C 316 -84.81 -18.49 31.20
C GLY C 316 -85.24 -17.04 30.98
N ILE C 317 -86.55 -16.79 31.07
CA ILE C 317 -87.04 -15.42 30.95
C ILE C 317 -86.52 -14.56 32.09
N ALA C 318 -86.52 -15.09 33.31
CA ALA C 318 -85.97 -14.36 34.44
C ALA C 318 -84.49 -14.08 34.26
N GLN C 319 -83.74 -15.07 33.76
CA GLN C 319 -82.32 -14.87 33.50
C GLN C 319 -82.11 -13.78 32.46
N ALA C 320 -82.93 -13.77 31.41
CA ALA C 320 -82.81 -12.74 30.38
C ALA C 320 -83.11 -11.36 30.93
N LYS C 321 -84.15 -11.26 31.77
CA LYS C 321 -84.47 -9.96 32.37
C LYS C 321 -83.34 -9.47 33.27
N GLN C 322 -82.75 -10.38 34.04
CA GLN C 322 -81.62 -10.00 34.88
C GLN C 322 -80.42 -9.56 34.02
N GLU C 323 -80.18 -10.25 32.91
CA GLU C 323 -79.10 -9.85 32.01
C GLU C 323 -79.37 -8.47 31.43
N MET C 324 -80.61 -8.18 31.06
CA MET C 324 -80.99 -6.84 30.63
C MET C 324 -80.69 -5.79 31.70
N GLU C 325 -81.16 -6.01 32.94
CA GLU C 325 -80.96 -4.97 33.94
C GLU C 325 -79.47 -4.75 34.21
N LEU C 326 -78.69 -5.83 34.31
CA LEU C 326 -77.27 -5.68 34.60
C LEU C 326 -76.52 -5.07 33.42
N ARG C 327 -76.86 -5.46 32.20
CA ARG C 327 -76.19 -4.92 31.03
C ARG C 327 -76.49 -3.44 30.86
N GLU C 328 -77.75 -3.04 31.07
CA GLU C 328 -78.10 -1.63 30.96
C GLU C 328 -77.44 -0.81 32.07
N SER C 329 -77.38 -1.36 33.29
CA SER C 329 -76.66 -0.67 34.36
C SER C 329 -75.19 -0.51 34.01
N LEU C 330 -74.57 -1.56 33.47
CA LEU C 330 -73.16 -1.50 33.09
C LEU C 330 -72.94 -0.48 31.98
N GLU C 331 -73.84 -0.44 31.00
CA GLU C 331 -73.72 0.54 29.92
C GLU C 331 -73.88 1.96 30.43
N GLY C 332 -74.72 2.15 31.45
CA GLY C 332 -74.92 3.49 31.99
C GLY C 332 -73.74 4.01 32.81
N LEU C 333 -72.87 3.13 33.27
CA LEU C 333 -71.76 3.55 34.11
C LEU C 333 -70.68 4.24 33.29
N ALA C 334 -69.92 5.11 33.97
CA ALA C 334 -68.73 5.69 33.38
C ALA C 334 -67.65 4.62 33.27
N PRO C 335 -66.71 4.76 32.33
CA PRO C 335 -65.68 3.72 32.16
C PRO C 335 -64.93 3.35 33.43
N GLN C 336 -64.49 4.35 34.20
CA GLN C 336 -63.79 4.05 35.46
C GLN C 336 -64.73 3.40 36.46
N ASP C 337 -65.94 3.93 36.60
CA ASP C 337 -66.91 3.33 37.50
C ASP C 337 -67.32 1.94 37.02
N ARG C 338 -67.43 1.75 35.71
CA ARG C 338 -67.73 0.44 35.17
C ARG C 338 -66.64 -0.57 35.50
N THR C 339 -65.37 -0.15 35.37
CA THR C 339 -64.27 -1.03 35.73
C THR C 339 -64.30 -1.37 37.22
N LYS C 340 -64.59 -0.37 38.06
CA LYS C 340 -64.67 -0.63 39.49
C LYS C 340 -65.78 -1.63 39.81
N VAL C 341 -66.94 -1.46 39.19
CA VAL C 341 -68.07 -2.35 39.44
C VAL C 341 -67.76 -3.77 38.98
N GLU C 342 -67.18 -3.91 37.78
CA GLU C 342 -66.90 -5.25 37.27
C GLU C 342 -65.81 -5.93 38.09
N ALA C 343 -64.84 -5.16 38.58
CA ALA C 343 -63.81 -5.76 39.43
C ALA C 343 -64.36 -6.17 40.79
N THR C 344 -65.29 -5.38 41.35
CA THR C 344 -65.95 -5.79 42.58
C THR C 344 -66.79 -7.05 42.36
N ILE C 345 -67.43 -7.15 41.20
CA ILE C 345 -68.18 -8.37 40.86
C ILE C 345 -67.24 -9.57 40.79
N GLY C 346 -66.09 -9.39 40.15
CA GLY C 346 -65.11 -10.46 40.10
C GLY C 346 -64.63 -10.86 41.49
N ALA C 347 -64.41 -9.87 42.36
CA ALA C 347 -63.98 -10.18 43.73
C ALA C 347 -65.04 -10.97 44.48
N VAL C 348 -66.30 -10.55 44.37
CA VAL C 348 -67.37 -11.24 45.09
C VAL C 348 -67.67 -12.60 44.47
N ASN C 349 -67.27 -12.82 43.22
CA ASN C 349 -67.42 -14.12 42.58
C ASN C 349 -66.15 -14.97 42.65
N ALA C 350 -65.08 -14.45 43.26
CA ALA C 350 -63.83 -15.20 43.32
C ALA C 350 -63.97 -16.53 44.04
N GLU C 351 -64.69 -16.56 45.17
CA GLU C 351 -64.83 -17.80 45.91
C GLU C 351 -65.66 -18.82 45.12
N LEU C 352 -66.71 -18.36 44.43
CA LEU C 352 -67.48 -19.24 43.56
C LEU C 352 -66.60 -19.78 42.43
N ASP C 353 -65.75 -18.92 41.87
CA ASP C 353 -64.84 -19.35 40.82
C ASP C 353 -63.87 -20.41 41.32
N THR C 354 -63.33 -20.23 42.53
CA THR C 354 -62.41 -21.20 43.09
C THR C 354 -63.09 -22.54 43.33
N LEU C 355 -64.31 -22.51 43.89
CA LEU C 355 -65.05 -23.75 44.08
C LEU C 355 -65.31 -24.44 42.75
N GLN C 356 -65.72 -23.66 41.75
CA GLN C 356 -66.02 -24.22 40.43
C GLN C 356 -64.78 -24.87 39.82
N ARG C 357 -63.65 -24.15 39.84
CA ARG C 357 -62.45 -24.71 39.22
C ARG C 357 -62.00 -25.98 39.94
N THR C 358 -61.98 -25.95 41.28
CA THR C 358 -61.55 -27.13 42.03
C THR C 358 -62.44 -28.33 41.73
N ALA C 359 -63.76 -28.10 41.69
CA ALA C 359 -64.67 -29.17 41.29
C ALA C 359 -64.35 -29.67 39.90
N THR C 360 -63.96 -28.76 38.99
CA THR C 360 -63.65 -29.19 37.63
C THR C 360 -62.42 -30.08 37.60
N GLU C 361 -61.34 -29.73 38.32
CA GLU C 361 -60.19 -30.63 38.30
C GLU C 361 -60.54 -31.97 38.92
N ASP C 362 -61.29 -31.96 40.03
CA ASP C 362 -61.67 -33.22 40.66
C ASP C 362 -62.44 -34.10 39.68
N TYR C 363 -63.44 -33.54 39.02
CA TYR C 363 -64.28 -34.34 38.13
C TYR C 363 -63.54 -34.75 36.86
N GLU C 364 -62.65 -33.92 36.34
CA GLU C 364 -61.93 -34.34 35.14
C GLU C 364 -60.91 -35.42 35.46
N ARG C 365 -60.31 -35.38 36.67
CA ARG C 365 -59.47 -36.50 37.09
C ARG C 365 -60.28 -37.77 37.22
N GLU C 366 -61.49 -37.66 37.79
CA GLU C 366 -62.35 -38.85 37.89
C GLU C 366 -62.71 -39.37 36.51
N VAL C 367 -62.90 -38.47 35.54
CA VAL C 367 -63.14 -38.88 34.16
C VAL C 367 -61.92 -39.60 33.59
N ALA C 368 -60.73 -39.05 33.85
CA ALA C 368 -59.51 -39.71 33.40
C ALA C 368 -59.38 -41.10 34.01
N ARG C 369 -59.92 -41.30 35.21
CA ARG C 369 -59.93 -42.62 35.81
C ARG C 369 -60.99 -43.53 35.18
N ASN C 370 -62.16 -42.97 34.84
CA ASN C 370 -63.31 -43.78 34.44
C ASN C 370 -63.59 -43.62 32.94
N PRO C 371 -63.52 -44.69 32.15
CA PRO C 371 -63.91 -44.58 30.75
C PRO C 371 -65.41 -44.55 30.55
N PHE C 372 -66.14 -45.15 31.48
CA PHE C 372 -67.59 -45.24 31.35
C PHE C 372 -68.26 -43.87 31.44
N VAL C 373 -67.66 -42.92 32.16
CA VAL C 373 -68.22 -41.59 32.26
C VAL C 373 -68.01 -40.78 30.99
N GLU C 374 -67.03 -41.15 30.15
CA GLU C 374 -66.73 -40.41 28.93
C GLU C 374 -66.26 -41.38 27.85
N PRO C 375 -67.13 -41.74 26.90
CA PRO C 375 -66.72 -42.59 25.78
C PRO C 375 -66.00 -41.77 24.73
N ASP C 376 -65.64 -42.42 23.63
CA ASP C 376 -64.94 -41.77 22.54
C ASP C 376 -65.25 -42.50 21.23
N LYS C 377 -65.43 -41.74 20.16
CA LYS C 377 -65.68 -42.33 18.86
C LYS C 377 -64.40 -42.76 18.14
N ASP C 378 -63.24 -42.29 18.60
CA ASP C 378 -61.97 -42.67 17.97
C ASP C 378 -61.69 -44.16 18.06
N PRO C 379 -61.80 -44.82 19.22
CA PRO C 379 -61.48 -46.25 19.28
C PRO C 379 -62.31 -47.12 18.36
N LEU C 380 -63.42 -46.61 17.83
CA LEU C 380 -64.18 -47.34 16.83
C LEU C 380 -63.32 -47.73 15.64
N GLY C 381 -62.32 -46.92 15.31
CA GLY C 381 -61.41 -47.26 14.24
C GLY C 381 -60.15 -47.94 14.74
N SER C 382 -59.93 -47.91 16.06
CA SER C 382 -58.74 -48.51 16.63
C SER C 382 -58.82 -50.03 16.71
N VAL C 383 -60.02 -50.56 16.95
CA VAL C 383 -60.19 -51.98 17.25
C VAL C 383 -59.53 -52.86 16.20
N ASN C 384 -59.42 -52.36 14.97
CA ASN C 384 -58.86 -53.16 13.88
C ASN C 384 -57.47 -53.67 14.22
N LYS C 385 -56.65 -52.85 14.88
CA LYS C 385 -55.29 -53.30 15.19
C LYS C 385 -55.30 -54.49 16.13
N ILE C 386 -56.25 -54.52 17.07
CA ILE C 386 -56.39 -55.68 17.93
C ILE C 386 -56.67 -56.93 17.11
N VAL C 387 -57.44 -56.78 16.03
CA VAL C 387 -57.69 -57.90 15.13
C VAL C 387 -56.37 -58.48 14.62
N ASP C 388 -55.42 -57.60 14.30
CA ASP C 388 -54.11 -58.08 13.84
C ASP C 388 -53.44 -58.93 14.90
N LYS C 389 -53.58 -58.55 16.18
CA LYS C 389 -52.97 -59.34 17.25
C LYS C 389 -53.61 -60.71 17.37
N ALA C 390 -54.76 -60.94 16.75
CA ALA C 390 -55.38 -62.25 16.72
C ALA C 390 -54.89 -63.13 15.58
N VAL C 391 -54.04 -62.61 14.71
CA VAL C 391 -53.59 -63.33 13.52
C VAL C 391 -52.11 -63.67 13.58
N LYS C 392 -51.28 -62.75 14.06
CA LYS C 392 -49.83 -62.94 14.05
C LYS C 392 -49.45 -64.04 15.02
N SER C 393 -49.17 -65.23 14.50
CA SER C 393 -48.77 -66.39 15.30
C SER C 393 -49.78 -66.66 16.42
N GLY C 394 -51.07 -66.53 16.10
CA GLY C 394 -52.11 -66.74 17.09
C GLY C 394 -53.32 -67.46 16.53
N PHE C 395 -53.89 -68.36 17.33
CA PHE C 395 -55.08 -69.11 16.93
C PHE C 395 -56.31 -68.34 17.37
N GLY C 396 -56.94 -67.63 16.43
CA GLY C 396 -58.14 -66.88 16.73
C GLY C 396 -59.35 -67.41 15.98
N TRP C 397 -60.13 -66.51 15.39
CA TRP C 397 -61.27 -66.94 14.59
C TRP C 397 -60.81 -67.68 13.34
N GLU C 398 -61.60 -68.67 12.93
CA GLU C 398 -61.29 -69.49 11.78
C GLU C 398 -61.56 -68.71 10.50
N GLY C 399 -60.63 -67.80 10.19
CA GLY C 399 -60.76 -66.98 8.99
C GLY C 399 -61.98 -66.07 8.99
N ASP C 400 -62.26 -65.42 10.11
CA ASP C 400 -63.42 -64.56 10.27
C ASP C 400 -62.99 -63.18 10.74
N ARG C 401 -61.95 -62.63 10.10
CA ARG C 401 -61.48 -61.29 10.46
C ARG C 401 -62.57 -60.24 10.22
N GLN C 402 -63.26 -60.33 9.08
CA GLN C 402 -64.36 -59.42 8.82
C GLN C 402 -65.49 -59.61 9.82
N ASP C 403 -65.81 -60.86 10.17
CA ASP C 403 -66.84 -61.12 11.17
C ASP C 403 -66.42 -60.57 12.53
N LEU C 404 -65.16 -60.75 12.91
CA LEU C 404 -64.68 -60.19 14.17
C LEU C 404 -64.78 -58.68 14.18
N ASN C 405 -64.39 -58.04 13.07
CA ASN C 405 -64.48 -56.58 13.00
C ASN C 405 -65.93 -56.12 13.12
N ASN C 406 -66.85 -56.81 12.42
CA ASN C 406 -68.26 -56.43 12.48
C ASN C 406 -68.81 -56.58 13.89
N MET C 407 -68.50 -57.71 14.55
CA MET C 407 -69.02 -57.91 15.90
C MET C 407 -68.40 -56.93 16.89
N LEU C 408 -67.12 -56.59 16.72
CA LEU C 408 -66.49 -55.64 17.63
C LEU C 408 -67.05 -54.24 17.45
N VAL C 409 -67.27 -53.81 16.20
CA VAL C 409 -67.85 -52.47 16.01
C VAL C 409 -69.30 -52.45 16.46
N ASP C 410 -70.02 -53.57 16.33
CA ASP C 410 -71.37 -53.63 16.88
C ASP C 410 -71.35 -53.51 18.40
N PHE C 411 -70.41 -54.19 19.06
CA PHE C 411 -70.31 -54.12 20.50
C PHE C 411 -69.93 -52.72 20.96
N ALA C 412 -69.04 -52.06 20.23
CA ALA C 412 -68.64 -50.70 20.56
C ALA C 412 -69.66 -49.67 20.11
N THR C 413 -70.67 -50.06 19.34
CA THR C 413 -71.72 -49.16 18.88
C THR C 413 -73.00 -49.29 19.71
N ASN C 414 -73.47 -50.52 19.92
CA ASN C 414 -74.71 -50.75 20.66
C ASN C 414 -74.49 -51.30 22.06
N GLY C 415 -73.39 -52.00 22.30
CA GLY C 415 -73.11 -52.54 23.62
C GLY C 415 -73.47 -54.01 23.74
N ILE C 416 -72.91 -54.64 24.76
CA ILE C 416 -73.16 -56.05 25.03
C ILE C 416 -74.42 -56.18 25.87
N LYS C 417 -75.06 -57.35 25.78
CA LYS C 417 -76.28 -57.63 26.53
C LYS C 417 -75.88 -58.07 27.94
N LEU C 418 -75.98 -57.15 28.89
CA LEU C 418 -75.65 -57.47 30.27
C LEU C 418 -76.70 -58.43 30.84
N PRO C 419 -76.28 -59.41 31.65
CA PRO C 419 -77.25 -60.38 32.18
C PRO C 419 -78.35 -59.77 33.03
N ASP C 420 -78.14 -58.59 33.60
CA ASP C 420 -79.19 -57.97 34.41
C ASP C 420 -80.40 -57.59 33.58
N GLY C 421 -80.20 -57.35 32.28
CA GLY C 421 -81.29 -56.97 31.40
C GLY C 421 -81.04 -55.64 30.72
N ARG C 422 -79.81 -55.14 30.81
CA ARG C 422 -79.43 -53.86 30.24
C ARG C 422 -78.37 -54.08 29.17
N THR C 423 -78.00 -52.98 28.50
CA THR C 423 -77.01 -53.00 27.43
C THR C 423 -76.02 -51.87 27.67
N ALA C 424 -74.74 -52.22 27.85
CA ALA C 424 -73.69 -51.25 28.12
C ALA C 424 -72.59 -51.38 27.09
N VAL C 425 -72.07 -50.24 26.63
CA VAL C 425 -71.03 -50.21 25.63
C VAL C 425 -69.68 -50.41 26.29
N VAL C 426 -68.91 -51.36 25.80
CA VAL C 426 -67.59 -51.68 26.38
C VAL C 426 -66.59 -50.62 25.96
N PRO C 427 -65.78 -50.08 26.88
CA PRO C 427 -64.76 -49.10 26.48
C PRO C 427 -63.58 -49.76 25.78
N SER C 428 -62.54 -48.97 25.49
CA SER C 428 -61.46 -49.43 24.63
C SER C 428 -60.40 -50.22 25.39
N LYS C 429 -59.78 -49.59 26.40
CA LYS C 429 -58.64 -50.25 27.04
C LYS C 429 -59.07 -51.46 27.85
N LEU C 430 -60.28 -51.44 28.41
CA LEU C 430 -60.81 -52.65 29.03
C LEU C 430 -60.95 -53.77 28.02
N LEU C 431 -61.41 -53.43 26.81
CA LEU C 431 -61.52 -54.44 25.76
C LEU C 431 -60.15 -55.02 25.39
N GLU C 432 -59.16 -54.15 25.21
CA GLU C 432 -57.86 -54.64 24.75
C GLU C 432 -57.15 -55.43 25.86
N GLN C 433 -57.34 -55.05 27.13
CA GLN C 433 -56.76 -55.83 28.20
C GLN C 433 -57.50 -57.15 28.39
N ALA C 434 -58.80 -57.18 28.07
CA ALA C 434 -59.52 -58.45 28.05
C ALA C 434 -58.97 -59.36 26.96
N PHE C 435 -58.68 -58.81 25.78
CA PHE C 435 -58.14 -59.62 24.70
C PHE C 435 -56.72 -60.08 24.98
N ASN C 436 -55.91 -59.22 25.59
CA ASN C 436 -54.49 -59.52 25.82
C ASN C 436 -54.36 -60.44 27.02
N THR C 437 -54.25 -61.73 26.75
CA THR C 437 -54.07 -62.74 27.79
C THR C 437 -52.64 -63.27 27.74
N THR C 438 -52.35 -64.27 28.57
CA THR C 438 -51.01 -64.85 28.59
C THR C 438 -50.74 -65.66 27.32
N ASN C 439 -51.76 -66.32 26.78
CA ASN C 439 -51.61 -67.08 25.54
C ASN C 439 -52.92 -67.01 24.77
N THR C 440 -52.84 -66.49 23.54
CA THR C 440 -54.03 -66.21 22.74
C THR C 440 -54.77 -67.47 22.29
N TRP C 441 -54.17 -68.66 22.46
CA TRP C 441 -54.83 -69.88 22.04
C TRP C 441 -56.11 -70.16 22.82
N LEU C 442 -56.28 -69.55 23.99
CA LEU C 442 -57.48 -69.79 24.78
C LEU C 442 -58.71 -69.17 24.13
N PHE C 443 -58.55 -68.04 23.45
CA PHE C 443 -59.66 -67.28 22.87
C PHE C 443 -59.61 -67.42 21.36
N LYS C 444 -60.42 -68.32 20.81
CA LYS C 444 -60.46 -68.55 19.37
C LYS C 444 -61.81 -68.23 18.76
N ASN C 445 -62.88 -68.81 19.28
CA ASN C 445 -64.20 -68.61 18.70
C ASN C 445 -64.85 -67.33 19.24
N ALA C 446 -65.87 -66.87 18.52
CA ALA C 446 -66.58 -65.66 18.92
C ALA C 446 -67.31 -65.87 20.25
N GLY C 447 -67.90 -67.04 20.44
CA GLY C 447 -68.61 -67.30 21.69
C GLY C 447 -67.71 -67.22 22.90
N ASP C 448 -66.50 -67.77 22.79
CA ASP C 448 -65.57 -67.75 23.92
C ASP C 448 -65.17 -66.32 24.27
N VAL C 449 -64.86 -65.50 23.26
CA VAL C 449 -64.42 -64.14 23.55
C VAL C 449 -65.58 -63.29 24.08
N GLU C 450 -66.81 -63.51 23.57
CA GLU C 450 -67.92 -62.74 24.10
C GLU C 450 -68.25 -63.17 25.53
N LYS C 451 -68.11 -64.46 25.85
CA LYS C 451 -68.25 -64.89 27.24
C LYS C 451 -67.18 -64.26 28.12
N ARG C 452 -65.95 -64.18 27.61
CA ARG C 452 -64.87 -63.54 28.36
C ARG C 452 -65.18 -62.09 28.67
N ILE C 453 -65.60 -61.33 27.66
CA ILE C 453 -65.87 -59.91 27.89
C ILE C 453 -67.11 -59.74 28.78
N ILE C 454 -68.08 -60.63 28.65
CA ILE C 454 -69.27 -60.56 29.50
C ILE C 454 -68.89 -60.78 30.97
N GLU C 455 -68.08 -61.80 31.23
CA GLU C 455 -67.71 -62.08 32.62
C GLU C 455 -66.77 -61.01 33.16
N LEU C 456 -65.96 -60.39 32.30
CA LEU C 456 -65.07 -59.34 32.79
C LEU C 456 -65.83 -58.05 33.08
N MET C 457 -66.83 -57.72 32.27
CA MET C 457 -67.61 -56.51 32.54
C MET C 457 -68.48 -56.66 33.79
N THR C 458 -68.75 -57.89 34.21
CA THR C 458 -69.53 -58.14 35.41
C THR C 458 -68.68 -58.15 36.68
N THR C 459 -67.45 -57.67 36.62
CA THR C 459 -66.60 -57.60 37.80
C THR C 459 -67.21 -56.65 38.82
N ASP C 460 -67.11 -57.02 40.10
CA ASP C 460 -67.74 -56.24 41.16
C ASP C 460 -67.24 -54.80 41.17
N GLY C 461 -65.92 -54.62 41.18
CA GLY C 461 -65.37 -53.28 41.12
C GLY C 461 -65.71 -52.56 39.83
N MET C 462 -65.62 -53.28 38.71
CA MET C 462 -65.97 -52.68 37.43
C MET C 462 -67.45 -52.29 37.40
N THR C 463 -68.33 -53.14 37.95
CA THR C 463 -69.74 -52.81 37.99
C THR C 463 -69.99 -51.57 38.83
N GLN C 464 -69.41 -51.55 40.04
CA GLN C 464 -69.57 -50.39 40.92
C GLN C 464 -69.11 -49.11 40.23
N MET C 465 -67.98 -49.19 39.54
CA MET C 465 -67.48 -48.05 38.77
C MET C 465 -68.48 -47.65 37.68
N ARG C 466 -69.13 -48.65 37.06
CA ARG C 466 -70.09 -48.38 36.01
C ARG C 466 -71.28 -47.57 36.53
N GLU C 467 -71.90 -48.02 37.63
CA GLU C 467 -72.98 -47.18 38.14
C GLU C 467 -72.49 -45.97 38.90
N ASP C 468 -71.20 -45.85 39.19
CA ASP C 468 -70.69 -44.62 39.77
C ASP C 468 -70.54 -43.52 38.73
N ALA C 469 -70.21 -43.88 37.48
CA ALA C 469 -69.97 -42.87 36.46
C ALA C 469 -71.16 -41.93 36.23
N PRO C 470 -72.39 -42.40 36.01
CA PRO C 470 -73.49 -41.44 35.80
C PRO C 470 -73.76 -40.57 37.01
N THR C 471 -73.59 -41.11 38.21
CA THR C 471 -73.86 -40.33 39.42
C THR C 471 -72.88 -39.16 39.55
N ILE C 472 -71.59 -39.43 39.34
CA ILE C 472 -70.61 -38.34 39.41
C ILE C 472 -70.82 -37.37 38.25
N ARG C 473 -71.23 -37.86 37.08
CA ARG C 473 -71.47 -36.95 35.96
C ARG C 473 -72.61 -35.99 36.28
N GLU C 474 -73.73 -36.51 36.78
CA GLU C 474 -74.85 -35.63 37.11
C GLU C 474 -74.54 -34.74 38.29
N ASN C 475 -73.71 -35.21 39.24
CA ASN C 475 -73.27 -34.35 40.33
C ASN C 475 -72.44 -33.18 39.81
N PHE C 476 -71.55 -33.45 38.85
CA PHE C 476 -70.76 -32.38 38.24
C PHE C 476 -71.66 -31.37 37.54
N LEU C 477 -72.64 -31.87 36.79
CA LEU C 477 -73.56 -30.96 36.10
C LEU C 477 -74.35 -30.10 37.08
N LYS C 478 -74.87 -30.74 38.15
CA LYS C 478 -75.63 -29.99 39.14
C LYS C 478 -74.76 -28.95 39.83
N THR C 479 -73.51 -29.32 40.15
CA THR C 479 -72.62 -28.38 40.83
C THR C 479 -72.31 -27.17 39.95
N VAL C 480 -72.02 -27.39 38.67
CA VAL C 480 -71.71 -26.26 37.81
C VAL C 480 -72.95 -25.40 37.58
N SER C 481 -74.12 -26.02 37.48
CA SER C 481 -75.36 -25.24 37.35
C SER C 481 -75.58 -24.37 38.57
N ASP C 482 -75.39 -24.93 39.77
CA ASP C 482 -75.56 -24.16 40.99
C ASP C 482 -74.53 -23.05 41.09
N ILE C 483 -73.29 -23.33 40.67
CA ILE C 483 -72.25 -22.30 40.70
C ILE C 483 -72.64 -21.13 39.79
N ALA C 484 -73.11 -21.43 38.58
CA ALA C 484 -73.52 -20.38 37.67
C ALA C 484 -74.71 -19.59 38.23
N ASN C 485 -75.68 -20.29 38.82
CA ASN C 485 -76.84 -19.61 39.38
C ASN C 485 -76.44 -18.68 40.52
N GLN C 486 -75.56 -19.15 41.40
CA GLN C 486 -75.12 -18.31 42.52
C GLN C 486 -74.29 -17.13 42.03
N LYS C 487 -73.45 -17.35 41.02
CA LYS C 487 -72.70 -16.24 40.43
C LYS C 487 -73.65 -15.17 39.91
N ARG C 488 -74.65 -15.58 39.13
CA ARG C 488 -75.60 -14.62 38.59
C ARG C 488 -76.38 -13.93 39.70
N SER C 489 -76.75 -14.67 40.75
CA SER C 489 -77.54 -14.09 41.83
C SER C 489 -76.76 -13.04 42.60
N ASN C 490 -75.52 -13.35 42.98
CA ASN C 490 -74.73 -12.36 43.69
C ASN C 490 -74.42 -11.17 42.79
N ALA C 491 -74.20 -11.42 41.49
CA ALA C 491 -73.94 -10.32 40.57
C ALA C 491 -75.14 -9.38 40.49
N VAL C 492 -76.36 -9.93 40.34
CA VAL C 492 -77.53 -9.09 40.21
C VAL C 492 -77.79 -8.33 41.50
N LYS C 493 -77.61 -8.99 42.65
CA LYS C 493 -77.81 -8.30 43.93
C LYS C 493 -76.83 -7.16 44.10
N VAL C 494 -75.55 -7.40 43.83
CA VAL C 494 -74.54 -6.34 43.99
C VAL C 494 -74.81 -5.20 43.03
N THR C 495 -75.14 -5.51 41.77
CA THR C 495 -75.38 -4.46 40.80
C THR C 495 -76.60 -3.61 41.17
N ARG C 496 -77.70 -4.24 41.60
CA ARG C 496 -78.88 -3.47 41.95
C ARG C 496 -78.64 -2.65 43.21
N SER C 497 -77.90 -3.20 44.18
CA SER C 497 -77.56 -2.42 45.37
C SER C 497 -76.72 -1.21 45.01
N ALA C 498 -75.72 -1.40 44.15
CA ALA C 498 -74.88 -0.27 43.73
C ALA C 498 -75.68 0.77 42.98
N GLU C 499 -76.60 0.32 42.10
CA GLU C 499 -77.42 1.27 41.35
C GLU C 499 -78.33 2.07 42.27
N ARG C 500 -78.92 1.41 43.27
CA ARG C 500 -79.75 2.12 44.23
C ARG C 500 -78.93 3.11 45.05
N GLU C 501 -77.72 2.72 45.45
CA GLU C 501 -76.89 3.60 46.26
C GLU C 501 -76.42 4.81 45.47
N LYS C 502 -76.05 4.62 44.20
CA LYS C 502 -75.62 5.75 43.38
C LYS C 502 -76.75 6.74 43.18
N GLY C 503 -77.96 6.25 42.93
CA GLY C 503 -79.11 7.11 42.72
C GLY C 503 -80.40 6.53 43.27
N ASP D 95 -78.77 -18.70 -27.73
CA ASP D 95 -79.54 -17.56 -28.22
C ASP D 95 -81.03 -17.78 -28.04
N ARG D 96 -81.80 -16.71 -28.14
CA ARG D 96 -83.25 -16.75 -28.01
C ARG D 96 -83.89 -16.42 -29.35
N ALA D 97 -84.79 -17.30 -29.80
CA ALA D 97 -85.47 -17.12 -31.07
C ALA D 97 -86.96 -16.83 -30.90
N ALA D 98 -87.39 -16.46 -29.69
CA ALA D 98 -88.80 -16.18 -29.44
C ALA D 98 -89.23 -14.89 -30.15
N THR D 99 -90.51 -14.85 -30.53
CA THR D 99 -91.07 -13.70 -31.22
C THR D 99 -91.54 -12.68 -30.18
N ARG D 100 -91.04 -11.45 -30.29
CA ARG D 100 -91.41 -10.42 -29.33
C ARG D 100 -92.89 -10.04 -29.45
N ASP D 101 -93.33 -9.75 -30.68
CA ASP D 101 -94.73 -9.37 -30.97
C ASP D 101 -95.06 -8.09 -30.21
N ALA D 102 -96.05 -8.08 -29.32
CA ALA D 102 -96.48 -6.84 -28.70
C ALA D 102 -95.41 -6.28 -27.76
N ILE D 103 -94.86 -7.13 -26.89
CA ILE D 103 -93.90 -6.78 -25.83
C ILE D 103 -94.16 -5.39 -25.27
N THR D 104 -95.36 -5.19 -24.72
CA THR D 104 -95.73 -3.87 -24.23
C THR D 104 -94.97 -3.52 -22.95
N LYS D 105 -94.67 -4.51 -22.12
CA LYS D 105 -94.04 -4.28 -20.82
C LYS D 105 -92.84 -5.20 -20.65
N GLN D 106 -91.95 -4.80 -19.73
CA GLN D 106 -90.81 -5.60 -19.29
C GLN D 106 -89.75 -5.75 -20.38
N ILE D 107 -90.01 -5.21 -21.57
CA ILE D 107 -89.07 -5.25 -22.68
C ILE D 107 -88.61 -3.86 -23.10
N SER D 108 -89.53 -2.91 -23.18
CA SER D 108 -89.12 -1.51 -23.27
C SER D 108 -88.34 -1.12 -22.02
N ALA D 109 -88.81 -1.57 -20.85
CA ALA D 109 -88.03 -1.40 -19.62
C ALA D 109 -86.69 -2.11 -19.71
N GLN D 110 -86.64 -3.27 -20.39
CA GLN D 110 -85.37 -3.96 -20.58
C GLN D 110 -84.40 -3.13 -21.41
N GLN D 111 -84.88 -2.53 -22.49
CA GLN D 111 -84.03 -1.67 -23.30
C GLN D 111 -83.57 -0.45 -22.50
N ASN D 112 -84.47 0.13 -21.72
CA ASN D 112 -84.12 1.30 -20.93
C ASN D 112 -83.07 0.96 -19.87
N GLN D 113 -83.20 -0.19 -19.21
CA GLN D 113 -82.22 -0.57 -18.21
C GLN D 113 -80.89 -0.95 -18.85
N ALA D 114 -80.93 -1.53 -20.05
CA ALA D 114 -79.69 -1.77 -20.78
C ALA D 114 -78.98 -0.44 -21.09
N ALA D 115 -79.76 0.56 -21.51
CA ALA D 115 -79.18 1.87 -21.76
C ALA D 115 -78.60 2.48 -20.48
N ALA D 116 -79.31 2.34 -19.37
CA ALA D 116 -78.80 2.86 -18.10
C ALA D 116 -77.49 2.17 -17.71
N THR D 117 -77.45 0.85 -17.86
CA THR D 117 -76.25 0.10 -17.49
C THR D 117 -75.06 0.48 -18.38
N GLN D 118 -75.29 0.61 -19.69
CA GLN D 118 -74.17 0.98 -20.56
C GLN D 118 -73.71 2.40 -20.30
N LYS D 119 -74.64 3.31 -19.97
CA LYS D 119 -74.24 4.66 -19.63
C LYS D 119 -73.42 4.69 -18.34
N PHE D 120 -73.83 3.89 -17.34
CA PHE D 120 -73.06 3.80 -16.11
C PHE D 120 -71.68 3.23 -16.37
N ASP D 121 -71.59 2.21 -17.22
CA ASP D 121 -70.28 1.63 -17.56
C ASP D 121 -69.40 2.65 -18.27
N ASP D 122 -69.98 3.41 -19.20
CA ASP D 122 -69.20 4.43 -19.91
C ASP D 122 -68.71 5.52 -18.95
N MET D 123 -69.57 5.94 -18.02
CA MET D 123 -69.15 6.94 -17.04
C MET D 123 -68.05 6.40 -16.13
N GLN D 124 -68.16 5.14 -15.72
CA GLN D 124 -67.15 4.55 -14.86
C GLN D 124 -65.82 4.35 -15.60
N ALA D 125 -65.89 4.12 -16.91
CA ALA D 125 -64.67 3.97 -17.70
C ALA D 125 -63.83 5.25 -17.72
N GLU D 126 -64.45 6.40 -17.47
CA GLU D 126 -63.75 7.69 -17.43
C GLU D 126 -63.03 7.96 -18.75
N VAL D 127 -63.80 8.08 -19.82
CA VAL D 127 -63.23 8.36 -21.14
C VAL D 127 -62.55 9.72 -21.11
N GLY D 128 -61.33 9.78 -21.62
CA GLY D 128 -60.56 11.00 -21.57
C GLY D 128 -60.07 11.30 -20.17
N GLN D 129 -59.83 12.58 -19.91
CA GLN D 129 -59.38 13.07 -18.62
C GLN D 129 -60.51 13.80 -17.93
N ARG D 130 -60.76 13.45 -16.67
CA ARG D 130 -61.82 14.05 -15.87
C ARG D 130 -61.33 14.15 -14.43
N GLY D 131 -62.27 14.38 -13.51
CA GLY D 131 -61.93 14.47 -12.10
C GLY D 131 -61.93 13.13 -11.41
N ILE D 132 -62.67 13.03 -10.30
CA ILE D 132 -62.81 11.80 -9.53
C ILE D 132 -61.44 11.30 -9.10
N VAL D 133 -60.77 12.05 -8.21
CA VAL D 133 -59.47 11.62 -7.71
C VAL D 133 -59.59 10.33 -6.91
N ASP D 134 -60.62 10.23 -6.08
CA ASP D 134 -60.87 9.03 -5.29
C ASP D 134 -61.61 8.01 -6.15
N GLN D 135 -62.12 6.93 -5.55
CA GLN D 135 -62.83 5.92 -6.30
C GLN D 135 -64.08 6.49 -6.95
N LEU D 136 -64.86 7.26 -6.19
CA LEU D 136 -66.07 7.93 -6.68
C LEU D 136 -67.03 6.93 -7.33
N ARG D 137 -67.40 5.91 -6.55
CA ARG D 137 -68.34 4.91 -7.02
C ARG D 137 -69.70 5.51 -7.33
N THR D 138 -70.17 6.43 -6.47
CA THR D 138 -71.45 7.12 -6.66
C THR D 138 -72.61 6.14 -6.80
N LEU D 139 -72.56 5.05 -6.02
CA LEU D 139 -73.64 4.07 -6.06
C LEU D 139 -74.92 4.63 -5.45
N SER D 140 -74.81 5.31 -4.33
CA SER D 140 -75.95 5.90 -3.64
C SER D 140 -75.58 7.30 -3.16
N ALA D 141 -76.58 8.01 -2.63
CA ALA D 141 -76.34 9.36 -2.12
C ALA D 141 -75.37 9.35 -0.95
N GLU D 142 -75.52 8.39 -0.03
CA GLU D 142 -74.61 8.29 1.10
C GLU D 142 -73.19 7.96 0.64
N GLY D 143 -73.06 7.00 -0.28
CA GLY D 143 -71.75 6.67 -0.80
C GLY D 143 -71.13 7.81 -1.58
N ARG D 144 -71.93 8.53 -2.36
CA ARG D 144 -71.42 9.68 -3.10
C ARG D 144 -70.96 10.78 -2.15
N ALA D 145 -71.70 11.01 -1.07
CA ALA D 145 -71.27 11.98 -0.07
C ALA D 145 -69.98 11.55 0.60
N GLY D 146 -69.85 10.26 0.89
CA GLY D 146 -68.59 9.76 1.45
C GLY D 146 -67.43 9.96 0.50
N GLU D 147 -67.64 9.70 -0.79
CA GLU D 147 -66.59 9.95 -1.77
C GLU D 147 -66.24 11.43 -1.88
N VAL D 148 -67.24 12.31 -1.81
CA VAL D 148 -66.97 13.75 -1.83
C VAL D 148 -66.15 14.14 -0.62
N ASN D 149 -66.48 13.59 0.55
CA ASN D 149 -65.66 13.83 1.75
C ASN D 149 -64.24 13.32 1.55
N GLN D 150 -64.10 12.16 0.89
CA GLN D 150 -62.76 11.64 0.59
C GLN D 150 -62.00 12.60 -0.32
N ILE D 151 -62.69 13.26 -1.24
CA ILE D 151 -62.05 14.27 -2.09
C ILE D 151 -61.53 15.42 -1.23
N LEU D 152 -62.33 15.87 -0.26
CA LEU D 152 -61.94 16.95 0.62
C LEU D 152 -60.69 16.60 1.43
N GLU D 162 -57.29 17.06 20.18
CA GLU D 162 -56.69 17.98 19.22
C GLU D 162 -56.32 17.26 17.93
N ILE D 163 -55.05 16.88 17.79
CA ILE D 163 -54.63 16.11 16.62
C ILE D 163 -55.21 14.70 16.66
N ARG D 164 -55.17 14.06 17.83
CA ARG D 164 -55.78 12.75 17.98
C ARG D 164 -57.29 12.82 17.82
N LYS D 165 -57.90 13.97 18.10
CA LYS D 165 -59.33 14.15 17.87
C LYS D 165 -59.69 13.88 16.42
N GLU D 166 -59.13 14.67 15.51
CA GLU D 166 -59.41 14.48 14.09
C GLU D 166 -58.87 13.15 13.58
N LEU D 167 -57.74 12.69 14.12
CA LEU D 167 -57.20 11.40 13.70
C LEU D 167 -58.18 10.27 13.96
N THR D 168 -58.83 10.28 15.13
CA THR D 168 -59.83 9.26 15.43
C THR D 168 -61.13 9.50 14.66
N GLY D 169 -61.53 10.77 14.53
CA GLY D 169 -62.81 11.06 13.89
C GLY D 169 -62.84 10.69 12.42
N VAL D 170 -61.78 11.03 11.68
CA VAL D 170 -61.73 10.70 10.25
C VAL D 170 -61.77 9.19 10.07
N GLN D 171 -60.99 8.46 10.88
CA GLN D 171 -60.97 7.01 10.77
C GLN D 171 -62.34 6.41 11.10
N ASP D 172 -63.00 6.91 12.15
CA ASP D 172 -64.32 6.39 12.50
C ASP D 172 -65.32 6.65 11.39
N ALA D 173 -65.30 7.86 10.82
CA ALA D 173 -66.21 8.18 9.72
C ALA D 173 -65.98 7.26 8.53
N ILE D 174 -64.71 7.05 8.17
CA ILE D 174 -64.39 6.17 7.05
C ILE D 174 -64.87 4.76 7.31
N GLN D 175 -64.62 4.25 8.52
CA GLN D 175 -65.03 2.88 8.84
C GLN D 175 -66.54 2.73 8.77
N ASN D 176 -67.28 3.67 9.37
CA ASN D 176 -68.73 3.57 9.36
C ASN D 176 -69.28 3.66 7.94
N ARG D 177 -68.78 4.60 7.14
CA ARG D 177 -69.27 4.74 5.77
C ARG D 177 -68.97 3.49 4.95
N GLN D 178 -67.74 2.96 5.07
CA GLN D 178 -67.37 1.78 4.31
C GLN D 178 -68.21 0.58 4.72
N TYR D 179 -68.43 0.39 6.03
CA TYR D 179 -69.23 -0.72 6.50
C TYR D 179 -70.66 -0.63 5.98
N ARG D 180 -71.26 0.55 6.07
CA ARG D 180 -72.64 0.72 5.61
C ARG D 180 -72.74 0.48 4.11
N ALA D 181 -71.82 1.05 3.33
CA ALA D 181 -71.87 0.88 1.88
C ALA D 181 -71.68 -0.57 1.48
N ALA D 182 -70.72 -1.26 2.10
CA ALA D 182 -70.48 -2.66 1.79
C ALA D 182 -71.70 -3.51 2.14
N GLY D 183 -72.30 -3.27 3.30
CA GLY D 183 -73.51 -4.00 3.66
C GLY D 183 -74.64 -3.78 2.68
N GLU D 184 -74.85 -2.51 2.29
CA GLU D 184 -75.92 -2.21 1.35
C GLU D 184 -75.68 -2.88 0.00
N GLN D 185 -74.45 -2.84 -0.51
CA GLN D 185 -74.20 -3.40 -1.83
C GLN D 185 -74.27 -4.93 -1.81
N ARG D 186 -73.77 -5.56 -0.73
CA ARG D 186 -73.91 -7.01 -0.61
C ARG D 186 -75.38 -7.42 -0.51
N ALA D 187 -76.17 -6.66 0.25
CA ALA D 187 -77.59 -6.95 0.36
C ALA D 187 -78.28 -6.82 -0.99
N GLN D 188 -77.93 -5.76 -1.75
CA GLN D 188 -78.54 -5.57 -3.05
C GLN D 188 -78.19 -6.71 -4.00
N ALA D 189 -76.92 -7.14 -4.01
CA ALA D 189 -76.52 -8.24 -4.88
C ALA D 189 -77.23 -9.54 -4.50
N ALA D 190 -77.31 -9.83 -3.19
CA ALA D 190 -77.99 -11.03 -2.75
C ALA D 190 -79.47 -10.99 -3.12
N ALA D 191 -80.11 -9.83 -2.97
CA ALA D 191 -81.51 -9.70 -3.33
C ALA D 191 -81.71 -9.88 -4.82
N ASN D 192 -80.79 -9.35 -5.64
CA ASN D 192 -80.89 -9.54 -7.08
C ASN D 192 -80.79 -11.02 -7.45
N ARG D 193 -79.83 -11.73 -6.84
CA ARG D 193 -79.70 -13.16 -7.12
C ARG D 193 -80.95 -13.92 -6.68
N ALA D 194 -81.49 -13.58 -5.51
CA ALA D 194 -82.69 -14.25 -5.03
C ALA D 194 -83.88 -13.98 -5.95
N ALA D 195 -84.01 -12.75 -6.44
CA ALA D 195 -85.09 -12.42 -7.36
C ALA D 195 -84.96 -13.19 -8.67
N GLU D 196 -83.73 -13.30 -9.18
CA GLU D 196 -83.52 -14.08 -10.41
C GLU D 196 -83.89 -15.54 -10.18
N ALA D 197 -83.47 -16.11 -9.05
CA ALA D 197 -83.82 -17.50 -8.75
C ALA D 197 -85.32 -17.68 -8.62
N HIS D 198 -86.01 -16.72 -7.98
CA HIS D 198 -87.45 -16.81 -7.82
C HIS D 198 -88.15 -16.74 -9.17
N SER D 199 -87.69 -15.87 -10.06
CA SER D 199 -88.27 -15.79 -11.40
C SER D 199 -88.05 -17.09 -12.16
N LEU D 200 -86.86 -17.67 -12.06
CA LEU D 200 -86.60 -18.94 -12.73
C LEU D 200 -87.49 -20.04 -12.18
N SER D 201 -87.69 -20.08 -10.86
CA SER D 201 -88.56 -21.09 -10.27
C SER D 201 -90.01 -20.90 -10.71
N MET D 202 -90.48 -19.66 -10.75
CA MET D 202 -91.84 -19.39 -11.17
C MET D 202 -92.05 -19.66 -12.65
N ALA D 203 -90.98 -19.61 -13.46
CA ALA D 203 -91.11 -19.76 -14.90
C ALA D 203 -91.40 -21.19 -15.32
N ALA D 204 -91.72 -22.05 -14.35
CA ALA D 204 -92.09 -23.42 -14.67
C ALA D 204 -93.39 -23.47 -15.45
N GLY D 205 -93.43 -24.31 -16.48
CA GLY D 205 -94.62 -24.43 -17.31
C GLY D 205 -94.40 -23.96 -18.73
N PHE D 211 -97.35 -13.07 -20.78
CA PHE D 211 -96.17 -13.92 -20.81
C PHE D 211 -95.90 -14.53 -19.43
N THR D 212 -96.95 -15.05 -18.80
CA THR D 212 -96.88 -15.67 -17.48
C THR D 212 -96.26 -14.72 -16.46
N ARG D 213 -96.97 -13.62 -16.23
CA ARG D 213 -96.45 -12.57 -15.34
C ARG D 213 -96.67 -12.92 -13.86
N GLU D 214 -97.93 -12.95 -13.44
CA GLU D 214 -98.30 -13.27 -12.06
C GLU D 214 -97.61 -12.36 -11.03
N GLN D 215 -97.70 -12.74 -9.75
CA GLN D 215 -97.17 -11.90 -8.69
C GLN D 215 -95.65 -11.86 -8.67
N ARG D 216 -95.00 -12.95 -9.07
CA ARG D 216 -93.54 -12.97 -9.09
C ARG D 216 -93.01 -11.94 -10.07
N ASP D 217 -93.53 -11.93 -11.30
CA ASP D 217 -93.10 -10.92 -12.26
C ASP D 217 -93.69 -9.55 -11.95
N GLU D 218 -94.75 -9.47 -11.16
CA GLU D 218 -95.19 -8.15 -10.66
C GLU D 218 -94.14 -7.56 -9.73
N LEU D 219 -93.63 -8.37 -8.80
CA LEU D 219 -92.54 -7.92 -7.94
C LEU D 219 -91.30 -7.59 -8.76
N ARG D 220 -90.99 -8.44 -9.74
CA ARG D 220 -89.88 -8.15 -10.64
C ARG D 220 -90.08 -6.83 -11.37
N ARG D 221 -91.30 -6.56 -11.81
CA ARG D 221 -91.60 -5.32 -12.54
C ARG D 221 -91.41 -4.10 -11.66
N ASP D 222 -91.91 -4.15 -10.42
CA ASP D 222 -91.78 -2.98 -9.57
C ASP D 222 -90.31 -2.76 -9.17
N ARG D 223 -89.58 -3.84 -8.90
CA ARG D 223 -88.16 -3.70 -8.60
C ARG D 223 -87.40 -3.14 -9.80
N ASP D 224 -87.73 -3.61 -11.01
CA ASP D 224 -87.08 -3.08 -12.20
C ASP D 224 -87.43 -1.62 -12.44
N GLU D 225 -88.67 -1.22 -12.12
CA GLU D 225 -89.04 0.18 -12.23
C GLU D 225 -88.22 1.03 -11.27
N ALA D 226 -88.04 0.55 -10.04
CA ALA D 226 -87.20 1.27 -9.09
C ALA D 226 -85.77 1.38 -9.59
N LYS D 227 -85.23 0.29 -10.14
CA LYS D 227 -83.87 0.30 -10.67
C LYS D 227 -83.75 1.28 -11.84
N LEU D 228 -84.74 1.27 -12.73
CA LEU D 228 -84.75 2.21 -13.85
C LEU D 228 -84.77 3.64 -13.36
N VAL D 229 -85.60 3.92 -12.36
CA VAL D 229 -85.67 5.27 -11.82
C VAL D 229 -84.32 5.69 -11.26
N SER D 230 -83.71 4.82 -10.45
CA SER D 230 -82.43 5.15 -9.84
C SER D 230 -81.36 5.40 -10.90
N GLY D 231 -81.28 4.51 -11.90
CA GLY D 231 -80.28 4.67 -12.94
C GLY D 231 -80.47 5.93 -13.76
N THR D 232 -81.71 6.21 -14.15
CA THR D 232 -82.00 7.41 -14.93
C THR D 232 -81.66 8.66 -14.14
N ILE D 233 -82.00 8.69 -12.85
CA ILE D 233 -81.72 9.87 -12.04
C ILE D 233 -80.23 10.08 -11.88
N ALA D 234 -79.49 8.99 -11.62
CA ALA D 234 -78.04 9.11 -11.52
C ALA D 234 -77.43 9.61 -12.82
N THR D 235 -77.91 9.10 -13.96
CA THR D 235 -77.37 9.55 -15.25
C THR D 235 -77.67 11.03 -15.48
N THR D 236 -78.89 11.47 -15.14
CA THR D 236 -79.23 12.87 -15.31
C THR D 236 -78.35 13.77 -14.45
N PHE D 237 -78.14 13.38 -13.19
CA PHE D 237 -77.28 14.19 -12.32
C PHE D 237 -75.85 14.22 -12.83
N GLN D 238 -75.34 13.08 -13.28
CA GLN D 238 -73.97 13.04 -13.81
C GLN D 238 -73.83 13.92 -15.04
N ASP D 239 -74.84 13.89 -15.92
CA ASP D 239 -74.80 14.76 -17.10
C ASP D 239 -74.86 16.22 -16.70
N TYR D 240 -75.66 16.55 -15.68
CA TYR D 240 -75.79 17.94 -15.26
C TYR D 240 -74.49 18.46 -14.64
N ASP D 241 -73.74 17.59 -13.96
CA ASP D 241 -72.55 18.04 -13.24
C ASP D 241 -71.52 18.66 -14.17
N GLU D 242 -71.35 18.09 -15.37
CA GLU D 242 -70.36 18.64 -16.31
C GLU D 242 -70.75 20.05 -16.73
N SER D 243 -72.03 20.28 -17.03
CA SER D 243 -72.48 21.62 -17.37
C SER D 243 -72.32 22.56 -16.18
N ARG D 244 -72.57 22.07 -14.97
CA ARG D 244 -72.39 22.90 -13.78
C ARG D 244 -70.95 23.35 -13.65
N GLN D 245 -70.00 22.44 -13.87
CA GLN D 245 -68.59 22.81 -13.79
C GLN D 245 -68.21 23.78 -14.90
N ALA D 246 -68.69 23.54 -16.12
CA ALA D 246 -68.36 24.41 -17.24
C ALA D 246 -68.86 25.83 -17.00
N GLN D 247 -70.08 25.96 -16.45
CA GLN D 247 -70.60 27.29 -16.12
C GLN D 247 -69.93 27.89 -14.90
N SER D 248 -69.53 27.05 -13.93
CA SER D 248 -68.82 27.54 -12.76
C SER D 248 -67.47 28.13 -13.15
N GLU D 249 -66.88 27.63 -14.23
CA GLU D 249 -65.68 28.27 -14.77
C GLU D 249 -65.91 29.77 -15.00
N ILE D 250 -66.97 30.10 -15.72
CA ILE D 250 -67.25 31.51 -16.01
C ILE D 250 -67.73 32.26 -14.77
N MET D 251 -68.50 31.61 -13.88
CA MET D 251 -68.86 32.31 -12.65
C MET D 251 -67.60 32.71 -11.87
N ARG D 252 -66.63 31.79 -11.77
CA ARG D 252 -65.39 32.11 -11.08
C ARG D 252 -64.61 33.20 -11.80
N ILE D 253 -64.54 33.13 -13.13
CA ILE D 253 -63.80 34.13 -13.89
C ILE D 253 -64.40 35.52 -13.67
N VAL D 254 -65.73 35.61 -13.75
CA VAL D 254 -66.40 36.89 -13.56
C VAL D 254 -66.20 37.39 -12.14
N GLY D 255 -66.35 36.49 -11.15
CA GLY D 255 -66.15 36.89 -9.76
C GLY D 255 -64.75 37.39 -9.48
N LYS D 256 -63.75 36.76 -10.09
CA LYS D 256 -62.39 37.25 -9.96
C LYS D 256 -62.22 38.60 -10.66
N GLU D 257 -62.89 38.78 -11.80
CA GLU D 257 -62.80 40.05 -12.52
C GLU D 257 -63.34 41.20 -11.68
N VAL D 258 -64.56 41.06 -11.16
CA VAL D 258 -65.11 42.11 -10.31
C VAL D 258 -64.48 42.07 -8.91
N GLY D 259 -64.34 40.88 -8.34
CA GLY D 259 -63.62 40.70 -7.09
C GLY D 259 -64.52 40.51 -5.87
N MET D 260 -64.79 39.25 -5.54
CA MET D 260 -65.54 38.78 -4.38
C MET D 260 -64.66 37.88 -3.53
N PRO D 261 -64.97 37.75 -2.24
CA PRO D 261 -64.24 36.79 -1.40
C PRO D 261 -64.45 35.37 -1.92
N THR D 262 -63.35 34.68 -2.18
CA THR D 262 -63.37 33.38 -2.83
C THR D 262 -62.46 32.40 -2.11
N ASP D 263 -62.71 31.12 -2.35
CA ASP D 263 -61.91 30.04 -1.78
C ASP D 263 -61.40 29.12 -2.89
N ASP D 264 -60.88 27.94 -2.51
CA ASP D 264 -60.23 27.06 -3.47
C ASP D 264 -61.13 26.70 -4.64
N GLN D 265 -62.45 26.63 -4.42
CA GLN D 265 -63.36 26.29 -5.51
C GLN D 265 -63.52 27.44 -6.51
N GLY D 266 -63.23 28.67 -6.10
CA GLY D 266 -63.27 29.80 -7.01
C GLY D 266 -64.56 30.59 -7.01
N MET D 267 -65.67 30.00 -6.59
CA MET D 267 -66.93 30.71 -6.56
C MET D 267 -67.02 31.56 -5.30
N PRO D 268 -67.61 32.76 -5.41
CA PRO D 268 -67.72 33.63 -4.23
C PRO D 268 -68.47 32.96 -3.08
N ASP D 269 -68.00 33.26 -1.86
CA ASP D 269 -68.52 32.63 -0.65
C ASP D 269 -69.94 33.11 -0.37
N MET D 270 -70.86 32.18 -0.12
CA MET D 270 -72.26 32.55 0.06
C MET D 270 -72.46 33.39 1.33
N SER D 271 -71.87 32.96 2.45
CA SER D 271 -72.05 33.69 3.70
C SER D 271 -71.40 35.08 3.64
N ARG D 272 -70.22 35.17 3.04
CA ARG D 272 -69.49 36.42 2.99
C ARG D 272 -69.99 37.37 1.91
N ALA D 273 -70.73 36.86 0.91
CA ALA D 273 -71.23 37.71 -0.16
C ALA D 273 -72.41 38.54 0.36
N SER D 274 -72.21 39.85 0.47
CA SER D 274 -73.28 40.75 0.83
C SER D 274 -74.14 41.07 -0.39
N GLN D 275 -75.16 41.90 -0.18
CA GLN D 275 -76.01 42.32 -1.29
C GLN D 275 -75.21 43.11 -2.32
N ASP D 276 -74.31 43.99 -1.85
CA ASP D 276 -73.46 44.73 -2.77
C ASP D 276 -72.50 43.80 -3.50
N GLN D 277 -72.02 42.76 -2.83
CA GLN D 277 -71.17 41.78 -3.49
C GLN D 277 -71.93 41.06 -4.59
N LEU D 278 -73.18 40.66 -4.32
CA LEU D 278 -73.98 39.98 -5.33
C LEU D 278 -74.48 40.94 -6.41
N ASP D 279 -74.39 42.25 -6.17
CA ASP D 279 -74.76 43.22 -7.20
C ASP D 279 -73.85 43.12 -8.41
N ALA D 280 -72.57 42.79 -8.22
CA ALA D 280 -71.67 42.59 -9.35
C ALA D 280 -72.12 41.41 -10.20
N PHE D 281 -72.51 40.31 -9.55
CA PHE D 281 -73.02 39.16 -10.29
C PHE D 281 -74.32 39.48 -11.00
N SER D 282 -75.20 40.27 -10.35
CA SER D 282 -76.44 40.67 -10.99
C SER D 282 -76.17 41.52 -12.23
N ASN D 283 -75.23 42.46 -12.14
CA ASN D 283 -74.88 43.28 -13.29
C ASN D 283 -74.26 42.44 -14.39
N ALA D 284 -73.43 41.47 -14.03
CA ALA D 284 -72.85 40.58 -15.04
C ALA D 284 -73.93 39.76 -15.74
N LEU D 285 -74.90 39.27 -14.98
CA LEU D 285 -76.00 38.52 -15.58
C LEU D 285 -76.82 39.40 -16.51
N ASN D 286 -77.07 40.64 -16.10
CA ASN D 286 -77.77 41.59 -16.98
C ASN D 286 -76.93 41.88 -18.22
N GLU D 287 -75.60 41.80 -18.10
CA GLU D 287 -74.71 42.10 -19.22
C GLU D 287 -74.78 40.99 -20.27
N ALA D 288 -74.39 39.79 -19.89
CA ALA D 288 -74.33 38.67 -20.82
C ALA D 288 -74.58 37.38 -20.04
N GLY D 289 -74.24 36.25 -20.65
CA GLY D 289 -74.43 34.96 -20.00
C GLY D 289 -75.77 34.34 -20.31
N VAL D 290 -76.84 34.93 -19.79
CA VAL D 290 -78.21 34.48 -20.01
C VAL D 290 -78.34 33.03 -19.57
N GLN D 291 -77.72 32.67 -18.45
CA GLN D 291 -77.80 31.32 -17.91
C GLN D 291 -78.97 31.27 -16.92
N ALA D 292 -80.14 30.86 -17.41
CA ALA D 292 -81.33 30.83 -16.56
C ALA D 292 -81.17 29.81 -15.44
N ASN D 293 -80.61 28.63 -15.75
CA ASN D 293 -80.45 27.55 -14.78
C ASN D 293 -81.78 27.19 -14.12
N THR D 294 -82.85 27.20 -14.92
CA THR D 294 -84.18 26.83 -14.44
C THR D 294 -84.41 25.33 -14.43
N SER D 295 -83.47 24.55 -14.95
CA SER D 295 -83.54 23.09 -14.95
C SER D 295 -84.14 22.48 -13.69
N PRO D 296 -83.80 22.93 -12.45
CA PRO D 296 -84.39 22.33 -11.24
C PRO D 296 -85.90 22.15 -11.28
N THR D 297 -86.62 22.78 -12.21
CA THR D 297 -87.98 22.33 -12.48
C THR D 297 -88.05 21.47 -13.75
N GLU D 298 -87.66 22.02 -14.90
CA GLU D 298 -87.88 21.30 -16.16
C GLU D 298 -87.32 19.89 -16.07
N ARG D 299 -86.12 19.76 -15.49
CA ARG D 299 -85.47 18.46 -15.35
C ARG D 299 -86.46 17.37 -14.97
N ARG D 300 -87.13 17.52 -13.81
CA ARG D 300 -87.87 16.35 -13.34
C ARG D 300 -89.04 16.06 -14.25
N ASN D 301 -89.70 17.10 -14.78
CA ASN D 301 -90.82 16.81 -15.68
C ASN D 301 -90.33 16.06 -16.90
N ALA D 302 -89.17 16.45 -17.43
CA ALA D 302 -88.57 15.69 -18.52
C ALA D 302 -88.40 14.23 -18.14
N VAL D 303 -87.82 13.99 -16.96
CA VAL D 303 -87.65 12.63 -16.49
C VAL D 303 -89.01 11.94 -16.42
N LEU D 304 -90.02 12.65 -15.90
CA LEU D 304 -91.36 12.09 -15.84
C LEU D 304 -91.81 11.64 -17.22
N LYS D 305 -91.61 12.49 -18.22
CA LYS D 305 -92.00 12.11 -19.57
C LYS D 305 -91.26 10.87 -20.02
N SER D 306 -89.96 10.79 -19.74
CA SER D 306 -89.21 9.58 -20.06
C SER D 306 -89.82 8.38 -19.35
N LEU D 307 -90.17 8.54 -18.07
CA LEU D 307 -90.87 7.48 -17.36
C LEU D 307 -92.20 7.18 -18.03
N VAL D 308 -92.92 8.23 -18.43
CA VAL D 308 -94.15 8.03 -19.20
C VAL D 308 -93.84 7.30 -20.49
N ASP D 309 -92.70 7.61 -21.11
CA ASP D 309 -92.28 6.87 -22.28
C ASP D 309 -92.00 5.41 -21.93
N ALA D 310 -91.37 5.17 -20.78
CA ALA D 310 -91.06 3.80 -20.39
C ALA D 310 -92.29 3.06 -19.91
N GLY D 311 -93.13 3.72 -19.11
CA GLY D 311 -94.29 3.08 -18.54
C GLY D 311 -94.03 2.68 -17.10
N VAL D 312 -94.49 3.49 -16.16
CA VAL D 312 -94.18 3.31 -14.75
C VAL D 312 -95.47 3.39 -13.94
N SER D 313 -95.60 2.51 -12.95
CA SER D 313 -96.72 2.57 -12.03
C SER D 313 -96.60 3.80 -11.14
N SER D 314 -97.73 4.15 -10.50
CA SER D 314 -97.78 5.36 -9.69
C SER D 314 -96.76 5.34 -8.56
N LYS D 315 -96.48 4.16 -8.01
CA LYS D 315 -95.49 4.07 -6.93
C LYS D 315 -94.10 4.49 -7.42
N GLY D 316 -93.73 4.08 -8.63
CA GLY D 316 -92.46 4.51 -9.19
C GLY D 316 -92.40 6.01 -9.42
N ILE D 317 -93.52 6.59 -9.85
CA ILE D 317 -93.57 8.05 -10.05
C ILE D 317 -93.39 8.76 -8.71
N ALA D 318 -94.05 8.25 -7.67
CA ALA D 318 -93.87 8.85 -6.35
C ALA D 318 -92.43 8.74 -5.87
N GLN D 319 -91.81 7.58 -6.10
CA GLN D 319 -90.41 7.40 -5.73
C GLN D 319 -89.51 8.39 -6.47
N ALA D 320 -89.78 8.59 -7.77
CA ALA D 320 -88.98 9.52 -8.55
C ALA D 320 -89.17 10.95 -8.06
N LYS D 321 -90.40 11.34 -7.71
CA LYS D 321 -90.63 12.68 -7.19
C LYS D 321 -89.91 12.89 -5.86
N GLN D 322 -89.93 11.87 -4.99
CA GLN D 322 -89.21 11.96 -3.73
C GLN D 322 -87.71 12.07 -3.97
N GLU D 323 -87.19 11.31 -4.94
CA GLU D 323 -85.77 11.40 -5.26
C GLU D 323 -85.42 12.80 -5.77
N MET D 324 -86.29 13.39 -6.60
CA MET D 324 -86.11 14.78 -7.00
C MET D 324 -86.05 15.73 -5.83
N GLU D 325 -87.03 15.66 -4.93
CA GLU D 325 -87.05 16.64 -3.84
C GLU D 325 -85.81 16.47 -2.96
N LEU D 326 -85.43 15.22 -2.65
CA LEU D 326 -84.28 15.02 -1.77
C LEU D 326 -82.97 15.40 -2.47
N ARG D 327 -82.85 15.08 -3.75
CA ARG D 327 -81.63 15.41 -4.49
C ARG D 327 -81.46 16.92 -4.63
N GLU D 328 -82.56 17.63 -4.91
CA GLU D 328 -82.47 19.08 -5.03
C GLU D 328 -82.18 19.71 -3.67
N SER D 329 -82.78 19.20 -2.60
CA SER D 329 -82.45 19.70 -1.27
C SER D 329 -80.97 19.47 -0.95
N LEU D 330 -80.45 18.28 -1.27
CA LEU D 330 -79.05 17.98 -1.03
C LEU D 330 -78.13 18.89 -1.85
N GLU D 331 -78.49 19.14 -3.12
CA GLU D 331 -77.69 20.03 -3.95
C GLU D 331 -77.71 21.46 -3.43
N GLY D 332 -78.83 21.88 -2.82
CA GLY D 332 -78.93 23.23 -2.29
C GLY D 332 -78.12 23.45 -1.03
N LEU D 333 -77.76 22.38 -0.32
CA LEU D 333 -77.06 22.52 0.94
C LEU D 333 -75.59 22.90 0.72
N ALA D 334 -75.02 23.56 1.72
CA ALA D 334 -73.59 23.80 1.74
C ALA D 334 -72.86 22.48 1.99
N PRO D 335 -71.60 22.37 1.55
CA PRO D 335 -70.87 21.09 1.72
C PRO D 335 -70.85 20.58 3.15
N GLN D 336 -70.55 21.44 4.13
CA GLN D 336 -70.55 20.99 5.52
C GLN D 336 -71.96 20.61 5.98
N ASP D 337 -72.95 21.44 5.65
CA ASP D 337 -74.33 21.12 6.00
C ASP D 337 -74.80 19.88 5.28
N ARG D 338 -74.38 19.70 4.02
CA ARG D 338 -74.73 18.49 3.28
C ARG D 338 -74.15 17.25 3.94
N THR D 339 -72.89 17.33 4.39
CA THR D 339 -72.30 16.20 5.09
C THR D 339 -73.04 15.91 6.39
N LYS D 340 -73.41 16.96 7.13
CA LYS D 340 -74.16 16.77 8.36
C LYS D 340 -75.50 16.08 8.10
N VAL D 341 -76.21 16.53 7.06
CA VAL D 341 -77.52 15.97 6.75
C VAL D 341 -77.39 14.51 6.32
N GLU D 342 -76.41 14.20 5.46
CA GLU D 342 -76.26 12.83 5.00
C GLU D 342 -75.82 11.90 6.13
N ALA D 343 -75.00 12.40 7.06
CA ALA D 343 -74.61 11.58 8.19
C ALA D 343 -75.77 11.35 9.15
N THR D 344 -76.62 12.36 9.34
CA THR D 344 -77.83 12.16 10.14
C THR D 344 -78.76 11.14 9.48
N ILE D 345 -78.86 11.19 8.15
CA ILE D 345 -79.65 10.21 7.42
C ILE D 345 -79.08 8.80 7.63
N GLY D 346 -77.76 8.67 7.55
CA GLY D 346 -77.15 7.38 7.82
C GLY D 346 -77.41 6.89 9.24
N ALA D 347 -77.36 7.80 10.21
CA ALA D 347 -77.64 7.43 11.59
C ALA D 347 -79.07 6.96 11.76
N VAL D 348 -80.03 7.67 11.17
CA VAL D 348 -81.43 7.30 11.32
C VAL D 348 -81.75 6.05 10.51
N ASN D 349 -80.93 5.71 9.52
CA ASN D 349 -81.09 4.48 8.76
C ASN D 349 -80.22 3.33 9.27
N ALA D 350 -79.42 3.57 10.31
CA ALA D 350 -78.53 2.53 10.82
C ALA D 350 -79.29 1.30 11.28
N GLU D 351 -80.40 1.48 12.00
CA GLU D 351 -81.14 0.31 12.49
C GLU D 351 -81.76 -0.47 11.34
N LEU D 352 -82.27 0.24 10.33
CA LEU D 352 -82.79 -0.44 9.14
C LEU D 352 -81.66 -1.20 8.44
N ASP D 353 -80.48 -0.60 8.36
CA ASP D 353 -79.34 -1.27 7.75
C ASP D 353 -78.96 -2.53 8.51
N THR D 354 -78.96 -2.47 9.83
CA THR D 354 -78.62 -3.64 10.64
C THR D 354 -79.65 -4.75 10.44
N LEU D 355 -80.94 -4.41 10.45
CA LEU D 355 -81.96 -5.41 10.20
C LEU D 355 -81.79 -6.02 8.82
N GLN D 356 -81.54 -5.19 7.81
CA GLN D 356 -81.36 -5.68 6.45
C GLN D 356 -80.18 -6.64 6.35
N ARG D 357 -79.02 -6.24 6.91
CA ARG D 357 -77.85 -7.09 6.79
C ARG D 357 -78.07 -8.41 7.51
N THR D 358 -78.62 -8.38 8.74
CA THR D 358 -78.85 -9.60 9.49
C THR D 358 -79.78 -10.54 8.73
N ALA D 359 -80.86 -9.99 8.16
CA ALA D 359 -81.74 -10.80 7.33
C ALA D 359 -80.98 -11.38 6.15
N THR D 360 -80.04 -10.62 5.58
CA THR D 360 -79.30 -11.14 4.44
C THR D 360 -78.42 -12.32 4.84
N GLU D 361 -77.70 -12.23 5.96
CA GLU D 361 -76.90 -13.40 6.35
C GLU D 361 -77.79 -14.60 6.64
N ASP D 362 -78.92 -14.38 7.33
CA ASP D 362 -79.82 -15.48 7.62
C ASP D 362 -80.28 -16.16 6.34
N TYR D 363 -80.74 -15.36 5.37
CA TYR D 363 -81.28 -15.95 4.15
C TYR D 363 -80.21 -16.56 3.26
N GLU D 364 -79.00 -15.98 3.23
CA GLU D 364 -77.96 -16.60 2.41
C GLU D 364 -77.46 -17.90 3.04
N ARG D 365 -77.45 -18.00 4.37
CA ARG D 365 -77.16 -19.28 5.00
C ARG D 365 -78.23 -20.30 4.66
N GLU D 366 -79.50 -19.88 4.69
CA GLU D 366 -80.56 -20.80 4.31
C GLU D 366 -80.43 -21.24 2.86
N VAL D 367 -79.96 -20.33 1.98
CA VAL D 367 -79.69 -20.69 0.60
C VAL D 367 -78.55 -21.71 0.52
N ALA D 368 -77.48 -21.48 1.30
CA ALA D 368 -76.39 -22.44 1.35
C ALA D 368 -76.87 -23.80 1.82
N ARG D 369 -77.91 -23.84 2.66
CA ARG D 369 -78.49 -25.10 3.08
C ARG D 369 -79.35 -25.72 1.98
N ASN D 370 -80.09 -24.89 1.24
CA ASN D 370 -81.11 -25.38 0.32
C ASN D 370 -80.69 -25.18 -1.13
N PRO D 371 -80.55 -26.25 -1.91
CA PRO D 371 -80.26 -26.07 -3.34
C PRO D 371 -81.49 -25.66 -4.13
N PHE D 372 -82.67 -26.03 -3.65
CA PHE D 372 -83.90 -25.76 -4.38
C PHE D 372 -84.18 -24.26 -4.46
N VAL D 373 -83.73 -23.49 -3.46
CA VAL D 373 -83.96 -22.05 -3.48
C VAL D 373 -83.03 -21.34 -4.47
N GLU D 374 -81.92 -21.97 -4.86
CA GLU D 374 -80.95 -21.35 -5.76
C GLU D 374 -80.31 -22.43 -6.64
N PRO D 375 -80.76 -22.57 -7.89
CA PRO D 375 -80.13 -23.51 -8.81
C PRO D 375 -78.84 -22.92 -9.38
N ASP D 376 -78.22 -23.67 -10.29
CA ASP D 376 -76.99 -23.23 -10.93
C ASP D 376 -76.88 -23.89 -12.30
N LYS D 377 -76.40 -23.12 -13.28
CA LYS D 377 -76.20 -23.65 -14.63
C LYS D 377 -74.88 -24.40 -14.77
N ASP D 378 -73.96 -24.24 -13.83
CA ASP D 378 -72.67 -24.94 -13.92
C ASP D 378 -72.82 -26.46 -13.85
N PRO D 379 -73.57 -27.05 -12.91
CA PRO D 379 -73.65 -28.52 -12.84
C PRO D 379 -74.20 -29.15 -14.12
N LEU D 380 -74.81 -28.37 -15.01
CA LEU D 380 -75.23 -28.92 -16.29
C LEU D 380 -74.06 -29.54 -17.06
N GLY D 381 -72.86 -29.02 -16.86
CA GLY D 381 -71.68 -29.60 -17.48
C GLY D 381 -70.97 -30.57 -16.57
N SER D 382 -71.32 -30.56 -15.29
CA SER D 382 -70.66 -31.44 -14.32
C SER D 382 -71.15 -32.88 -14.44
N VAL D 383 -72.42 -33.09 -14.76
CA VAL D 383 -73.03 -34.41 -14.69
C VAL D 383 -72.22 -35.46 -15.45
N ASN D 384 -71.48 -35.02 -16.48
CA ASN D 384 -70.72 -35.96 -17.30
C ASN D 384 -69.76 -36.80 -16.46
N LYS D 385 -69.14 -36.20 -15.44
CA LYS D 385 -68.19 -36.98 -14.64
C LYS D 385 -68.89 -38.11 -13.91
N ILE D 386 -70.13 -37.87 -13.46
CA ILE D 386 -70.90 -38.94 -12.84
C ILE D 386 -71.08 -40.09 -13.82
N VAL D 387 -71.25 -39.78 -15.10
CA VAL D 387 -71.37 -40.81 -16.12
C VAL D 387 -70.13 -41.71 -16.09
N ASP D 388 -68.95 -41.12 -15.90
CA ASP D 388 -67.74 -41.92 -15.81
C ASP D 388 -67.80 -42.91 -14.66
N LYS D 389 -68.37 -42.48 -13.53
CA LYS D 389 -68.49 -43.37 -12.38
C LYS D 389 -69.43 -44.54 -12.66
N ALA D 390 -70.22 -44.47 -13.73
CA ALA D 390 -71.07 -45.59 -14.12
C ALA D 390 -70.36 -46.58 -15.03
N VAL D 391 -69.11 -46.31 -15.43
CA VAL D 391 -68.41 -47.13 -16.38
C VAL D 391 -67.22 -47.85 -15.74
N LYS D 392 -66.47 -47.16 -14.88
CA LYS D 392 -65.25 -47.71 -14.30
C LYS D 392 -65.59 -48.85 -13.36
N SER D 393 -65.42 -50.08 -13.84
CA SER D 393 -65.69 -51.29 -13.06
C SER D 393 -67.10 -51.28 -12.48
N GLY D 394 -68.05 -50.83 -13.29
CA GLY D 394 -69.43 -50.75 -12.86
C GLY D 394 -70.43 -51.14 -13.92
N PHE D 395 -71.48 -51.85 -13.52
CA PHE D 395 -72.52 -52.28 -14.46
C PHE D 395 -73.60 -51.21 -14.50
N GLY D 396 -73.58 -50.38 -15.54
CA GLY D 396 -74.58 -49.35 -15.71
C GLY D 396 -75.44 -49.57 -16.93
N TRP D 397 -75.65 -48.51 -17.71
CA TRP D 397 -76.42 -48.64 -18.95
C TRP D 397 -75.66 -49.49 -19.95
N GLU D 398 -76.41 -50.25 -20.76
CA GLU D 398 -75.83 -51.16 -21.74
C GLU D 398 -75.34 -50.35 -22.93
N GLY D 399 -74.19 -49.71 -22.75
CA GLY D 399 -73.60 -48.91 -23.81
C GLY D 399 -74.44 -47.72 -24.22
N ASP D 400 -75.00 -47.00 -23.27
CA ASP D 400 -75.88 -45.86 -23.52
C ASP D 400 -75.38 -44.63 -22.79
N ARG D 401 -74.07 -44.38 -22.88
CA ARG D 401 -73.49 -43.20 -22.24
C ARG D 401 -74.08 -41.91 -22.81
N GLN D 402 -74.23 -41.85 -24.14
CA GLN D 402 -74.86 -40.68 -24.75
C GLN D 402 -76.32 -40.56 -24.32
N ASP D 403 -77.03 -41.69 -24.26
CA ASP D 403 -78.42 -41.65 -23.81
C ASP D 403 -78.52 -41.20 -22.36
N LEU D 404 -77.61 -41.70 -21.51
CA LEU D 404 -77.60 -41.26 -20.11
C LEU D 404 -77.33 -39.77 -20.01
N ASN D 405 -76.36 -39.27 -20.79
CA ASN D 405 -76.07 -37.84 -20.76
C ASN D 405 -77.27 -37.02 -21.21
N ASN D 406 -77.93 -37.46 -22.28
CA ASN D 406 -79.11 -36.73 -22.77
C ASN D 406 -80.22 -36.71 -21.74
N MET D 407 -80.50 -37.86 -21.13
CA MET D 407 -81.58 -37.91 -20.14
C MET D 407 -81.23 -37.10 -18.89
N LEU D 408 -79.96 -37.10 -18.47
CA LEU D 408 -79.57 -36.33 -17.30
C LEU D 408 -79.65 -34.83 -17.58
N VAL D 409 -79.20 -34.39 -18.76
CA VAL D 409 -79.30 -32.96 -19.05
C VAL D 409 -80.76 -32.55 -19.24
N ASP D 410 -81.60 -33.45 -19.76
CA ASP D 410 -83.03 -33.15 -19.83
C ASP D 410 -83.63 -33.02 -18.44
N PHE D 411 -83.25 -33.90 -17.52
CA PHE D 411 -83.77 -33.83 -16.15
C PHE D 411 -83.29 -32.57 -15.45
N ALA D 412 -82.04 -32.18 -15.68
CA ALA D 412 -81.51 -30.96 -15.10
C ALA D 412 -81.96 -29.70 -15.83
N THR D 413 -82.61 -29.84 -16.99
CA THR D 413 -83.12 -28.71 -17.76
C THR D 413 -84.62 -28.50 -17.54
N ASN D 414 -85.42 -29.56 -17.67
CA ASN D 414 -86.86 -29.45 -17.53
C ASN D 414 -87.39 -30.00 -16.22
N GLY D 415 -86.72 -30.97 -15.62
CA GLY D 415 -87.15 -31.53 -14.36
C GLY D 415 -87.87 -32.86 -14.53
N ILE D 416 -87.97 -33.59 -13.43
CA ILE D 416 -88.64 -34.89 -13.42
C ILE D 416 -90.14 -34.68 -13.20
N LYS D 417 -90.92 -35.65 -13.66
CA LYS D 417 -92.37 -35.59 -13.51
C LYS D 417 -92.73 -36.08 -12.12
N LEU D 418 -93.01 -35.16 -11.21
CA LEU D 418 -93.39 -35.53 -9.86
C LEU D 418 -94.77 -36.19 -9.87
N PRO D 419 -94.98 -37.22 -9.05
CA PRO D 419 -96.28 -37.90 -9.07
C PRO D 419 -97.46 -37.02 -8.71
N ASP D 420 -97.24 -35.92 -7.99
CA ASP D 420 -98.35 -35.03 -7.63
C ASP D 420 -98.96 -34.38 -8.86
N GLY D 421 -98.18 -34.22 -9.93
CA GLY D 421 -98.66 -33.58 -11.14
C GLY D 421 -97.84 -32.37 -11.52
N ARG D 422 -96.69 -32.20 -10.87
CA ARG D 422 -95.80 -31.08 -11.13
C ARG D 422 -94.47 -31.57 -11.67
N THR D 423 -93.61 -30.62 -12.02
CA THR D 423 -92.29 -30.91 -12.58
C THR D 423 -91.26 -30.07 -11.84
N ALA D 424 -90.31 -30.73 -11.18
CA ALA D 424 -89.27 -30.06 -10.41
C ALA D 424 -87.90 -30.48 -10.91
N VAL D 425 -86.98 -29.52 -10.98
CA VAL D 425 -85.63 -29.78 -11.46
C VAL D 425 -84.78 -30.30 -10.31
N VAL D 426 -84.13 -31.44 -10.52
CA VAL D 426 -83.32 -32.07 -9.48
C VAL D 426 -82.00 -31.30 -9.35
N PRO D 427 -81.56 -30.97 -8.14
CA PRO D 427 -80.27 -30.31 -7.97
C PRO D 427 -79.09 -31.25 -8.17
N SER D 428 -77.87 -30.75 -7.93
CA SER D 428 -76.67 -31.49 -8.32
C SER D 428 -76.27 -32.51 -7.25
N LYS D 429 -75.99 -32.05 -6.02
CA LYS D 429 -75.44 -32.97 -5.04
C LYS D 429 -76.44 -34.02 -4.59
N LEU D 430 -77.74 -33.67 -4.58
CA LEU D 430 -78.75 -34.69 -4.35
C LEU D 430 -78.71 -35.76 -5.44
N LEU D 431 -78.52 -35.34 -6.69
CA LEU D 431 -78.40 -36.29 -7.78
C LEU D 431 -77.19 -37.21 -7.60
N GLU D 432 -76.04 -36.64 -7.27
CA GLU D 432 -74.83 -37.45 -7.18
C GLU D 432 -74.87 -38.38 -5.96
N GLN D 433 -75.49 -37.93 -4.86
CA GLN D 433 -75.63 -38.82 -3.72
C GLN D 433 -76.67 -39.90 -3.98
N ALA D 434 -77.67 -39.61 -4.82
CA ALA D 434 -78.59 -40.65 -5.26
C ALA D 434 -77.87 -41.69 -6.10
N PHE D 435 -76.97 -41.25 -6.98
CA PHE D 435 -76.24 -42.19 -7.82
C PHE D 435 -75.23 -42.99 -7.01
N ASN D 436 -74.58 -42.37 -6.04
CA ASN D 436 -73.51 -43.00 -5.27
C ASN D 436 -74.14 -43.90 -4.22
N THR D 437 -74.22 -45.18 -4.54
CA THR D 437 -74.75 -46.19 -3.63
C THR D 437 -73.61 -47.08 -3.12
N THR D 438 -73.95 -48.10 -2.34
CA THR D 438 -72.93 -49.01 -1.82
C THR D 438 -72.34 -49.88 -2.93
N ASN D 439 -73.16 -50.26 -3.91
CA ASN D 439 -72.70 -51.06 -5.03
C ASN D 439 -73.48 -50.66 -6.27
N THR D 440 -72.77 -50.21 -7.31
CA THR D 440 -73.40 -49.65 -8.49
C THR D 440 -74.15 -50.68 -9.32
N TRP D 441 -73.98 -51.98 -9.03
CA TRP D 441 -74.67 -53.01 -9.81
C TRP D 441 -76.19 -52.94 -9.66
N LEU D 442 -76.69 -52.28 -8.61
CA LEU D 442 -78.13 -52.19 -8.42
C LEU D 442 -78.79 -51.28 -9.46
N PHE D 443 -78.07 -50.24 -9.91
CA PHE D 443 -78.62 -49.24 -10.82
C PHE D 443 -77.96 -49.41 -12.18
N LYS D 444 -78.65 -50.08 -13.10
CA LYS D 444 -78.13 -50.32 -14.43
C LYS D 444 -78.97 -49.69 -15.52
N ASN D 445 -80.27 -49.95 -15.55
CA ASN D 445 -81.13 -49.43 -16.60
C ASN D 445 -81.61 -48.03 -16.27
N ALA D 446 -82.08 -47.33 -17.30
CA ALA D 446 -82.59 -45.97 -17.12
C ALA D 446 -83.83 -45.95 -16.24
N GLY D 447 -84.72 -46.94 -16.42
CA GLY D 447 -85.93 -46.99 -15.62
C GLY D 447 -85.64 -47.12 -14.14
N ASP D 448 -84.67 -47.96 -13.78
CA ASP D 448 -84.34 -48.16 -12.38
C ASP D 448 -83.79 -46.88 -11.76
N VAL D 449 -82.90 -46.18 -12.46
CA VAL D 449 -82.31 -44.97 -11.89
C VAL D 449 -83.34 -43.84 -11.82
N GLU D 450 -84.25 -43.75 -12.81
CA GLU D 450 -85.27 -42.71 -12.71
C GLU D 450 -86.26 -43.03 -11.60
N LYS D 451 -86.58 -44.30 -11.37
CA LYS D 451 -87.41 -44.65 -10.22
C LYS D 451 -86.70 -44.30 -8.92
N ARG D 452 -85.39 -44.54 -8.85
CA ARG D 452 -84.62 -44.19 -7.67
C ARG D 452 -84.67 -42.70 -7.38
N ILE D 453 -84.42 -41.88 -8.40
CA ILE D 453 -84.42 -40.44 -8.18
C ILE D 453 -85.82 -39.94 -7.86
N ILE D 454 -86.85 -40.55 -8.47
CA ILE D 454 -88.23 -40.16 -8.19
C ILE D 454 -88.57 -40.44 -6.73
N GLU D 455 -88.23 -41.64 -6.24
CA GLU D 455 -88.55 -41.98 -4.87
C GLU D 455 -87.71 -41.17 -3.88
N LEU D 456 -86.48 -40.79 -4.26
CA LEU D 456 -85.67 -39.99 -3.35
C LEU D 456 -86.14 -38.55 -3.29
N MET D 457 -86.61 -38.00 -4.41
CA MET D 457 -87.11 -36.63 -4.37
C MET D 457 -88.43 -36.52 -3.62
N THR D 458 -89.13 -37.64 -3.46
CA THR D 458 -90.39 -37.66 -2.72
C THR D 458 -90.20 -37.86 -1.22
N THR D 459 -88.97 -37.72 -0.72
CA THR D 459 -88.73 -37.84 0.71
C THR D 459 -89.47 -36.75 1.46
N ASP D 460 -90.02 -37.11 2.62
CA ASP D 460 -90.83 -36.17 3.39
C ASP D 460 -90.04 -34.91 3.75
N GLY D 461 -88.86 -35.07 4.33
CA GLY D 461 -88.03 -33.92 4.64
C GLY D 461 -87.61 -33.16 3.39
N MET D 462 -87.23 -33.90 2.34
CA MET D 462 -86.85 -33.25 1.08
C MET D 462 -88.03 -32.50 0.49
N THR D 463 -89.23 -33.09 0.53
CA THR D 463 -90.40 -32.41 0.01
C THR D 463 -90.68 -31.13 0.79
N GLN D 464 -90.69 -31.22 2.13
CA GLN D 464 -90.92 -30.06 2.96
C GLN D 464 -89.93 -28.95 2.65
N MET D 465 -88.66 -29.33 2.49
CA MET D 465 -87.63 -28.37 2.11
C MET D 465 -87.94 -27.75 0.75
N ARG D 466 -88.47 -28.56 -0.17
CA ARG D 466 -88.80 -28.07 -1.50
C ARG D 466 -89.87 -26.98 -1.45
N GLU D 467 -90.99 -27.23 -0.76
CA GLU D 467 -91.95 -26.13 -0.67
C GLU D 467 -91.56 -25.06 0.34
N ASP D 468 -90.52 -25.29 1.14
CA ASP D 468 -90.03 -24.21 2.00
C ASP D 468 -89.20 -23.20 1.22
N ALA D 469 -88.46 -23.67 0.20
CA ALA D 469 -87.58 -22.76 -0.54
C ALA D 469 -88.29 -21.56 -1.15
N PRO D 470 -89.38 -21.69 -1.91
CA PRO D 470 -90.03 -20.49 -2.46
C PRO D 470 -90.57 -19.56 -1.39
N THR D 471 -91.07 -20.10 -0.28
CA THR D 471 -91.62 -19.26 0.78
C THR D 471 -90.55 -18.38 1.39
N ILE D 472 -89.39 -18.96 1.72
CA ILE D 472 -88.31 -18.17 2.29
C ILE D 472 -87.77 -17.19 1.25
N ARG D 473 -87.73 -17.58 -0.02
CA ARG D 473 -87.27 -16.67 -1.06
C ARG D 473 -88.16 -15.44 -1.15
N GLU D 474 -89.47 -15.64 -1.22
CA GLU D 474 -90.38 -14.50 -1.31
C GLU D 474 -90.40 -13.70 -0.01
N ASN D 475 -90.20 -14.35 1.14
CA ASN D 475 -90.07 -13.61 2.39
C ASN D 475 -88.85 -12.72 2.37
N PHE D 476 -87.73 -13.21 1.85
CA PHE D 476 -86.52 -12.39 1.73
C PHE D 476 -86.77 -11.20 0.82
N LEU D 477 -87.42 -11.44 -0.32
CA LEU D 477 -87.70 -10.34 -1.24
C LEU D 477 -88.61 -9.30 -0.60
N LYS D 478 -89.67 -9.75 0.08
CA LYS D 478 -90.58 -8.81 0.74
C LYS D 478 -89.86 -8.03 1.83
N THR D 479 -89.00 -8.69 2.60
CA THR D 479 -88.29 -8.00 3.67
C THR D 479 -87.36 -6.93 3.13
N VAL D 480 -86.61 -7.25 2.06
CA VAL D 480 -85.70 -6.24 1.52
C VAL D 480 -86.47 -5.09 0.89
N SER D 481 -87.62 -5.40 0.24
CA SER D 481 -88.45 -4.34 -0.32
C SER D 481 -88.96 -3.41 0.78
N ASP D 482 -89.44 -3.99 1.89
CA ASP D 482 -89.92 -3.17 3.00
C ASP D 482 -88.80 -2.36 3.62
N ILE D 483 -87.60 -2.95 3.73
CA ILE D 483 -86.46 -2.22 4.28
C ILE D 483 -86.14 -1.01 3.41
N ALA D 484 -86.10 -1.21 2.09
CA ALA D 484 -85.82 -0.10 1.18
C ALA D 484 -86.90 0.98 1.28
N ASN D 485 -88.17 0.56 1.34
CA ASN D 485 -89.26 1.53 1.42
C ASN D 485 -89.18 2.35 2.71
N GLN D 486 -88.90 1.68 3.84
CA GLN D 486 -88.79 2.39 5.11
C GLN D 486 -87.58 3.32 5.12
N LYS D 487 -86.47 2.88 4.54
CA LYS D 487 -85.29 3.75 4.42
C LYS D 487 -85.64 5.02 3.65
N ARG D 488 -86.28 4.86 2.49
CA ARG D 488 -86.65 6.03 1.69
C ARG D 488 -87.64 6.91 2.44
N SER D 489 -88.58 6.30 3.16
CA SER D 489 -89.60 7.09 3.86
C SER D 489 -88.99 7.92 4.99
N ASN D 490 -88.15 7.30 5.82
CA ASN D 490 -87.53 8.08 6.88
C ASN D 490 -86.58 9.12 6.31
N ALA D 491 -85.89 8.80 5.20
CA ALA D 491 -85.02 9.78 4.58
C ALA D 491 -85.81 11.00 4.09
N VAL D 492 -86.93 10.77 3.41
CA VAL D 492 -87.71 11.89 2.87
C VAL D 492 -88.30 12.71 4.01
N LYS D 493 -88.79 12.04 5.06
CA LYS D 493 -89.35 12.79 6.19
C LYS D 493 -88.29 13.65 6.87
N VAL D 494 -87.11 13.08 7.13
CA VAL D 494 -86.05 13.84 7.80
C VAL D 494 -85.60 15.00 6.92
N THR D 495 -85.44 14.77 5.62
CA THR D 495 -84.98 15.83 4.73
C THR D 495 -85.99 16.96 4.63
N ARG D 496 -87.29 16.64 4.52
CA ARG D 496 -88.29 17.69 4.41
C ARG D 496 -88.41 18.45 5.73
N SER D 497 -88.31 17.75 6.87
CA SER D 497 -88.35 18.44 8.15
C SER D 497 -87.16 19.38 8.30
N ALA D 498 -85.96 18.93 7.91
CA ALA D 498 -84.79 19.79 7.99
C ALA D 498 -84.93 20.99 7.06
N GLU D 499 -85.45 20.78 5.85
CA GLU D 499 -85.62 21.89 4.92
C GLU D 499 -86.62 22.90 5.45
N ARG D 500 -87.71 22.44 6.04
CA ARG D 500 -88.68 23.36 6.63
C ARG D 500 -88.07 24.12 7.80
N GLU D 501 -87.29 23.44 8.64
CA GLU D 501 -86.70 24.10 9.81
C GLU D 501 -85.66 25.14 9.40
N LYS D 502 -84.84 24.83 8.39
CA LYS D 502 -83.84 25.80 7.93
C LYS D 502 -84.51 27.05 7.36
N GLY D 503 -85.58 26.87 6.59
CA GLY D 503 -86.29 28.00 6.00
C GLY D 503 -87.78 27.78 5.91
N ASP E 95 -60.65 2.19 -60.25
CA ASP E 95 -60.83 3.49 -60.89
C ASP E 95 -62.25 3.67 -61.39
N ARG E 96 -62.61 4.92 -61.71
CA ARG E 96 -63.95 5.26 -62.20
C ARG E 96 -63.83 5.71 -63.65
N ALA E 97 -64.63 5.10 -64.52
CA ALA E 97 -64.64 5.42 -65.94
C ALA E 97 -65.93 6.09 -66.38
N ALA E 98 -66.73 6.60 -65.44
CA ALA E 98 -67.99 7.24 -65.79
C ALA E 98 -67.75 8.58 -66.47
N THR E 99 -68.67 8.95 -67.36
CA THR E 99 -68.58 10.20 -68.10
C THR E 99 -69.19 11.32 -67.28
N ARG E 100 -68.40 12.37 -67.04
CA ARG E 100 -68.89 13.49 -66.23
C ARG E 100 -70.01 14.24 -66.93
N ASP E 101 -69.80 14.62 -68.19
CA ASP E 101 -70.79 15.33 -69.00
C ASP E 101 -71.08 16.67 -68.33
N ALA E 102 -72.33 16.97 -67.95
CA ALA E 102 -72.66 18.30 -67.45
C ALA E 102 -72.01 18.57 -66.10
N ILE E 103 -72.11 17.62 -65.17
CA ILE E 103 -71.65 17.73 -63.78
C ILE E 103 -71.78 19.15 -63.26
N THR E 104 -73.01 19.67 -63.25
CA THR E 104 -73.21 21.05 -62.83
C THR E 104 -73.02 21.22 -61.31
N LYS E 105 -73.37 20.20 -60.54
CA LYS E 105 -73.32 20.28 -59.08
C LYS E 105 -72.59 19.08 -58.51
N GLN E 106 -72.12 19.25 -57.27
CA GLN E 106 -71.51 18.19 -56.46
C GLN E 106 -70.17 17.74 -57.01
N ILE E 107 -69.74 18.31 -58.15
CA ILE E 107 -68.45 17.99 -58.75
C ILE E 107 -67.54 19.20 -58.80
N SER E 108 -68.06 20.36 -59.17
CA SER E 108 -67.31 21.60 -58.94
C SER E 108 -67.08 21.80 -57.44
N ALA E 109 -68.11 21.51 -56.64
CA ALA E 109 -67.92 21.50 -55.19
C ALA E 109 -66.90 20.44 -54.77
N GLN E 110 -66.84 19.31 -55.47
CA GLN E 110 -65.84 18.30 -55.17
C GLN E 110 -64.43 18.83 -55.42
N GLN E 111 -64.23 19.51 -56.56
CA GLN E 111 -62.93 20.10 -56.83
C GLN E 111 -62.57 21.16 -55.80
N ASN E 112 -63.55 21.98 -55.42
CA ASN E 112 -63.30 23.04 -54.44
C ASN E 112 -62.93 22.45 -53.08
N GLN E 113 -63.62 21.39 -52.66
CA GLN E 113 -63.29 20.78 -51.37
C GLN E 113 -61.96 20.05 -51.43
N ALA E 114 -61.61 19.48 -52.59
CA ALA E 114 -60.28 18.91 -52.74
C ALA E 114 -59.22 19.99 -52.60
N ALA E 115 -59.45 21.15 -53.20
CA ALA E 115 -58.52 22.27 -53.05
C ALA E 115 -58.41 22.72 -51.60
N ALA E 116 -59.55 22.80 -50.91
CA ALA E 116 -59.53 23.20 -49.50
C ALA E 116 -58.75 22.18 -48.66
N THR E 117 -58.96 20.90 -48.91
CA THR E 117 -58.26 19.87 -48.14
C THR E 117 -56.76 19.90 -48.40
N GLN E 118 -56.36 20.06 -49.66
CA GLN E 118 -54.92 20.11 -49.94
C GLN E 118 -54.28 21.37 -49.37
N LYS E 119 -55.00 22.48 -49.38
CA LYS E 119 -54.46 23.70 -48.77
C LYS E 119 -54.31 23.52 -47.27
N PHE E 120 -55.29 22.89 -46.62
CA PHE E 120 -55.19 22.62 -45.19
C PHE E 120 -54.01 21.70 -44.89
N ASP E 121 -53.82 20.67 -45.72
CA ASP E 121 -52.69 19.77 -45.53
C ASP E 121 -51.36 20.50 -45.70
N ASP E 122 -51.27 21.37 -46.71
CA ASP E 122 -50.04 22.13 -46.92
C ASP E 122 -49.76 23.07 -45.75
N MET E 123 -50.80 23.72 -45.23
CA MET E 123 -50.61 24.59 -44.08
C MET E 123 -50.19 23.81 -42.84
N GLN E 124 -50.78 22.63 -42.64
CA GLN E 124 -50.42 21.80 -41.50
C GLN E 124 -49.00 21.26 -41.62
N ALA E 125 -48.53 21.03 -42.85
CA ALA E 125 -47.17 20.54 -43.06
C ALA E 125 -46.13 21.54 -42.60
N GLU E 126 -46.49 22.83 -42.52
CA GLU E 126 -45.58 23.89 -42.07
C GLU E 126 -44.31 23.92 -42.93
N VAL E 127 -44.49 24.23 -44.22
CA VAL E 127 -43.35 24.31 -45.13
C VAL E 127 -42.45 25.45 -44.68
N GLY E 128 -41.15 25.17 -44.63
CA GLY E 128 -40.20 26.14 -44.14
C GLY E 128 -40.31 26.34 -42.64
N GLN E 129 -39.90 27.52 -42.18
CA GLN E 129 -39.95 27.88 -40.78
C GLN E 129 -41.05 28.91 -40.56
N ARG E 130 -41.90 28.66 -39.57
CA ARG E 130 -43.01 29.53 -39.23
C ARG E 130 -43.18 29.53 -37.72
N GLY E 131 -44.33 30.03 -37.27
CA GLY E 131 -44.63 30.05 -35.85
C GLY E 131 -45.27 28.77 -35.36
N ILE E 132 -46.40 28.89 -34.67
CA ILE E 132 -47.17 27.76 -34.15
C ILE E 132 -46.29 26.92 -33.23
N VAL E 133 -45.91 27.49 -32.09
CA VAL E 133 -45.10 26.75 -31.12
C VAL E 133 -45.88 25.55 -30.58
N ASP E 134 -47.15 25.75 -30.27
CA ASP E 134 -48.01 24.67 -29.79
C ASP E 134 -48.52 23.86 -30.97
N GLN E 135 -49.50 22.97 -30.74
CA GLN E 135 -50.03 22.17 -31.83
C GLN E 135 -50.70 23.03 -32.89
N LEU E 136 -51.51 24.00 -32.45
CA LEU E 136 -52.18 24.94 -33.34
C LEU E 136 -52.98 24.22 -34.43
N ARG E 137 -53.90 23.36 -33.97
CA ARG E 137 -54.75 22.62 -34.90
C ARG E 137 -55.65 23.57 -35.69
N THR E 138 -56.21 24.58 -35.03
CA THR E 138 -57.05 25.59 -35.66
C THR E 138 -58.25 24.95 -36.38
N LEU E 139 -58.81 23.90 -35.77
CA LEU E 139 -59.97 23.25 -36.36
C LEU E 139 -61.21 24.13 -36.30
N SER E 140 -61.43 24.79 -35.17
CA SER E 140 -62.57 25.68 -34.97
C SER E 140 -62.11 26.94 -34.25
N ALA E 141 -63.03 27.90 -34.12
CA ALA E 141 -62.71 29.14 -33.43
C ALA E 141 -62.38 28.90 -31.97
N GLU E 142 -63.15 28.03 -31.30
CA GLU E 142 -62.86 27.71 -29.90
C GLU E 142 -61.52 27.01 -29.75
N GLY E 143 -61.25 26.04 -30.62
CA GLY E 143 -59.97 25.36 -30.57
C GLY E 143 -58.81 26.28 -30.89
N ARG E 144 -58.99 27.17 -31.87
CA ARG E 144 -57.94 28.12 -32.21
C ARG E 144 -57.68 29.08 -31.05
N ALA E 145 -58.74 29.53 -30.36
CA ALA E 145 -58.55 30.38 -29.19
C ALA E 145 -57.83 29.63 -28.08
N GLY E 146 -58.17 28.36 -27.89
CA GLY E 146 -57.45 27.55 -26.91
C GLY E 146 -55.97 27.41 -27.25
N GLU E 147 -55.65 27.21 -28.52
CA GLU E 147 -54.27 27.14 -28.95
C GLU E 147 -53.55 28.47 -28.75
N VAL E 148 -54.23 29.59 -29.02
CA VAL E 148 -53.63 30.90 -28.79
C VAL E 148 -53.34 31.09 -27.31
N ASN E 149 -54.27 30.67 -26.45
CA ASN E 149 -54.02 30.71 -25.01
C ASN E 149 -52.83 29.84 -24.64
N GLN E 150 -52.71 28.68 -25.27
CA GLN E 150 -51.55 27.81 -25.04
C GLN E 150 -50.26 28.51 -25.43
N ILE E 151 -50.30 29.31 -26.49
CA ILE E 151 -49.13 30.10 -26.90
C ILE E 151 -48.76 31.09 -25.80
N LEU E 152 -49.76 31.75 -25.22
CA LEU E 152 -49.53 32.71 -24.14
C LEU E 152 -48.89 32.05 -22.92
N GLU E 162 -53.95 31.99 -4.54
CA GLU E 162 -52.78 32.71 -5.07
C GLU E 162 -52.08 31.88 -6.15
N ILE E 163 -51.01 31.18 -5.77
CA ILE E 163 -50.33 30.30 -6.72
C ILE E 163 -51.20 29.10 -7.06
N ARG E 164 -51.83 28.49 -6.05
CA ARG E 164 -52.75 27.39 -6.31
C ARG E 164 -53.98 27.85 -7.09
N LYS E 165 -54.34 29.13 -6.97
CA LYS E 165 -55.44 29.68 -7.76
C LYS E 165 -55.19 29.48 -9.25
N GLU E 166 -54.11 30.08 -9.77
CA GLU E 166 -53.78 29.94 -11.18
C GLU E 166 -53.43 28.50 -11.53
N LEU E 167 -52.80 27.76 -10.61
CA LEU E 167 -52.46 26.38 -10.89
C LEU E 167 -53.70 25.55 -11.18
N THR E 168 -54.77 25.75 -10.41
CA THR E 168 -56.02 25.05 -10.66
C THR E 168 -56.75 25.61 -11.87
N GLY E 169 -56.73 26.93 -12.04
CA GLY E 169 -57.49 27.54 -13.13
C GLY E 169 -56.97 27.17 -14.50
N VAL E 170 -55.65 27.19 -14.68
CA VAL E 170 -55.08 26.83 -15.98
C VAL E 170 -55.40 25.38 -16.31
N GLN E 171 -55.25 24.49 -15.32
CA GLN E 171 -55.55 23.08 -15.54
C GLN E 171 -57.02 22.87 -15.89
N ASP E 172 -57.92 23.54 -15.18
CA ASP E 172 -59.34 23.40 -15.46
C ASP E 172 -59.68 23.90 -16.86
N ALA E 173 -59.11 25.05 -17.26
CA ALA E 173 -59.35 25.57 -18.59
C ALA E 173 -58.86 24.60 -19.66
N ILE E 174 -57.65 24.05 -19.46
CA ILE E 174 -57.11 23.10 -20.43
C ILE E 174 -57.99 21.87 -20.53
N GLN E 175 -58.43 21.33 -19.38
CA GLN E 175 -59.24 20.13 -19.40
C GLN E 175 -60.57 20.38 -20.11
N ASN E 176 -61.24 21.50 -19.80
CA ASN E 176 -62.51 21.79 -20.43
C ASN E 176 -62.36 21.98 -21.93
N ARG E 177 -61.34 22.74 -22.35
CA ARG E 177 -61.14 22.98 -23.78
C ARG E 177 -60.83 21.68 -24.51
N GLN E 178 -59.95 20.85 -23.94
CA GLN E 178 -59.59 19.59 -24.58
C GLN E 178 -60.80 18.67 -24.68
N TYR E 179 -61.60 18.57 -23.61
CA TYR E 179 -62.77 17.71 -23.64
C TYR E 179 -63.76 18.17 -24.71
N ARG E 180 -64.03 19.48 -24.75
CA ARG E 180 -64.98 19.99 -25.73
C ARG E 180 -64.48 19.76 -27.15
N ALA E 181 -63.20 20.04 -27.41
CA ALA E 181 -62.66 19.87 -28.76
C ALA E 181 -62.68 18.40 -29.17
N ALA E 182 -62.29 17.50 -28.27
CA ALA E 182 -62.30 16.08 -28.59
C ALA E 182 -63.71 15.59 -28.87
N GLY E 183 -64.68 16.02 -28.06
CA GLY E 183 -66.06 15.63 -28.31
C GLY E 183 -66.55 16.13 -29.65
N GLU E 184 -66.26 17.39 -29.97
CA GLU E 184 -66.70 17.95 -31.24
C GLU E 184 -66.08 17.22 -32.43
N GLN E 185 -64.78 16.91 -32.36
CA GLN E 185 -64.13 16.27 -33.50
C GLN E 185 -64.59 14.83 -33.65
N ARG E 186 -64.77 14.11 -32.55
CA ARG E 186 -65.30 12.75 -32.63
C ARG E 186 -66.71 12.74 -33.19
N ALA E 187 -67.55 13.69 -32.76
CA ALA E 187 -68.90 13.79 -33.30
C ALA E 187 -68.87 14.08 -34.80
N GLN E 188 -67.99 14.99 -35.22
CA GLN E 188 -67.90 15.31 -36.65
C GLN E 188 -67.47 14.10 -37.46
N ALA E 189 -66.47 13.34 -36.97
CA ALA E 189 -66.02 12.16 -37.70
C ALA E 189 -67.11 11.10 -37.77
N ALA E 190 -67.82 10.88 -36.66
CA ALA E 190 -68.91 9.90 -36.66
C ALA E 190 -70.02 10.32 -37.62
N ALA E 191 -70.35 11.62 -37.64
CA ALA E 191 -71.38 12.11 -38.54
C ALA E 191 -70.94 11.95 -40.00
N ASN E 192 -69.66 12.20 -40.29
CA ASN E 192 -69.17 12.01 -41.65
C ASN E 192 -69.29 10.55 -42.08
N ARG E 193 -68.90 9.64 -41.20
CA ARG E 193 -69.02 8.22 -41.52
C ARG E 193 -70.48 7.82 -41.73
N ALA E 194 -71.37 8.31 -40.87
CA ALA E 194 -72.79 8.00 -41.01
C ALA E 194 -73.35 8.55 -42.32
N ALA E 195 -72.94 9.76 -42.70
CA ALA E 195 -73.41 10.34 -43.96
C ALA E 195 -72.92 9.54 -45.15
N GLU E 196 -71.66 9.10 -45.11
CA GLU E 196 -71.14 8.27 -46.20
C GLU E 196 -71.91 6.96 -46.30
N ALA E 197 -72.18 6.33 -45.15
CA ALA E 197 -72.96 5.09 -45.16
C ALA E 197 -74.36 5.31 -45.70
N HIS E 198 -74.99 6.43 -45.31
CA HIS E 198 -76.34 6.72 -45.80
C HIS E 198 -76.35 6.95 -47.30
N SER E 199 -75.34 7.66 -47.82
CA SER E 199 -75.24 7.85 -49.27
C SER E 199 -75.05 6.52 -49.98
N LEU E 200 -74.20 5.65 -49.44
CA LEU E 200 -74.00 4.34 -50.05
C LEU E 200 -75.29 3.53 -50.05
N SER E 201 -76.04 3.57 -48.94
CA SER E 201 -77.29 2.84 -48.87
C SER E 201 -78.31 3.39 -49.87
N MET E 202 -78.40 4.72 -49.98
CA MET E 202 -79.34 5.33 -50.91
C MET E 202 -78.94 5.09 -52.36
N ALA E 203 -77.65 4.84 -52.63
CA ALA E 203 -77.18 4.71 -54.00
C ALA E 203 -77.60 3.39 -54.64
N ALA E 204 -78.51 2.66 -53.98
CA ALA E 204 -79.04 1.42 -54.56
C ALA E 204 -79.83 1.73 -55.82
N GLY E 205 -79.63 0.91 -56.84
CA GLY E 205 -80.32 1.07 -58.11
C GLY E 205 -79.40 1.45 -59.25
N PHE E 211 -78.39 12.68 -61.29
CA PHE E 211 -77.56 11.55 -60.89
C PHE E 211 -78.07 10.93 -59.60
N THR E 212 -79.38 10.70 -59.54
CA THR E 212 -80.05 10.11 -58.37
C THR E 212 -79.73 10.89 -57.10
N ARG E 213 -80.16 12.15 -57.07
CA ARG E 213 -79.83 13.04 -55.96
C ARG E 213 -80.75 12.79 -54.76
N GLU E 214 -82.03 13.11 -54.91
CA GLU E 214 -83.03 12.92 -53.86
C GLU E 214 -82.65 13.63 -52.54
N GLN E 215 -83.39 13.32 -51.48
CA GLN E 215 -83.18 14.02 -50.21
C GLN E 215 -81.85 13.65 -49.55
N ARG E 216 -81.40 12.41 -49.73
CA ARG E 216 -80.12 12.01 -49.14
C ARG E 216 -78.97 12.85 -49.70
N ASP E 217 -78.89 12.96 -51.02
CA ASP E 217 -77.86 13.81 -51.60
C ASP E 217 -78.16 15.29 -51.45
N GLU E 218 -79.41 15.67 -51.17
CA GLU E 218 -79.67 17.05 -50.79
C GLU E 218 -79.02 17.38 -49.45
N LEU E 219 -79.19 16.48 -48.47
CA LEU E 219 -78.51 16.64 -47.19
C LEU E 219 -76.99 16.62 -47.38
N ARG E 220 -76.51 15.70 -48.21
CA ARG E 220 -75.08 15.65 -48.52
C ARG E 220 -74.61 16.97 -49.13
N ARG E 221 -75.42 17.55 -50.03
CA ARG E 221 -75.05 18.79 -50.69
C ARG E 221 -74.97 19.94 -49.70
N ASP E 222 -75.96 20.06 -48.81
CA ASP E 222 -75.91 21.17 -47.86
C ASP E 222 -74.76 21.00 -46.86
N ARG E 223 -74.51 19.77 -46.42
CA ARG E 223 -73.37 19.53 -45.53
C ARG E 223 -72.06 19.85 -46.23
N ASP E 224 -71.93 19.46 -47.50
CA ASP E 224 -70.73 19.78 -48.25
C ASP E 224 -70.58 21.27 -48.48
N GLU E 225 -71.69 21.99 -48.69
CA GLU E 225 -71.60 23.44 -48.80
C GLU E 225 -71.11 24.06 -47.50
N ALA E 226 -71.60 23.58 -46.37
CA ALA E 226 -71.10 24.07 -45.08
C ALA E 226 -69.61 23.78 -44.92
N LYS E 227 -69.19 22.58 -45.30
CA LYS E 227 -67.78 22.23 -45.20
C LYS E 227 -66.92 23.10 -46.11
N LEU E 228 -67.38 23.34 -47.33
CA LEU E 228 -66.69 24.22 -48.26
C LEU E 228 -66.56 25.62 -47.69
N VAL E 229 -67.65 26.14 -47.10
CA VAL E 229 -67.61 27.47 -46.51
C VAL E 229 -66.58 27.52 -45.40
N SER E 230 -66.62 26.54 -44.49
CA SER E 230 -65.69 26.53 -43.37
C SER E 230 -64.24 26.46 -43.85
N GLY E 231 -63.96 25.57 -44.80
CA GLY E 231 -62.60 25.43 -45.29
C GLY E 231 -62.10 26.69 -45.99
N THR E 232 -62.94 27.27 -46.85
CA THR E 232 -62.55 28.49 -47.56
C THR E 232 -62.29 29.64 -46.58
N ILE E 233 -63.13 29.76 -45.55
CA ILE E 233 -62.97 30.86 -44.59
C ILE E 233 -61.68 30.66 -43.80
N ALA E 234 -61.42 29.42 -43.37
CA ALA E 234 -60.17 29.15 -42.66
C ALA E 234 -58.96 29.45 -43.52
N THR E 235 -59.00 29.05 -44.79
CA THR E 235 -57.87 29.32 -45.69
C THR E 235 -57.68 30.82 -45.87
N THR E 236 -58.76 31.57 -46.04
CA THR E 236 -58.64 33.02 -46.21
C THR E 236 -58.03 33.67 -44.97
N PHE E 237 -58.48 33.27 -43.78
CA PHE E 237 -57.93 33.84 -42.56
C PHE E 237 -56.44 33.48 -42.41
N GLN E 238 -56.08 32.23 -42.71
CA GLN E 238 -54.69 31.83 -42.61
C GLN E 238 -53.82 32.60 -43.57
N ASP E 239 -54.31 32.82 -44.79
CA ASP E 239 -53.56 33.62 -45.76
C ASP E 239 -53.41 35.07 -45.28
N TYR E 240 -54.47 35.61 -44.68
CA TYR E 240 -54.42 36.99 -44.22
C TYR E 240 -53.44 37.16 -43.06
N ASP E 241 -53.30 36.14 -42.21
CA ASP E 241 -52.46 36.28 -41.02
C ASP E 241 -51.01 36.58 -41.37
N GLU E 242 -50.48 35.96 -42.42
CA GLU E 242 -49.10 36.21 -42.80
C GLU E 242 -48.89 37.66 -43.21
N SER E 243 -49.82 38.22 -43.99
CA SER E 243 -49.73 39.62 -44.36
C SER E 243 -49.87 40.52 -43.13
N ARG E 244 -50.75 40.14 -42.20
CA ARG E 244 -50.89 40.91 -40.97
C ARG E 244 -49.59 40.97 -40.20
N GLN E 245 -48.90 39.83 -40.07
CA GLN E 245 -47.61 39.81 -39.38
C GLN E 245 -46.56 40.63 -40.12
N ALA E 246 -46.51 40.50 -41.45
CA ALA E 246 -45.54 41.23 -42.24
C ALA E 246 -45.72 42.74 -42.09
N GLN E 247 -46.97 43.20 -42.10
CA GLN E 247 -47.24 44.62 -41.90
C GLN E 247 -47.04 45.05 -40.45
N SER E 248 -47.33 44.15 -39.50
CA SER E 248 -47.09 44.46 -38.09
C SER E 248 -45.62 44.66 -37.81
N GLU E 249 -44.74 44.01 -38.58
CA GLU E 249 -43.31 44.29 -38.51
C GLU E 249 -43.05 45.78 -38.66
N ILE E 250 -43.57 46.38 -39.73
CA ILE E 250 -43.34 47.80 -39.97
C ILE E 250 -44.11 48.68 -38.99
N MET E 251 -45.32 48.28 -38.57
CA MET E 251 -45.99 49.07 -37.55
C MET E 251 -45.14 49.14 -36.28
N ARG E 252 -44.57 48.00 -35.87
CA ARG E 252 -43.72 48.00 -34.68
C ARG E 252 -42.45 48.82 -34.90
N ILE E 253 -41.84 48.70 -36.08
CA ILE E 253 -40.62 49.46 -36.35
C ILE E 253 -40.89 50.96 -36.28
N VAL E 254 -41.98 51.41 -36.91
CA VAL E 254 -42.34 52.82 -36.88
C VAL E 254 -42.66 53.27 -35.47
N GLY E 255 -43.43 52.46 -34.73
CA GLY E 255 -43.77 52.83 -33.36
C GLY E 255 -42.56 52.95 -32.47
N LYS E 256 -41.57 52.06 -32.66
CA LYS E 256 -40.33 52.18 -31.92
C LYS E 256 -39.55 53.42 -32.35
N GLU E 257 -39.60 53.75 -33.64
CA GLU E 257 -38.89 54.93 -34.12
C GLU E 257 -39.43 56.20 -33.47
N VAL E 258 -40.75 56.40 -33.54
CA VAL E 258 -41.33 57.58 -32.91
C VAL E 258 -41.40 57.41 -31.40
N GLY E 259 -41.82 56.24 -30.93
CA GLY E 259 -41.79 55.89 -29.51
C GLY E 259 -43.14 55.97 -28.81
N MET E 260 -43.83 54.84 -28.76
CA MET E 260 -45.10 54.61 -28.08
C MET E 260 -44.93 53.53 -27.02
N PRO E 261 -45.78 53.50 -26.00
CA PRO E 261 -45.76 52.40 -25.02
C PRO E 261 -46.06 51.08 -25.72
N THR E 262 -45.16 50.12 -25.55
CA THR E 262 -45.22 48.86 -26.27
C THR E 262 -44.99 47.69 -25.34
N ASP E 263 -45.42 46.51 -25.78
CA ASP E 263 -45.24 45.27 -25.04
C ASP E 263 -44.54 44.22 -25.90
N ASP E 264 -44.55 42.97 -25.46
CA ASP E 264 -43.78 41.93 -26.14
C ASP E 264 -44.15 41.78 -27.61
N GLN E 265 -45.40 42.07 -27.97
CA GLN E 265 -45.81 41.97 -29.38
C GLN E 265 -45.23 43.08 -30.24
N GLY E 266 -44.85 44.21 -29.64
CA GLY E 266 -44.21 45.30 -30.34
C GLY E 266 -45.14 46.39 -30.82
N MET E 267 -46.43 46.12 -30.96
CA MET E 267 -47.35 47.15 -31.41
C MET E 267 -47.77 48.02 -30.22
N PRO E 268 -47.94 49.32 -30.46
CA PRO E 268 -48.33 50.22 -29.36
C PRO E 268 -49.63 49.79 -28.69
N ASP E 269 -49.69 49.98 -27.37
CA ASP E 269 -50.82 49.54 -26.55
C ASP E 269 -52.05 50.39 -26.86
N MET E 270 -53.18 49.73 -27.12
CA MET E 270 -54.39 50.46 -27.50
C MET E 270 -54.90 51.35 -26.38
N SER E 271 -54.97 50.81 -25.15
CA SER E 271 -55.50 51.59 -24.04
C SER E 271 -54.57 52.75 -23.69
N ARG E 272 -53.27 52.52 -23.71
CA ARG E 272 -52.29 53.53 -23.32
C ARG E 272 -52.03 54.55 -24.42
N ALA E 273 -52.36 54.25 -25.67
CA ALA E 273 -52.13 55.17 -26.78
C ALA E 273 -53.16 56.29 -26.72
N SER E 274 -52.71 57.50 -26.41
CA SER E 274 -53.58 58.66 -26.46
C SER E 274 -53.71 59.16 -27.89
N GLN E 275 -54.49 60.25 -28.05
CA GLN E 275 -54.63 60.85 -29.37
C GLN E 275 -53.30 61.38 -29.88
N ASP E 276 -52.52 62.00 -29.00
CA ASP E 276 -51.19 62.47 -29.39
C ASP E 276 -50.28 61.30 -29.75
N GLN E 277 -50.41 60.18 -29.03
CA GLN E 277 -49.63 59.01 -29.36
C GLN E 277 -49.99 58.48 -30.75
N LEU E 278 -51.28 58.44 -31.06
CA LEU E 278 -51.70 57.98 -32.38
C LEU E 278 -51.44 59.02 -33.47
N ASP E 279 -51.14 60.26 -33.09
CA ASP E 279 -50.77 61.27 -34.08
C ASP E 279 -49.49 60.90 -34.80
N ALA E 280 -48.55 60.26 -34.11
CA ALA E 280 -47.33 59.80 -34.77
C ALA E 280 -47.64 58.76 -35.84
N PHE E 281 -48.53 57.82 -35.52
CA PHE E 281 -48.94 56.82 -36.52
C PHE E 281 -49.68 57.47 -37.68
N SER E 282 -50.51 58.47 -37.39
CA SER E 282 -51.22 59.17 -38.46
C SER E 282 -50.24 59.89 -39.38
N ASN E 283 -49.24 60.55 -38.80
CA ASN E 283 -48.23 61.23 -39.60
C ASN E 283 -47.42 60.24 -40.43
N ALA E 284 -47.10 59.08 -39.85
CA ALA E 284 -46.37 58.06 -40.59
C ALA E 284 -47.20 57.53 -41.75
N LEU E 285 -48.51 57.32 -41.53
CA LEU E 285 -49.39 56.89 -42.61
C LEU E 285 -49.48 57.93 -43.71
N ASN E 286 -49.56 59.21 -43.32
CA ASN E 286 -49.54 60.29 -44.32
C ASN E 286 -48.21 60.31 -45.06
N GLU E 287 -47.14 59.90 -44.39
CA GLU E 287 -45.81 59.92 -45.01
C GLU E 287 -45.68 58.86 -46.08
N ALA E 288 -45.80 57.59 -45.69
CA ALA E 288 -45.63 56.47 -46.62
C ALA E 288 -46.50 55.32 -46.14
N GLY E 289 -46.22 54.12 -46.64
CA GLY E 289 -46.98 52.94 -46.27
C GLY E 289 -48.17 52.69 -47.18
N VAL E 290 -49.17 53.57 -47.11
CA VAL E 290 -50.38 53.48 -47.92
C VAL E 290 -51.04 52.12 -47.73
N GLN E 291 -51.08 51.64 -46.48
CA GLN E 291 -51.72 50.37 -46.16
C GLN E 291 -53.16 50.65 -45.77
N ALA E 292 -54.07 50.56 -46.75
CA ALA E 292 -55.47 50.85 -46.49
C ALA E 292 -56.08 49.85 -45.51
N ASN E 293 -55.76 48.56 -45.67
CA ASN E 293 -56.29 47.49 -44.82
C ASN E 293 -57.82 47.52 -44.82
N THR E 294 -58.40 47.80 -46.00
CA THR E 294 -59.85 47.81 -46.17
C THR E 294 -60.43 46.42 -46.39
N SER E 295 -59.58 45.41 -46.54
CA SER E 295 -60.01 44.01 -46.72
C SER E 295 -61.22 43.61 -45.89
N PRO E 296 -61.35 43.98 -44.58
CA PRO E 296 -62.53 43.58 -43.80
C PRO E 296 -63.87 43.81 -44.49
N THR E 297 -63.93 44.58 -45.57
CA THR E 297 -65.11 44.51 -46.44
C THR E 297 -64.83 43.67 -47.68
N GLU E 298 -63.87 44.08 -48.51
CA GLU E 298 -63.68 43.41 -49.80
C GLU E 298 -63.58 41.91 -49.63
N ARG E 299 -62.83 41.47 -48.61
CA ARG E 299 -62.65 40.05 -48.34
C ARG E 299 -63.94 39.28 -48.52
N ARG E 300 -64.98 39.61 -47.74
CA ARG E 300 -66.11 38.70 -47.73
C ARG E 300 -66.82 38.70 -49.09
N ASN E 301 -66.90 39.87 -49.74
CA ASN E 301 -67.55 39.88 -51.06
C ASN E 301 -66.78 38.99 -52.02
N ALA E 302 -65.45 39.04 -51.98
CA ALA E 302 -64.65 38.14 -52.79
C ALA E 302 -65.02 36.70 -52.50
N VAL E 303 -65.10 36.34 -51.21
CA VAL E 303 -65.49 34.98 -50.85
C VAL E 303 -66.86 34.68 -51.42
N LEU E 304 -67.79 35.64 -51.31
CA LEU E 304 -69.12 35.47 -51.88
C LEU E 304 -69.02 35.11 -53.35
N LYS E 305 -68.20 35.87 -54.10
CA LYS E 305 -68.05 35.57 -55.51
C LYS E 305 -67.52 34.16 -55.73
N SER E 306 -66.53 33.75 -54.92
CA SER E 306 -66.06 32.38 -55.02
C SER E 306 -67.18 31.40 -54.75
N LEU E 307 -67.99 31.68 -53.73
CA LEU E 307 -69.17 30.85 -53.49
C LEU E 307 -70.11 30.90 -54.68
N VAL E 308 -70.30 32.10 -55.25
CA VAL E 308 -71.08 32.21 -56.47
C VAL E 308 -70.44 31.40 -57.59
N ASP E 309 -69.11 31.38 -57.63
CA ASP E 309 -68.41 30.53 -58.58
C ASP E 309 -68.68 29.06 -58.28
N ALA E 310 -68.69 28.68 -57.01
CA ALA E 310 -68.93 27.29 -56.65
C ALA E 310 -70.39 26.91 -56.81
N GLY E 311 -71.29 27.79 -56.39
CA GLY E 311 -72.71 27.50 -56.42
C GLY E 311 -73.21 27.06 -55.06
N VAL E 312 -73.82 27.99 -54.32
CA VAL E 312 -74.20 27.76 -52.93
C VAL E 312 -75.65 28.19 -52.74
N SER E 313 -76.41 27.40 -51.99
CA SER E 313 -77.76 27.77 -51.63
C SER E 313 -77.75 28.95 -50.66
N SER E 314 -78.91 29.60 -50.52
CA SER E 314 -79.01 30.80 -49.70
C SER E 314 -78.63 30.54 -48.25
N LYS E 315 -78.91 29.33 -47.74
CA LYS E 315 -78.53 29.00 -46.37
C LYS E 315 -77.02 29.04 -46.19
N GLY E 316 -76.28 28.51 -47.16
CA GLY E 316 -74.82 28.57 -47.08
C GLY E 316 -74.31 30.00 -47.12
N ILE E 317 -74.93 30.85 -47.93
CA ILE E 317 -74.54 32.26 -47.99
C ILE E 317 -74.78 32.93 -46.65
N ALA E 318 -75.92 32.64 -46.02
CA ALA E 318 -76.20 33.20 -44.70
C ALA E 318 -75.19 32.71 -43.67
N GLN E 319 -74.83 31.43 -43.73
CA GLN E 319 -73.83 30.91 -42.82
C GLN E 319 -72.48 31.60 -43.02
N ALA E 320 -72.11 31.83 -44.28
CA ALA E 320 -70.85 32.51 -44.56
C ALA E 320 -70.86 33.95 -44.05
N LYS E 321 -71.99 34.65 -44.23
CA LYS E 321 -72.09 36.02 -43.72
C LYS E 321 -71.99 36.06 -42.20
N GLN E 322 -72.64 35.09 -41.53
CA GLN E 322 -72.53 35.01 -40.08
C GLN E 322 -71.09 34.72 -39.65
N GLU E 323 -70.41 33.83 -40.37
CA GLU E 323 -69.02 33.54 -40.05
C GLU E 323 -68.15 34.78 -40.23
N MET E 324 -68.40 35.56 -41.29
CA MET E 324 -67.72 36.85 -41.44
C MET E 324 -67.95 37.77 -40.27
N GLU E 325 -69.21 37.98 -39.87
CA GLU E 325 -69.45 38.94 -38.81
C GLU E 325 -68.79 38.48 -37.51
N LEU E 326 -68.91 37.19 -37.18
CA LEU E 326 -68.34 36.70 -35.93
C LEU E 326 -66.82 36.71 -35.97
N ARG E 327 -66.23 36.34 -37.10
CA ARG E 327 -64.78 36.33 -37.22
C ARG E 327 -64.20 37.73 -37.13
N GLU E 328 -64.85 38.70 -37.77
CA GLU E 328 -64.37 40.08 -37.71
C GLU E 328 -64.54 40.64 -36.31
N SER E 329 -65.64 40.32 -35.64
CA SER E 329 -65.81 40.74 -34.25
C SER E 329 -64.72 40.13 -33.37
N LEU E 330 -64.43 38.84 -33.55
CA LEU E 330 -63.40 38.18 -32.77
C LEU E 330 -62.02 38.81 -33.03
N GLU E 331 -61.73 39.12 -34.30
CA GLU E 331 -60.46 39.75 -34.62
C GLU E 331 -60.35 41.14 -34.02
N GLY E 332 -61.47 41.86 -33.93
CA GLY E 332 -61.45 43.19 -33.35
C GLY E 332 -61.25 43.21 -31.84
N LEU E 333 -61.50 42.11 -31.16
CA LEU E 333 -61.41 42.08 -29.71
C LEU E 333 -59.94 42.05 -29.25
N ALA E 334 -59.72 42.56 -28.05
CA ALA E 334 -58.42 42.41 -27.40
C ALA E 334 -58.22 40.96 -26.99
N PRO E 335 -56.97 40.50 -26.87
CA PRO E 335 -56.74 39.09 -26.53
C PRO E 335 -57.46 38.61 -25.28
N GLN E 336 -57.42 39.38 -24.19
CA GLN E 336 -58.13 38.98 -22.98
C GLN E 336 -59.63 39.00 -23.20
N ASP E 337 -60.15 40.05 -23.84
CA ASP E 337 -61.57 40.12 -24.12
C ASP E 337 -61.98 39.02 -25.11
N ARG E 338 -61.12 38.72 -26.07
CA ARG E 338 -61.40 37.64 -27.01
C ARG E 338 -61.49 36.30 -26.28
N THR E 339 -60.58 36.05 -25.35
CA THR E 339 -60.64 34.82 -24.56
C THR E 339 -61.91 34.77 -23.73
N LYS E 340 -62.30 35.89 -23.13
CA LYS E 340 -63.53 35.93 -22.35
C LYS E 340 -64.74 35.61 -23.22
N VAL E 341 -64.80 36.22 -24.41
CA VAL E 341 -65.93 36.00 -25.30
C VAL E 341 -66.00 34.56 -25.77
N GLU E 342 -64.85 33.99 -26.16
CA GLU E 342 -64.86 32.61 -26.65
C GLU E 342 -65.20 31.63 -25.53
N ALA E 343 -64.76 31.91 -24.31
CA ALA E 343 -65.12 31.03 -23.20
C ALA E 343 -66.60 31.15 -22.85
N THR E 344 -67.17 32.35 -22.94
CA THR E 344 -68.62 32.48 -22.74
C THR E 344 -69.39 31.74 -23.84
N ILE E 345 -68.88 31.79 -25.06
CA ILE E 345 -69.50 31.02 -26.15
C ILE E 345 -69.45 29.53 -25.85
N GLY E 346 -68.30 29.05 -25.38
CA GLY E 346 -68.20 27.65 -25.01
C GLY E 346 -69.16 27.28 -23.90
N ALA E 347 -69.32 28.16 -22.91
CA ALA E 347 -70.25 27.91 -21.82
C ALA E 347 -71.68 27.83 -22.31
N VAL E 348 -72.08 28.76 -23.18
CA VAL E 348 -73.45 28.78 -23.67
C VAL E 348 -73.69 27.64 -24.66
N ASN E 349 -72.63 27.08 -25.23
CA ASN E 349 -72.74 25.92 -26.11
C ASN E 349 -72.49 24.59 -25.39
N ALA E 350 -72.19 24.63 -24.10
CA ALA E 350 -71.90 23.41 -23.36
C ALA E 350 -73.06 22.42 -23.38
N GLU E 351 -74.29 22.91 -23.18
CA GLU E 351 -75.44 21.99 -23.17
C GLU E 351 -75.67 21.37 -24.54
N LEU E 352 -75.50 22.17 -25.61
CA LEU E 352 -75.59 21.63 -26.96
C LEU E 352 -74.50 20.58 -27.19
N ASP E 353 -73.30 20.85 -26.70
CA ASP E 353 -72.21 19.89 -26.84
C ASP E 353 -72.52 18.59 -26.12
N THR E 354 -73.09 18.68 -24.91
CA THR E 354 -73.43 17.49 -24.16
C THR E 354 -74.50 16.67 -24.87
N LEU E 355 -75.54 17.35 -25.38
CA LEU E 355 -76.56 16.64 -26.13
C LEU E 355 -75.97 15.97 -27.36
N GLN E 356 -75.11 16.69 -28.08
CA GLN E 356 -74.49 16.14 -29.28
C GLN E 356 -73.65 14.91 -28.96
N ARG E 357 -72.80 15.00 -27.94
CA ARG E 357 -71.94 13.87 -27.63
C ARG E 357 -72.77 12.67 -27.20
N THR E 358 -73.76 12.88 -26.33
CA THR E 358 -74.59 11.76 -25.87
C THR E 358 -75.30 11.09 -27.03
N ALA E 359 -75.86 11.89 -27.94
CA ALA E 359 -76.47 11.33 -29.14
C ALA E 359 -75.43 10.54 -29.94
N THR E 360 -74.19 11.01 -29.99
CA THR E 360 -73.18 10.29 -30.75
C THR E 360 -72.87 8.93 -30.13
N GLU E 361 -72.73 8.84 -28.80
CA GLU E 361 -72.48 7.51 -28.24
C GLU E 361 -73.68 6.61 -28.47
N ASP E 362 -74.90 7.13 -28.29
CA ASP E 362 -76.08 6.31 -28.53
C ASP E 362 -76.10 5.75 -29.94
N TYR E 363 -75.87 6.62 -30.94
CA TYR E 363 -75.97 6.18 -32.32
C TYR E 363 -74.79 5.29 -32.72
N GLU E 364 -73.59 5.52 -32.18
CA GLU E 364 -72.49 4.63 -32.53
C GLU E 364 -72.65 3.26 -31.89
N ARG E 365 -73.24 3.19 -30.69
CA ARG E 365 -73.57 1.89 -30.12
C ARG E 365 -74.61 1.19 -30.99
N GLU E 366 -75.62 1.92 -31.45
CA GLU E 366 -76.61 1.31 -32.33
C GLU E 366 -75.97 0.82 -33.63
N VAL E 367 -74.97 1.55 -34.13
CA VAL E 367 -74.21 1.11 -35.30
C VAL E 367 -73.45 -0.17 -34.98
N ALA E 368 -72.80 -0.22 -33.81
CA ALA E 368 -72.12 -1.44 -33.40
C ALA E 368 -73.07 -2.62 -33.31
N ARG E 369 -74.33 -2.36 -32.99
CA ARG E 369 -75.33 -3.41 -32.98
C ARG E 369 -75.77 -3.80 -34.39
N ASN E 370 -75.88 -2.82 -35.30
CA ASN E 370 -76.49 -3.05 -36.60
C ASN E 370 -75.45 -2.99 -37.71
N PRO E 371 -75.24 -4.08 -38.46
CA PRO E 371 -74.33 -4.01 -39.61
C PRO E 371 -74.94 -3.30 -40.80
N PHE E 372 -76.27 -3.34 -40.90
CA PHE E 372 -76.95 -2.77 -42.05
C PHE E 372 -76.79 -1.25 -42.10
N VAL E 373 -76.65 -0.61 -40.94
CA VAL E 373 -76.48 0.84 -40.91
C VAL E 373 -75.08 1.26 -41.34
N GLU E 374 -74.10 0.35 -41.28
CA GLU E 374 -72.72 0.67 -41.63
C GLU E 374 -72.05 -0.55 -42.25
N PRO E 375 -71.94 -0.60 -43.57
CA PRO E 375 -71.22 -1.69 -44.24
C PRO E 375 -69.71 -1.47 -44.14
N ASP E 376 -68.96 -2.38 -44.78
CA ASP E 376 -67.52 -2.29 -44.80
C ASP E 376 -66.98 -2.98 -46.04
N LYS E 377 -65.95 -2.40 -46.65
CA LYS E 377 -65.33 -2.98 -47.83
C LYS E 377 -64.31 -4.06 -47.48
N ASP E 378 -63.87 -4.13 -46.22
CA ASP E 378 -62.90 -5.15 -45.83
C ASP E 378 -63.43 -6.57 -45.97
N PRO E 379 -64.63 -6.92 -45.49
CA PRO E 379 -65.09 -8.31 -45.61
C PRO E 379 -65.17 -8.81 -47.05
N LEU E 380 -65.13 -7.92 -48.05
CA LEU E 380 -65.07 -8.35 -49.43
C LEU E 380 -63.88 -9.27 -49.68
N GLY E 381 -62.78 -9.08 -48.94
CA GLY E 381 -61.64 -9.97 -49.06
C GLY E 381 -61.65 -11.08 -48.04
N SER E 382 -62.52 -10.95 -47.03
CA SER E 382 -62.59 -11.95 -45.97
C SER E 382 -63.31 -13.22 -46.41
N VAL E 383 -64.33 -13.09 -47.26
CA VAL E 383 -65.22 -14.20 -47.59
C VAL E 383 -64.44 -15.43 -48.03
N ASN E 384 -63.25 -15.23 -48.59
CA ASN E 384 -62.46 -16.36 -49.10
C ASN E 384 -62.21 -17.40 -48.03
N LYS E 385 -61.96 -16.97 -46.79
CA LYS E 385 -61.67 -17.95 -45.74
C LYS E 385 -62.87 -18.84 -45.48
N ILE E 386 -64.08 -18.28 -45.58
CA ILE E 386 -65.29 -19.10 -45.45
C ILE E 386 -65.31 -20.18 -46.52
N VAL E 387 -64.82 -19.85 -47.72
CA VAL E 387 -64.73 -20.85 -48.79
C VAL E 387 -63.89 -22.04 -48.32
N ASP E 388 -62.81 -21.77 -47.59
CA ASP E 388 -61.98 -22.87 -47.08
C ASP E 388 -62.79 -23.77 -46.16
N LYS E 389 -63.67 -23.18 -45.34
CA LYS E 389 -64.50 -23.99 -44.45
C LYS E 389 -65.47 -24.87 -45.21
N ALA E 390 -65.67 -24.62 -46.50
CA ALA E 390 -66.52 -25.48 -47.32
C ALA E 390 -65.76 -26.64 -47.94
N VAL E 391 -64.44 -26.72 -47.74
CA VAL E 391 -63.61 -27.73 -48.38
C VAL E 391 -63.03 -28.71 -47.37
N LYS E 392 -62.59 -28.22 -46.21
CA LYS E 392 -61.91 -29.07 -45.23
C LYS E 392 -62.91 -30.06 -44.64
N SER E 393 -62.85 -31.31 -45.11
CA SER E 393 -63.72 -32.39 -44.63
C SER E 393 -65.19 -31.99 -44.71
N GLY E 394 -65.56 -31.32 -45.81
CA GLY E 394 -66.92 -30.87 -45.98
C GLY E 394 -67.42 -31.00 -47.41
N PHE E 395 -68.68 -31.41 -47.56
CA PHE E 395 -69.28 -31.56 -48.88
C PHE E 395 -69.94 -30.24 -49.28
N GLY E 396 -69.27 -29.47 -50.13
CA GLY E 396 -69.80 -28.22 -50.59
C GLY E 396 -70.07 -28.22 -52.09
N TRP E 397 -69.66 -27.16 -52.78
CA TRP E 397 -69.82 -27.11 -54.22
C TRP E 397 -68.93 -28.16 -54.89
N GLU E 398 -69.43 -28.70 -56.00
CA GLU E 398 -68.73 -29.75 -56.74
C GLU E 398 -67.58 -29.13 -57.53
N GLY E 399 -66.51 -28.81 -56.81
CA GLY E 399 -65.34 -28.21 -57.44
C GLY E 399 -65.59 -26.86 -58.06
N ASP E 400 -66.33 -25.99 -57.36
CA ASP E 400 -66.69 -24.67 -57.85
C ASP E 400 -66.26 -23.60 -56.86
N ARG E 401 -65.03 -23.71 -56.37
CA ARG E 401 -64.52 -22.71 -55.43
C ARG E 401 -64.46 -21.33 -56.08
N GLN E 402 -64.00 -21.24 -57.32
CA GLN E 402 -63.99 -19.97 -58.03
C GLN E 402 -65.41 -19.46 -58.25
N ASP E 403 -66.34 -20.35 -58.60
CA ASP E 403 -67.72 -19.94 -58.77
C ASP E 403 -68.33 -19.46 -57.47
N LEU E 404 -68.03 -20.15 -56.37
CA LEU E 404 -68.52 -19.71 -55.06
C LEU E 404 -67.96 -18.33 -54.71
N ASN E 405 -66.66 -18.13 -54.95
CA ASN E 405 -66.07 -16.83 -54.67
C ASN E 405 -66.70 -15.73 -55.50
N ASN E 406 -66.93 -15.99 -56.79
CA ASN E 406 -67.54 -15.00 -57.66
C ASN E 406 -68.96 -14.67 -57.20
N MET E 407 -69.76 -15.69 -56.87
CA MET E 407 -71.13 -15.43 -56.45
C MET E 407 -71.16 -14.72 -55.09
N LEU E 408 -70.24 -15.04 -54.19
CA LEU E 408 -70.22 -14.38 -52.89
C LEU E 408 -69.80 -12.92 -53.02
N VAL E 409 -68.80 -12.63 -53.85
CA VAL E 409 -68.40 -11.23 -54.02
C VAL E 409 -69.48 -10.46 -54.77
N ASP E 410 -70.20 -11.12 -55.68
CA ASP E 410 -71.34 -10.46 -56.32
C ASP E 410 -72.43 -10.13 -55.31
N PHE E 411 -72.71 -11.07 -54.40
CA PHE E 411 -73.73 -10.84 -53.39
C PHE E 411 -73.32 -9.73 -52.43
N ALA E 412 -72.04 -9.69 -52.07
CA ALA E 412 -71.53 -8.63 -51.20
C ALA E 412 -71.29 -7.32 -51.93
N THR E 413 -71.39 -7.31 -53.26
CA THR E 413 -71.23 -6.10 -54.06
C THR E 413 -72.56 -5.49 -54.48
N ASN E 414 -73.46 -6.31 -55.03
CA ASN E 414 -74.74 -5.82 -55.51
C ASN E 414 -75.91 -6.18 -54.61
N GLY E 415 -75.83 -7.28 -53.86
CA GLY E 415 -76.88 -7.69 -52.98
C GLY E 415 -77.76 -8.77 -53.57
N ILE E 416 -78.51 -9.44 -52.69
CA ILE E 416 -79.41 -10.50 -53.08
C ILE E 416 -80.75 -9.91 -53.50
N LYS E 417 -81.47 -10.63 -54.34
CA LYS E 417 -82.79 -10.20 -54.81
C LYS E 417 -83.82 -10.55 -53.75
N LEU E 418 -84.21 -9.56 -52.96
CA LEU E 418 -85.23 -9.80 -51.94
C LEU E 418 -86.58 -10.07 -52.60
N PRO E 419 -87.38 -10.98 -52.05
CA PRO E 419 -88.67 -11.30 -52.68
C PRO E 419 -89.62 -10.13 -52.76
N ASP E 420 -89.47 -9.12 -51.91
CA ASP E 420 -90.37 -7.96 -51.98
C ASP E 420 -90.21 -7.20 -53.29
N GLY E 421 -89.03 -7.26 -53.90
CA GLY E 421 -88.77 -6.55 -55.13
C GLY E 421 -87.58 -5.61 -55.02
N ARG E 422 -86.82 -5.74 -53.93
CA ARG E 422 -85.67 -4.89 -53.67
C ARG E 422 -84.41 -5.73 -53.65
N THR E 423 -83.27 -5.06 -53.50
CA THR E 423 -81.96 -5.69 -53.48
C THR E 423 -81.18 -5.13 -52.29
N ALA E 424 -80.80 -6.01 -51.37
CA ALA E 424 -80.07 -5.62 -50.17
C ALA E 424 -78.76 -6.40 -50.08
N VAL E 425 -77.71 -5.72 -49.67
CA VAL E 425 -76.38 -6.34 -49.55
C VAL E 425 -76.28 -7.04 -48.20
N VAL E 426 -75.90 -8.31 -48.23
CA VAL E 426 -75.80 -9.11 -47.01
C VAL E 426 -74.53 -8.72 -46.27
N PRO E 427 -74.60 -8.49 -44.95
CA PRO E 427 -73.38 -8.19 -44.19
C PRO E 427 -72.50 -9.41 -43.97
N SER E 428 -71.43 -9.26 -43.19
CA SER E 428 -70.41 -10.29 -43.09
C SER E 428 -70.76 -11.36 -42.06
N LYS E 429 -70.95 -10.96 -40.80
CA LYS E 429 -71.12 -11.97 -39.76
C LYS E 429 -72.45 -12.70 -39.89
N LEU E 430 -73.49 -12.03 -40.40
CA LEU E 430 -74.72 -12.74 -40.71
C LEU E 430 -74.47 -13.81 -41.76
N LEU E 431 -73.67 -13.48 -42.78
CA LEU E 431 -73.32 -14.45 -43.81
C LEU E 431 -72.58 -15.65 -43.22
N GLU E 432 -71.58 -15.39 -42.37
CA GLU E 432 -70.78 -16.49 -41.87
C GLU E 432 -71.56 -17.35 -40.88
N GLN E 433 -72.46 -16.74 -40.11
CA GLN E 433 -73.30 -17.54 -39.22
C GLN E 433 -74.36 -18.31 -40.00
N ALA E 434 -74.80 -17.78 -41.15
CA ALA E 434 -75.66 -18.55 -42.03
C ALA E 434 -74.93 -19.76 -42.58
N PHE E 435 -73.65 -19.59 -42.96
CA PHE E 435 -72.89 -20.71 -43.50
C PHE E 435 -72.57 -21.74 -42.42
N ASN E 436 -72.27 -21.27 -41.21
CA ASN E 436 -71.83 -22.16 -40.13
C ASN E 436 -73.05 -22.84 -39.53
N THR E 437 -73.31 -24.07 -39.98
CA THR E 437 -74.41 -24.87 -39.47
C THR E 437 -73.85 -26.02 -38.63
N THR E 438 -74.74 -26.90 -38.16
CA THR E 438 -74.30 -28.03 -37.35
C THR E 438 -73.53 -29.05 -38.18
N ASN E 439 -73.91 -29.22 -39.45
CA ASN E 439 -73.21 -30.15 -40.34
C ASN E 439 -73.26 -29.58 -41.75
N THR E 440 -72.08 -29.35 -42.33
CA THR E 440 -71.98 -28.66 -43.62
C THR E 440 -72.52 -29.49 -44.80
N TRP E 441 -72.83 -30.76 -44.58
CA TRP E 441 -73.35 -31.60 -45.67
C TRP E 441 -74.71 -31.13 -46.17
N LEU E 442 -75.42 -30.32 -45.37
CA LEU E 442 -76.74 -29.86 -45.80
C LEU E 442 -76.63 -28.84 -46.92
N PHE E 443 -75.57 -28.04 -46.93
CA PHE E 443 -75.40 -26.94 -47.88
C PHE E 443 -74.27 -27.30 -48.84
N LYS E 444 -74.64 -27.79 -50.03
CA LYS E 444 -73.67 -28.19 -51.04
C LYS E 444 -73.77 -27.38 -52.31
N ASN E 445 -74.96 -27.29 -52.91
CA ASN E 445 -75.11 -26.59 -54.17
C ASN E 445 -75.33 -25.09 -53.94
N ALA E 446 -75.12 -24.32 -55.01
CA ALA E 446 -75.30 -22.86 -54.92
C ALA E 446 -76.76 -22.50 -54.66
N GLY E 447 -77.69 -23.22 -55.29
CA GLY E 447 -79.10 -22.93 -55.08
C GLY E 447 -79.53 -23.10 -53.64
N ASP E 448 -79.05 -24.17 -52.99
CA ASP E 448 -79.42 -24.41 -51.60
C ASP E 448 -78.89 -23.31 -50.69
N VAL E 449 -77.64 -22.89 -50.87
CA VAL E 449 -77.08 -21.86 -50.00
C VAL E 449 -77.73 -20.51 -50.27
N GLU E 450 -78.06 -20.20 -51.52
CA GLU E 450 -78.73 -18.92 -51.77
C GLU E 450 -80.15 -18.94 -51.22
N LYS E 451 -80.83 -20.08 -51.28
CA LYS E 451 -82.14 -20.18 -50.62
C LYS E 451 -82.00 -20.00 -49.11
N ARG E 452 -80.95 -20.57 -48.52
CA ARG E 452 -80.71 -20.43 -47.09
C ARG E 452 -80.51 -18.96 -46.71
N ILE E 453 -79.66 -18.25 -47.45
CA ILE E 453 -79.40 -16.86 -47.10
C ILE E 453 -80.63 -16.01 -47.37
N ILE E 454 -81.40 -16.34 -48.42
CA ILE E 454 -82.62 -15.59 -48.70
C ILE E 454 -83.62 -15.75 -47.56
N GLU E 455 -83.82 -16.98 -47.09
CA GLU E 455 -84.79 -17.18 -46.02
C GLU E 455 -84.29 -16.62 -44.69
N LEU E 456 -82.97 -16.58 -44.49
CA LEU E 456 -82.46 -16.01 -43.24
C LEU E 456 -82.53 -14.49 -43.24
N MET E 457 -82.32 -13.85 -44.39
CA MET E 457 -82.43 -12.40 -44.45
C MET E 457 -83.88 -11.93 -44.31
N THR E 458 -84.84 -12.82 -44.58
CA THR E 458 -86.25 -12.49 -44.44
C THR E 458 -86.78 -12.70 -43.04
N THR E 459 -85.89 -12.88 -42.05
CA THR E 459 -86.33 -13.03 -40.68
C THR E 459 -87.03 -11.77 -40.21
N ASP E 460 -88.10 -11.94 -39.42
CA ASP E 460 -88.91 -10.81 -38.98
C ASP E 460 -88.07 -9.80 -38.21
N GLY E 461 -87.33 -10.26 -37.20
CA GLY E 461 -86.46 -9.35 -36.47
C GLY E 461 -85.37 -8.77 -37.33
N MET E 462 -84.76 -9.60 -38.18
CA MET E 462 -83.74 -9.10 -39.09
C MET E 462 -84.31 -8.08 -40.06
N THR E 463 -85.51 -8.33 -40.58
CA THR E 463 -86.15 -7.37 -41.48
C THR E 463 -86.41 -6.05 -40.77
N GLN E 464 -87.01 -6.11 -39.58
CA GLN E 464 -87.29 -4.90 -38.82
C GLN E 464 -86.02 -4.11 -38.57
N MET E 465 -84.94 -4.81 -38.21
CA MET E 465 -83.65 -4.16 -38.04
C MET E 465 -83.17 -3.51 -39.33
N ARG E 466 -83.43 -4.17 -40.47
CA ARG E 466 -83.03 -3.64 -41.76
C ARG E 466 -83.71 -2.30 -42.05
N GLU E 467 -85.03 -2.24 -41.92
CA GLU E 467 -85.64 -0.92 -42.15
C GLU E 467 -85.48 0.03 -40.97
N ASP E 468 -84.98 -0.44 -39.83
CA ASP E 468 -84.66 0.47 -38.74
C ASP E 468 -83.35 1.21 -38.99
N ALA E 469 -82.39 0.55 -39.65
CA ALA E 469 -81.08 1.17 -39.86
C ALA E 469 -81.13 2.51 -40.59
N PRO E 470 -81.79 2.65 -41.75
CA PRO E 470 -81.80 3.97 -42.40
C PRO E 470 -82.50 5.04 -41.58
N THR E 471 -83.55 4.67 -40.85
CA THR E 471 -84.28 5.65 -40.04
C THR E 471 -83.40 6.23 -38.95
N ILE E 472 -82.69 5.35 -38.22
CA ILE E 472 -81.80 5.86 -37.18
C ILE E 472 -80.63 6.63 -37.78
N ARG E 473 -80.16 6.22 -38.95
CA ARG E 473 -79.07 6.95 -39.60
C ARG E 473 -79.50 8.38 -39.94
N GLU E 474 -80.66 8.53 -40.58
CA GLU E 474 -81.13 9.86 -40.94
C GLU E 474 -81.50 10.66 -39.70
N ASN E 475 -81.99 10.01 -38.64
CA ASN E 475 -82.24 10.72 -37.39
C ASN E 475 -80.95 11.26 -36.80
N PHE E 476 -79.87 10.47 -36.84
CA PHE E 476 -78.58 10.94 -36.36
C PHE E 476 -78.10 12.14 -37.17
N LEU E 477 -78.24 12.06 -38.50
CA LEU E 477 -77.80 13.17 -39.34
C LEU E 477 -78.62 14.43 -39.05
N LYS E 478 -79.94 14.29 -38.93
CA LYS E 478 -80.78 15.44 -38.63
C LYS E 478 -80.43 16.04 -37.26
N THR E 479 -80.19 15.19 -36.26
CA THR E 479 -79.86 15.68 -34.94
C THR E 479 -78.56 16.45 -34.94
N VAL E 480 -77.52 15.94 -35.61
CA VAL E 480 -76.25 16.64 -35.62
C VAL E 480 -76.36 17.94 -36.41
N SER E 481 -77.15 17.95 -37.49
CA SER E 481 -77.36 19.18 -38.24
C SER E 481 -78.05 20.22 -37.38
N ASP E 482 -79.09 19.82 -36.65
CA ASP E 482 -79.79 20.76 -35.77
C ASP E 482 -78.89 21.26 -34.66
N ILE E 483 -78.04 20.37 -34.11
CA ILE E 483 -77.11 20.78 -33.06
C ILE E 483 -76.16 21.85 -33.59
N ALA E 484 -75.61 21.62 -34.78
CA ALA E 484 -74.70 22.60 -35.38
C ALA E 484 -75.41 23.93 -35.64
N ASN E 485 -76.64 23.86 -36.17
CA ASN E 485 -77.38 25.08 -36.45
C ASN E 485 -77.66 25.87 -35.18
N GLN E 486 -78.07 25.18 -34.12
CA GLN E 486 -78.35 25.86 -32.85
C GLN E 486 -77.08 26.44 -32.25
N LYS E 487 -75.97 25.71 -32.35
CA LYS E 487 -74.69 26.24 -31.87
C LYS E 487 -74.35 27.53 -32.59
N ARG E 488 -74.43 27.52 -33.92
CA ARG E 488 -74.12 28.73 -34.68
C ARG E 488 -75.08 29.86 -34.34
N SER E 489 -76.37 29.55 -34.15
CA SER E 489 -77.36 30.58 -33.87
C SER E 489 -77.11 31.24 -32.52
N ASN E 490 -76.89 30.45 -31.47
CA ASN E 490 -76.62 31.05 -30.17
C ASN E 490 -75.29 31.79 -30.18
N ALA E 491 -74.31 31.28 -30.92
CA ALA E 491 -73.03 31.99 -31.02
C ALA E 491 -73.20 33.35 -31.68
N VAL E 492 -73.94 33.42 -32.79
CA VAL E 492 -74.10 34.69 -33.50
C VAL E 492 -74.90 35.66 -32.64
N LYS E 493 -75.95 35.16 -31.96
CA LYS E 493 -76.74 36.05 -31.11
C LYS E 493 -75.90 36.62 -29.97
N VAL E 494 -75.13 35.76 -29.29
CA VAL E 494 -74.31 36.24 -28.17
C VAL E 494 -73.26 37.22 -28.65
N THR E 495 -72.61 36.92 -29.78
CA THR E 495 -71.57 37.80 -30.29
C THR E 495 -72.13 39.17 -30.69
N ARG E 496 -73.27 39.19 -31.38
CA ARG E 496 -73.83 40.46 -31.79
C ARG E 496 -74.33 41.26 -30.59
N SER E 497 -74.91 40.58 -29.59
CA SER E 497 -75.32 41.28 -28.37
C SER E 497 -74.12 41.89 -27.65
N ALA E 498 -73.03 41.13 -27.54
CA ALA E 498 -71.83 41.64 -26.90
C ALA E 498 -71.25 42.82 -27.66
N GLU E 499 -71.23 42.72 -29.00
CA GLU E 499 -70.71 43.83 -29.81
C GLU E 499 -71.55 45.08 -29.65
N ARG E 500 -72.88 44.93 -29.63
CA ARG E 500 -73.74 46.08 -29.41
C ARG E 500 -73.53 46.68 -28.03
N GLU E 501 -73.38 45.83 -27.01
CA GLU E 501 -73.22 46.34 -25.64
C GLU E 501 -71.88 47.05 -25.47
N LYS E 502 -70.81 46.53 -26.06
CA LYS E 502 -69.50 47.19 -25.96
C LYS E 502 -69.53 48.55 -26.64
N GLY E 503 -70.15 48.65 -27.80
CA GLY E 503 -70.24 49.91 -28.52
C GLY E 503 -71.55 50.09 -29.26
N ASP F 95 -25.83 17.08 -79.64
CA ASP F 95 -25.38 18.36 -80.17
C ASP F 95 -26.36 18.91 -81.21
N ARG F 96 -26.23 20.19 -81.52
CA ARG F 96 -27.09 20.86 -82.50
C ARG F 96 -26.25 21.24 -83.71
N ALA F 97 -26.70 20.84 -84.89
CA ALA F 97 -26.02 21.14 -86.14
C ALA F 97 -26.78 22.13 -87.02
N ALA F 98 -27.76 22.83 -86.46
CA ALA F 98 -28.54 23.77 -87.24
C ALA F 98 -27.71 24.99 -87.63
N THR F 99 -28.03 25.57 -88.77
CA THR F 99 -27.33 26.74 -89.28
C THR F 99 -27.94 27.99 -88.69
N ARG F 100 -27.11 28.82 -88.03
CA ARG F 100 -27.60 30.02 -87.40
C ARG F 100 -28.09 31.04 -88.43
N ASP F 101 -27.27 31.32 -89.45
CA ASP F 101 -27.59 32.26 -90.52
C ASP F 101 -27.81 33.64 -89.92
N ALA F 102 -28.98 34.27 -90.07
CA ALA F 102 -29.17 35.64 -89.62
C ALA F 102 -29.12 35.76 -88.11
N ILE F 103 -29.84 34.88 -87.41
CA ILE F 103 -30.02 34.88 -85.96
C ILE F 103 -30.03 36.30 -85.40
N THR F 104 -30.96 37.14 -85.85
CA THR F 104 -30.98 38.53 -85.42
C THR F 104 -31.44 38.66 -83.97
N LYS F 105 -32.32 37.78 -83.51
CA LYS F 105 -32.90 37.88 -82.18
C LYS F 105 -32.81 36.54 -81.46
N GLN F 106 -32.90 36.59 -80.14
CA GLN F 106 -32.98 35.43 -79.26
C GLN F 106 -31.68 34.63 -79.23
N ILE F 107 -30.68 35.05 -80.00
CA ILE F 107 -29.38 34.39 -80.05
C ILE F 107 -28.26 35.31 -79.57
N SER F 108 -28.27 36.57 -80.01
CA SER F 108 -27.43 37.57 -79.37
C SER F 108 -27.83 37.73 -77.90
N ALA F 109 -29.14 37.74 -77.64
CA ALA F 109 -29.62 37.69 -76.27
C ALA F 109 -29.16 36.42 -75.55
N GLN F 110 -29.10 35.30 -76.27
CA GLN F 110 -28.60 34.07 -75.68
C GLN F 110 -27.14 34.20 -75.26
N GLN F 111 -26.31 34.78 -76.12
CA GLN F 111 -24.91 35.01 -75.76
C GLN F 111 -24.80 35.96 -74.58
N ASN F 112 -25.61 37.02 -74.57
CA ASN F 112 -25.56 37.98 -73.47
C ASN F 112 -25.98 37.35 -72.16
N GLN F 113 -27.02 36.50 -72.17
CA GLN F 113 -27.44 35.86 -70.93
C GLN F 113 -26.44 34.80 -70.49
N ALA F 114 -25.77 34.14 -71.44
CA ALA F 114 -24.69 33.24 -71.07
C ALA F 114 -23.56 33.99 -70.38
N ALA F 115 -23.22 35.18 -70.92
CA ALA F 115 -22.20 36.01 -70.28
C ALA F 115 -22.63 36.44 -68.88
N ALA F 116 -23.90 36.83 -68.73
CA ALA F 116 -24.39 37.23 -67.41
C ALA F 116 -24.33 36.07 -66.43
N THR F 117 -24.72 34.87 -66.87
CA THR F 117 -24.71 33.71 -65.98
C THR F 117 -23.28 33.34 -65.58
N GLN F 118 -22.34 33.36 -66.52
CA GLN F 118 -20.97 33.03 -66.17
C GLN F 118 -20.36 34.08 -65.25
N LYS F 119 -20.70 35.36 -65.46
CA LYS F 119 -20.21 36.39 -64.57
C LYS F 119 -20.77 36.21 -63.16
N PHE F 120 -22.06 35.87 -63.06
CA PHE F 120 -22.65 35.61 -61.75
C PHE F 120 -21.99 34.41 -61.07
N ASP F 121 -21.71 33.36 -61.84
CA ASP F 121 -21.04 32.20 -61.27
C ASP F 121 -19.63 32.54 -60.79
N ASP F 122 -18.90 33.35 -61.58
CA ASP F 122 -17.56 33.75 -61.17
C ASP F 122 -17.59 34.60 -59.91
N MET F 123 -18.57 35.52 -59.82
CA MET F 123 -18.69 36.33 -58.62
C MET F 123 -19.06 35.48 -57.40
N GLN F 124 -19.94 34.50 -57.59
CA GLN F 124 -20.32 33.63 -56.49
C GLN F 124 -19.17 32.73 -56.05
N ALA F 125 -18.29 32.35 -56.99
CA ALA F 125 -17.14 31.53 -56.64
C ALA F 125 -16.19 32.23 -55.68
N GLU F 126 -16.22 33.57 -55.64
CA GLU F 126 -15.37 34.35 -54.75
C GLU F 126 -13.89 34.04 -54.97
N VAL F 127 -13.41 34.36 -56.17
CA VAL F 127 -12.01 34.13 -56.51
C VAL F 127 -11.13 35.00 -55.61
N GLY F 128 -10.11 34.38 -55.04
CA GLY F 128 -9.26 35.09 -54.10
C GLY F 128 -9.96 35.32 -52.78
N GLN F 129 -9.51 36.36 -52.08
CA GLN F 129 -10.07 36.76 -50.79
C GLN F 129 -10.88 38.03 -50.96
N ARG F 130 -12.11 38.03 -50.45
CA ARG F 130 -13.00 39.18 -50.54
C ARG F 130 -13.81 39.25 -49.25
N GLY F 131 -14.89 40.03 -49.28
CA GLY F 131 -15.75 40.16 -48.13
C GLY F 131 -16.83 39.11 -48.08
N ILE F 132 -18.08 39.54 -47.93
CA ILE F 132 -19.25 38.65 -47.91
C ILE F 132 -19.09 37.62 -46.78
N VAL F 133 -19.12 38.09 -45.54
CA VAL F 133 -19.03 37.18 -44.40
C VAL F 133 -20.22 36.25 -44.36
N ASP F 134 -21.42 36.78 -44.61
CA ASP F 134 -22.64 35.97 -44.63
C ASP F 134 -22.75 35.30 -46.00
N GLN F 135 -23.92 34.71 -46.29
CA GLN F 135 -24.12 34.04 -47.58
C GLN F 135 -24.01 35.04 -48.73
N LEU F 136 -24.67 36.19 -48.59
CA LEU F 136 -24.63 37.27 -49.58
C LEU F 136 -25.04 36.77 -50.97
N ARG F 137 -26.23 36.19 -51.03
CA ARG F 137 -26.74 35.69 -52.30
C ARG F 137 -26.95 36.81 -53.30
N THR F 138 -27.48 37.96 -52.84
CA THR F 138 -27.69 39.13 -53.67
C THR F 138 -28.56 38.82 -54.89
N LEU F 139 -29.57 37.97 -54.68
CA LEU F 139 -30.49 37.63 -55.76
C LEU F 139 -31.37 38.81 -56.14
N SER F 140 -31.89 39.52 -55.15
CA SER F 140 -32.75 40.68 -55.38
C SER F 140 -32.36 41.78 -54.41
N ALA F 141 -32.98 42.95 -54.59
CA ALA F 141 -32.70 44.08 -53.71
C ALA F 141 -33.10 43.78 -52.28
N GLU F 142 -34.27 43.16 -52.08
CA GLU F 142 -34.71 42.82 -50.73
C GLU F 142 -33.78 41.79 -50.10
N GLY F 143 -33.41 40.76 -50.87
CA GLY F 143 -32.49 39.77 -50.34
C GLY F 143 -31.12 40.34 -50.04
N ARG F 144 -30.64 41.23 -50.92
CA ARG F 144 -29.34 41.87 -50.69
C ARG F 144 -29.38 42.75 -49.44
N ALA F 145 -30.49 43.46 -49.22
CA ALA F 145 -30.63 44.26 -48.00
C ALA F 145 -30.67 43.37 -46.77
N GLY F 146 -31.36 42.22 -46.87
CA GLY F 146 -31.36 41.28 -45.76
C GLY F 146 -29.96 40.75 -45.45
N GLU F 147 -29.19 40.45 -46.50
CA GLU F 147 -27.81 40.02 -46.29
C GLU F 147 -26.96 41.11 -45.67
N VAL F 148 -27.15 42.36 -46.10
CA VAL F 148 -26.41 43.47 -45.50
C VAL F 148 -26.76 43.61 -44.02
N ASN F 149 -28.04 43.46 -43.68
CA ASN F 149 -28.44 43.47 -42.28
C ASN F 149 -27.78 42.31 -41.53
N GLN F 150 -27.69 41.15 -42.17
CA GLN F 150 -27.00 40.02 -41.55
C GLN F 150 -25.53 40.35 -41.29
N ILE F 151 -24.91 41.11 -42.19
CA ILE F 151 -23.53 41.55 -41.97
C ILE F 151 -23.45 42.43 -40.73
N LEU F 152 -24.41 43.34 -40.56
CA LEU F 152 -24.44 44.23 -39.40
C LEU F 152 -24.57 43.44 -38.10
N GLU F 162 -36.97 45.04 -23.70
CA GLU F 162 -35.55 45.42 -23.61
C GLU F 162 -34.69 44.42 -24.37
N ILE F 163 -34.09 43.46 -23.64
CA ILE F 163 -33.30 42.43 -24.29
C ILE F 163 -34.21 41.49 -25.09
N ARG F 164 -35.33 41.08 -24.51
CA ARG F 164 -36.29 40.26 -25.24
C ARG F 164 -36.89 41.01 -26.42
N LYS F 165 -36.96 42.34 -26.33
CA LYS F 165 -37.42 43.14 -27.46
C LYS F 165 -36.60 42.86 -28.72
N GLU F 166 -35.31 43.14 -28.66
CA GLU F 166 -34.44 42.90 -29.80
C GLU F 166 -34.33 41.42 -30.12
N LEU F 167 -34.36 40.55 -29.10
CA LEU F 167 -34.28 39.12 -29.35
C LEU F 167 -35.44 38.64 -30.22
N THR F 168 -36.66 39.13 -29.94
CA THR F 168 -37.80 38.77 -30.77
C THR F 168 -37.78 39.50 -32.12
N GLY F 169 -37.36 40.76 -32.14
CA GLY F 169 -37.40 41.53 -33.37
C GLY F 169 -36.44 41.00 -34.43
N VAL F 170 -35.20 40.68 -34.03
CA VAL F 170 -34.24 40.16 -34.98
C VAL F 170 -34.72 38.83 -35.56
N GLN F 171 -35.25 37.95 -34.70
CA GLN F 171 -35.75 36.67 -35.17
C GLN F 171 -36.92 36.85 -36.13
N ASP F 172 -37.86 37.75 -35.79
CA ASP F 172 -39.00 37.99 -36.68
C ASP F 172 -38.56 38.53 -38.03
N ALA F 173 -37.61 39.48 -38.03
CA ALA F 173 -37.11 40.02 -39.28
C ALA F 173 -36.46 38.93 -40.12
N ILE F 174 -35.63 38.09 -39.49
CA ILE F 174 -34.96 37.02 -40.22
C ILE F 174 -35.99 36.06 -40.81
N GLN F 175 -37.00 35.67 -40.01
CA GLN F 175 -38.01 34.73 -40.50
C GLN F 175 -38.78 35.31 -41.68
N ASN F 176 -39.21 36.57 -41.56
CA ASN F 176 -39.97 37.18 -42.65
C ASN F 176 -39.14 37.28 -43.92
N ARG F 177 -37.89 37.75 -43.79
CA ARG F 177 -37.04 37.89 -44.96
C ARG F 177 -36.77 36.55 -45.62
N GLN F 178 -36.46 35.53 -44.81
CA GLN F 178 -36.18 34.21 -45.36
C GLN F 178 -37.41 33.63 -46.06
N TYR F 179 -38.58 33.77 -45.44
CA TYR F 179 -39.80 33.25 -46.05
C TYR F 179 -40.08 33.93 -47.38
N ARG F 180 -39.96 35.27 -47.41
CA ARG F 180 -40.24 35.99 -48.65
C ARG F 180 -39.25 35.61 -49.74
N ALA F 181 -37.96 35.54 -49.40
CA ALA F 181 -36.96 35.20 -50.40
C ALA F 181 -37.14 33.80 -50.92
N ALA F 182 -37.42 32.84 -50.04
CA ALA F 182 -37.64 31.46 -50.47
C ALA F 182 -38.86 31.36 -51.37
N GLY F 183 -39.94 32.04 -51.00
CA GLY F 183 -41.12 32.03 -51.85
C GLY F 183 -40.85 32.61 -53.22
N GLU F 184 -40.14 33.74 -53.26
CA GLU F 184 -39.84 34.38 -54.54
C GLU F 184 -38.97 33.49 -55.42
N GLN F 185 -37.95 32.86 -54.83
CA GLN F 185 -37.05 32.05 -55.64
C GLN F 185 -37.72 30.76 -56.12
N ARG F 186 -38.55 30.14 -55.26
CA ARG F 186 -39.30 28.97 -55.71
C ARG F 186 -40.28 29.33 -56.82
N ALA F 187 -40.95 30.47 -56.69
CA ALA F 187 -41.86 30.92 -57.73
C ALA F 187 -41.12 31.16 -59.04
N GLN F 188 -39.95 31.79 -58.96
CA GLN F 188 -39.17 32.05 -60.17
C GLN F 188 -38.73 30.75 -60.84
N ALA F 189 -38.27 29.77 -60.05
CA ALA F 189 -37.85 28.50 -60.63
C ALA F 189 -39.03 27.77 -61.27
N ALA F 190 -40.18 27.75 -60.59
CA ALA F 190 -41.36 27.10 -61.15
C ALA F 190 -41.80 27.78 -62.44
N ALA F 191 -41.77 29.12 -62.46
CA ALA F 191 -42.15 29.84 -63.67
C ALA F 191 -41.18 29.55 -64.81
N ASN F 192 -39.88 29.45 -64.50
CA ASN F 192 -38.90 29.12 -65.55
C ASN F 192 -39.17 27.74 -66.13
N ARG F 193 -39.45 26.76 -65.26
CA ARG F 193 -39.75 25.41 -65.75
C ARG F 193 -41.02 25.41 -66.58
N ALA F 194 -42.05 26.14 -66.14
CA ALA F 194 -43.29 26.21 -66.90
C ALA F 194 -43.07 26.86 -68.25
N ALA F 195 -42.27 27.92 -68.31
CA ALA F 195 -41.98 28.58 -69.58
C ALA F 195 -41.23 27.65 -70.52
N GLU F 196 -40.26 26.90 -70.00
CA GLU F 196 -39.55 25.94 -70.84
C GLU F 196 -40.49 24.88 -71.38
N ALA F 197 -41.39 24.36 -70.53
CA ALA F 197 -42.36 23.37 -71.00
C ALA F 197 -43.29 23.95 -72.04
N HIS F 198 -43.72 25.20 -71.86
CA HIS F 198 -44.60 25.82 -72.83
C HIS F 198 -43.90 26.02 -74.17
N SER F 199 -42.63 26.43 -74.14
CA SER F 199 -41.87 26.57 -75.38
C SER F 199 -41.72 25.22 -76.08
N LEU F 200 -41.43 24.16 -75.31
CA LEU F 200 -41.31 22.84 -75.91
C LEU F 200 -42.63 22.40 -76.54
N SER F 201 -43.74 22.65 -75.86
CA SER F 201 -45.05 22.28 -76.40
C SER F 201 -45.36 23.06 -77.67
N MET F 202 -45.06 24.37 -77.67
CA MET F 202 -45.32 25.18 -78.85
C MET F 202 -44.40 24.82 -80.01
N ALA F 203 -43.23 24.24 -79.73
CA ALA F 203 -42.25 23.95 -80.77
C ALA F 203 -42.67 22.79 -81.67
N ALA F 204 -43.91 22.33 -81.54
CA ALA F 204 -44.42 21.27 -82.40
C ALA F 204 -44.49 21.75 -83.84
N GLY F 205 -44.07 20.89 -84.76
CA GLY F 205 -44.08 21.20 -86.17
C GLY F 205 -42.69 21.31 -86.78
N PHE F 211 -38.18 31.85 -87.06
CA PHE F 211 -37.91 30.54 -86.47
C PHE F 211 -39.08 30.09 -85.58
N THR F 212 -40.30 30.23 -86.10
CA THR F 212 -41.52 29.85 -85.39
C THR F 212 -41.60 30.54 -84.03
N ARG F 213 -41.69 31.86 -84.07
CA ARG F 213 -41.67 32.65 -82.84
C ARG F 213 -43.04 32.69 -82.17
N GLU F 214 -44.02 33.32 -82.83
CA GLU F 214 -45.39 33.42 -82.31
C GLU F 214 -45.45 34.03 -80.91
N GLN F 215 -46.62 33.94 -80.28
CA GLN F 215 -46.84 34.59 -78.98
C GLN F 215 -46.06 33.89 -77.87
N ARG F 216 -45.88 32.57 -77.96
CA ARG F 216 -45.14 31.86 -76.92
C ARG F 216 -43.70 32.36 -76.87
N ASP F 217 -43.02 32.43 -78.01
CA ASP F 217 -41.67 32.95 -78.01
C ASP F 217 -41.64 34.47 -77.85
N GLU F 218 -42.74 35.17 -78.10
CA GLU F 218 -42.80 36.59 -77.73
C GLU F 218 -42.73 36.74 -76.20
N LEU F 219 -43.52 35.94 -75.49
CA LEU F 219 -43.45 35.94 -74.03
C LEU F 219 -42.07 35.51 -73.55
N ARG F 220 -41.50 34.49 -74.19
CA ARG F 220 -40.15 34.06 -73.87
C ARG F 220 -39.15 35.20 -74.10
N ARG F 221 -39.32 35.95 -75.19
CA ARG F 221 -38.41 37.05 -75.50
C ARG F 221 -38.49 38.15 -74.46
N ASP F 222 -39.70 38.54 -74.06
CA ASP F 222 -39.80 39.62 -73.08
C ASP F 222 -39.29 39.17 -71.71
N ARG F 223 -39.56 37.93 -71.33
CA ARG F 223 -39.02 37.42 -70.07
C ARG F 223 -37.49 37.36 -70.11
N ASP F 224 -36.93 36.93 -71.24
CA ASP F 224 -35.48 36.90 -71.38
C ASP F 224 -34.89 38.30 -71.37
N GLU F 225 -35.59 39.28 -71.95
CA GLU F 225 -35.12 40.66 -71.88
C GLU F 225 -35.09 41.15 -70.44
N ALA F 226 -36.13 40.83 -69.67
CA ALA F 226 -36.14 41.19 -68.26
C ALA F 226 -35.00 40.53 -67.51
N LYS F 227 -34.75 39.25 -67.78
CA LYS F 227 -33.65 38.54 -67.13
C LYS F 227 -32.31 39.14 -67.50
N LEU F 228 -32.12 39.48 -68.78
CA LEU F 228 -30.89 40.12 -69.22
C LEU F 228 -30.69 41.45 -68.52
N VAL F 229 -31.76 42.24 -68.40
CA VAL F 229 -31.66 43.53 -67.72
C VAL F 229 -31.24 43.33 -66.28
N SER F 230 -31.90 42.41 -65.58
CA SER F 230 -31.58 42.18 -64.17
C SER F 230 -30.14 41.72 -64.00
N GLY F 231 -29.70 40.77 -64.83
CA GLY F 231 -28.33 40.27 -64.71
C GLY F 231 -27.30 41.33 -65.00
N THR F 232 -27.51 42.11 -66.07
CA THR F 232 -26.57 43.17 -66.42
C THR F 232 -26.49 44.21 -65.31
N ILE F 233 -27.63 44.58 -64.74
CA ILE F 233 -27.64 45.60 -63.70
C ILE F 233 -26.92 45.10 -62.46
N ALA F 234 -27.17 43.84 -62.07
CA ALA F 234 -26.48 43.26 -60.92
C ALA F 234 -24.98 43.21 -61.16
N THR F 235 -24.56 42.82 -62.37
CA THR F 235 -23.13 42.77 -62.67
C THR F 235 -22.51 44.16 -62.60
N THR F 236 -23.20 45.17 -63.14
CA THR F 236 -22.66 46.53 -63.10
C THR F 236 -22.51 47.01 -61.66
N PHE F 237 -23.52 46.77 -60.82
CA PHE F 237 -23.42 47.19 -59.42
C PHE F 237 -22.30 46.46 -58.70
N GLN F 238 -22.16 45.16 -58.95
CA GLN F 238 -21.09 44.39 -58.30
C GLN F 238 -19.72 44.90 -58.73
N ASP F 239 -19.56 45.22 -60.01
CA ASP F 239 -18.30 45.78 -60.48
C ASP F 239 -18.04 47.14 -59.84
N TYR F 240 -19.08 47.96 -59.70
CA TYR F 240 -18.89 49.29 -59.12
C TYR F 240 -18.51 49.21 -57.65
N ASP F 241 -19.01 48.21 -56.92
CA ASP F 241 -18.77 48.14 -55.48
C ASP F 241 -17.29 48.05 -55.15
N GLU F 242 -16.52 47.29 -55.95
CA GLU F 242 -15.09 47.15 -55.67
C GLU F 242 -14.38 48.50 -55.80
N SER F 243 -14.70 49.26 -56.85
CA SER F 243 -14.13 50.59 -57.00
C SER F 243 -14.57 51.51 -55.87
N ARG F 244 -15.82 51.38 -55.43
CA ARG F 244 -16.29 52.20 -54.32
C ARG F 244 -15.48 51.92 -53.06
N GLN F 245 -15.22 50.65 -52.77
CA GLN F 245 -14.41 50.31 -51.60
C GLN F 245 -12.98 50.81 -51.75
N ALA F 246 -12.40 50.64 -52.94
CA ALA F 246 -11.02 51.07 -53.15
C ALA F 246 -10.88 52.57 -52.95
N GLN F 247 -11.85 53.36 -53.44
CA GLN F 247 -11.82 54.80 -53.23
C GLN F 247 -12.18 55.19 -51.81
N SER F 248 -13.05 54.41 -51.15
CA SER F 248 -13.39 54.67 -49.76
C SER F 248 -12.18 54.48 -48.86
N GLU F 249 -11.25 53.61 -49.26
CA GLU F 249 -9.97 53.50 -48.55
C GLU F 249 -9.31 54.87 -48.42
N ILE F 250 -9.16 55.57 -49.56
CA ILE F 250 -8.51 56.88 -49.53
C ILE F 250 -9.39 57.94 -48.89
N MET F 251 -10.70 57.88 -49.07
CA MET F 251 -11.55 58.84 -48.35
C MET F 251 -11.35 58.70 -46.85
N ARG F 252 -11.31 57.47 -46.34
CA ARG F 252 -11.09 57.26 -44.91
C ARG F 252 -9.69 57.71 -44.49
N ILE F 253 -8.67 57.41 -45.30
CA ILE F 253 -7.31 57.82 -44.95
C ILE F 253 -7.21 59.34 -44.86
N VAL F 254 -7.78 60.05 -45.84
CA VAL F 254 -7.74 61.51 -45.83
C VAL F 254 -8.53 62.05 -44.65
N GLY F 255 -9.72 61.49 -44.39
CA GLY F 255 -10.52 61.95 -43.27
C GLY F 255 -9.83 61.76 -41.94
N LYS F 256 -9.12 60.65 -41.78
CA LYS F 256 -8.33 60.44 -40.57
C LYS F 256 -7.17 61.42 -40.50
N GLU F 257 -6.56 61.74 -41.65
CA GLU F 257 -5.44 62.68 -41.67
C GLU F 257 -5.89 64.06 -41.20
N VAL F 258 -6.95 64.60 -41.79
CA VAL F 258 -7.44 65.91 -41.36
C VAL F 258 -8.21 65.79 -40.03
N GLY F 259 -9.06 64.77 -39.91
CA GLY F 259 -9.73 64.45 -38.66
C GLY F 259 -11.18 64.89 -38.59
N MET F 260 -12.09 63.99 -38.94
CA MET F 260 -13.54 64.10 -38.89
C MET F 260 -14.11 63.04 -37.98
N PRO F 261 -15.30 63.27 -37.43
CA PRO F 261 -15.97 62.20 -36.65
C PRO F 261 -16.27 61.01 -37.53
N THR F 262 -15.79 59.84 -37.09
CA THR F 262 -15.83 58.63 -37.90
C THR F 262 -16.32 57.46 -37.07
N ASP F 263 -16.79 56.42 -37.77
CA ASP F 263 -17.27 55.19 -37.15
C ASP F 263 -16.53 54.00 -37.74
N ASP F 264 -17.05 52.78 -37.47
CA ASP F 264 -16.34 51.57 -37.84
C ASP F 264 -16.05 51.50 -39.34
N GLN F 265 -16.91 52.11 -40.17
CA GLN F 265 -16.68 52.08 -41.62
C GLN F 265 -15.53 53.00 -42.04
N GLY F 266 -15.19 53.99 -41.22
CA GLY F 266 -14.07 54.86 -41.48
C GLY F 266 -14.38 56.15 -42.19
N MET F 267 -15.51 56.23 -42.89
CA MET F 267 -15.87 57.45 -43.59
C MET F 267 -16.52 58.42 -42.62
N PRO F 268 -16.26 59.72 -42.76
CA PRO F 268 -16.85 60.70 -41.85
C PRO F 268 -18.38 60.65 -41.84
N ASP F 269 -18.96 60.87 -40.67
CA ASP F 269 -20.40 60.76 -40.45
C ASP F 269 -21.12 61.90 -41.16
N MET F 270 -22.16 61.55 -41.94
CA MET F 270 -22.85 62.57 -42.73
C MET F 270 -23.57 63.58 -41.84
N SER F 271 -24.29 63.10 -40.83
CA SER F 271 -25.05 64.01 -39.97
C SER F 271 -24.11 64.89 -39.14
N ARG F 272 -23.02 64.31 -38.63
CA ARG F 272 -22.10 65.04 -37.77
C ARG F 272 -21.15 65.94 -38.55
N ALA F 273 -20.96 65.71 -39.84
CA ALA F 273 -20.06 66.53 -40.64
C ALA F 273 -20.70 67.88 -40.92
N SER F 274 -20.15 68.94 -40.34
CA SER F 274 -20.60 70.28 -40.64
C SER F 274 -19.98 70.78 -41.93
N GLN F 275 -20.30 72.02 -42.29
CA GLN F 275 -19.72 72.62 -43.48
C GLN F 275 -18.21 72.77 -43.32
N ASP F 276 -17.76 73.18 -42.13
CA ASP F 276 -16.32 73.28 -41.88
C ASP F 276 -15.67 71.90 -41.93
N GLN F 277 -16.36 70.87 -41.44
CA GLN F 277 -15.83 69.51 -41.53
C GLN F 277 -15.66 69.09 -42.99
N LEU F 278 -16.66 69.38 -43.83
CA LEU F 278 -16.57 69.03 -45.24
C LEU F 278 -15.61 69.94 -45.99
N ASP F 279 -15.21 71.06 -45.40
CA ASP F 279 -14.21 71.92 -46.05
C ASP F 279 -12.88 71.22 -46.19
N ALA F 280 -12.52 70.35 -45.23
CA ALA F 280 -11.28 69.59 -45.35
C ALA F 280 -11.35 68.64 -46.55
N PHE F 281 -12.49 67.98 -46.74
CA PHE F 281 -12.65 67.11 -47.90
C PHE F 281 -12.63 67.91 -49.19
N SER F 282 -13.24 69.09 -49.19
CA SER F 282 -13.22 69.93 -50.38
C SER F 282 -11.79 70.37 -50.73
N ASN F 283 -11.01 70.75 -49.71
CA ASN F 283 -9.62 71.12 -49.95
C ASN F 283 -8.80 69.94 -50.44
N ALA F 284 -9.06 68.74 -49.90
CA ALA F 284 -8.36 67.55 -50.35
C ALA F 284 -8.70 67.24 -51.81
N LEU F 285 -9.97 67.39 -52.18
CA LEU F 285 -10.37 67.17 -53.57
C LEU F 285 -9.72 68.19 -54.50
N ASN F 286 -9.65 69.46 -54.06
CA ASN F 286 -8.94 70.47 -54.84
C ASN F 286 -7.46 70.14 -54.94
N GLU F 287 -6.91 69.46 -53.93
CA GLU F 287 -5.49 69.13 -53.91
C GLU F 287 -5.17 68.04 -54.93
N ALA F 288 -5.76 66.87 -54.76
CA ALA F 288 -5.48 65.73 -55.63
C ALA F 288 -6.72 64.85 -55.68
N GLY F 289 -6.55 63.61 -56.14
CA GLY F 289 -7.66 62.68 -56.24
C GLY F 289 -8.35 62.74 -57.59
N VAL F 290 -9.04 63.85 -57.86
CA VAL F 290 -9.76 64.06 -59.12
C VAL F 290 -10.75 62.93 -59.36
N GLN F 291 -11.44 62.50 -58.30
CA GLN F 291 -12.44 61.45 -58.40
C GLN F 291 -13.80 62.11 -58.63
N ALA F 292 -14.18 62.24 -59.91
CA ALA F 292 -15.44 62.89 -60.24
C ALA F 292 -16.63 62.10 -59.71
N ASN F 293 -16.60 60.78 -59.85
CA ASN F 293 -17.70 59.91 -59.42
C ASN F 293 -19.02 60.32 -60.08
N THR F 294 -18.94 60.72 -61.34
CA THR F 294 -20.12 61.11 -62.10
C THR F 294 -20.86 59.92 -62.69
N SER F 295 -20.30 58.72 -62.56
CA SER F 295 -20.94 57.49 -63.05
C SER F 295 -22.45 57.43 -62.86
N PRO F 296 -23.03 57.84 -61.70
CA PRO F 296 -24.50 57.79 -61.54
C PRO F 296 -25.31 58.35 -62.71
N THR F 297 -24.70 59.09 -63.62
CA THR F 297 -25.35 59.31 -64.91
C THR F 297 -24.78 58.41 -66.00
N GLU F 298 -23.49 58.53 -66.30
CA GLU F 298 -22.93 57.81 -67.44
C GLU F 298 -23.28 56.34 -67.40
N ARG F 299 -23.18 55.74 -66.21
CA ARG F 299 -23.49 54.33 -66.02
C ARG F 299 -24.72 53.92 -66.81
N ARG F 300 -25.88 54.53 -66.52
CA ARG F 300 -27.09 53.94 -67.08
C ARG F 300 -27.11 54.11 -68.59
N ASN F 301 -26.60 55.24 -69.11
CA ASN F 301 -26.61 55.40 -70.55
C ASN F 301 -25.73 54.33 -71.19
N ALA F 302 -24.58 54.04 -70.58
CA ALA F 302 -23.76 52.93 -71.06
C ALA F 302 -24.56 51.64 -71.10
N VAL F 303 -25.27 51.34 -70.01
CA VAL F 303 -26.10 50.15 -69.99
C VAL F 303 -27.11 50.20 -71.11
N LEU F 304 -27.73 51.38 -71.31
CA LEU F 304 -28.68 51.54 -72.40
C LEU F 304 -28.04 51.15 -73.72
N LYS F 305 -26.82 51.64 -73.97
CA LYS F 305 -26.14 51.30 -75.21
C LYS F 305 -25.94 49.80 -75.32
N SER F 306 -25.54 49.16 -74.22
CA SER F 306 -25.41 47.71 -74.24
C SER F 306 -26.74 47.06 -74.57
N LEU F 307 -27.82 47.56 -73.97
CA LEU F 307 -29.15 47.09 -74.33
C LEU F 307 -29.42 47.35 -75.80
N VAL F 308 -29.06 48.54 -76.27
CA VAL F 308 -29.17 48.84 -77.70
C VAL F 308 -28.33 47.87 -78.50
N ASP F 309 -27.16 47.51 -77.98
CA ASP F 309 -26.36 46.47 -78.62
C ASP F 309 -27.07 45.14 -78.61
N ALA F 310 -27.74 44.80 -77.51
CA ALA F 310 -28.43 43.52 -77.43
C ALA F 310 -29.72 43.55 -78.24
N GLY F 311 -30.48 44.63 -78.15
CA GLY F 311 -31.77 44.72 -78.81
C GLY F 311 -32.89 44.46 -77.83
N VAL F 312 -33.51 45.52 -77.33
CA VAL F 312 -34.51 45.44 -76.27
C VAL F 312 -35.74 46.23 -76.67
N SER F 313 -36.92 45.67 -76.40
CA SER F 313 -38.16 46.41 -76.61
C SER F 313 -38.28 47.55 -75.61
N SER F 314 -39.18 48.48 -75.92
CA SER F 314 -39.33 49.68 -75.10
C SER F 314 -39.69 49.35 -73.65
N LYS F 315 -40.45 48.28 -73.44
CA LYS F 315 -40.81 47.88 -72.08
C LYS F 315 -39.57 47.52 -71.27
N GLY F 316 -38.62 46.80 -71.87
CA GLY F 316 -37.39 46.49 -71.19
C GLY F 316 -36.58 47.72 -70.86
N ILE F 317 -36.56 48.70 -71.77
CA ILE F 317 -35.86 49.95 -71.52
C ILE F 317 -36.48 50.69 -70.35
N ALA F 318 -37.81 50.72 -70.30
CA ALA F 318 -38.50 51.35 -69.17
C ALA F 318 -38.18 50.63 -67.86
N GLN F 319 -38.17 49.30 -67.89
CA GLN F 319 -37.81 48.54 -66.69
C GLN F 319 -36.39 48.85 -66.24
N ALA F 320 -35.46 48.96 -67.19
CA ALA F 320 -34.08 49.28 -66.84
C ALA F 320 -33.97 50.68 -66.25
N LYS F 321 -34.70 51.64 -66.81
CA LYS F 321 -34.66 53.00 -66.26
C LYS F 321 -35.24 53.04 -64.85
N GLN F 322 -36.32 52.30 -64.62
CA GLN F 322 -36.87 52.21 -63.27
C GLN F 322 -35.89 51.56 -62.30
N GLU F 323 -35.20 50.51 -62.75
CA GLU F 323 -34.20 49.87 -61.91
C GLU F 323 -33.07 50.84 -61.57
N MET F 324 -32.63 51.63 -62.54
CA MET F 324 -31.67 52.70 -62.28
C MET F 324 -32.15 53.67 -61.23
N GLU F 325 -33.36 54.21 -61.38
CA GLU F 325 -33.80 55.22 -60.43
C GLU F 325 -33.91 54.62 -59.02
N LEU F 326 -34.47 53.41 -58.92
CA LEU F 326 -34.64 52.82 -57.59
C LEU F 326 -33.30 52.43 -56.98
N ARG F 327 -32.39 51.89 -57.79
CA ARG F 327 -31.08 51.50 -57.29
C ARG F 327 -30.27 52.70 -56.82
N GLU F 328 -30.31 53.79 -57.57
CA GLU F 328 -29.60 54.99 -57.18
C GLU F 328 -30.21 55.60 -55.93
N SER F 329 -31.55 55.60 -55.83
CA SER F 329 -32.19 56.08 -54.61
C SER F 329 -31.79 55.22 -53.42
N LEU F 330 -31.76 53.90 -53.58
CA LEU F 330 -31.37 53.00 -52.51
C LEU F 330 -29.91 53.24 -52.10
N GLU F 331 -29.03 53.43 -53.07
CA GLU F 331 -27.63 53.70 -52.77
C GLU F 331 -27.46 55.03 -52.05
N GLY F 332 -28.30 56.02 -52.36
CA GLY F 332 -28.20 57.30 -51.70
C GLY F 332 -28.68 57.30 -50.26
N LEU F 333 -29.46 56.31 -49.86
CA LEU F 333 -30.02 56.29 -48.52
C LEU F 333 -28.96 55.88 -47.49
N ALA F 334 -29.16 56.34 -46.26
CA ALA F 334 -28.36 55.87 -45.14
C ALA F 334 -28.72 54.42 -44.84
N PRO F 335 -27.80 53.66 -44.23
CA PRO F 335 -28.08 52.23 -43.98
C PRO F 335 -29.38 51.98 -43.21
N GLN F 336 -29.62 52.73 -42.13
CA GLN F 336 -30.86 52.56 -41.38
C GLN F 336 -32.07 52.96 -42.21
N ASP F 337 -31.98 54.10 -42.90
CA ASP F 337 -33.07 54.54 -43.76
C ASP F 337 -33.26 53.58 -44.93
N ARG F 338 -32.17 53.04 -45.45
CA ARG F 338 -32.28 52.05 -46.53
C ARG F 338 -33.00 50.79 -46.05
N THR F 339 -32.67 50.32 -44.84
CA THR F 339 -33.37 49.17 -44.29
C THR F 339 -34.85 49.47 -44.09
N LYS F 340 -35.16 50.66 -43.58
CA LYS F 340 -36.57 51.04 -43.41
C LYS F 340 -37.31 51.04 -44.73
N VAL F 341 -36.70 51.62 -45.76
CA VAL F 341 -37.35 51.70 -47.08
C VAL F 341 -37.56 50.31 -47.67
N GLU F 342 -36.53 49.45 -47.59
CA GLU F 342 -36.66 48.12 -48.17
C GLU F 342 -37.68 47.29 -47.41
N ALA F 343 -37.77 47.46 -46.09
CA ALA F 343 -38.77 46.73 -45.32
C ALA F 343 -40.18 47.23 -45.63
N THR F 344 -40.34 48.54 -45.83
CA THR F 344 -41.65 49.05 -46.25
C THR F 344 -42.02 48.52 -47.64
N ILE F 345 -41.04 48.41 -48.53
CA ILE F 345 -41.28 47.82 -49.85
C ILE F 345 -41.73 46.37 -49.71
N GLY F 346 -41.06 45.62 -48.84
CA GLY F 346 -41.48 44.24 -48.60
C GLY F 346 -42.90 44.16 -48.04
N ALA F 347 -43.24 45.07 -47.13
CA ALA F 347 -44.59 45.08 -46.57
C ALA F 347 -45.63 45.38 -47.63
N VAL F 348 -45.36 46.38 -48.48
CA VAL F 348 -46.33 46.74 -49.51
C VAL F 348 -46.40 45.68 -50.61
N ASN F 349 -45.36 44.85 -50.73
CA ASN F 349 -45.36 43.75 -51.69
C ASN F 349 -45.77 42.42 -51.07
N ALA F 350 -46.08 42.40 -49.77
CA ALA F 350 -46.44 41.15 -49.10
C ALA F 350 -47.68 40.50 -49.71
N GLU F 351 -48.71 41.30 -50.01
CA GLU F 351 -49.93 40.72 -50.56
C GLU F 351 -49.68 40.17 -51.97
N LEU F 352 -48.88 40.86 -52.77
CA LEU F 352 -48.51 40.34 -54.08
C LEU F 352 -47.72 39.05 -53.94
N ASP F 353 -46.82 38.99 -52.95
CA ASP F 353 -46.05 37.78 -52.72
C ASP F 353 -46.95 36.62 -52.32
N THR F 354 -47.94 36.88 -51.47
CA THR F 354 -48.87 35.82 -51.06
C THR F 354 -49.68 35.31 -52.24
N LEU F 355 -50.19 36.23 -53.06
CA LEU F 355 -50.93 35.80 -54.24
C LEU F 355 -50.04 34.97 -55.17
N GLN F 356 -48.81 35.43 -55.38
CA GLN F 356 -47.88 34.72 -56.26
C GLN F 356 -47.59 33.32 -55.73
N ARG F 357 -47.28 33.20 -54.44
CA ARG F 357 -46.95 31.88 -53.90
C ARG F 357 -48.15 30.95 -53.99
N THR F 358 -49.35 31.43 -53.61
CA THR F 358 -50.53 30.58 -53.65
C THR F 358 -50.80 30.10 -55.08
N ALA F 359 -50.70 31.01 -56.05
CA ALA F 359 -50.83 30.61 -57.45
C ALA F 359 -49.79 29.55 -57.81
N THR F 360 -48.58 29.68 -57.27
CA THR F 360 -47.54 28.70 -57.60
C THR F 360 -47.88 27.32 -57.05
N GLU F 361 -48.35 27.22 -55.80
CA GLU F 361 -48.71 25.88 -55.31
C GLU F 361 -49.87 25.32 -56.12
N ASP F 362 -50.87 26.15 -56.42
CA ASP F 362 -52.00 25.66 -57.22
C ASP F 362 -51.53 25.11 -58.56
N TYR F 363 -50.69 25.87 -59.27
CA TYR F 363 -50.27 25.44 -60.59
C TYR F 363 -49.31 24.27 -60.54
N GLU F 364 -48.44 24.18 -59.53
CA GLU F 364 -47.55 23.03 -59.48
C GLU F 364 -48.31 21.76 -59.10
N ARG F 365 -49.35 21.87 -58.27
CA ARG F 365 -50.20 20.72 -58.03
C ARG F 365 -50.90 20.29 -59.31
N GLU F 366 -51.39 21.26 -60.10
CA GLU F 366 -52.02 20.92 -61.37
C GLU F 366 -51.01 20.25 -62.31
N VAL F 367 -49.76 20.69 -62.27
CA VAL F 367 -48.70 20.03 -63.04
C VAL F 367 -48.49 18.61 -62.55
N ALA F 368 -48.45 18.41 -61.24
CA ALA F 368 -48.33 17.06 -60.69
C ALA F 368 -49.48 16.18 -61.14
N ARG F 369 -50.65 16.77 -61.36
CA ARG F 369 -51.79 16.01 -61.88
C ARG F 369 -51.64 15.73 -63.37
N ASN F 370 -51.11 16.68 -64.13
CA ASN F 370 -51.12 16.60 -65.59
C ASN F 370 -49.72 16.36 -66.14
N PRO F 371 -49.48 15.25 -66.84
CA PRO F 371 -48.18 15.05 -67.48
C PRO F 371 -48.02 15.88 -68.75
N PHE F 372 -49.14 16.19 -69.40
CA PHE F 372 -49.09 16.91 -70.66
C PHE F 372 -48.55 18.33 -70.49
N VAL F 373 -48.78 18.93 -69.32
CA VAL F 373 -48.29 20.28 -69.08
C VAL F 373 -46.79 20.31 -68.83
N GLU F 374 -46.19 19.17 -68.45
CA GLU F 374 -44.76 19.11 -68.15
C GLU F 374 -44.20 17.74 -68.55
N PRO F 375 -43.54 17.65 -69.69
CA PRO F 375 -42.90 16.39 -70.09
C PRO F 375 -41.58 16.20 -69.35
N ASP F 376 -40.88 15.13 -69.70
CA ASP F 376 -39.60 14.83 -69.09
C ASP F 376 -38.76 14.00 -70.06
N LYS F 377 -37.46 14.28 -70.10
CA LYS F 377 -36.55 13.53 -70.96
C LYS F 377 -36.09 12.22 -70.32
N ASP F 378 -36.27 12.07 -69.01
CA ASP F 378 -35.84 10.84 -68.35
C ASP F 378 -36.59 9.60 -68.84
N PRO F 379 -37.92 9.60 -68.96
CA PRO F 379 -38.61 8.37 -69.40
C PRO F 379 -38.18 7.89 -70.77
N LEU F 380 -37.49 8.71 -71.56
CA LEU F 380 -36.95 8.26 -72.83
C LEU F 380 -36.03 7.05 -72.64
N GLY F 381 -35.35 6.96 -71.49
CA GLY F 381 -34.52 5.80 -71.21
C GLY F 381 -35.25 4.76 -70.39
N SER F 382 -36.42 5.12 -69.85
CA SER F 382 -37.17 4.19 -69.02
C SER F 382 -37.92 3.15 -69.84
N VAL F 383 -38.40 3.53 -71.03
CA VAL F 383 -39.30 2.69 -71.81
C VAL F 383 -38.73 1.29 -72.00
N ASN F 384 -37.41 1.15 -71.99
CA ASN F 384 -36.78 -0.15 -72.22
C ASN F 384 -37.28 -1.20 -71.25
N LYS F 385 -37.50 -0.84 -69.98
CA LYS F 385 -37.94 -1.83 -69.01
C LYS F 385 -39.32 -2.37 -69.38
N ILE F 386 -40.19 -1.52 -69.93
CA ILE F 386 -41.49 -1.98 -70.40
C ILE F 386 -41.30 -3.04 -71.48
N VAL F 387 -40.27 -2.87 -72.32
CA VAL F 387 -39.98 -3.87 -73.33
C VAL F 387 -39.75 -5.24 -72.69
N ASP F 388 -39.06 -5.26 -71.55
CA ASP F 388 -38.84 -6.52 -70.84
C ASP F 388 -40.16 -7.16 -70.45
N LYS F 389 -41.14 -6.35 -70.02
CA LYS F 389 -42.42 -6.89 -69.64
C LYS F 389 -43.17 -7.50 -70.83
N ALA F 390 -42.71 -7.22 -72.05
CA ALA F 390 -43.30 -7.85 -73.23
C ALA F 390 -42.65 -9.18 -73.58
N VAL F 391 -41.62 -9.59 -72.86
CA VAL F 391 -40.87 -10.80 -73.19
C VAL F 391 -41.04 -11.88 -72.12
N LYS F 392 -41.05 -11.51 -70.85
CA LYS F 392 -41.10 -12.49 -69.76
C LYS F 392 -42.46 -13.16 -69.74
N SER F 393 -42.50 -14.39 -70.27
CA SER F 393 -43.74 -15.20 -70.32
C SER F 393 -44.88 -14.43 -70.98
N GLY F 394 -44.55 -13.71 -72.04
CA GLY F 394 -45.54 -12.91 -72.74
C GLY F 394 -45.40 -12.94 -74.25
N PHE F 395 -46.52 -13.00 -74.96
CA PHE F 395 -46.51 -13.00 -76.41
C PHE F 395 -46.58 -11.58 -76.92
N GLY F 396 -45.44 -11.03 -77.32
CA GLY F 396 -45.39 -9.68 -77.84
C GLY F 396 -44.98 -9.65 -79.30
N TRP F 397 -44.06 -8.74 -79.64
CA TRP F 397 -43.56 -8.68 -81.01
C TRP F 397 -42.76 -9.93 -81.34
N GLU F 398 -42.84 -10.34 -82.60
CA GLU F 398 -42.17 -11.55 -83.07
C GLU F 398 -40.67 -11.27 -83.24
N GLY F 399 -39.97 -11.23 -82.11
CA GLY F 399 -38.55 -10.98 -82.11
C GLY F 399 -38.17 -9.61 -82.64
N ASP F 400 -38.90 -8.58 -82.24
CA ASP F 400 -38.67 -7.21 -82.71
C ASP F 400 -38.47 -6.27 -81.53
N ARG F 401 -37.63 -6.68 -80.58
CA ARG F 401 -37.36 -5.84 -79.41
C ARG F 401 -36.70 -4.54 -79.83
N GLN F 402 -35.73 -4.60 -80.75
CA GLN F 402 -35.10 -3.39 -81.26
C GLN F 402 -36.11 -2.52 -82.01
N ASP F 403 -36.98 -3.14 -82.81
CA ASP F 403 -38.01 -2.40 -83.51
C ASP F 403 -38.98 -1.74 -82.54
N LEU F 404 -39.38 -2.47 -81.49
CA LEU F 404 -40.26 -1.89 -80.49
C LEU F 404 -39.58 -0.71 -79.79
N ASN F 405 -38.30 -0.85 -79.44
CA ASN F 405 -37.60 0.25 -78.80
C ASN F 405 -37.53 1.47 -79.72
N ASN F 406 -37.22 1.24 -81.00
CA ASN F 406 -37.14 2.35 -81.94
C ASN F 406 -38.48 3.05 -82.09
N MET F 407 -39.56 2.28 -82.24
CA MET F 407 -40.87 2.91 -82.40
C MET F 407 -41.32 3.62 -81.15
N LEU F 408 -40.99 3.08 -79.97
CA LEU F 408 -41.37 3.74 -78.73
C LEU F 408 -40.60 5.03 -78.52
N VAL F 409 -39.29 5.03 -78.80
CA VAL F 409 -38.54 6.27 -78.66
C VAL F 409 -38.96 7.29 -79.70
N ASP F 410 -39.35 6.83 -80.90
CA ASP F 410 -39.89 7.76 -81.89
C ASP F 410 -41.20 8.38 -81.41
N PHE F 411 -42.07 7.55 -80.81
CA PHE F 411 -43.34 8.07 -80.31
C PHE F 411 -43.12 9.04 -79.16
N ALA F 412 -42.16 8.75 -78.29
CA ALA F 412 -41.84 9.66 -77.19
C ALA F 412 -40.99 10.85 -77.62
N THR F 413 -40.50 10.86 -78.86
CA THR F 413 -39.71 11.97 -79.38
C THR F 413 -40.53 12.89 -80.26
N ASN F 414 -41.27 12.34 -81.22
CA ASN F 414 -42.06 13.14 -82.15
C ASN F 414 -43.56 13.11 -81.87
N GLY F 415 -44.07 12.04 -81.27
CA GLY F 415 -45.47 11.95 -80.96
C GLY F 415 -46.25 11.11 -81.97
N ILE F 416 -47.43 10.70 -81.56
CA ILE F 416 -48.30 9.89 -82.41
C ILE F 416 -49.14 10.80 -83.29
N LYS F 417 -49.58 10.28 -84.43
CA LYS F 417 -50.40 11.04 -85.36
C LYS F 417 -51.84 10.99 -84.88
N LEU F 418 -52.30 12.06 -84.24
CA LEU F 418 -53.67 12.12 -83.78
C LEU F 418 -54.63 12.21 -84.97
N PRO F 419 -55.78 11.54 -84.90
CA PRO F 419 -56.71 11.56 -86.04
C PRO F 419 -57.21 12.95 -86.42
N ASP F 420 -57.20 13.90 -85.49
CA ASP F 420 -57.67 15.24 -85.81
C ASP F 420 -56.77 15.92 -86.84
N GLY F 421 -55.49 15.53 -86.90
CA GLY F 421 -54.55 16.13 -87.83
C GLY F 421 -53.35 16.72 -87.13
N ARG F 422 -53.20 16.43 -85.85
CA ARG F 422 -52.11 16.94 -85.04
C ARG F 422 -51.22 15.79 -84.56
N THR F 423 -50.14 16.16 -83.89
CA THR F 423 -49.17 15.19 -83.37
C THR F 423 -48.86 15.55 -81.92
N ALA F 424 -49.16 14.62 -81.01
CA ALA F 424 -48.95 14.83 -79.58
C ALA F 424 -48.06 13.73 -79.02
N VAL F 425 -47.14 14.11 -78.13
CA VAL F 425 -46.21 13.18 -77.53
C VAL F 425 -46.87 12.49 -76.35
N VAL F 426 -46.84 11.17 -76.34
CA VAL F 426 -47.48 10.39 -75.27
C VAL F 426 -46.61 10.45 -74.02
N PRO F 427 -47.18 10.71 -72.84
CA PRO F 427 -46.38 10.70 -71.61
C PRO F 427 -46.02 9.28 -71.16
N SER F 428 -45.39 9.18 -70.00
CA SER F 428 -44.80 7.91 -69.58
C SER F 428 -45.82 6.98 -68.91
N LYS F 429 -46.43 7.44 -67.81
CA LYS F 429 -47.27 6.53 -67.05
C LYS F 429 -48.55 6.17 -67.80
N LEU F 430 -49.07 7.08 -68.63
CA LEU F 430 -50.17 6.72 -69.51
C LEU F 430 -49.75 5.61 -70.45
N LEU F 431 -48.53 5.69 -70.99
CA LEU F 431 -48.03 4.64 -71.87
C LEU F 431 -47.94 3.31 -71.15
N GLU F 432 -47.37 3.30 -69.94
CA GLU F 432 -47.16 2.03 -69.24
C GLU F 432 -48.48 1.43 -68.77
N GLN F 433 -49.46 2.27 -68.40
CA GLN F 433 -50.77 1.75 -68.03
C GLN F 433 -51.52 1.26 -69.26
N ALA F 434 -51.27 1.87 -70.42
CA ALA F 434 -51.83 1.34 -71.67
C ALA F 434 -51.24 -0.04 -71.97
N PHE F 435 -49.95 -0.21 -71.75
CA PHE F 435 -49.31 -1.49 -72.03
C PHE F 435 -49.75 -2.55 -71.02
N ASN F 436 -49.91 -2.17 -69.75
CA ASN F 436 -50.22 -3.11 -68.69
C ASN F 436 -51.70 -3.45 -68.73
N THR F 437 -52.03 -4.57 -69.37
CA THR F 437 -53.40 -5.04 -69.45
C THR F 437 -53.57 -6.29 -68.57
N THR F 438 -54.76 -6.89 -68.62
CA THR F 438 -55.01 -8.08 -67.81
C THR F 438 -54.21 -9.29 -68.34
N ASN F 439 -54.03 -9.37 -69.65
CA ASN F 439 -53.28 -10.46 -70.26
C ASN F 439 -52.57 -9.93 -71.49
N THR F 440 -51.23 -10.02 -71.49
CA THR F 440 -50.42 -9.42 -72.54
C THR F 440 -50.59 -10.08 -73.90
N TRP F 441 -51.25 -11.24 -73.97
CA TRP F 441 -51.43 -11.92 -75.24
C TRP F 441 -52.28 -11.12 -76.23
N LEU F 442 -53.05 -10.14 -75.74
CA LEU F 442 -53.89 -9.35 -76.64
C LEU F 442 -53.05 -8.42 -77.50
N PHE F 443 -51.94 -7.92 -76.98
CA PHE F 443 -51.11 -6.93 -77.65
C PHE F 443 -49.81 -7.59 -78.08
N LYS F 444 -49.72 -7.99 -79.35
CA LYS F 444 -48.54 -8.65 -79.89
C LYS F 444 -47.88 -7.85 -81.01
N ASN F 445 -48.63 -7.47 -82.03
CA ASN F 445 -48.04 -6.77 -83.16
C ASN F 445 -47.96 -5.27 -82.90
N ALA F 446 -47.13 -4.60 -83.69
CA ALA F 446 -46.96 -3.15 -83.55
C ALA F 446 -48.25 -2.41 -83.89
N GLY F 447 -48.97 -2.87 -84.93
CA GLY F 447 -50.21 -2.21 -85.30
C GLY F 447 -51.24 -2.25 -84.20
N ASP F 448 -51.36 -3.39 -83.53
CA ASP F 448 -52.35 -3.50 -82.46
C ASP F 448 -52.03 -2.56 -81.30
N VAL F 449 -50.76 -2.49 -80.89
CA VAL F 449 -50.40 -1.63 -79.77
C VAL F 449 -50.52 -0.15 -80.15
N GLU F 450 -50.18 0.21 -81.39
CA GLU F 450 -50.35 1.61 -81.77
C GLU F 450 -51.82 1.98 -81.87
N LYS F 451 -52.67 1.06 -82.33
CA LYS F 451 -54.10 1.31 -82.30
C LYS F 451 -54.60 1.48 -80.88
N ARG F 452 -54.09 0.66 -79.95
CA ARG F 452 -54.47 0.77 -78.55
C ARG F 452 -54.10 2.13 -77.99
N ILE F 453 -52.86 2.57 -78.20
CA ILE F 453 -52.45 3.86 -77.65
C ILE F 453 -53.19 5.00 -78.33
N ILE F 454 -53.48 4.87 -79.63
CA ILE F 454 -54.24 5.90 -80.33
C ILE F 454 -55.63 6.04 -79.74
N GLU F 455 -56.33 4.92 -79.53
CA GLU F 455 -57.67 4.99 -78.99
C GLU F 455 -57.67 5.43 -77.53
N LEU F 456 -56.62 5.11 -76.78
CA LEU F 456 -56.57 5.55 -75.39
C LEU F 456 -56.28 7.04 -75.28
N MET F 457 -55.42 7.58 -76.15
CA MET F 457 -55.14 9.01 -76.10
C MET F 457 -56.34 9.83 -76.55
N THR F 458 -57.27 9.24 -77.28
CA THR F 458 -58.47 9.92 -77.73
C THR F 458 -59.60 9.88 -76.70
N THR F 459 -59.30 9.49 -75.46
CA THR F 459 -60.32 9.49 -74.42
C THR F 459 -60.82 10.90 -74.17
N ASP F 460 -62.13 11.02 -73.92
CA ASP F 460 -62.74 12.34 -73.77
C ASP F 460 -62.11 13.11 -72.62
N GLY F 461 -62.02 12.49 -71.44
CA GLY F 461 -61.37 13.15 -70.32
C GLY F 461 -59.89 13.42 -70.58
N MET F 462 -59.20 12.43 -71.17
CA MET F 462 -57.80 12.62 -71.50
C MET F 462 -57.62 13.76 -72.52
N THR F 463 -58.50 13.82 -73.52
CA THR F 463 -58.43 14.89 -74.50
C THR F 463 -58.63 16.25 -73.85
N GLN F 464 -59.69 16.36 -73.05
CA GLN F 464 -59.97 17.62 -72.35
C GLN F 464 -58.79 18.05 -71.50
N MET F 465 -58.17 17.10 -70.80
CA MET F 465 -56.98 17.39 -70.03
C MET F 465 -55.84 17.87 -70.93
N ARG F 466 -55.74 17.28 -72.12
CA ARG F 466 -54.69 17.67 -73.06
C ARG F 466 -54.82 19.12 -73.48
N GLU F 467 -56.01 19.54 -73.92
CA GLU F 467 -56.12 20.96 -74.25
C GLU F 467 -56.26 21.86 -73.02
N ASP F 468 -56.45 21.29 -71.83
CA ASP F 468 -56.41 22.11 -70.63
C ASP F 468 -54.99 22.47 -70.23
N ALA F 469 -54.02 21.58 -70.48
CA ALA F 469 -52.66 21.82 -70.05
C ALA F 469 -52.05 23.12 -70.60
N PRO F 470 -52.08 23.40 -71.90
CA PRO F 470 -51.48 24.67 -72.37
C PRO F 470 -52.19 25.90 -71.83
N THR F 471 -53.51 25.83 -71.64
CA THR F 471 -54.25 26.98 -71.13
C THR F 471 -53.82 27.32 -69.71
N ILE F 472 -53.74 26.32 -68.85
CA ILE F 472 -53.30 26.58 -67.48
C ILE F 472 -51.84 27.01 -67.46
N ARG F 473 -51.01 26.46 -68.36
CA ARG F 473 -49.61 26.88 -68.39
C ARG F 473 -49.49 28.36 -68.75
N GLU F 474 -50.19 28.79 -69.80
CA GLU F 474 -50.11 30.20 -70.18
C GLU F 474 -50.77 31.10 -69.15
N ASN F 475 -51.82 30.61 -68.47
CA ASN F 475 -52.40 31.38 -67.38
C ASN F 475 -51.41 31.57 -66.25
N PHE F 476 -50.65 30.53 -65.90
CA PHE F 476 -49.62 30.65 -64.88
C PHE F 476 -48.56 31.66 -65.28
N LEU F 477 -48.12 31.60 -66.54
CA LEU F 477 -47.11 32.55 -67.02
C LEU F 477 -47.64 33.98 -66.97
N LYS F 478 -48.87 34.19 -67.42
CA LYS F 478 -49.44 35.54 -67.40
C LYS F 478 -49.59 36.04 -65.97
N THR F 479 -50.02 35.17 -65.05
CA THR F 479 -50.20 35.60 -63.67
C THR F 479 -48.87 35.99 -63.04
N VAL F 480 -47.81 35.20 -63.26
CA VAL F 480 -46.53 35.55 -62.65
C VAL F 480 -45.98 36.82 -63.28
N SER F 481 -46.18 37.01 -64.59
CA SER F 481 -45.74 38.24 -65.24
C SER F 481 -46.45 39.45 -64.66
N ASP F 482 -47.77 39.35 -64.47
CA ASP F 482 -48.52 40.45 -63.89
C ASP F 482 -48.10 40.72 -62.45
N ILE F 483 -47.83 39.65 -61.68
CA ILE F 483 -47.38 39.82 -60.31
C ILE F 483 -46.06 40.58 -60.27
N ALA F 484 -45.12 40.20 -61.13
CA ALA F 484 -43.83 40.90 -61.18
C ALA F 484 -44.01 42.36 -61.60
N ASN F 485 -44.86 42.61 -62.59
CA ASN F 485 -45.09 43.97 -63.05
C ASN F 485 -45.69 44.83 -61.94
N GLN F 486 -46.67 44.29 -61.23
CA GLN F 486 -47.30 45.05 -60.15
C GLN F 486 -46.32 45.28 -58.99
N LYS F 487 -45.50 44.28 -58.69
CA LYS F 487 -44.47 44.46 -57.67
C LYS F 487 -43.54 45.60 -58.03
N ARG F 488 -43.04 45.60 -59.27
CA ARG F 488 -42.14 46.67 -59.71
C ARG F 488 -42.85 48.02 -59.70
N SER F 489 -44.11 48.05 -60.10
CA SER F 489 -44.84 49.32 -60.17
C SER F 489 -45.06 49.92 -58.78
N ASN F 490 -45.52 49.11 -57.83
CA ASN F 490 -45.71 49.65 -56.48
C ASN F 490 -44.36 50.02 -55.86
N ALA F 491 -43.31 49.24 -56.16
CA ALA F 491 -41.98 49.59 -55.64
C ALA F 491 -41.52 50.94 -56.16
N VAL F 492 -41.65 51.17 -57.47
CA VAL F 492 -41.18 52.43 -58.04
C VAL F 492 -42.01 53.60 -57.52
N LYS F 493 -43.33 53.41 -57.40
CA LYS F 493 -44.17 54.49 -56.88
C LYS F 493 -43.80 54.83 -55.44
N VAL F 494 -43.64 53.81 -54.58
CA VAL F 494 -43.31 54.07 -53.19
C VAL F 494 -41.93 54.74 -53.08
N THR F 495 -40.96 54.26 -53.85
CA THR F 495 -39.62 54.83 -53.77
C THR F 495 -39.59 56.27 -54.24
N ARG F 496 -40.29 56.59 -55.34
CA ARG F 496 -40.28 57.97 -55.82
C ARG F 496 -41.04 58.89 -54.87
N SER F 497 -42.14 58.40 -54.29
CA SER F 497 -42.86 59.20 -53.30
C SER F 497 -41.98 59.48 -52.08
N ALA F 498 -41.27 58.46 -51.59
CA ALA F 498 -40.39 58.66 -50.45
C ALA F 498 -39.26 59.63 -50.78
N GLU F 499 -38.69 59.51 -51.98
CA GLU F 499 -37.62 60.41 -52.38
C GLU F 499 -38.10 61.85 -52.47
N ARG F 500 -39.30 62.06 -53.02
CA ARG F 500 -39.86 63.40 -53.08
C ARG F 500 -40.14 63.95 -51.69
N GLU F 501 -40.65 63.11 -50.79
CA GLU F 501 -40.98 63.58 -49.44
C GLU F 501 -39.72 63.92 -48.64
N LYS F 502 -38.66 63.11 -48.78
CA LYS F 502 -37.42 63.41 -48.08
C LYS F 502 -36.82 64.72 -48.55
N GLY F 503 -36.83 64.96 -49.86
CA GLY F 503 -36.28 66.19 -50.42
C GLY F 503 -37.05 66.69 -51.62
N ASP G 95 16.38 21.93 -81.11
CA ASP G 95 17.32 23.03 -81.27
C ASP G 95 17.06 23.80 -82.56
N ARG G 96 17.62 25.00 -82.67
CA ARG G 96 17.46 25.86 -83.83
C ARG G 96 18.81 25.98 -84.53
N ALA G 97 18.83 25.70 -85.84
CA ALA G 97 20.03 25.77 -86.64
C ALA G 97 20.00 26.90 -87.66
N ALA G 98 19.08 27.85 -87.50
CA ALA G 98 18.97 28.96 -88.44
C ALA G 98 20.16 29.90 -88.32
N THR G 99 20.53 30.53 -89.43
CA THR G 99 21.64 31.46 -89.48
C THR G 99 21.16 32.85 -89.07
N ARG G 100 21.80 33.42 -88.06
CA ARG G 100 21.39 34.74 -87.57
C ARG G 100 21.67 35.82 -88.62
N ASP G 101 22.89 35.87 -89.14
CA ASP G 101 23.31 36.84 -90.16
C ASP G 101 23.19 38.23 -89.56
N ALA G 102 22.40 39.14 -90.14
CA ALA G 102 22.39 40.53 -89.70
C ALA G 102 21.80 40.65 -88.29
N ILE G 103 20.65 40.01 -88.05
CA ILE G 103 19.86 40.09 -86.82
C ILE G 103 19.97 41.47 -86.16
N THR G 104 19.55 42.51 -86.90
CA THR G 104 19.70 43.87 -86.38
C THR G 104 18.70 44.14 -85.25
N LYS G 105 17.52 43.54 -85.30
CA LYS G 105 16.47 43.81 -84.33
C LYS G 105 15.91 42.50 -83.79
N GLN G 106 15.27 42.61 -82.62
CA GLN G 106 14.54 41.53 -81.98
C GLN G 106 15.45 40.41 -81.49
N ILE G 107 16.76 40.54 -81.72
CA ILE G 107 17.73 39.55 -81.26
C ILE G 107 18.72 40.16 -80.28
N SER G 108 19.22 41.36 -80.56
CA SER G 108 19.91 42.12 -79.52
C SER G 108 18.97 42.40 -78.36
N ALA G 109 17.72 42.76 -78.67
CA ALA G 109 16.70 42.87 -77.64
C ALA G 109 16.48 41.54 -76.93
N GLN G 110 16.58 40.43 -77.66
CA GLN G 110 16.44 39.11 -77.04
C GLN G 110 17.56 38.88 -76.03
N GLN G 111 18.80 39.20 -76.39
CA GLN G 111 19.91 39.05 -75.46
C GLN G 111 19.73 39.96 -74.25
N ASN G 112 19.27 41.20 -74.49
CA ASN G 112 19.09 42.13 -73.38
C ASN G 112 17.99 41.65 -72.43
N GLN G 113 16.89 41.11 -72.97
CA GLN G 113 15.83 40.63 -72.10
C GLN G 113 16.25 39.36 -71.38
N ALA G 114 17.07 38.52 -72.02
CA ALA G 114 17.63 37.37 -71.31
C ALA G 114 18.49 37.83 -70.14
N ALA G 115 19.31 38.86 -70.35
CA ALA G 115 20.12 39.40 -69.27
C ALA G 115 19.24 39.96 -68.16
N ALA G 116 18.18 40.68 -68.52
CA ALA G 116 17.28 41.21 -67.50
C ALA G 116 16.62 40.10 -66.70
N THR G 117 16.17 39.04 -67.38
CA THR G 117 15.52 37.92 -66.69
C THR G 117 16.50 37.21 -65.76
N GLN G 118 17.73 36.97 -66.21
CA GLN G 118 18.67 36.28 -65.34
C GLN G 118 19.06 37.16 -64.16
N LYS G 119 19.17 38.47 -64.36
CA LYS G 119 19.46 39.36 -63.25
C LYS G 119 18.32 39.36 -62.23
N PHE G 120 17.08 39.37 -62.72
CA PHE G 120 15.93 39.30 -61.82
C PHE G 120 15.92 37.99 -61.05
N ASP G 121 16.23 36.88 -61.72
CA ASP G 121 16.29 35.59 -61.05
C ASP G 121 17.39 35.57 -59.99
N ASP G 122 18.55 36.12 -60.31
CA ASP G 122 19.65 36.17 -59.33
C ASP G 122 19.27 37.03 -58.12
N MET G 123 18.62 38.17 -58.36
CA MET G 123 18.18 39.01 -57.25
C MET G 123 17.13 38.31 -56.40
N GLN G 124 16.20 37.59 -57.04
CA GLN G 124 15.19 36.87 -56.28
C GLN G 124 15.77 35.71 -55.50
N ALA G 125 16.84 35.11 -56.01
CA ALA G 125 17.49 34.01 -55.29
C ALA G 125 18.07 34.45 -53.96
N GLU G 126 18.36 35.75 -53.80
CA GLU G 126 18.90 36.30 -52.56
C GLU G 126 20.20 35.60 -52.17
N VAL G 127 21.22 35.76 -53.02
CA VAL G 127 22.52 35.17 -52.74
C VAL G 127 23.10 35.78 -51.49
N GLY G 128 23.59 34.93 -50.59
CA GLY G 128 24.09 35.40 -49.32
C GLY G 128 22.97 35.85 -48.40
N GLN G 129 23.31 36.75 -47.48
CA GLN G 129 22.36 37.29 -46.52
C GLN G 129 22.05 38.74 -46.89
N ARG G 130 20.77 39.07 -46.95
CA ARG G 130 20.32 40.41 -47.29
C ARG G 130 19.07 40.72 -46.47
N GLY G 131 18.35 41.76 -46.87
CA GLY G 131 17.13 42.13 -46.18
C GLY G 131 15.91 41.40 -46.71
N ILE G 132 14.86 42.15 -47.06
CA ILE G 132 13.63 41.60 -47.62
C ILE G 132 13.03 40.59 -46.65
N VAL G 133 12.58 41.07 -45.49
CA VAL G 133 11.94 40.19 -44.50
C VAL G 133 10.65 39.60 -45.07
N ASP G 134 9.85 40.42 -45.74
CA ASP G 134 8.61 39.97 -46.36
C ASP G 134 8.94 39.33 -47.71
N GLN G 135 7.90 39.05 -48.53
CA GLN G 135 8.14 38.45 -49.83
C GLN G 135 8.96 39.37 -50.73
N LEU G 136 8.62 40.65 -50.76
CA LEU G 136 9.34 41.65 -51.53
C LEU G 136 9.47 41.25 -53.01
N ARG G 137 8.31 41.01 -53.62
CA ARG G 137 8.30 40.63 -55.03
C ARG G 137 8.84 41.75 -55.91
N THR G 138 8.47 43.00 -55.60
CA THR G 138 8.93 44.18 -56.34
C THR G 138 8.62 44.08 -57.82
N LEU G 139 7.44 43.53 -58.14
CA LEU G 139 7.04 43.42 -59.55
C LEU G 139 6.73 44.79 -60.15
N SER G 140 6.03 45.63 -59.40
CA SER G 140 5.67 46.97 -59.85
C SER G 140 5.84 47.96 -58.71
N ALA G 141 5.67 49.24 -59.02
CA ALA G 141 5.83 50.28 -58.00
C ALA G 141 4.78 50.12 -56.90
N GLU G 142 3.53 49.84 -57.29
CA GLU G 142 2.47 49.64 -56.30
C GLU G 142 2.75 48.41 -55.43
N GLY G 143 3.15 47.31 -56.06
CA GLY G 143 3.48 46.12 -55.30
C GLY G 143 4.68 46.32 -54.39
N ARG G 144 5.70 47.04 -54.89
CA ARG G 144 6.87 47.31 -54.07
C ARG G 144 6.50 48.19 -52.88
N ALA G 145 5.63 49.18 -53.08
CA ALA G 145 5.17 50.01 -51.97
C ALA G 145 4.39 49.19 -50.96
N GLY G 146 3.56 48.26 -51.45
CA GLY G 146 2.85 47.37 -50.54
C GLY G 146 3.79 46.51 -49.73
N GLU G 147 4.84 45.98 -50.37
CA GLU G 147 5.83 45.20 -49.65
C GLU G 147 6.58 46.04 -48.62
N VAL G 148 6.91 47.29 -48.97
CA VAL G 148 7.56 48.18 -48.01
C VAL G 148 6.65 48.43 -46.81
N ASN G 149 5.35 48.64 -47.06
CA ASN G 149 4.40 48.77 -45.96
C ASN G 149 4.35 47.50 -45.12
N GLN G 150 4.43 46.34 -45.77
CA GLN G 150 4.48 45.08 -45.04
C GLN G 150 5.72 45.01 -44.15
N ILE G 151 6.84 45.57 -44.62
CA ILE G 151 8.05 45.63 -43.79
C ILE G 151 7.81 46.49 -42.55
N LEU G 152 7.12 47.62 -42.71
CA LEU G 152 6.80 48.50 -41.61
C LEU G 152 5.93 47.81 -40.56
N GLU G 162 -10.66 52.89 -32.68
CA GLU G 162 -9.39 52.88 -31.96
C GLU G 162 -8.55 51.67 -32.38
N ILE G 163 -8.59 50.61 -31.56
CA ILE G 163 -7.87 49.40 -31.92
C ILE G 163 -8.54 48.71 -33.11
N ARG G 164 -9.87 48.63 -33.10
CA ARG G 164 -10.58 48.07 -34.24
C ARG G 164 -10.41 48.94 -35.49
N LYS G 165 -10.17 50.24 -35.31
CA LYS G 165 -9.89 51.12 -36.44
C LYS G 165 -8.71 50.60 -37.25
N GLU G 166 -7.54 50.53 -36.62
CA GLU G 166 -6.35 50.04 -37.32
C GLU G 166 -6.48 48.58 -37.70
N LEU G 167 -7.16 47.78 -36.88
CA LEU G 167 -7.34 46.37 -37.21
C LEU G 167 -8.08 46.20 -38.53
N THR G 168 -9.14 47.00 -38.75
CA THR G 168 -9.85 46.94 -40.01
C THR G 168 -9.07 47.59 -41.14
N GLY G 169 -8.40 48.71 -40.86
CA GLY G 169 -7.70 49.43 -41.92
C GLY G 169 -6.55 48.66 -42.52
N VAL G 170 -5.73 48.03 -41.66
CA VAL G 170 -4.60 47.24 -42.17
C VAL G 170 -5.10 46.09 -43.02
N GLN G 171 -6.13 45.39 -42.56
CA GLN G 171 -6.69 44.28 -43.32
C GLN G 171 -7.24 44.75 -44.65
N ASP G 172 -7.97 45.87 -44.66
CA ASP G 172 -8.53 46.38 -45.91
C ASP G 172 -7.42 46.77 -46.89
N ALA G 173 -6.37 47.43 -46.40
CA ALA G 173 -5.26 47.80 -47.26
C ALA G 173 -4.59 46.56 -47.85
N ILE G 174 -4.36 45.54 -47.02
CA ILE G 174 -3.73 44.31 -47.50
C ILE G 174 -4.60 43.65 -48.56
N GLN G 175 -5.91 43.56 -48.30
CA GLN G 175 -6.80 42.91 -49.26
C GLN G 175 -6.83 43.64 -50.59
N ASN G 176 -6.94 44.98 -50.55
CA ASN G 176 -6.99 45.74 -51.79
C ASN G 176 -5.68 45.61 -52.57
N ARG G 177 -4.54 45.73 -51.88
CA ARG G 177 -3.26 45.61 -52.56
C ARG G 177 -3.06 44.24 -53.17
N GLN G 178 -3.41 43.19 -52.41
CA GLN G 178 -3.25 41.83 -52.93
C GLN G 178 -4.15 41.58 -54.12
N TYR G 179 -5.41 42.04 -54.05
CA TYR G 179 -6.32 41.85 -55.16
C TYR G 179 -5.82 42.55 -56.41
N ARG G 180 -5.38 43.81 -56.26
CA ARG G 180 -4.91 44.56 -57.42
C ARG G 180 -3.66 43.91 -58.02
N ALA G 181 -2.72 43.51 -57.18
CA ALA G 181 -1.48 42.90 -57.69
C ALA G 181 -1.77 41.58 -58.38
N ALA G 182 -2.63 40.74 -57.79
CA ALA G 182 -2.96 39.47 -58.41
C ALA G 182 -3.66 39.67 -59.74
N GLY G 183 -4.60 40.63 -59.80
CA GLY G 183 -5.25 40.90 -61.08
C GLY G 183 -4.27 41.36 -62.13
N GLU G 184 -3.36 42.28 -61.76
CA GLU G 184 -2.40 42.79 -62.72
C GLU G 184 -1.49 41.68 -63.22
N GLN G 185 -1.00 40.82 -62.33
CA GLN G 185 -0.07 39.77 -62.76
C GLN G 185 -0.77 38.72 -63.60
N ARG G 186 -2.00 38.34 -63.25
CA ARG G 186 -2.75 37.40 -64.08
C ARG G 186 -3.02 37.99 -65.44
N ALA G 187 -3.39 39.28 -65.50
CA ALA G 187 -3.62 39.92 -66.79
C ALA G 187 -2.35 39.93 -67.63
N GLN G 188 -1.21 40.23 -67.01
CA GLN G 188 0.05 40.26 -67.74
C GLN G 188 0.40 38.88 -68.29
N ALA G 189 0.22 37.83 -67.47
CA ALA G 189 0.53 36.48 -67.94
C ALA G 189 -0.40 36.07 -69.09
N ALA G 190 -1.70 36.37 -68.96
CA ALA G 190 -2.63 36.04 -70.03
C ALA G 190 -2.30 36.79 -71.31
N ALA G 191 -1.92 38.07 -71.19
CA ALA G 191 -1.55 38.85 -72.36
C ALA G 191 -0.28 38.29 -73.01
N ASN G 192 0.69 37.85 -72.20
CA ASN G 192 1.89 37.25 -72.75
C ASN G 192 1.57 35.99 -73.52
N ARG G 193 0.72 35.13 -72.96
CA ARG G 193 0.34 33.91 -73.66
C ARG G 193 -0.40 34.23 -74.95
N ALA G 194 -1.30 35.21 -74.92
CA ALA G 194 -2.04 35.58 -76.12
C ALA G 194 -1.10 36.13 -77.19
N ALA G 195 -0.12 36.94 -76.77
CA ALA G 195 0.84 37.47 -77.74
C ALA G 195 1.68 36.36 -78.36
N GLU G 196 2.11 35.40 -77.56
CA GLU G 196 2.86 34.26 -78.11
C GLU G 196 2.01 33.48 -79.10
N ALA G 197 0.74 33.23 -78.76
CA ALA G 197 -0.15 32.52 -79.68
C ALA G 197 -0.35 33.31 -80.97
N HIS G 198 -0.50 34.63 -80.86
CA HIS G 198 -0.69 35.45 -82.05
C HIS G 198 0.54 35.42 -82.93
N SER G 199 1.73 35.48 -82.33
CA SER G 199 2.96 35.39 -83.11
C SER G 199 3.07 34.05 -83.82
N LEU G 200 2.72 32.96 -83.10
CA LEU G 200 2.77 31.64 -83.72
C LEU G 200 1.79 31.56 -84.89
N SER G 201 0.58 32.10 -84.72
CA SER G 201 -0.40 32.08 -85.80
C SER G 201 0.07 32.89 -86.99
N MET G 202 0.66 34.07 -86.76
CA MET G 202 1.14 34.91 -87.84
C MET G 202 2.35 34.29 -88.54
N ALA G 203 3.10 33.43 -87.85
CA ALA G 203 4.33 32.87 -88.39
C ALA G 203 4.07 31.84 -89.48
N ALA G 204 2.82 31.74 -89.94
CA ALA G 204 2.50 30.83 -91.03
C ALA G 204 3.18 31.27 -92.32
N GLY G 205 3.73 30.31 -93.05
CA GLY G 205 4.40 30.60 -94.30
C GLY G 205 5.90 30.33 -94.24
N PHE G 211 12.52 39.29 -91.57
CA PHE G 211 12.18 37.97 -91.05
C PHE G 211 10.68 37.86 -90.78
N THR G 212 9.88 38.31 -91.75
CA THR G 212 8.42 38.28 -91.67
C THR G 212 7.93 38.99 -90.41
N ARG G 213 8.20 40.29 -90.36
CA ARG G 213 7.87 41.07 -89.15
C ARG G 213 6.40 41.47 -89.14
N GLU G 214 5.99 42.34 -90.07
CA GLU G 214 4.61 42.81 -90.17
C GLU G 214 4.09 43.43 -88.88
N GLN G 215 2.78 43.67 -88.82
CA GLN G 215 2.19 44.37 -87.68
C GLN G 215 2.21 43.52 -86.41
N ARG G 216 2.07 42.20 -86.54
CA ARG G 216 2.11 41.33 -85.37
C ARG G 216 3.45 41.43 -84.65
N ASP G 217 4.55 41.30 -85.40
CA ASP G 217 5.85 41.45 -84.78
C ASP G 217 6.18 42.90 -84.47
N GLU G 218 5.50 43.87 -85.09
CA GLU G 218 5.64 45.25 -84.64
C GLU G 218 5.07 45.42 -83.23
N LEU G 219 3.89 44.86 -82.99
CA LEU G 219 3.31 44.87 -81.64
C LEU G 219 4.20 44.11 -80.67
N ARG G 220 4.71 42.96 -81.11
CA ARG G 220 5.65 42.20 -80.29
C ARG G 220 6.88 43.03 -79.97
N ARG G 221 7.39 43.78 -80.94
CA ARG G 221 8.59 44.58 -80.74
C ARG G 221 8.34 45.69 -79.71
N ASP G 222 7.21 46.39 -79.84
CA ASP G 222 6.97 47.48 -78.89
C ASP G 222 6.71 46.93 -77.48
N ARG G 223 5.99 45.81 -77.37
CA ARG G 223 5.80 45.21 -76.06
C ARG G 223 7.12 44.75 -75.46
N ASP G 224 8.00 44.17 -76.28
CA ASP G 224 9.31 43.75 -75.79
C ASP G 224 10.16 44.94 -75.40
N GLU G 225 10.05 46.06 -76.12
CA GLU G 225 10.76 47.27 -75.72
C GLU G 225 10.29 47.76 -74.37
N ALA G 226 8.96 47.75 -74.14
CA ALA G 226 8.44 48.12 -72.84
C ALA G 226 8.94 47.19 -71.74
N LYS G 227 8.95 45.89 -72.02
CA LYS G 227 9.45 44.92 -71.03
C LYS G 227 10.93 45.14 -70.74
N LEU G 228 11.72 45.40 -71.78
CA LEU G 228 13.14 45.69 -71.60
C LEU G 228 13.33 46.93 -70.75
N VAL G 229 12.55 47.97 -71.02
CA VAL G 229 12.65 49.20 -70.24
C VAL G 229 12.35 48.92 -68.77
N SER G 230 11.24 48.22 -68.52
CA SER G 230 10.85 47.95 -67.14
C SER G 230 11.92 47.13 -66.42
N GLY G 231 12.43 46.08 -67.07
CA GLY G 231 13.43 45.24 -66.43
C GLY G 231 14.73 45.99 -66.16
N THR G 232 15.19 46.77 -67.14
CA THR G 232 16.42 47.53 -66.94
C THR G 232 16.26 48.54 -65.82
N ILE G 233 15.12 49.22 -65.74
CA ILE G 233 14.91 50.22 -64.70
C ILE G 233 14.87 49.56 -63.33
N ALA G 234 14.17 48.43 -63.22
CA ALA G 234 14.13 47.71 -61.95
C ALA G 234 15.54 47.25 -61.53
N THR G 235 16.32 46.75 -62.48
CA THR G 235 17.67 46.32 -62.16
C THR G 235 18.53 47.49 -61.69
N THR G 236 18.41 48.64 -62.37
CA THR G 236 19.19 49.81 -61.97
C THR G 236 18.81 50.27 -60.56
N PHE G 237 17.51 50.31 -60.26
CA PHE G 237 17.10 50.72 -58.92
C PHE G 237 17.59 49.73 -57.86
N GLN G 238 17.48 48.43 -58.15
CA GLN G 238 17.94 47.43 -57.19
C GLN G 238 19.44 47.54 -56.95
N ASP G 239 20.22 47.79 -58.01
CA ASP G 239 21.65 47.99 -57.84
C ASP G 239 21.95 49.24 -57.03
N TYR G 240 21.17 50.31 -57.25
CA TYR G 240 21.41 51.55 -56.52
C TYR G 240 21.09 51.41 -55.04
N ASP G 241 20.09 50.57 -54.70
CA ASP G 241 19.66 50.48 -53.31
C ASP G 241 20.78 50.00 -52.38
N GLU G 242 21.60 49.05 -52.85
CA GLU G 242 22.69 48.56 -52.02
C GLU G 242 23.68 49.66 -51.70
N SER G 243 24.05 50.46 -52.71
CA SER G 243 24.94 51.59 -52.47
C SER G 243 24.30 52.62 -51.55
N ARG G 244 22.99 52.83 -51.70
CA ARG G 244 22.30 53.76 -50.81
C ARG G 244 22.38 53.30 -49.37
N GLN G 245 22.18 52.01 -49.12
CA GLN G 245 22.29 51.49 -47.75
C GLN G 245 23.72 51.59 -47.23
N ALA G 246 24.69 51.25 -48.07
CA ALA G 246 26.09 51.30 -47.65
C ALA G 246 26.50 52.72 -47.26
N GLN G 247 26.05 53.72 -48.02
CA GLN G 247 26.35 55.10 -47.69
C GLN G 247 25.51 55.61 -46.52
N SER G 248 24.28 55.10 -46.37
CA SER G 248 23.45 55.47 -45.24
C SER G 248 24.07 54.98 -43.93
N GLU G 249 24.83 53.88 -43.98
CA GLU G 249 25.59 53.46 -42.82
C GLU G 249 26.45 54.61 -42.29
N ILE G 250 27.24 55.22 -43.18
CA ILE G 250 28.13 56.31 -42.75
C ILE G 250 27.34 57.57 -42.43
N MET G 251 26.26 57.86 -43.17
CA MET G 251 25.45 59.02 -42.77
C MET G 251 24.94 58.86 -41.35
N ARG G 252 24.46 57.68 -41.00
CA ARG G 252 23.98 57.44 -39.64
C ARG G 252 25.12 57.52 -38.63
N ILE G 253 26.27 56.96 -38.95
CA ILE G 253 27.41 56.99 -38.03
C ILE G 253 27.82 58.43 -37.75
N VAL G 254 27.93 59.24 -38.81
CA VAL G 254 28.31 60.64 -38.64
C VAL G 254 27.25 61.40 -37.85
N GLY G 255 25.97 61.17 -38.18
CA GLY G 255 24.91 61.85 -37.47
C GLY G 255 24.88 61.52 -35.99
N LYS G 256 25.16 60.26 -35.65
CA LYS G 256 25.27 59.87 -34.24
C LYS G 256 26.49 60.52 -33.60
N GLU G 257 27.59 60.63 -34.35
CA GLU G 257 28.80 61.25 -33.80
C GLU G 257 28.55 62.71 -33.42
N VAL G 258 28.01 63.50 -34.37
CA VAL G 258 27.71 64.89 -34.05
C VAL G 258 26.45 65.00 -33.19
N GLY G 259 25.41 64.24 -33.54
CA GLY G 259 24.20 64.14 -32.73
C GLY G 259 23.02 64.96 -33.23
N MET G 260 22.17 64.31 -34.02
CA MET G 260 20.92 64.81 -34.58
C MET G 260 19.77 63.94 -34.10
N PRO G 261 18.55 64.50 -34.09
CA PRO G 261 17.37 63.67 -33.78
C PRO G 261 17.20 62.56 -34.81
N THR G 262 17.14 61.32 -34.33
CA THR G 262 17.16 60.15 -35.19
C THR G 262 16.08 59.16 -34.77
N ASP G 263 15.73 58.28 -35.69
CA ASP G 263 14.74 57.23 -35.46
C ASP G 263 15.33 55.86 -35.79
N ASP G 264 14.48 54.85 -35.89
CA ASP G 264 14.96 53.47 -36.05
C ASP G 264 15.84 53.31 -37.29
N GLN G 265 15.61 54.10 -38.34
CA GLN G 265 16.42 53.99 -39.54
C GLN G 265 17.82 54.56 -39.35
N GLY G 266 18.02 55.44 -38.37
CA GLY G 266 19.32 55.97 -38.04
C GLY G 266 19.66 57.29 -38.69
N MET G 267 19.01 57.65 -39.80
CA MET G 267 19.30 58.91 -40.46
C MET G 267 18.55 60.05 -39.76
N PRO G 268 19.16 61.23 -39.65
CA PRO G 268 18.49 62.35 -38.98
C PRO G 268 17.16 62.69 -39.63
N ASP G 269 16.20 63.09 -38.79
CA ASP G 269 14.83 63.36 -39.22
C ASP G 269 14.80 64.64 -40.05
N MET G 270 14.15 64.57 -41.23
CA MET G 270 14.13 65.71 -42.13
C MET G 270 13.37 66.89 -41.53
N SER G 271 12.19 66.64 -40.98
CA SER G 271 11.39 67.73 -40.43
C SER G 271 12.06 68.35 -39.21
N ARG G 272 12.64 67.52 -38.34
CA ARG G 272 13.24 67.99 -37.11
C ARG G 272 14.62 68.59 -37.31
N ALA G 273 15.29 68.30 -38.43
CA ALA G 273 16.62 68.83 -38.67
C ALA G 273 16.52 70.30 -39.08
N SER G 274 17.00 71.19 -38.21
CA SER G 274 17.07 72.59 -38.53
C SER G 274 18.30 72.89 -39.39
N GLN G 275 18.47 74.16 -39.73
CA GLN G 275 19.65 74.56 -40.50
C GLN G 275 20.93 74.31 -39.71
N ASP G 276 20.90 74.61 -38.40
CA ASP G 276 22.05 74.33 -37.56
C ASP G 276 22.31 72.83 -37.45
N GLN G 277 21.25 72.03 -37.41
CA GLN G 277 21.41 70.58 -37.40
C GLN G 277 22.07 70.09 -38.68
N LEU G 278 21.65 70.62 -39.83
CA LEU G 278 22.26 70.23 -41.09
C LEU G 278 23.64 70.84 -41.29
N ASP G 279 24.00 71.83 -40.48
CA ASP G 279 25.36 72.39 -40.55
C ASP G 279 26.40 71.35 -40.18
N ALA G 280 26.09 70.45 -39.25
CA ALA G 280 27.02 69.38 -38.91
C ALA G 280 27.26 68.46 -40.11
N PHE G 281 26.19 68.12 -40.83
CA PHE G 281 26.34 67.30 -42.02
C PHE G 281 27.12 68.04 -43.10
N SER G 282 26.87 69.34 -43.25
CA SER G 282 27.62 70.13 -44.22
C SER G 282 29.11 70.16 -43.90
N ASN G 283 29.44 70.35 -42.61
CA ASN G 283 30.84 70.34 -42.20
C ASN G 283 31.47 68.96 -42.41
N ALA G 284 30.71 67.89 -42.14
CA ALA G 284 31.23 66.55 -42.38
C ALA G 284 31.49 66.31 -43.87
N LEU G 285 30.59 66.79 -44.73
CA LEU G 285 30.79 66.66 -46.16
C LEU G 285 32.01 67.45 -46.62
N ASN G 286 32.19 68.65 -46.08
CA ASN G 286 33.39 69.42 -46.38
C ASN G 286 34.64 68.71 -45.87
N GLU G 287 34.50 67.94 -44.79
CA GLU G 287 35.65 67.25 -44.21
C GLU G 287 36.10 66.09 -45.11
N ALA G 288 35.23 65.11 -45.32
CA ALA G 288 35.57 63.93 -46.09
C ALA G 288 34.29 63.41 -46.75
N GLY G 289 34.33 62.16 -47.21
CA GLY G 289 33.19 61.55 -47.86
C GLY G 289 33.18 61.76 -49.37
N VAL G 290 32.98 63.01 -49.79
CA VAL G 290 32.96 63.39 -51.20
C VAL G 290 31.93 62.55 -51.95
N GLN G 291 30.77 62.34 -51.34
CA GLN G 291 29.68 61.59 -51.96
C GLN G 291 28.77 62.58 -52.67
N ALA G 292 29.02 62.78 -53.96
CA ALA G 292 28.23 63.73 -54.74
C ALA G 292 26.78 63.31 -54.84
N ASN G 293 26.54 62.01 -55.08
CA ASN G 293 25.19 61.46 -55.25
C ASN G 293 24.44 62.20 -56.35
N THR G 294 25.15 62.55 -57.43
CA THR G 294 24.56 63.22 -58.57
C THR G 294 23.88 62.26 -59.53
N SER G 295 24.00 60.95 -59.30
CA SER G 295 23.36 59.92 -60.12
C SER G 295 21.95 60.27 -60.59
N PRO G 296 21.04 60.85 -59.75
CA PRO G 296 19.70 61.18 -60.24
C PRO G 296 19.63 61.91 -61.58
N THR G 297 20.75 62.45 -62.07
CA THR G 297 20.78 62.81 -63.49
C THR G 297 21.53 61.77 -64.32
N GLU G 298 22.81 61.54 -64.02
CA GLU G 298 23.62 60.68 -64.89
C GLU G 298 22.93 59.35 -65.14
N ARG G 299 22.36 58.76 -64.08
CA ARG G 299 21.66 57.50 -64.19
C ARG G 299 20.84 57.41 -65.46
N ARG G 300 19.85 58.31 -65.62
CA ARG G 300 18.90 58.05 -66.70
C ARG G 300 19.58 58.19 -68.06
N ASN G 301 20.52 59.13 -68.20
CA ASN G 301 21.19 59.26 -69.48
C ASN G 301 21.95 57.98 -69.80
N ALA G 302 22.61 57.41 -68.79
CA ALA G 302 23.27 56.12 -68.97
C ALA G 302 22.27 55.09 -69.48
N VAL G 303 21.12 55.00 -68.83
CA VAL G 303 20.09 54.08 -69.28
C VAL G 303 19.71 54.37 -70.71
N LEU G 304 19.55 55.66 -71.03
CA LEU G 304 19.24 56.05 -72.40
C LEU G 304 20.27 55.49 -73.36
N LYS G 305 21.56 55.64 -73.02
CA LYS G 305 22.61 55.11 -73.89
C LYS G 305 22.45 53.60 -74.05
N SER G 306 22.17 52.90 -72.95
CA SER G 306 21.93 51.45 -73.05
C SER G 306 20.76 51.18 -73.98
N LEU G 307 19.68 51.96 -73.85
CA LEU G 307 18.57 51.84 -74.78
C LEU G 307 19.04 52.14 -76.20
N VAL G 308 19.85 53.19 -76.35
CA VAL G 308 20.45 53.49 -77.65
C VAL G 308 21.29 52.31 -78.12
N ASP G 309 21.99 51.65 -77.18
CA ASP G 309 22.72 50.44 -77.52
C ASP G 309 21.75 49.33 -77.95
N ALA G 310 20.62 49.20 -77.27
CA ALA G 310 19.67 48.15 -77.62
C ALA G 310 18.91 48.50 -78.89
N GLY G 311 18.48 49.76 -79.02
CA GLY G 311 17.67 50.18 -80.15
C GLY G 311 16.20 50.23 -79.77
N VAL G 312 15.71 51.44 -79.48
CA VAL G 312 14.36 51.63 -78.95
C VAL G 312 13.67 52.72 -79.76
N SER G 313 12.40 52.50 -80.06
CA SER G 313 11.59 53.52 -80.71
C SER G 313 11.34 54.68 -79.74
N SER G 314 10.91 55.82 -80.31
CA SER G 314 10.72 57.02 -79.52
C SER G 314 9.70 56.82 -78.41
N LYS G 315 8.68 55.99 -78.64
CA LYS G 315 7.69 55.73 -77.60
C LYS G 315 8.32 55.08 -76.39
N GLY G 316 9.23 54.12 -76.60
CA GLY G 316 9.92 53.50 -75.48
C GLY G 316 10.79 54.49 -74.73
N ILE G 317 11.44 55.40 -75.45
CA ILE G 317 12.25 56.43 -74.79
C ILE G 317 11.37 57.33 -73.94
N ALA G 318 10.21 57.71 -74.45
CA ALA G 318 9.29 58.52 -73.67
C ALA G 318 8.81 57.78 -72.42
N GLN G 319 8.52 56.48 -72.57
CA GLN G 319 8.11 55.68 -71.42
C GLN G 319 9.22 55.62 -70.38
N ALA G 320 10.47 55.45 -70.83
CA ALA G 320 11.59 55.40 -69.90
C ALA G 320 11.78 56.73 -69.18
N LYS G 321 11.63 57.85 -69.90
CA LYS G 321 11.75 59.16 -69.27
C LYS G 321 10.66 59.37 -68.22
N GLN G 322 9.43 58.95 -68.54
CA GLN G 322 8.35 59.04 -67.57
C GLN G 322 8.61 58.16 -66.35
N GLU G 323 9.15 56.97 -66.58
CA GLU G 323 9.49 56.10 -65.46
C GLU G 323 10.56 56.74 -64.58
N MET G 324 11.56 57.37 -65.19
CA MET G 324 12.55 58.14 -64.43
C MET G 324 11.91 59.23 -63.60
N GLU G 325 11.07 60.07 -64.20
CA GLU G 325 10.52 61.18 -63.42
C GLU G 325 9.66 60.66 -62.27
N LEU G 326 8.83 59.64 -62.52
CA LEU G 326 7.97 59.14 -61.46
C LEU G 326 8.76 58.42 -60.38
N ARG G 327 9.78 57.65 -60.78
CA ARG G 327 10.59 56.93 -59.81
C ARG G 327 11.38 57.89 -58.93
N GLU G 328 11.95 58.94 -59.52
CA GLU G 328 12.69 59.91 -58.74
C GLU G 328 11.77 60.70 -57.82
N SER G 329 10.56 61.04 -58.29
CA SER G 329 9.59 61.69 -57.42
C SER G 329 9.22 60.79 -56.25
N LEU G 330 8.99 59.50 -56.53
CA LEU G 330 8.64 58.55 -55.47
C LEU G 330 9.78 58.40 -54.47
N GLU G 331 11.02 58.34 -54.96
CA GLU G 331 12.17 58.23 -54.07
C GLU G 331 12.33 59.48 -53.22
N GLY G 332 11.98 60.64 -53.75
CA GLY G 332 12.10 61.88 -52.99
C GLY G 332 11.05 62.03 -51.90
N LEU G 333 9.96 61.29 -51.97
CA LEU G 333 8.89 61.44 -50.99
C LEU G 333 9.26 60.79 -49.66
N ALA G 334 8.66 61.30 -48.59
CA ALA G 334 8.76 60.65 -47.29
C ALA G 334 7.95 59.36 -47.30
N PRO G 335 8.31 58.39 -46.45
CA PRO G 335 7.59 57.10 -46.48
C PRO G 335 6.08 57.22 -46.36
N GLN G 336 5.59 58.03 -45.42
CA GLN G 336 4.15 58.20 -45.28
C GLN G 336 3.56 58.89 -46.50
N ASP G 337 4.21 59.96 -46.98
CA ASP G 337 3.74 60.64 -48.16
C ASP G 337 3.85 59.75 -49.39
N ARG G 338 4.90 58.93 -49.46
CA ARG G 338 5.03 57.98 -50.57
C ARG G 338 3.88 56.97 -50.57
N THR G 339 3.53 56.46 -49.39
CA THR G 339 2.40 55.54 -49.29
C THR G 339 1.10 56.23 -49.71
N LYS G 340 0.91 57.47 -49.28
CA LYS G 340 -0.30 58.21 -49.67
C LYS G 340 -0.36 58.38 -51.18
N VAL G 341 0.76 58.75 -51.80
CA VAL G 341 0.79 58.97 -53.24
C VAL G 341 0.53 57.67 -54.00
N GLU G 342 1.16 56.58 -53.58
CA GLU G 342 0.97 55.32 -54.29
C GLU G 342 -0.45 54.79 -54.12
N ALA G 343 -1.06 55.02 -52.94
CA ALA G 343 -2.43 54.59 -52.75
C ALA G 343 -3.40 55.44 -53.57
N THR G 344 -3.12 56.74 -53.70
CA THR G 344 -3.95 57.57 -54.58
C THR G 344 -3.80 57.13 -56.03
N ILE G 345 -2.59 56.74 -56.44
CA ILE G 345 -2.38 56.22 -57.78
C ILE G 345 -3.19 54.95 -57.99
N GLY G 346 -3.17 54.04 -57.00
CA GLY G 346 -3.98 52.84 -57.09
C GLY G 346 -5.46 53.15 -57.19
N ALA G 347 -5.93 54.13 -56.42
CA ALA G 347 -7.33 54.51 -56.49
C ALA G 347 -7.70 55.05 -57.87
N VAL G 348 -6.86 55.93 -58.42
CA VAL G 348 -7.17 56.51 -59.72
C VAL G 348 -7.01 55.49 -60.85
N ASN G 349 -6.26 54.41 -60.60
CA ASN G 349 -6.12 53.33 -61.57
C ASN G 349 -7.07 52.17 -61.31
N ALA G 350 -7.90 52.26 -60.27
CA ALA G 350 -8.80 51.16 -59.94
C ALA G 350 -9.78 50.86 -61.08
N GLU G 351 -10.36 51.89 -61.71
CA GLU G 351 -11.31 51.63 -62.78
C GLU G 351 -10.63 51.01 -63.99
N LEU G 352 -9.41 51.46 -64.31
CA LEU G 352 -8.64 50.83 -65.39
C LEU G 352 -8.34 49.37 -65.05
N ASP G 353 -8.00 49.11 -63.79
CA ASP G 353 -7.74 47.74 -63.37
C ASP G 353 -8.97 46.87 -63.51
N THR G 354 -10.14 47.39 -63.13
CA THR G 354 -11.38 46.63 -63.26
C THR G 354 -11.70 46.33 -64.71
N LEU G 355 -11.56 47.33 -65.59
CA LEU G 355 -11.79 47.09 -67.01
C LEU G 355 -10.82 46.05 -67.54
N GLN G 356 -9.55 46.16 -67.17
CA GLN G 356 -8.54 45.21 -67.63
C GLN G 356 -8.87 43.78 -67.18
N ARG G 357 -9.18 43.61 -65.90
CA ARG G 357 -9.45 42.26 -65.40
C ARG G 357 -10.68 41.69 -66.07
N THR G 358 -11.77 42.47 -66.19
CA THR G 358 -12.98 41.96 -66.81
C THR G 358 -12.72 41.54 -68.26
N ALA G 359 -11.98 42.37 -69.00
CA ALA G 359 -11.58 41.99 -70.35
C ALA G 359 -10.79 40.70 -70.34
N THR G 360 -9.94 40.51 -69.33
CA THR G 360 -9.14 39.30 -69.29
C THR G 360 -10.00 38.06 -69.07
N GLU G 361 -10.98 38.11 -68.15
CA GLU G 361 -11.84 36.92 -68.00
C GLU G 361 -12.63 36.67 -69.27
N ASP G 362 -13.16 37.72 -69.89
CA ASP G 362 -13.91 37.54 -71.13
C ASP G 362 -13.06 36.85 -72.18
N TYR G 363 -11.85 37.36 -72.40
CA TYR G 363 -11.01 36.82 -73.46
C TYR G 363 -10.49 35.42 -73.12
N GLU G 364 -10.20 35.13 -71.85
CA GLU G 364 -9.73 33.78 -71.53
C GLU G 364 -10.86 32.77 -71.63
N ARG G 365 -12.09 33.17 -71.33
CA ARG G 365 -13.22 32.28 -71.59
C ARG G 365 -13.38 32.03 -73.09
N GLU G 366 -13.23 33.08 -73.90
CA GLU G 366 -13.30 32.89 -75.35
C GLU G 366 -12.19 31.96 -75.83
N VAL G 367 -11.00 32.06 -75.21
CA VAL G 367 -9.92 31.13 -75.53
C VAL G 367 -10.30 29.70 -75.15
N ALA G 368 -10.88 29.53 -73.95
CA ALA G 368 -11.34 28.21 -73.55
C ALA G 368 -12.36 27.65 -74.52
N ARG G 369 -13.14 28.54 -75.16
CA ARG G 369 -14.08 28.09 -76.18
C ARG G 369 -13.38 27.75 -77.49
N ASN G 370 -12.35 28.51 -77.86
CA ASN G 370 -11.74 28.41 -79.19
C ASN G 370 -10.35 27.80 -79.12
N PRO G 371 -10.13 26.66 -79.75
CA PRO G 371 -8.76 26.10 -79.80
C PRO G 371 -7.87 26.83 -80.78
N PHE G 372 -8.48 27.42 -81.83
CA PHE G 372 -7.70 28.07 -82.87
C PHE G 372 -6.98 29.30 -82.34
N VAL G 373 -7.53 29.96 -81.33
CA VAL G 373 -6.88 31.14 -80.77
C VAL G 373 -5.68 30.78 -79.91
N GLU G 374 -5.60 29.53 -79.43
CA GLU G 374 -4.51 29.10 -78.56
C GLU G 374 -4.20 27.63 -78.82
N PRO G 375 -3.14 27.34 -79.58
CA PRO G 375 -2.72 25.95 -79.79
C PRO G 375 -1.94 25.44 -78.58
N ASP G 376 -1.46 24.21 -78.70
CA ASP G 376 -0.68 23.59 -77.63
C ASP G 376 0.25 22.55 -78.24
N LYS G 377 1.48 22.49 -77.70
CA LYS G 377 2.45 21.50 -78.17
C LYS G 377 2.26 20.14 -77.52
N ASP G 378 1.49 20.06 -76.43
CA ASP G 378 1.27 18.77 -75.77
C ASP G 378 0.54 17.77 -76.65
N PRO G 379 -0.58 18.11 -77.32
CA PRO G 379 -1.28 17.09 -78.13
C PRO G 379 -0.43 16.48 -79.24
N LEU G 380 0.72 17.09 -79.57
CA LEU G 380 1.63 16.48 -80.53
C LEU G 380 2.04 15.08 -80.09
N GLY G 381 2.11 14.84 -78.78
CA GLY G 381 2.42 13.51 -78.29
C GLY G 381 1.17 12.70 -77.97
N SER G 382 0.02 13.38 -77.93
CA SER G 382 -1.22 12.70 -77.59
C SER G 382 -1.77 11.88 -78.75
N VAL G 383 -1.58 12.35 -79.99
CA VAL G 383 -2.23 11.76 -81.15
C VAL G 383 -2.00 10.25 -81.23
N ASN G 384 -0.89 9.77 -80.66
CA ASN G 384 -0.55 8.35 -80.74
C ASN G 384 -1.67 7.48 -80.18
N LYS G 385 -2.32 7.92 -79.09
CA LYS G 385 -3.37 7.10 -78.51
C LYS G 385 -4.54 6.93 -79.47
N ILE G 386 -4.85 7.97 -80.25
CA ILE G 386 -5.88 7.85 -81.27
C ILE G 386 -5.51 6.77 -82.26
N VAL G 387 -4.22 6.64 -82.57
CA VAL G 387 -3.76 5.58 -83.46
C VAL G 387 -4.18 4.22 -82.92
N ASP G 388 -4.08 4.04 -81.60
CA ASP G 388 -4.50 2.77 -80.99
C ASP G 388 -5.98 2.51 -81.26
N LYS G 389 -6.81 3.56 -81.20
CA LYS G 389 -8.23 3.39 -81.47
C LYS G 389 -8.50 2.97 -82.91
N ALA G 390 -7.52 3.10 -83.79
CA ALA G 390 -7.66 2.62 -85.16
C ALA G 390 -7.28 1.16 -85.33
N VAL G 391 -6.79 0.50 -84.28
CA VAL G 391 -6.30 -0.87 -84.38
C VAL G 391 -7.18 -1.84 -83.61
N LYS G 392 -7.66 -1.45 -82.42
CA LYS G 392 -8.40 -2.37 -81.56
C LYS G 392 -9.76 -2.66 -82.18
N SER G 393 -9.87 -3.84 -82.80
CA SER G 393 -11.11 -4.30 -83.45
C SER G 393 -11.63 -3.26 -84.44
N GLY G 394 -10.71 -2.67 -85.19
CA GLY G 394 -11.07 -1.66 -86.17
C GLY G 394 -10.29 -1.75 -87.46
N PHE G 395 -10.97 -1.52 -88.58
CA PHE G 395 -10.34 -1.57 -89.89
C PHE G 395 -9.83 -0.17 -90.24
N GLY G 396 -8.53 0.04 -90.06
CA GLY G 396 -7.92 1.32 -90.38
C GLY G 396 -6.92 1.22 -91.51
N TRP G 397 -5.75 1.84 -91.35
CA TRP G 397 -4.72 1.74 -92.36
C TRP G 397 -4.19 0.32 -92.45
N GLU G 398 -3.80 -0.08 -93.66
CA GLU G 398 -3.32 -1.44 -93.91
C GLU G 398 -1.89 -1.55 -93.39
N GLY G 399 -1.76 -1.68 -92.08
CA GLY G 399 -0.45 -1.81 -91.46
C GLY G 399 0.44 -0.61 -91.65
N ASP G 400 -0.11 0.59 -91.49
CA ASP G 400 0.62 1.84 -91.68
C ASP G 400 0.51 2.71 -90.44
N ARG G 401 0.71 2.11 -89.27
CA ARG G 401 0.66 2.87 -88.03
C ARG G 401 1.74 3.95 -87.99
N GLN G 402 2.95 3.61 -88.42
CA GLN G 402 4.01 4.61 -88.49
C GLN G 402 3.68 5.70 -89.50
N ASP G 403 3.13 5.31 -90.65
CA ASP G 403 2.72 6.29 -91.65
C ASP G 403 1.62 7.19 -91.12
N LEU G 404 0.64 6.62 -90.42
CA LEU G 404 -0.42 7.43 -89.82
C LEU G 404 0.16 8.41 -88.80
N ASN G 405 1.08 7.93 -87.96
CA ASN G 405 1.68 8.83 -86.97
C ASN G 405 2.44 9.96 -87.65
N ASN G 406 3.20 9.64 -88.70
CA ASN G 406 3.97 10.66 -89.40
C ASN G 406 3.04 11.69 -90.04
N MET G 407 1.97 11.24 -90.70
CA MET G 407 1.07 12.18 -91.34
C MET G 407 0.30 13.01 -90.33
N LEU G 408 -0.06 12.42 -89.18
CA LEU G 408 -0.76 13.19 -88.15
C LEU G 408 0.14 14.24 -87.51
N VAL G 409 1.40 13.88 -87.23
CA VAL G 409 2.29 14.88 -86.65
C VAL G 409 2.63 15.95 -87.67
N ASP G 410 2.70 15.59 -88.96
CA ASP G 410 2.88 16.61 -89.99
C ASP G 410 1.69 17.56 -90.05
N PHE G 411 0.48 17.01 -89.96
CA PHE G 411 -0.72 17.85 -89.99
C PHE G 411 -0.79 18.75 -88.77
N ALA G 412 -0.40 18.24 -87.60
CA ALA G 412 -0.38 19.04 -86.40
C ALA G 412 0.83 19.96 -86.31
N THR G 413 1.80 19.81 -87.21
CA THR G 413 2.98 20.67 -87.24
C THR G 413 2.88 21.77 -88.30
N ASN G 414 2.52 21.40 -89.52
CA ASN G 414 2.43 22.37 -90.61
C ASN G 414 1.01 22.74 -90.99
N GLY G 415 0.05 21.86 -90.78
CA GLY G 415 -1.33 22.14 -91.10
C GLY G 415 -1.77 21.52 -92.42
N ILE G 416 -3.08 21.44 -92.59
CA ILE G 416 -3.66 20.87 -93.81
C ILE G 416 -3.78 21.97 -94.86
N LYS G 417 -3.80 21.55 -96.13
CA LYS G 417 -3.92 22.48 -97.24
C LYS G 417 -5.39 22.83 -97.42
N LEU G 418 -5.80 23.99 -96.93
CA LEU G 418 -7.17 24.42 -97.08
C LEU G 418 -7.46 24.73 -98.56
N PRO G 419 -8.66 24.39 -99.05
CA PRO G 419 -8.95 24.63 -100.47
C PRO G 419 -8.89 26.10 -100.88
N ASP G 420 -9.05 27.03 -99.94
CA ASP G 420 -8.99 28.45 -100.30
C ASP G 420 -7.59 28.84 -100.78
N GLY G 421 -6.56 28.13 -100.33
CA GLY G 421 -5.20 28.44 -100.72
C GLY G 421 -4.31 28.71 -99.53
N ARG G 422 -4.81 28.41 -98.33
CA ARG G 422 -4.09 28.63 -97.08
C ARG G 422 -3.81 27.30 -96.39
N THR G 423 -3.07 27.37 -95.29
CA THR G 423 -2.69 26.20 -94.51
C THR G 423 -2.98 26.48 -93.05
N ALA G 424 -3.85 25.69 -92.44
CA ALA G 424 -4.24 25.86 -91.05
C ALA G 424 -3.97 24.57 -90.27
N VAL G 425 -3.46 24.73 -89.05
CA VAL G 425 -3.15 23.58 -88.20
C VAL G 425 -4.41 23.12 -87.48
N VAL G 426 -4.71 21.84 -87.59
CA VAL G 426 -5.92 21.28 -86.98
C VAL G 426 -5.70 21.13 -85.47
N PRO G 427 -6.64 21.55 -84.63
CA PRO G 427 -6.48 21.35 -83.18
C PRO G 427 -6.71 19.90 -82.77
N SER G 428 -6.70 19.65 -81.46
CA SER G 428 -6.68 18.28 -80.96
C SER G 428 -8.07 17.67 -80.87
N LYS G 429 -8.97 18.30 -80.10
CA LYS G 429 -10.26 17.66 -79.86
C LYS G 429 -11.13 17.63 -81.11
N LEU G 430 -10.99 18.64 -81.99
CA LEU G 430 -11.66 18.55 -83.28
C LEU G 430 -11.16 17.35 -84.07
N LEU G 431 -9.85 17.10 -84.03
CA LEU G 431 -9.29 15.95 -84.71
C LEU G 431 -9.85 14.64 -84.16
N GLU G 432 -9.89 14.52 -82.82
CA GLU G 432 -10.32 13.25 -82.23
C GLU G 432 -11.81 13.03 -82.42
N GLN G 433 -12.61 14.11 -82.42
CA GLN G 433 -14.03 13.94 -82.69
C GLN G 433 -14.29 13.66 -84.17
N ALA G 434 -13.41 14.15 -85.05
CA ALA G 434 -13.48 13.77 -86.45
C ALA G 434 -13.18 12.28 -86.63
N PHE G 435 -12.19 11.78 -85.89
CA PHE G 435 -11.84 10.36 -86.00
C PHE G 435 -12.92 9.48 -85.38
N ASN G 436 -13.51 9.91 -84.27
CA ASN G 436 -14.47 9.09 -83.52
C ASN G 436 -15.82 9.18 -84.23
N THR G 437 -16.11 8.17 -85.05
CA THR G 437 -17.37 8.07 -85.75
C THR G 437 -18.20 6.94 -85.16
N THR G 438 -19.36 6.66 -85.75
CA THR G 438 -20.22 5.59 -85.25
C THR G 438 -19.60 4.21 -85.51
N ASN G 439 -18.90 4.06 -86.63
CA ASN G 439 -18.25 2.80 -86.96
C ASN G 439 -16.97 3.10 -87.72
N THR G 440 -15.84 2.66 -87.17
CA THR G 440 -14.53 3.01 -87.70
C THR G 440 -14.24 2.38 -89.06
N TRP G 441 -15.07 1.44 -89.53
CA TRP G 441 -14.83 0.80 -90.82
C TRP G 441 -14.95 1.78 -91.97
N LEU G 442 -15.59 2.93 -91.77
CA LEU G 442 -15.73 3.90 -92.85
C LEU G 442 -14.41 4.56 -93.19
N PHE G 443 -13.55 4.76 -92.19
CA PHE G 443 -12.29 5.49 -92.35
C PHE G 443 -11.14 4.50 -92.25
N LYS G 444 -10.62 4.07 -93.41
CA LYS G 444 -9.52 3.12 -93.46
C LYS G 444 -8.27 3.68 -94.10
N ASN G 445 -8.38 4.23 -95.30
CA ASN G 445 -7.20 4.72 -96.01
C ASN G 445 -6.88 6.16 -95.58
N ALA G 446 -5.65 6.57 -95.89
CA ALA G 446 -5.21 7.93 -95.54
C ALA G 446 -6.00 8.97 -96.33
N GLY G 447 -6.28 8.70 -97.60
CA GLY G 447 -7.03 9.65 -98.41
C GLY G 447 -8.42 9.91 -97.86
N ASP G 448 -9.10 8.86 -97.41
CA ASP G 448 -10.44 9.03 -96.86
C ASP G 448 -10.43 9.88 -95.60
N VAL G 449 -9.49 9.62 -94.69
CA VAL G 449 -9.46 10.38 -93.45
C VAL G 449 -9.03 11.82 -93.68
N GLU G 450 -8.12 12.06 -94.63
CA GLU G 450 -7.75 13.44 -94.91
C GLU G 450 -8.89 14.19 -95.59
N LYS G 451 -9.66 13.51 -96.45
CA LYS G 451 -10.84 14.14 -97.01
C LYS G 451 -11.85 14.46 -95.91
N ARG G 452 -12.01 13.54 -94.95
CA ARG G 452 -12.92 13.78 -93.83
C ARG G 452 -12.51 15.01 -93.02
N ILE G 453 -11.23 15.10 -92.66
CA ILE G 453 -10.80 16.24 -91.86
C ILE G 453 -10.87 17.53 -92.67
N ILE G 454 -10.60 17.45 -93.98
CA ILE G 454 -10.69 18.64 -94.83
C ILE G 454 -12.12 19.15 -94.88
N GLU G 455 -13.09 18.25 -95.09
CA GLU G 455 -14.47 18.69 -95.17
C GLU G 455 -15.00 19.13 -93.81
N LEU G 456 -14.48 18.57 -92.72
CA LEU G 456 -14.93 19.00 -91.40
C LEU G 456 -14.37 20.37 -91.02
N MET G 457 -13.12 20.65 -91.40
CA MET G 457 -12.55 21.95 -91.10
C MET G 457 -13.18 23.05 -91.93
N THR G 458 -13.83 22.70 -93.05
CA THR G 458 -14.50 23.69 -93.89
C THR G 458 -15.93 23.96 -93.44
N THR G 459 -16.31 23.53 -92.24
CA THR G 459 -17.65 23.81 -91.73
C THR G 459 -17.84 25.31 -91.58
N ASP G 460 -19.05 25.78 -91.90
CA ASP G 460 -19.33 27.21 -91.88
C ASP G 460 -19.09 27.81 -90.50
N GLY G 461 -19.67 27.21 -89.46
CA GLY G 461 -19.43 27.70 -88.12
C GLY G 461 -17.98 27.56 -87.71
N MET G 462 -17.36 26.42 -88.04
CA MET G 462 -15.95 26.22 -87.73
C MET G 462 -15.08 27.25 -88.46
N THR G 463 -15.39 27.52 -89.72
CA THR G 463 -14.63 28.52 -90.48
C THR G 463 -14.77 29.89 -89.84
N GLN G 464 -16.01 30.30 -89.55
CA GLN G 464 -16.24 31.60 -88.92
C GLN G 464 -15.48 31.71 -87.62
N MET G 465 -15.48 30.65 -86.81
CA MET G 465 -14.70 30.63 -85.58
C MET G 465 -13.21 30.78 -85.87
N ARG G 466 -12.75 30.16 -86.95
CA ARG G 466 -11.34 30.24 -87.33
C ARG G 466 -10.92 31.67 -87.62
N GLU G 467 -11.66 32.38 -88.48
CA GLU G 467 -11.26 33.77 -88.68
C GLU G 467 -11.69 34.69 -87.55
N ASP G 468 -12.50 34.21 -86.60
CA ASP G 468 -12.79 35.03 -85.43
C ASP G 468 -11.64 35.01 -84.43
N ALA G 469 -10.92 33.88 -84.33
CA ALA G 469 -9.86 33.77 -83.34
C ALA G 469 -8.78 34.85 -83.45
N PRO G 470 -8.17 35.10 -84.61
CA PRO G 470 -7.15 36.16 -84.66
C PRO G 470 -7.70 37.54 -84.35
N THR G 471 -8.93 37.82 -84.75
CA THR G 471 -9.51 39.14 -84.49
C THR G 471 -9.67 39.38 -83.00
N ILE G 472 -10.21 38.41 -82.27
CA ILE G 472 -10.37 38.57 -80.83
C ILE G 472 -9.01 38.60 -80.15
N ARG G 473 -8.04 37.84 -80.66
CA ARG G 473 -6.70 37.87 -80.06
C ARG G 473 -6.08 39.26 -80.18
N GLU G 474 -6.11 39.85 -81.39
CA GLU G 474 -5.54 41.17 -81.57
C GLU G 474 -6.35 42.23 -80.82
N ASN G 475 -7.66 42.04 -80.70
CA ASN G 475 -8.45 42.96 -79.89
C ASN G 475 -8.04 42.91 -78.43
N PHE G 476 -7.78 41.71 -77.91
CA PHE G 476 -7.30 41.57 -76.53
C PHE G 476 -5.97 42.27 -76.35
N LEU G 477 -5.05 42.07 -77.30
CA LEU G 477 -3.74 42.71 -77.21
C LEU G 477 -3.86 44.23 -77.25
N LYS G 478 -4.69 44.75 -78.16
CA LYS G 478 -4.87 46.19 -78.25
C LYS G 478 -5.48 46.75 -76.97
N THR G 479 -6.47 46.04 -76.42
CA THR G 479 -7.12 46.52 -75.20
C THR G 479 -6.14 46.56 -74.03
N VAL G 480 -5.33 45.52 -73.86
CA VAL G 480 -4.39 45.53 -72.74
C VAL G 480 -3.32 46.60 -72.95
N SER G 481 -2.88 46.81 -74.19
CA SER G 481 -1.92 47.87 -74.47
C SER G 481 -2.50 49.23 -74.12
N ASP G 482 -3.74 49.48 -74.53
CA ASP G 482 -4.38 50.76 -74.22
C ASP G 482 -4.57 50.93 -72.71
N ILE G 483 -4.93 49.85 -72.02
CA ILE G 483 -5.09 49.92 -70.57
C ILE G 483 -3.78 50.30 -69.91
N ALA G 484 -2.68 49.67 -70.32
CA ALA G 484 -1.37 50.00 -69.76
C ALA G 484 -0.99 51.45 -70.06
N ASN G 485 -1.24 51.90 -71.29
CA ASN G 485 -0.90 53.26 -71.66
C ASN G 485 -1.69 54.27 -70.84
N GLN G 486 -2.99 54.02 -70.67
CA GLN G 486 -3.82 54.94 -69.88
C GLN G 486 -3.41 54.93 -68.40
N LYS G 487 -3.07 53.74 -67.87
CA LYS G 487 -2.58 53.67 -66.50
C LYS G 487 -1.33 54.52 -66.33
N ARG G 488 -0.36 54.37 -67.23
CA ARG G 488 0.87 55.15 -67.14
C ARG G 488 0.59 56.64 -67.29
N SER G 489 -0.34 57.00 -68.19
CA SER G 489 -0.62 58.41 -68.44
C SER G 489 -1.26 59.07 -67.22
N ASN G 490 -2.28 58.43 -66.63
CA ASN G 490 -2.88 59.02 -65.45
C ASN G 490 -1.90 59.04 -64.29
N ALA G 491 -1.05 58.01 -64.17
CA ALA G 491 -0.05 58.00 -63.11
C ALA G 491 0.92 59.17 -63.26
N VAL G 492 1.43 59.40 -64.47
CA VAL G 492 2.39 60.49 -64.67
C VAL G 492 1.74 61.84 -64.43
N LYS G 493 0.49 62.00 -64.91
CA LYS G 493 -0.20 63.27 -64.68
C LYS G 493 -0.42 63.54 -63.20
N VAL G 494 -0.90 62.53 -62.46
CA VAL G 494 -1.15 62.72 -61.04
C VAL G 494 0.16 63.01 -60.29
N THR G 495 1.22 62.27 -60.63
CA THR G 495 2.49 62.46 -59.93
C THR G 495 3.06 63.84 -60.20
N ARG G 496 3.02 64.30 -61.45
CA ARG G 496 3.57 65.63 -61.74
C ARG G 496 2.72 66.73 -61.12
N SER G 497 1.40 66.56 -61.10
CA SER G 497 0.56 67.54 -60.44
C SER G 497 0.85 67.61 -58.95
N ALA G 498 1.00 66.45 -58.31
CA ALA G 498 1.32 66.42 -56.88
C ALA G 498 2.68 67.05 -56.61
N GLU G 499 3.67 66.77 -57.47
CA GLU G 499 4.99 67.35 -57.27
C GLU G 499 4.96 68.86 -57.42
N ARG G 500 4.21 69.37 -58.41
CA ARG G 500 4.09 70.81 -58.56
C ARG G 500 3.37 71.44 -57.37
N GLU G 501 2.33 70.78 -56.86
CA GLU G 501 1.58 71.34 -55.75
C GLU G 501 2.41 71.35 -54.46
N LYS G 502 3.18 70.30 -54.22
CA LYS G 502 4.03 70.26 -53.03
C LYS G 502 5.09 71.36 -53.07
N GLY G 503 5.70 71.57 -54.23
CA GLY G 503 6.72 72.60 -54.38
C GLY G 503 6.69 73.26 -55.74
N ASP H 95 54.72 15.40 -64.02
CA ASP H 95 55.87 16.22 -63.66
C ASP H 95 56.39 17.00 -64.86
N ARG H 96 57.21 18.01 -64.59
CA ARG H 96 57.79 18.86 -65.63
C ARG H 96 59.29 18.61 -65.68
N ALA H 97 59.80 18.31 -66.88
CA ALA H 97 61.22 18.05 -67.09
C ALA H 97 61.91 19.14 -67.90
N ALA H 98 61.27 20.30 -68.05
CA ALA H 98 61.86 21.38 -68.83
C ALA H 98 63.06 21.98 -68.12
N THR H 99 64.00 22.47 -68.92
CA THR H 99 65.23 23.07 -68.39
C THR H 99 64.97 24.55 -68.09
N ARG H 100 65.22 24.95 -66.85
CA ARG H 100 64.98 26.34 -66.46
C ARG H 100 65.94 27.29 -67.17
N ASP H 101 67.24 27.00 -67.13
CA ASP H 101 68.27 27.81 -67.77
C ASP H 101 68.26 29.20 -67.15
N ALA H 102 68.04 30.28 -67.91
CA ALA H 102 68.17 31.62 -67.37
C ALA H 102 67.09 31.93 -66.34
N ILE H 103 65.83 31.61 -66.68
CA ILE H 103 64.63 31.91 -65.89
C ILE H 103 64.78 33.23 -65.13
N THR H 104 64.99 34.32 -65.85
CA THR H 104 65.21 35.61 -65.19
C THR H 104 63.94 36.15 -64.55
N LYS H 105 62.79 35.88 -65.17
CA LYS H 105 61.52 36.43 -64.71
C LYS H 105 60.48 35.33 -64.58
N GLN H 106 59.45 35.62 -63.79
CA GLN H 106 58.26 34.77 -63.63
C GLN H 106 58.57 33.46 -62.91
N ILE H 107 59.84 33.24 -62.56
CA ILE H 107 60.25 32.04 -61.83
C ILE H 107 60.84 32.38 -60.47
N SER H 108 61.67 33.41 -60.39
CA SER H 108 62.02 33.97 -59.09
C SER H 108 60.77 34.52 -58.41
N ALA H 109 59.90 35.18 -59.18
CA ALA H 109 58.59 35.57 -58.66
C ALA H 109 57.77 34.36 -58.27
N GLN H 110 57.90 33.25 -58.99
CA GLN H 110 57.20 32.03 -58.61
C GLN H 110 57.67 31.52 -57.25
N GLN H 111 58.98 31.50 -57.04
CA GLN H 111 59.50 31.07 -55.73
C GLN H 111 59.05 32.03 -54.63
N ASN H 112 59.06 33.33 -54.91
CA ASN H 112 58.64 34.30 -53.91
C ASN H 112 57.17 34.15 -53.55
N GLN H 113 56.31 33.90 -54.55
CA GLN H 113 54.90 33.73 -54.26
C GLN H 113 54.63 32.40 -53.56
N ALA H 114 55.43 31.38 -53.88
CA ALA H 114 55.33 30.12 -53.12
C ALA H 114 55.68 30.35 -51.66
N ALA H 115 56.73 31.14 -51.41
CA ALA H 115 57.10 31.46 -50.03
C ALA H 115 55.99 32.24 -49.34
N ALA H 116 55.39 33.21 -50.04
CA ALA H 116 54.30 33.98 -49.45
C ALA H 116 53.12 33.09 -49.12
N THR H 117 52.77 32.18 -50.03
CA THR H 117 51.63 31.30 -49.79
C THR H 117 51.90 30.36 -48.61
N GLN H 118 53.11 29.79 -48.53
CA GLN H 118 53.38 28.89 -47.42
C GLN H 118 53.43 29.66 -46.09
N LYS H 119 53.93 30.89 -46.10
CA LYS H 119 53.91 31.69 -44.88
C LYS H 119 52.49 32.00 -44.45
N PHE H 120 51.63 32.33 -45.41
CA PHE H 120 50.22 32.58 -45.09
C PHE H 120 49.55 31.33 -44.53
N ASP H 121 49.84 30.17 -45.12
CA ASP H 121 49.29 28.91 -44.61
C ASP H 121 49.77 28.63 -43.20
N ASP H 122 51.06 28.85 -42.93
CA ASP H 122 51.60 28.63 -41.59
C ASP H 122 50.97 29.57 -40.58
N MET H 123 50.77 30.84 -40.96
CA MET H 123 50.13 31.79 -40.04
C MET H 123 48.68 31.40 -39.79
N GLN H 124 47.96 30.94 -40.83
CA GLN H 124 46.58 30.52 -40.66
C GLN H 124 46.47 29.26 -39.81
N ALA H 125 47.48 28.39 -39.87
CA ALA H 125 47.46 27.17 -39.07
C ALA H 125 47.49 27.47 -37.58
N GLU H 126 47.99 28.65 -37.19
CA GLU H 126 48.05 29.06 -35.79
C GLU H 126 48.85 28.05 -34.95
N VAL H 127 50.13 27.93 -35.28
CA VAL H 127 51.00 27.01 -34.55
C VAL H 127 51.12 27.47 -33.10
N GLY H 128 50.95 26.54 -32.17
CA GLY H 128 50.94 26.88 -30.77
C GLY H 128 49.67 27.62 -30.37
N GLN H 129 49.79 28.41 -29.31
CA GLN H 129 48.69 29.20 -28.79
C GLN H 129 48.93 30.67 -29.10
N ARG H 130 47.92 31.32 -29.67
CA ARG H 130 48.01 32.73 -30.04
C ARG H 130 46.65 33.37 -29.78
N GLY H 131 46.44 34.56 -30.35
CA GLY H 131 45.17 35.25 -30.21
C GLY H 131 44.17 34.85 -31.26
N ILE H 132 43.59 35.85 -31.94
CA ILE H 132 42.64 35.63 -33.02
C ILE H 132 41.44 34.83 -32.50
N VAL H 133 40.67 35.43 -31.60
CA VAL H 133 39.48 34.77 -31.07
C VAL H 133 38.46 34.53 -32.18
N ASP H 134 38.26 35.52 -33.04
CA ASP H 134 37.33 35.40 -34.16
C ASP H 134 38.05 34.68 -35.31
N GLN H 135 37.44 34.67 -36.50
CA GLN H 135 38.06 34.00 -37.65
C GLN H 135 39.38 34.65 -38.02
N LEU H 136 39.42 35.98 -38.07
CA LEU H 136 40.62 36.75 -38.35
C LEU H 136 41.27 36.30 -39.67
N ARG H 137 40.47 36.36 -40.74
CA ARG H 137 40.98 35.98 -42.05
C ARG H 137 42.10 36.91 -42.50
N THR H 138 41.95 38.22 -42.27
CA THR H 138 42.95 39.22 -42.61
C THR H 138 43.30 39.18 -44.09
N LEU H 139 42.29 38.96 -44.94
CA LEU H 139 42.52 38.94 -46.37
C LEU H 139 42.84 40.33 -46.91
N SER H 140 42.11 41.34 -46.45
CA SER H 140 42.32 42.71 -46.88
C SER H 140 42.22 43.64 -45.66
N ALA H 141 42.53 44.91 -45.89
CA ALA H 141 42.47 45.89 -44.80
C ALA H 141 41.04 46.03 -44.28
N GLU H 142 40.05 46.07 -45.18
CA GLU H 142 38.66 46.19 -44.74
C GLU H 142 38.23 44.94 -43.97
N GLY H 143 38.59 43.76 -44.48
CA GLY H 143 38.25 42.54 -43.77
C GLY H 143 38.95 42.42 -42.44
N ARG H 144 40.22 42.85 -42.38
CA ARG H 144 40.95 42.82 -41.12
C ARG H 144 40.34 43.78 -40.11
N ALA H 145 39.90 44.96 -40.57
CA ALA H 145 39.23 45.90 -39.67
C ALA H 145 37.91 45.33 -39.18
N GLY H 146 37.17 44.65 -40.05
CA GLY H 146 35.94 43.99 -39.63
C GLY H 146 36.20 42.92 -38.59
N GLU H 147 37.27 42.13 -38.77
CA GLU H 147 37.62 41.12 -37.78
C GLU H 147 38.03 41.76 -36.45
N VAL H 148 38.76 42.87 -36.50
CA VAL H 148 39.14 43.57 -35.28
C VAL H 148 37.89 44.08 -34.56
N ASN H 149 36.93 44.61 -35.30
CA ASN H 149 35.65 45.00 -34.71
C ASN H 149 34.94 43.81 -34.09
N GLN H 150 35.01 42.65 -34.76
CA GLN H 150 34.43 41.43 -34.20
C GLN H 150 35.10 41.06 -32.89
N ILE H 151 36.41 41.30 -32.78
CA ILE H 151 37.11 41.06 -31.52
C ILE H 151 36.58 41.97 -30.43
N LEU H 152 36.33 43.22 -30.75
CA LEU H 152 35.79 44.19 -29.79
C LEU H 152 34.42 43.76 -29.29
N GLU H 162 17.84 53.15 -28.66
CA GLU H 162 18.63 52.82 -27.49
C GLU H 162 19.24 51.43 -27.62
N ILE H 163 18.60 50.43 -27.02
CA ILE H 163 19.08 49.05 -27.15
C ILE H 163 18.85 48.55 -28.58
N ARG H 164 17.67 48.83 -29.14
CA ARG H 164 17.41 48.46 -30.52
C ARG H 164 18.31 49.22 -31.49
N LYS H 165 18.76 50.42 -31.09
CA LYS H 165 19.70 51.18 -31.91
C LYS H 165 20.95 50.36 -32.20
N GLU H 166 21.68 50.00 -31.14
CA GLU H 166 22.89 49.20 -31.32
C GLU H 166 22.58 47.81 -31.86
N LEU H 167 21.44 47.23 -31.48
CA LEU H 167 21.08 45.91 -32.00
C LEU H 167 20.97 45.93 -33.52
N THR H 168 20.35 46.96 -34.08
CA THR H 168 20.26 47.08 -35.53
C THR H 168 21.59 47.49 -36.16
N GLY H 169 22.32 48.39 -35.50
CA GLY H 169 23.55 48.89 -36.09
C GLY H 169 24.64 47.82 -36.22
N VAL H 170 24.82 47.02 -35.17
CA VAL H 170 25.82 45.96 -35.23
C VAL H 170 25.48 44.96 -36.32
N GLN H 171 24.21 44.57 -36.41
CA GLN H 171 23.79 43.63 -37.43
C GLN H 171 24.00 44.20 -38.83
N ASP H 172 23.64 45.48 -39.03
CA ASP H 172 23.82 46.10 -40.34
C ASP H 172 25.30 46.16 -40.73
N ALA H 173 26.16 46.53 -39.77
CA ALA H 173 27.59 46.58 -40.04
C ALA H 173 28.12 45.21 -40.42
N ILE H 174 27.72 44.17 -39.67
CA ILE H 174 28.18 42.82 -39.96
C ILE H 174 27.72 42.38 -41.35
N GLN H 175 26.45 42.65 -41.68
CA GLN H 175 25.92 42.24 -42.98
C GLN H 175 26.66 42.94 -44.12
N ASN H 176 26.87 44.25 -43.99
CA ASN H 176 27.55 44.98 -45.05
C ASN H 176 28.99 44.49 -45.22
N ARG H 177 29.71 44.32 -44.12
CA ARG H 177 31.09 43.88 -44.19
C ARG H 177 31.18 42.48 -44.80
N GLN H 178 30.31 41.57 -44.36
CA GLN H 178 30.34 40.21 -44.89
C GLN H 178 30.01 40.19 -46.38
N TYR H 179 29.00 40.96 -46.79
CA TYR H 179 28.64 40.99 -48.20
C TYR H 179 29.79 41.53 -49.05
N ARG H 180 30.41 42.63 -48.61
CA ARG H 180 31.50 43.21 -49.37
C ARG H 180 32.69 42.25 -49.46
N ALA H 181 33.05 41.62 -48.33
CA ALA H 181 34.18 40.70 -48.33
C ALA H 181 33.92 39.49 -49.22
N ALA H 182 32.71 38.93 -49.13
CA ALA H 182 32.37 37.77 -49.95
C ALA H 182 32.40 38.13 -51.43
N GLY H 183 31.85 39.29 -51.79
CA GLY H 183 31.89 39.70 -53.18
C GLY H 183 33.32 39.89 -53.67
N GLU H 184 34.15 40.53 -52.87
CA GLU H 184 35.54 40.75 -53.28
C GLU H 184 36.29 39.43 -53.45
N GLN H 185 36.11 38.49 -52.53
CA GLN H 185 36.86 37.24 -52.62
C GLN H 185 36.35 36.38 -53.79
N ARG H 186 35.03 36.34 -54.02
CA ARG H 186 34.51 35.63 -55.18
C ARG H 186 35.01 36.24 -56.48
N ALA H 187 35.02 37.57 -56.56
CA ALA H 187 35.55 38.24 -57.74
C ALA H 187 37.02 37.90 -57.96
N GLN H 188 37.81 37.90 -56.88
CA GLN H 188 39.22 37.58 -57.01
C GLN H 188 39.43 36.15 -57.50
N ALA H 189 38.67 35.21 -56.95
CA ALA H 189 38.80 33.81 -57.38
C ALA H 189 38.40 33.64 -58.84
N ALA H 190 37.29 34.27 -59.24
CA ALA H 190 36.86 34.18 -60.63
C ALA H 190 37.89 34.80 -61.57
N ALA H 191 38.47 35.94 -61.18
CA ALA H 191 39.49 36.56 -62.00
C ALA H 191 40.73 35.69 -62.11
N ASN H 192 41.11 35.03 -61.01
CA ASN H 192 42.26 34.13 -61.06
C ASN H 192 42.00 32.97 -62.02
N ARG H 193 40.81 32.38 -61.95
CA ARG H 193 40.49 31.29 -62.87
C ARG H 193 40.48 31.77 -64.31
N ALA H 194 39.91 32.95 -64.56
CA ALA H 194 39.89 33.49 -65.92
C ALA H 194 41.31 33.76 -66.43
N ALA H 195 42.18 34.28 -65.57
CA ALA H 195 43.56 34.53 -65.98
C ALA H 195 44.28 33.23 -66.30
N GLU H 196 44.07 32.19 -65.49
CA GLU H 196 44.68 30.90 -65.78
C GLU H 196 44.19 30.34 -67.11
N ALA H 197 42.89 30.45 -67.36
CA ALA H 197 42.33 29.98 -68.63
C ALA H 197 42.90 30.77 -69.80
N HIS H 198 43.05 32.09 -69.64
CA HIS H 198 43.60 32.92 -70.71
C HIS H 198 45.05 32.55 -70.99
N SER H 199 45.83 32.31 -69.94
CA SER H 199 47.22 31.88 -70.14
C SER H 199 47.28 30.54 -70.86
N LEU H 200 46.42 29.60 -70.47
CA LEU H 200 46.39 28.30 -71.14
C LEU H 200 46.03 28.45 -72.61
N SER H 201 45.04 29.31 -72.91
CA SER H 201 44.65 29.53 -74.30
C SER H 201 45.78 30.17 -75.10
N MET H 202 46.46 31.15 -74.52
CA MET H 202 47.56 31.81 -75.21
C MET H 202 48.76 30.90 -75.39
N ALA H 203 48.91 29.87 -74.54
CA ALA H 203 50.07 29.01 -74.58
C ALA H 203 50.06 28.06 -75.77
N ALA H 204 49.15 28.28 -76.72
CA ALA H 204 49.12 27.48 -77.92
C ALA H 204 50.38 27.71 -78.76
N GLY H 205 50.93 26.62 -79.28
CA GLY H 205 52.14 26.70 -80.08
C GLY H 205 53.34 26.04 -79.44
N PHE H 211 60.12 32.99 -73.34
CA PHE H 211 59.28 31.82 -73.15
C PHE H 211 57.83 32.11 -73.55
N THR H 212 57.67 32.74 -74.72
CA THR H 212 56.36 33.09 -75.26
C THR H 212 55.55 33.92 -74.26
N ARG H 213 56.08 35.12 -73.97
CA ARG H 213 55.47 35.97 -72.95
C ARG H 213 54.28 36.75 -73.52
N GLU H 214 54.55 37.67 -74.44
CA GLU H 214 53.51 38.49 -75.07
C GLU H 214 52.65 39.25 -74.05
N GLN H 215 51.54 39.82 -74.53
CA GLN H 215 50.71 40.67 -73.68
C GLN H 215 49.97 39.87 -72.62
N ARG H 216 49.59 38.63 -72.92
CA ARG H 216 48.90 37.80 -71.94
C ARG H 216 49.78 37.55 -70.72
N ASP H 217 51.02 37.12 -70.94
CA ASP H 217 51.92 36.93 -69.81
C ASP H 217 52.42 38.26 -69.25
N GLU H 218 52.34 39.36 -70.00
CA GLU H 218 52.60 40.66 -69.40
C GLU H 218 51.54 41.00 -68.35
N LEU H 219 50.27 40.78 -68.69
CA LEU H 219 49.19 40.96 -67.72
C LEU H 219 49.36 40.01 -66.55
N ARG H 220 49.71 38.75 -66.84
CA ARG H 220 49.99 37.79 -65.78
C ARG H 220 51.12 38.27 -64.88
N ARG H 221 52.17 38.84 -65.47
CA ARG H 221 53.31 39.31 -64.70
C ARG H 221 52.93 40.46 -63.78
N ASP H 222 52.17 41.43 -64.30
CA ASP H 222 51.80 42.55 -63.44
C ASP H 222 50.84 42.12 -62.33
N ARG H 223 49.90 41.23 -62.65
CA ARG H 223 49.02 40.71 -61.61
C ARG H 223 49.80 39.94 -60.56
N ASP H 224 50.77 39.13 -60.99
CA ASP H 224 51.59 38.39 -60.03
C ASP H 224 52.45 39.32 -59.20
N GLU H 225 52.94 40.41 -59.79
CA GLU H 225 53.68 41.39 -59.00
C GLU H 225 52.80 42.03 -57.94
N ALA H 226 51.56 42.36 -58.29
CA ALA H 226 50.62 42.89 -57.30
C ALA H 226 50.37 41.88 -56.19
N LYS H 227 50.17 40.61 -56.57
CA LYS H 227 49.94 39.57 -55.56
C LYS H 227 51.15 39.40 -54.65
N LEU H 228 52.35 39.41 -55.23
CA LEU H 228 53.58 39.32 -54.44
C LEU H 228 53.68 40.48 -53.47
N VAL H 229 53.38 41.69 -53.94
CA VAL H 229 53.43 42.86 -53.07
C VAL H 229 52.46 42.70 -51.91
N SER H 230 51.22 42.32 -52.22
CA SER H 230 50.22 42.17 -51.16
C SER H 230 50.63 41.11 -50.14
N GLY H 231 51.09 39.96 -50.62
CA GLY H 231 51.49 38.89 -49.71
C GLY H 231 52.68 39.28 -48.84
N THR H 232 53.69 39.90 -49.45
CA THR H 232 54.86 40.31 -48.68
C THR H 232 54.49 41.35 -47.62
N ILE H 233 53.62 42.30 -47.98
CA ILE H 233 53.24 43.34 -47.03
C ILE H 233 52.44 42.74 -45.87
N ALA H 234 51.52 41.83 -46.18
CA ALA H 234 50.76 41.16 -45.13
C ALA H 234 51.68 40.37 -44.20
N THR H 235 52.65 39.65 -44.77
CA THR H 235 53.59 38.89 -43.95
C THR H 235 54.41 39.80 -43.07
N THR H 236 54.88 40.92 -43.60
CA THR H 236 55.67 41.86 -42.80
C THR H 236 54.85 42.42 -41.65
N PHE H 237 53.60 42.81 -41.92
CA PHE H 237 52.76 43.34 -40.84
C PHE H 237 52.48 42.28 -39.78
N GLN H 238 52.20 41.05 -40.21
CA GLN H 238 51.94 39.97 -39.26
C GLN H 238 53.16 39.69 -38.39
N ASP H 239 54.36 39.71 -39.00
CA ASP H 239 55.57 39.53 -38.23
C ASP H 239 55.78 40.67 -37.25
N TYR H 240 55.47 41.90 -37.67
CA TYR H 240 55.66 43.04 -36.78
C TYR H 240 54.71 43.02 -35.60
N ASP H 241 53.50 42.48 -35.79
CA ASP H 241 52.49 42.53 -34.73
C ASP H 241 52.95 41.79 -33.48
N GLU H 242 53.64 40.65 -33.65
CA GLU H 242 54.10 39.89 -32.48
C GLU H 242 55.10 40.70 -31.67
N SER H 243 56.04 41.36 -32.34
CA SER H 243 56.99 42.22 -31.64
C SER H 243 56.28 43.39 -30.97
N ARG H 244 55.26 43.94 -31.64
CA ARG H 244 54.51 45.04 -31.04
C ARG H 244 53.85 44.59 -29.75
N GLN H 245 53.24 43.40 -29.74
CA GLN H 245 52.62 42.89 -28.52
C GLN H 245 53.65 42.62 -27.43
N ALA H 246 54.79 42.03 -27.81
CA ALA H 246 55.83 41.72 -26.83
C ALA H 246 56.35 42.99 -26.17
N GLN H 247 56.55 44.06 -26.95
CA GLN H 247 57.00 45.32 -26.39
C GLN H 247 55.89 46.04 -25.63
N SER H 248 54.63 45.88 -26.07
CA SER H 248 53.50 46.47 -25.36
C SER H 248 53.35 45.86 -23.97
N GLU H 249 53.77 44.60 -23.81
CA GLU H 249 53.83 44.01 -22.48
C GLU H 249 54.63 44.89 -21.52
N ILE H 250 55.85 45.26 -21.92
CA ILE H 250 56.70 46.09 -21.07
C ILE H 250 56.19 47.53 -20.99
N MET H 251 55.63 48.08 -22.07
CA MET H 251 55.05 49.41 -21.94
C MET H 251 53.95 49.42 -20.89
N ARG H 252 53.09 48.41 -20.89
CA ARG H 252 52.03 48.32 -19.90
C ARG H 252 52.59 48.12 -18.49
N ILE H 253 53.61 47.26 -18.36
CA ILE H 253 54.20 47.01 -17.05
C ILE H 253 54.78 48.30 -16.47
N VAL H 254 55.53 49.04 -17.30
CA VAL H 254 56.14 50.29 -16.84
C VAL H 254 55.06 51.32 -16.51
N GLY H 255 54.04 51.43 -17.36
CA GLY H 255 52.96 52.37 -17.10
C GLY H 255 52.23 52.07 -15.82
N LYS H 256 52.00 50.79 -15.52
CA LYS H 256 51.41 50.41 -14.26
C LYS H 256 52.34 50.73 -13.08
N GLU H 257 53.65 50.54 -13.29
CA GLU H 257 54.61 50.82 -12.22
C GLU H 257 54.58 52.30 -11.84
N VAL H 258 54.72 53.19 -12.83
CA VAL H 258 54.66 54.62 -12.54
C VAL H 258 53.23 55.07 -12.29
N GLY H 259 52.29 54.62 -13.12
CA GLY H 259 50.87 54.85 -12.90
C GLY H 259 50.27 55.93 -13.77
N MET H 260 49.70 55.51 -14.91
CA MET H 260 48.98 56.32 -15.88
C MET H 260 47.56 55.80 -16.03
N PRO H 261 46.62 56.65 -16.48
CA PRO H 261 45.27 56.16 -16.77
C PRO H 261 45.31 55.12 -17.89
N THR H 262 44.74 53.96 -17.60
CA THR H 262 44.84 52.81 -18.49
C THR H 262 43.48 52.14 -18.66
N ASP H 263 43.36 51.37 -19.73
CA ASP H 263 42.15 50.62 -20.04
C ASP H 263 42.48 49.14 -20.23
N ASP H 264 41.53 48.37 -20.78
CA ASP H 264 41.68 46.93 -20.86
C ASP H 264 42.94 46.52 -21.61
N GLN H 265 43.38 47.32 -22.58
CA GLN H 265 44.58 46.98 -23.33
C GLN H 265 45.85 47.16 -22.51
N GLY H 266 45.81 47.98 -21.46
CA GLY H 266 46.94 48.16 -20.57
C GLY H 266 47.84 49.34 -20.87
N MET H 267 47.83 49.83 -22.10
CA MET H 267 48.67 50.96 -22.45
C MET H 267 48.00 52.26 -22.03
N PRO H 268 48.77 53.24 -21.55
CA PRO H 268 48.18 54.51 -21.12
C PRO H 268 47.38 55.18 -22.24
N ASP H 269 46.28 55.83 -21.84
CA ASP H 269 45.35 56.45 -22.78
C ASP H 269 45.99 57.67 -23.42
N MET H 270 45.92 57.75 -24.75
CA MET H 270 46.57 58.85 -25.46
C MET H 270 45.94 60.20 -25.12
N SER H 271 44.61 60.28 -25.15
CA SER H 271 43.94 61.55 -24.88
C SER H 271 44.15 61.99 -23.44
N ARG H 272 44.08 61.04 -22.50
CA ARG H 272 44.18 61.37 -21.08
C ARG H 272 45.61 61.58 -20.62
N ALA H 273 46.61 61.10 -21.38
CA ALA H 273 48.00 61.26 -20.99
C ALA H 273 48.44 62.70 -21.25
N SER H 274 48.71 63.44 -20.17
CA SER H 274 49.24 64.78 -20.29
C SER H 274 50.75 64.72 -20.52
N GLN H 275 51.37 65.90 -20.63
CA GLN H 275 52.81 65.96 -20.78
C GLN H 275 53.51 65.40 -19.55
N ASP H 276 53.00 65.72 -18.36
CA ASP H 276 53.57 65.16 -17.14
C ASP H 276 53.38 63.65 -17.09
N GLN H 277 52.24 63.16 -17.59
CA GLN H 277 52.03 61.71 -17.64
C GLN H 277 53.04 61.05 -18.57
N LEU H 278 53.31 61.65 -19.73
CA LEU H 278 54.28 61.10 -20.65
C LEU H 278 55.71 61.31 -20.18
N ASP H 279 55.92 62.20 -19.20
CA ASP H 279 57.25 62.37 -18.65
C ASP H 279 57.76 61.10 -17.97
N ALA H 280 56.86 60.33 -17.36
CA ALA H 280 57.26 59.05 -16.76
C ALA H 280 57.76 58.09 -17.83
N PHE H 281 57.05 58.02 -18.97
CA PHE H 281 57.51 57.18 -20.06
C PHE H 281 58.83 57.67 -20.64
N SER H 282 59.00 58.99 -20.74
CA SER H 282 60.26 59.54 -21.22
C SER H 282 61.41 59.18 -20.30
N ASN H 283 61.19 59.29 -18.99
CA ASN H 283 62.23 58.91 -18.02
C ASN H 283 62.53 57.43 -18.09
N ALA H 284 61.50 56.60 -18.27
CA ALA H 284 61.73 55.16 -18.40
C ALA H 284 62.54 54.85 -19.65
N LEU H 285 62.23 55.53 -20.76
CA LEU H 285 63.00 55.32 -21.99
C LEU H 285 64.45 55.76 -21.81
N ASN H 286 64.67 56.88 -21.13
CA ASN H 286 66.03 57.31 -20.81
C ASN H 286 66.72 56.31 -19.90
N GLU H 287 65.94 55.61 -19.07
CA GLU H 287 66.52 54.64 -18.13
C GLU H 287 67.01 53.40 -18.85
N ALA H 288 66.11 52.68 -19.51
CA ALA H 288 66.46 51.43 -20.19
C ALA H 288 65.52 51.25 -21.37
N GLY H 289 65.44 50.04 -21.89
CA GLY H 289 64.58 49.74 -23.02
C GLY H 289 65.27 49.91 -24.36
N VAL H 290 65.59 51.17 -24.70
CA VAL H 290 66.27 51.51 -25.94
C VAL H 290 65.50 50.97 -27.14
N GLN H 291 64.18 51.08 -27.09
CA GLN H 291 63.31 50.63 -28.18
C GLN H 291 63.08 51.82 -29.11
N ALA H 292 63.91 51.92 -30.16
CA ALA H 292 63.79 53.03 -31.08
C ALA H 292 62.45 53.00 -31.83
N ASN H 293 62.04 51.81 -32.28
CA ASN H 293 60.81 51.64 -33.06
C ASN H 293 60.81 52.53 -34.29
N THR H 294 61.98 52.66 -34.92
CA THR H 294 62.13 53.45 -36.14
C THR H 294 61.71 52.68 -37.39
N SER H 295 61.41 51.39 -37.26
CA SER H 295 60.95 50.54 -38.37
C SER H 295 60.02 51.25 -39.35
N PRO H 296 59.01 52.06 -38.93
CA PRO H 296 58.13 52.73 -39.90
C PRO H 296 58.83 53.42 -41.05
N THR H 297 60.14 53.64 -40.98
CA THR H 297 60.87 53.96 -42.20
C THR H 297 61.63 52.75 -42.74
N GLU H 298 62.56 52.19 -41.96
CA GLU H 298 63.42 51.14 -42.48
C GLU H 298 62.61 50.03 -43.14
N ARG H 299 61.51 49.65 -42.48
CA ARG H 299 60.64 48.60 -42.99
C ARG H 299 60.45 48.71 -44.49
N ARG H 300 59.90 49.83 -44.97
CA ARG H 300 59.48 49.81 -46.36
C ARG H 300 60.69 49.74 -47.29
N ASN H 301 61.79 50.41 -46.92
CA ASN H 301 62.96 50.34 -47.79
C ASN H 301 63.45 48.89 -47.88
N ALA H 302 63.44 48.18 -46.74
CA ALA H 302 63.78 46.77 -46.77
C ALA H 302 62.88 46.03 -47.74
N VAL H 303 61.57 46.26 -47.65
CA VAL H 303 60.65 45.62 -48.58
C VAL H 303 61.02 45.99 -50.01
N LEU H 304 61.33 47.27 -50.23
CA LEU H 304 61.75 47.70 -51.56
C LEU H 304 62.92 46.87 -52.05
N LYS H 305 63.92 46.68 -51.19
CA LYS H 305 65.07 45.88 -51.58
C LYS H 305 64.65 44.47 -51.94
N SER H 306 63.76 43.88 -51.13
CA SER H 306 63.24 42.55 -51.47
C SER H 306 62.56 42.58 -52.83
N LEU H 307 61.76 43.62 -53.09
CA LEU H 307 61.17 43.78 -54.41
C LEU H 307 62.26 43.93 -55.45
N VAL H 308 63.29 44.72 -55.14
CA VAL H 308 64.44 44.82 -56.04
C VAL H 308 65.08 43.46 -56.22
N ASP H 309 65.12 42.66 -55.16
CA ASP H 309 65.60 41.30 -55.28
C ASP H 309 64.70 40.48 -56.18
N ALA H 310 63.38 40.66 -56.04
CA ALA H 310 62.45 39.90 -56.87
C ALA H 310 62.42 40.41 -58.30
N GLY H 311 62.41 41.73 -58.48
CA GLY H 311 62.30 42.32 -59.79
C GLY H 311 60.88 42.77 -60.06
N VAL H 312 60.62 44.06 -59.88
CA VAL H 312 59.28 44.61 -59.96
C VAL H 312 59.28 45.84 -60.87
N SER H 313 58.25 45.95 -61.70
CA SER H 313 58.08 47.14 -62.53
C SER H 313 57.72 48.34 -61.65
N SER H 314 57.88 49.54 -62.23
CA SER H 314 57.67 50.77 -61.47
C SER H 314 56.25 50.86 -60.91
N LYS H 315 55.27 50.32 -61.64
CA LYS H 315 53.89 50.35 -61.15
C LYS H 315 53.76 49.56 -59.85
N GLY H 316 54.40 48.41 -59.77
CA GLY H 316 54.37 47.65 -58.53
C GLY H 316 55.03 48.38 -57.38
N ILE H 317 56.13 49.08 -57.66
CA ILE H 317 56.81 49.86 -56.63
C ILE H 317 55.89 50.97 -56.13
N ALA H 318 55.20 51.64 -57.05
CA ALA H 318 54.26 52.68 -56.65
C ALA H 318 53.13 52.11 -55.81
N GLN H 319 52.62 50.94 -56.20
CA GLN H 319 51.57 50.28 -55.40
C GLN H 319 52.07 49.94 -54.00
N ALA H 320 53.31 49.46 -53.90
CA ALA H 320 53.87 49.12 -52.60
C ALA H 320 54.05 50.38 -51.73
N LYS H 321 54.49 51.48 -52.34
CA LYS H 321 54.65 52.72 -51.58
C LYS H 321 53.30 53.22 -51.08
N GLN H 322 52.27 53.14 -51.93
CA GLN H 322 50.93 53.53 -51.50
C GLN H 322 50.42 52.63 -50.38
N GLU H 323 50.69 51.33 -50.47
CA GLU H 323 50.29 50.42 -49.40
C GLU H 323 50.99 50.77 -48.09
N MET H 324 52.29 51.12 -48.17
CA MET H 324 53.00 51.61 -46.99
C MET H 324 52.35 52.84 -46.39
N GLU H 325 52.08 53.86 -47.21
CA GLU H 325 51.53 55.09 -46.63
C GLU H 325 50.17 54.83 -46.00
N LEU H 326 49.31 54.06 -46.67
CA LEU H 326 47.97 53.82 -46.14
C LEU H 326 48.03 52.93 -44.90
N ARG H 327 48.89 51.92 -44.91
CA ARG H 327 49.00 51.02 -43.76
C ARG H 327 49.54 51.75 -42.54
N GLU H 328 50.55 52.61 -42.74
CA GLU H 328 51.09 53.37 -41.62
C GLU H 328 50.08 54.38 -41.09
N SER H 329 49.33 55.03 -42.00
CA SER H 329 48.27 55.92 -41.55
C SER H 329 47.22 55.16 -40.75
N LEU H 330 46.83 53.98 -41.22
CA LEU H 330 45.84 53.17 -40.52
C LEU H 330 46.35 52.74 -39.15
N GLU H 331 47.62 52.35 -39.07
CA GLU H 331 48.21 51.96 -37.79
C GLU H 331 48.28 53.14 -36.83
N GLY H 332 48.49 54.35 -37.35
CA GLY H 332 48.56 55.52 -36.49
C GLY H 332 47.23 55.95 -35.93
N LEU H 333 46.12 55.52 -36.53
CA LEU H 333 44.82 55.96 -36.08
C LEU H 333 44.41 55.26 -34.80
N ALA H 334 43.54 55.94 -34.03
CA ALA H 334 42.91 55.30 -32.88
C ALA H 334 41.90 54.27 -33.37
N PRO H 335 41.61 53.25 -32.55
CA PRO H 335 40.69 52.19 -32.99
C PRO H 335 39.35 52.70 -33.51
N GLN H 336 38.71 53.62 -32.79
CA GLN H 336 37.44 54.18 -33.26
C GLN H 336 37.62 54.98 -34.54
N ASP H 337 38.65 55.83 -34.58
CA ASP H 337 38.94 56.60 -35.78
C ASP H 337 39.33 55.68 -36.93
N ARG H 338 40.08 54.62 -36.63
CA ARG H 338 40.44 53.64 -37.67
C ARG H 338 39.20 52.97 -38.25
N THR H 339 38.25 52.59 -37.39
CA THR H 339 37.01 52.01 -37.87
C THR H 339 36.23 53.00 -38.72
N LYS H 340 36.17 54.26 -38.30
CA LYS H 340 35.48 55.28 -39.08
C LYS H 340 36.11 55.43 -40.46
N VAL H 341 37.45 55.50 -40.51
CA VAL H 341 38.15 55.69 -41.77
C VAL H 341 37.93 54.48 -42.69
N GLU H 342 38.04 53.26 -42.16
CA GLU H 342 37.88 52.09 -43.01
C GLU H 342 36.44 51.96 -43.49
N ALA H 343 35.47 52.35 -42.67
CA ALA H 343 34.08 52.30 -43.13
C ALA H 343 33.80 53.36 -44.18
N THR H 344 34.41 54.55 -44.06
CA THR H 344 34.28 55.55 -45.11
C THR H 344 34.93 55.07 -46.40
N ILE H 345 36.06 54.36 -46.29
CA ILE H 345 36.69 53.78 -47.47
C ILE H 345 35.77 52.76 -48.12
N GLY H 346 35.15 51.91 -47.31
CA GLY H 346 34.19 50.95 -47.86
C GLY H 346 33.02 51.64 -48.55
N ALA H 347 32.52 52.72 -47.95
CA ALA H 347 31.41 53.46 -48.57
C ALA H 347 31.82 54.05 -49.91
N VAL H 348 33.01 54.67 -49.97
CA VAL H 348 33.45 55.28 -51.22
C VAL H 348 33.83 54.24 -52.25
N ASN H 349 34.11 53.01 -51.83
CA ASN H 349 34.38 51.92 -52.75
C ASN H 349 33.17 51.05 -53.03
N ALA H 350 32.01 51.37 -52.44
CA ALA H 350 30.82 50.56 -52.64
C ALA H 350 30.39 50.50 -54.10
N GLU H 351 30.42 51.64 -54.80
CA GLU H 351 29.99 51.63 -56.20
C GLU H 351 30.95 50.83 -57.07
N LEU H 352 32.26 50.93 -56.80
CA LEU H 352 33.23 50.11 -57.51
C LEU H 352 33.00 48.64 -57.22
N ASP H 353 32.67 48.30 -55.97
CA ASP H 353 32.40 46.92 -55.60
C ASP H 353 31.16 46.40 -56.35
N THR H 354 30.12 47.22 -56.45
CA THR H 354 28.92 46.80 -57.15
C THR H 354 29.20 46.58 -58.63
N LEU H 355 29.94 47.50 -59.26
CA LEU H 355 30.29 47.30 -60.66
C LEU H 355 31.11 46.03 -60.85
N GLN H 356 32.08 45.80 -59.96
CA GLN H 356 32.93 44.62 -60.05
C GLN H 356 32.10 43.34 -59.91
N ARG H 357 31.23 43.27 -58.90
CA ARG H 357 30.45 42.06 -58.71
C ARG H 357 29.53 41.81 -59.89
N THR H 358 28.84 42.85 -60.37
CA THR H 358 27.92 42.67 -61.50
C THR H 358 28.68 42.17 -62.73
N ALA H 359 29.84 42.76 -63.01
CA ALA H 359 30.67 42.27 -64.10
C ALA H 359 31.05 40.81 -63.88
N THR H 360 31.30 40.43 -62.63
CA THR H 360 31.67 39.04 -62.38
C THR H 360 30.53 38.09 -62.68
N GLU H 361 29.30 38.40 -62.25
CA GLU H 361 28.21 37.49 -62.59
C GLU H 361 28.01 37.43 -64.10
N ASP H 362 28.07 38.58 -64.78
CA ASP H 362 27.90 38.57 -66.23
C ASP H 362 28.94 37.67 -66.90
N TYR H 363 30.21 37.84 -66.53
CA TYR H 363 31.26 37.08 -67.18
C TYR H 363 31.23 35.60 -66.79
N GLU H 364 30.86 35.26 -65.55
CA GLU H 364 30.80 33.85 -65.21
C GLU H 364 29.62 33.17 -65.88
N ARG H 365 28.51 33.88 -66.08
CA ARG H 365 27.43 33.32 -66.87
C ARG H 365 27.87 33.09 -68.32
N GLU H 366 28.61 34.05 -68.87
CA GLU H 366 29.13 33.87 -70.23
C GLU H 366 30.08 32.68 -70.29
N VAL H 367 30.86 32.46 -69.23
CA VAL H 367 31.71 31.27 -69.15
C VAL H 367 30.87 30.01 -69.10
N ALA H 368 29.81 30.02 -68.30
CA ALA H 368 28.91 28.86 -68.25
C ALA H 368 28.31 28.58 -69.62
N ARG H 369 28.12 29.62 -70.43
CA ARG H 369 27.64 29.42 -71.80
C ARG H 369 28.73 28.89 -72.72
N ASN H 370 29.97 29.36 -72.54
CA ASN H 370 31.04 29.08 -73.49
C ASN H 370 32.08 28.12 -72.90
N PRO H 371 32.28 26.94 -73.49
CA PRO H 371 33.34 26.05 -73.01
C PRO H 371 34.72 26.51 -73.46
N PHE H 372 34.77 27.21 -74.59
CA PHE H 372 36.06 27.62 -75.14
C PHE H 372 36.77 28.63 -74.24
N VAL H 373 36.02 29.43 -73.49
CA VAL H 373 36.63 30.40 -72.60
C VAL H 373 37.21 29.75 -71.35
N GLU H 374 36.76 28.53 -71.01
CA GLU H 374 37.22 27.85 -69.80
C GLU H 374 37.26 26.34 -70.05
N PRO H 375 38.42 25.77 -70.32
CA PRO H 375 38.54 24.32 -70.48
C PRO H 375 38.58 23.64 -69.11
N ASP H 376 38.74 22.32 -69.14
CA ASP H 376 38.81 21.54 -67.91
C ASP H 376 39.63 20.28 -68.17
N LYS H 377 40.45 19.91 -67.17
CA LYS H 377 41.25 18.70 -67.27
C LYS H 377 40.47 17.44 -66.91
N ASP H 378 39.32 17.58 -66.26
CA ASP H 378 38.52 16.40 -65.89
C ASP H 378 38.02 15.61 -67.09
N PRO H 379 37.43 16.22 -68.13
CA PRO H 379 36.92 15.42 -69.25
C PRO H 379 37.99 14.59 -69.95
N LEU H 380 39.28 14.87 -69.71
CA LEU H 380 40.33 14.02 -70.25
C LEU H 380 40.16 12.57 -69.82
N GLY H 381 39.60 12.35 -68.65
CA GLY H 381 39.32 10.99 -68.20
C GLY H 381 37.91 10.55 -68.51
N SER H 382 37.05 11.50 -68.90
CA SER H 382 35.66 11.17 -69.18
C SER H 382 35.49 10.51 -70.55
N VAL H 383 36.31 10.89 -71.53
CA VAL H 383 36.11 10.47 -72.91
C VAL H 383 35.97 8.96 -73.03
N ASN H 384 36.57 8.21 -72.10
CA ASN H 384 36.54 6.76 -72.18
C ASN H 384 35.12 6.22 -72.22
N LYS H 385 34.19 6.83 -71.47
CA LYS H 385 32.83 6.32 -71.47
C LYS H 385 32.20 6.45 -72.86
N ILE H 386 32.52 7.53 -73.58
CA ILE H 386 32.03 7.66 -74.94
C ILE H 386 32.52 6.50 -75.80
N VAL H 387 33.74 6.04 -75.53
CA VAL H 387 34.26 4.87 -76.26
C VAL H 387 33.34 3.68 -76.07
N ASP H 388 32.80 3.51 -74.86
CA ASP H 388 31.87 2.41 -74.62
C ASP H 388 30.64 2.53 -75.51
N LYS H 389 30.16 3.78 -75.70
CA LYS H 389 29.00 3.98 -76.56
C LYS H 389 29.27 3.62 -78.01
N ALA H 390 30.54 3.46 -78.39
CA ALA H 390 30.89 3.03 -79.73
C ALA H 390 30.95 1.51 -79.86
N VAL H 391 30.75 0.77 -78.78
CA VAL H 391 30.88 -0.68 -78.79
C VAL H 391 29.55 -1.38 -78.57
N LYS H 392 28.73 -0.87 -77.66
CA LYS H 392 27.48 -1.53 -77.29
C LYS H 392 26.50 -1.48 -78.46
N SER H 393 26.38 -2.60 -79.17
CA SER H 393 25.48 -2.72 -80.32
C SER H 393 25.71 -1.60 -81.34
N GLY H 394 26.98 -1.29 -81.57
CA GLY H 394 27.32 -0.22 -82.50
C GLY H 394 28.54 -0.54 -83.34
N PHE H 395 28.49 -0.16 -84.62
CA PHE H 395 29.60 -0.39 -85.53
C PHE H 395 30.53 0.81 -85.50
N GLY H 396 31.64 0.69 -84.76
CA GLY H 396 32.61 1.75 -84.67
C GLY H 396 33.95 1.38 -85.28
N TRP H 397 35.03 1.67 -84.58
CA TRP H 397 36.35 1.29 -85.06
C TRP H 397 36.50 -0.22 -85.06
N GLU H 398 37.26 -0.73 -86.03
CA GLU H 398 37.46 -2.18 -86.19
C GLU H 398 38.45 -2.65 -85.13
N GLY H 399 37.95 -2.79 -83.91
CA GLY H 399 38.79 -3.25 -82.81
C GLY H 399 39.94 -2.32 -82.48
N ASP H 400 39.69 -1.02 -82.45
CA ASP H 400 40.71 -0.02 -82.19
C ASP H 400 40.29 0.88 -81.03
N ARG H 401 39.82 0.26 -79.95
CA ARG H 401 39.42 1.03 -78.77
C ARG H 401 40.60 1.79 -78.18
N GLN H 402 41.76 1.14 -78.10
CA GLN H 402 42.96 1.82 -77.61
C GLN H 402 43.36 2.94 -78.56
N ASP H 403 43.29 2.70 -79.86
CA ASP H 403 43.61 3.74 -80.84
C ASP H 403 42.65 4.90 -80.73
N LEU H 404 41.35 4.62 -80.57
CA LEU H 404 40.37 5.68 -80.40
C LEU H 404 40.66 6.49 -79.14
N ASN H 405 40.98 5.81 -78.04
CA ASN H 405 41.30 6.52 -76.80
C ASN H 405 42.53 7.41 -76.98
N ASN H 406 43.57 6.88 -77.63
CA ASN H 406 44.78 7.66 -77.85
C ASN H 406 44.51 8.88 -78.71
N MET H 407 43.75 8.71 -79.80
CA MET H 407 43.48 9.85 -80.67
C MET H 407 42.57 10.87 -79.98
N LEU H 408 41.62 10.41 -79.17
CA LEU H 408 40.75 11.36 -78.46
C LEU H 408 41.51 12.14 -77.40
N VAL H 409 42.39 11.47 -76.65
CA VAL H 409 43.16 12.21 -75.65
C VAL H 409 44.17 13.14 -76.33
N ASP H 410 44.69 12.76 -77.49
CA ASP H 410 45.54 13.67 -78.24
C ASP H 410 44.77 14.89 -78.71
N PHE H 411 43.54 14.70 -79.20
CA PHE H 411 42.72 15.82 -79.64
C PHE H 411 42.35 16.72 -78.47
N ALA H 412 42.06 16.14 -77.31
CA ALA H 412 41.75 16.93 -76.13
C ALA H 412 42.99 17.50 -75.44
N THR H 413 44.18 17.09 -75.86
CA THR H 413 45.43 17.60 -75.31
C THR H 413 46.06 18.67 -76.20
N ASN H 414 46.19 18.40 -77.50
CA ASN H 414 46.83 19.34 -78.41
C ASN H 414 45.85 20.06 -79.32
N GLY H 415 44.71 19.46 -79.62
CA GLY H 415 43.71 20.09 -80.47
C GLY H 415 43.76 19.59 -81.90
N ILE H 416 42.67 19.85 -82.62
CA ILE H 416 42.55 19.45 -84.02
C ILE H 416 43.17 20.51 -84.90
N LYS H 417 43.60 20.09 -86.09
CA LYS H 417 44.20 21.01 -87.06
C LYS H 417 43.10 21.72 -87.81
N LEU H 418 42.81 22.95 -87.42
CA LEU H 418 41.79 23.74 -88.09
C LEU H 418 42.25 24.09 -89.51
N PRO H 419 41.34 24.06 -90.49
CA PRO H 419 41.76 24.35 -91.88
C PRO H 419 42.35 25.74 -92.08
N ASP H 420 42.03 26.70 -91.19
CA ASP H 420 42.58 28.04 -91.35
C ASP H 420 44.10 28.05 -91.17
N GLY H 421 44.63 27.10 -90.39
CA GLY H 421 46.05 27.03 -90.13
C GLY H 421 46.38 27.08 -88.66
N ARG H 422 45.35 26.94 -87.83
CA ARG H 422 45.50 26.99 -86.38
C ARG H 422 45.11 25.64 -85.77
N THR H 423 45.29 25.53 -84.46
CA THR H 423 45.00 24.32 -83.71
C THR H 423 44.19 24.68 -82.48
N ALA H 424 42.97 24.16 -82.38
CA ALA H 424 42.07 24.45 -81.27
C ALA H 424 41.65 23.16 -80.58
N VAL H 425 41.61 23.18 -79.26
CA VAL H 425 41.24 22.01 -78.48
C VAL H 425 39.72 21.91 -78.40
N VAL H 426 39.19 20.75 -78.76
CA VAL H 426 37.74 20.54 -78.77
C VAL H 426 37.25 20.35 -77.33
N PRO H 427 36.16 21.03 -76.93
CA PRO H 427 35.63 20.81 -75.58
C PRO H 427 34.90 19.49 -75.44
N SER H 428 34.27 19.26 -74.29
CA SER H 428 33.74 17.93 -73.96
C SER H 428 32.34 17.72 -74.53
N LYS H 429 31.39 18.57 -74.15
CA LYS H 429 30.00 18.30 -74.54
C LYS H 429 29.79 18.49 -76.04
N LEU H 430 30.53 19.40 -76.67
CA LEU H 430 30.50 19.48 -78.12
C LEU H 430 30.98 18.17 -78.75
N LEU H 431 32.04 17.59 -78.18
CA LEU H 431 32.53 16.31 -78.68
C LEU H 431 31.48 15.22 -78.54
N GLU H 432 30.85 15.13 -77.37
CA GLU H 432 29.91 14.02 -77.15
C GLU H 432 28.65 14.20 -77.97
N GLN H 433 28.21 15.44 -78.19
CA GLN H 433 27.05 15.66 -79.05
C GLN H 433 27.41 15.43 -80.52
N ALA H 434 28.66 15.66 -80.90
CA ALA H 434 29.12 15.28 -82.23
C ALA H 434 29.09 13.77 -82.41
N PHE H 435 29.52 13.03 -81.38
CA PHE H 435 29.52 11.57 -81.47
C PHE H 435 28.10 11.01 -81.46
N ASN H 436 27.20 11.61 -80.66
CA ASN H 436 25.85 11.09 -80.47
C ASN H 436 25.00 11.50 -81.67
N THR H 437 24.87 10.59 -82.63
CA THR H 437 24.05 10.82 -83.81
C THR H 437 22.79 9.95 -83.73
N THR H 438 21.97 9.98 -84.79
CA THR H 438 20.76 9.18 -84.80
C THR H 438 21.07 7.69 -84.91
N ASN H 439 22.12 7.33 -85.64
CA ASN H 439 22.52 5.94 -85.79
C ASN H 439 24.04 5.89 -85.90
N THR H 440 24.68 5.17 -84.97
CA THR H 440 26.13 5.15 -84.87
C THR H 440 26.81 4.45 -86.04
N TRP H 441 26.06 3.76 -86.90
CA TRP H 441 26.67 3.07 -88.03
C TRP H 441 27.31 4.02 -89.02
N LEU H 442 26.94 5.30 -88.99
CA LEU H 442 27.52 6.25 -89.93
C LEU H 442 28.98 6.55 -89.61
N PHE H 443 29.34 6.52 -88.33
CA PHE H 443 30.69 6.89 -87.87
C PHE H 443 31.40 5.63 -87.40
N LYS H 444 32.25 5.06 -88.25
CA LYS H 444 32.98 3.85 -87.94
C LYS H 444 34.50 4.06 -87.93
N ASN H 445 35.06 4.60 -89.00
CA ASN H 445 36.50 4.76 -89.10
C ASN H 445 36.95 6.06 -88.44
N ALA H 446 38.24 6.14 -88.15
CA ALA H 446 38.80 7.33 -87.53
C ALA H 446 38.71 8.54 -88.46
N GLY H 447 38.96 8.33 -89.75
CA GLY H 447 38.89 9.43 -90.70
C GLY H 447 37.51 10.05 -90.76
N ASP H 448 36.46 9.22 -90.75
CA ASP H 448 35.11 9.75 -90.81
C ASP H 448 34.78 10.59 -89.58
N VAL H 449 35.13 10.10 -88.39
CA VAL H 449 34.80 10.84 -87.18
C VAL H 449 35.64 12.12 -87.08
N GLU H 450 36.90 12.09 -87.52
CA GLU H 450 37.67 13.33 -87.47
C GLU H 450 37.16 14.34 -88.48
N LYS H 451 36.70 13.87 -89.65
CA LYS H 451 36.06 14.78 -90.60
C LYS H 451 34.79 15.38 -89.99
N ARG H 452 34.02 14.55 -89.29
CA ARG H 452 32.80 15.03 -88.64
C ARG H 452 33.10 16.12 -87.63
N ILE H 453 34.09 15.89 -86.75
CA ILE H 453 34.38 16.89 -85.73
C ILE H 453 34.99 18.13 -86.36
N ILE H 454 35.78 17.96 -87.43
CA ILE H 454 36.35 19.11 -88.13
C ILE H 454 35.25 19.99 -88.71
N GLU H 455 34.29 19.37 -89.40
CA GLU H 455 33.22 20.14 -90.02
C GLU H 455 32.29 20.75 -88.96
N LEU H 456 32.13 20.08 -87.82
CA LEU H 456 31.27 20.64 -86.79
C LEU H 456 31.94 21.81 -86.07
N MET H 457 33.25 21.75 -85.85
CA MET H 457 33.94 22.86 -85.21
C MET H 457 34.01 24.08 -86.11
N THR H 458 33.85 23.90 -87.43
CA THR H 458 33.86 24.99 -88.37
C THR H 458 32.50 25.65 -88.54
N THR H 459 31.55 25.36 -87.66
CA THR H 459 30.24 25.98 -87.74
C THR H 459 30.37 27.48 -87.53
N ASP H 460 29.56 28.25 -88.28
CA ASP H 460 29.67 29.71 -88.25
C ASP H 460 29.43 30.24 -86.84
N GLY H 461 28.32 29.83 -86.21
CA GLY H 461 28.07 30.26 -84.84
C GLY H 461 29.12 29.76 -83.88
N MET H 462 29.52 28.48 -84.03
CA MET H 462 30.56 27.93 -83.18
C MET H 462 31.88 28.69 -83.37
N THR H 463 32.22 29.00 -84.62
CA THR H 463 33.45 29.75 -84.87
C THR H 463 33.39 31.13 -84.22
N GLN H 464 32.29 31.85 -84.43
CA GLN H 464 32.13 33.18 -83.84
C GLN H 464 32.26 33.11 -82.33
N MET H 465 31.65 32.10 -81.72
CA MET H 465 31.78 31.89 -80.28
C MET H 465 33.24 31.63 -79.89
N ARG H 466 33.96 30.90 -80.74
CA ARG H 466 35.36 30.60 -80.47
C ARG H 466 36.21 31.87 -80.42
N GLU H 467 36.11 32.73 -81.43
CA GLU H 467 36.88 33.96 -81.30
C GLU H 467 36.24 34.98 -80.37
N ASP H 468 35.01 34.76 -79.92
CA ASP H 468 34.45 35.62 -78.89
C ASP H 468 35.01 35.32 -77.51
N ALA H 469 35.33 34.05 -77.23
CA ALA H 469 35.79 33.68 -75.90
C ALA H 469 37.04 34.44 -75.45
N PRO H 470 38.13 34.50 -76.21
CA PRO H 470 39.29 35.26 -75.71
C PRO H 470 39.03 36.73 -75.52
N THR H 471 38.19 37.33 -76.38
CA THR H 471 37.89 38.75 -76.25
C THR H 471 37.17 39.05 -74.95
N ILE H 472 36.14 38.27 -74.63
CA ILE H 472 35.43 38.49 -73.37
C ILE H 472 36.33 38.17 -72.18
N ARG H 473 37.21 37.16 -72.32
CA ARG H 473 38.12 36.86 -71.21
C ARG H 473 39.05 38.03 -70.92
N GLU H 474 39.67 38.59 -71.95
CA GLU H 474 40.58 39.71 -71.74
C GLU H 474 39.81 40.96 -71.30
N ASN H 475 38.57 41.13 -71.77
CA ASN H 475 37.75 42.24 -71.28
C ASN H 475 37.48 42.10 -69.80
N PHE H 476 37.17 40.89 -69.34
CA PHE H 476 36.96 40.65 -67.91
C PHE H 476 38.22 40.97 -67.11
N LEU H 477 39.37 40.52 -67.61
CA LEU H 477 40.63 40.79 -66.91
C LEU H 477 40.91 42.28 -66.84
N LYS H 478 40.71 42.99 -67.96
CA LYS H 478 40.95 44.43 -67.97
C LYS H 478 40.00 45.15 -67.03
N THR H 479 38.73 44.74 -67.01
CA THR H 479 37.75 45.39 -66.14
C THR H 479 38.10 45.19 -64.67
N VAL H 480 38.48 43.98 -64.28
CA VAL H 480 38.82 43.76 -62.87
C VAL H 480 40.10 44.51 -62.50
N SER H 481 41.06 44.57 -63.42
CA SER H 481 42.29 45.33 -63.16
C SER H 481 41.97 46.81 -62.95
N ASP H 482 41.11 47.37 -63.81
CA ASP H 482 40.74 48.78 -63.67
C ASP H 482 39.96 49.01 -62.39
N ILE H 483 39.09 48.08 -62.01
CA ILE H 483 38.33 48.21 -60.77
C ILE H 483 39.28 48.25 -59.58
N ALA H 484 40.26 47.34 -59.56
CA ALA H 484 41.23 47.33 -58.46
C ALA H 484 42.05 48.62 -58.43
N ASN H 485 42.48 49.10 -59.60
CA ASN H 485 43.27 50.32 -59.66
C ASN H 485 42.47 51.51 -59.15
N GLN H 486 41.20 51.61 -59.56
CA GLN H 486 40.38 52.73 -59.11
C GLN H 486 40.09 52.64 -57.61
N LYS H 487 39.86 51.42 -57.11
CA LYS H 487 39.68 51.24 -55.68
C LYS H 487 40.89 51.73 -54.90
N ARG H 488 42.09 51.31 -55.33
CA ARG H 488 43.30 51.75 -54.65
C ARG H 488 43.49 53.25 -54.76
N SER H 489 43.16 53.83 -55.91
CA SER H 489 43.36 55.26 -56.12
C SER H 489 42.44 56.08 -55.22
N ASN H 490 41.15 55.74 -55.19
CA ASN H 490 40.26 56.49 -54.32
C ASN H 490 40.61 56.27 -52.85
N ALA H 491 41.05 55.06 -52.50
CA ALA H 491 41.46 54.80 -51.13
C ALA H 491 42.65 55.67 -50.74
N VAL H 492 43.67 55.75 -51.58
CA VAL H 492 44.86 56.54 -51.25
C VAL H 492 44.52 58.01 -51.17
N LYS H 493 43.68 58.49 -52.11
CA LYS H 493 43.29 59.90 -52.07
C LYS H 493 42.53 60.24 -50.80
N VAL H 494 41.55 59.40 -50.43
CA VAL H 494 40.76 59.68 -49.23
C VAL H 494 41.63 59.62 -47.99
N THR H 495 42.52 58.62 -47.92
CA THR H 495 43.37 58.49 -46.74
C THR H 495 44.32 59.67 -46.59
N ARG H 496 44.95 60.11 -47.70
CA ARG H 496 45.87 61.23 -47.59
C ARG H 496 45.13 62.53 -47.28
N SER H 497 43.94 62.72 -47.85
CA SER H 497 43.15 63.90 -47.50
C SER H 497 42.78 63.90 -46.03
N ALA H 498 42.36 62.75 -45.50
CA ALA H 498 42.00 62.66 -44.08
C ALA H 498 43.22 62.92 -43.21
N GLU H 499 44.38 62.38 -43.59
CA GLU H 499 45.59 62.59 -42.80
C GLU H 499 46.00 64.06 -42.80
N ARG H 500 45.89 64.72 -43.95
CA ARG H 500 46.21 66.15 -44.00
C ARG H 500 45.22 66.96 -43.17
N GLU H 501 43.93 66.61 -43.21
CA GLU H 501 42.94 67.36 -42.47
C GLU H 501 43.10 67.18 -40.96
N LYS H 502 43.41 65.96 -40.51
CA LYS H 502 43.63 65.72 -39.08
C LYS H 502 44.83 66.50 -38.57
N GLY H 503 45.91 66.53 -39.34
CA GLY H 503 47.11 67.25 -38.94
C GLY H 503 47.84 67.87 -40.11
N ASP I 95 79.05 -0.83 -32.89
CA ASP I 95 80.09 -0.34 -32.00
C ASP I 95 81.25 0.26 -32.78
N ARG I 96 82.09 1.02 -32.10
CA ARG I 96 83.26 1.66 -32.70
C ARG I 96 84.53 1.03 -32.13
N ALA I 97 85.41 0.58 -33.02
CA ALA I 97 86.67 -0.05 -32.63
C ALA I 97 87.87 0.81 -32.98
N ALA I 98 87.68 2.09 -33.27
CA ALA I 98 88.79 2.96 -33.62
C ALA I 98 89.68 3.23 -32.41
N THR I 99 90.97 3.44 -32.67
CA THR I 99 91.94 3.71 -31.62
C THR I 99 91.96 5.20 -31.32
N ARG I 100 91.73 5.54 -30.04
CA ARG I 100 91.70 6.96 -29.66
C ARG I 100 93.06 7.60 -29.80
N ASP I 101 94.10 6.98 -29.25
CA ASP I 101 95.48 7.47 -29.30
C ASP I 101 95.54 8.83 -28.62
N ALA I 102 95.95 9.91 -29.29
CA ALA I 102 96.16 11.19 -28.61
C ALA I 102 94.84 11.78 -28.11
N ILE I 103 93.82 11.80 -28.97
CA ILE I 103 92.51 12.43 -28.75
C ILE I 103 92.64 13.67 -27.86
N THR I 104 93.41 14.66 -28.31
CA THR I 104 93.63 15.85 -27.50
C THR I 104 92.38 16.72 -27.42
N LYS I 105 91.58 16.75 -28.47
CA LYS I 105 90.42 17.63 -28.55
C LYS I 105 89.20 16.84 -28.99
N GLN I 106 88.02 17.41 -28.68
CA GLN I 106 86.72 16.92 -29.12
C GLN I 106 86.35 15.59 -28.46
N ILE I 107 87.24 15.04 -27.64
CA ILE I 107 87.00 13.79 -26.93
C ILE I 107 86.99 13.99 -25.42
N SER I 108 87.94 14.76 -24.89
CA SER I 108 87.80 15.23 -23.52
C SER I 108 86.56 16.11 -23.38
N ALA I 109 86.31 16.95 -24.37
CA ALA I 109 85.05 17.70 -24.43
C ALA I 109 83.87 16.75 -24.53
N GLN I 110 84.01 15.63 -25.24
CA GLN I 110 82.93 14.65 -25.32
C GLN I 110 82.63 14.05 -23.95
N GLN I 111 83.68 13.69 -23.19
CA GLN I 111 83.46 13.17 -21.85
C GLN I 111 82.82 14.22 -20.95
N ASN I 112 83.27 15.47 -21.07
CA ASN I 112 82.71 16.54 -20.24
C ASN I 112 81.24 16.78 -20.57
N GLN I 113 80.88 16.76 -21.85
CA GLN I 113 79.47 16.98 -22.21
C GLN I 113 78.63 15.78 -21.82
N ALA I 114 79.19 14.57 -21.88
CA ALA I 114 78.47 13.41 -21.35
C ALA I 114 78.20 13.56 -19.87
N ALA I 115 79.19 14.04 -19.12
CA ALA I 115 79.00 14.29 -17.69
C ALA I 115 77.93 15.34 -17.45
N ALA I 116 77.96 16.42 -18.24
CA ALA I 116 76.94 17.47 -18.10
C ALA I 116 75.55 16.93 -18.39
N THR I 117 75.42 16.12 -19.45
CA THR I 117 74.10 15.57 -19.80
C THR I 117 73.60 14.62 -18.73
N GLN I 118 74.47 13.75 -18.19
CA GLN I 118 74.00 12.84 -17.16
C GLN I 118 73.65 13.58 -15.87
N LYS I 119 74.39 14.65 -15.55
CA LYS I 119 74.06 15.44 -14.37
C LYS I 119 72.71 16.13 -14.56
N PHE I 120 72.46 16.66 -15.76
CA PHE I 120 71.17 17.28 -16.04
C PHE I 120 70.03 16.26 -15.94
N ASP I 121 70.26 15.05 -16.46
CA ASP I 121 69.25 14.00 -16.36
C ASP I 121 68.98 13.62 -14.91
N ASP I 122 70.04 13.50 -14.11
CA ASP I 122 69.87 13.17 -12.69
C ASP I 122 69.10 14.26 -11.96
N MET I 123 69.43 15.52 -12.25
CA MET I 123 68.70 16.62 -11.62
C MET I 123 67.23 16.64 -12.04
N GLN I 124 66.96 16.37 -13.31
CA GLN I 124 65.58 16.34 -13.79
C GLN I 124 64.80 15.17 -13.20
N ALA I 125 65.49 14.05 -12.92
CA ALA I 125 64.83 12.91 -12.32
C ALA I 125 64.28 13.21 -10.93
N GLU I 126 64.84 14.22 -10.25
CA GLU I 126 64.38 14.62 -8.92
C GLU I 126 64.46 13.46 -7.93
N VAL I 127 65.69 12.99 -7.69
CA VAL I 127 65.89 11.89 -6.76
C VAL I 127 65.48 12.33 -5.37
N GLY I 128 64.70 11.49 -4.70
CA GLY I 128 64.17 11.85 -3.40
C GLY I 128 63.08 12.90 -3.50
N GLN I 129 62.92 13.65 -2.42
CA GLN I 129 61.93 14.71 -2.34
C GLN I 129 62.64 16.06 -2.37
N ARG I 130 62.17 16.95 -3.24
CA ARG I 130 62.75 18.28 -3.40
C ARG I 130 61.62 19.26 -3.69
N GLY I 131 61.99 20.45 -4.16
CA GLY I 131 60.99 21.46 -4.50
C GLY I 131 60.49 21.32 -5.92
N ILE I 132 60.53 22.42 -6.68
CA ILE I 132 60.10 22.44 -8.07
C ILE I 132 58.65 22.00 -8.19
N VAL I 133 57.74 22.80 -7.65
CA VAL I 133 56.31 22.49 -7.74
C VAL I 133 55.85 22.51 -9.19
N ASP I 134 56.29 23.49 -9.96
CA ASP I 134 55.95 23.60 -11.37
C ASP I 134 56.89 22.70 -12.18
N GLN I 135 56.87 22.83 -13.50
CA GLN I 135 57.74 22.00 -14.35
C GLN I 135 59.21 22.27 -14.04
N LEU I 136 59.59 23.54 -13.95
CA LEU I 136 60.95 23.96 -13.61
C LEU I 136 61.98 23.33 -14.57
N ARG I 137 61.76 23.58 -15.86
CA ARG I 137 62.68 23.06 -16.87
C ARG I 137 64.08 23.64 -16.71
N THR I 138 64.15 24.95 -16.44
CA THR I 138 65.42 25.65 -16.22
C THR I 138 66.37 25.49 -17.41
N LEU I 139 65.80 25.54 -18.62
CA LEU I 139 66.62 25.41 -19.82
C LEU I 139 67.47 26.65 -20.02
N SER I 140 66.89 27.84 -19.82
CA SER I 140 67.59 29.11 -19.99
C SER I 140 67.21 30.04 -18.84
N ALA I 141 67.88 31.19 -18.79
CA ALA I 141 67.59 32.16 -17.74
C ALA I 141 66.17 32.69 -17.85
N GLU I 142 65.72 32.98 -19.08
CA GLU I 142 64.35 33.45 -19.27
C GLU I 142 63.34 32.39 -18.87
N GLY I 143 63.57 31.15 -19.30
CA GLY I 143 62.68 30.07 -18.93
C GLY I 143 62.67 29.80 -17.44
N ARG I 144 63.86 29.87 -16.81
CA ARG I 144 63.94 29.68 -15.36
C ARG I 144 63.20 30.78 -14.62
N ALA I 145 63.31 32.03 -15.09
CA ALA I 145 62.57 33.13 -14.48
C ALA I 145 61.07 32.94 -14.66
N GLY I 146 60.65 32.45 -15.83
CA GLY I 146 59.24 32.16 -16.03
C GLY I 146 58.74 31.07 -15.08
N GLU I 147 59.54 30.03 -14.88
CA GLU I 147 59.19 28.98 -13.93
C GLU I 147 59.12 29.51 -12.50
N VAL I 148 60.05 30.39 -12.13
CA VAL I 148 60.01 30.99 -10.80
C VAL I 148 58.75 31.82 -10.63
N ASN I 149 58.37 32.57 -11.66
CA ASN I 149 57.10 33.30 -11.62
C ASN I 149 55.92 32.35 -11.48
N GLN I 150 55.98 31.20 -12.17
CA GLN I 150 54.93 30.19 -12.03
C GLN I 150 54.85 29.68 -10.60
N ILE I 151 56.01 29.56 -9.92
CA ILE I 151 56.01 29.16 -8.52
C ILE I 151 55.28 30.20 -7.67
N LEU I 152 55.53 31.48 -7.94
CA LEU I 152 54.88 32.56 -7.21
C LEU I 152 53.36 32.53 -7.38
N GLU I 162 41.05 45.99 -12.90
CA GLU I 162 41.14 45.48 -11.54
C GLU I 162 41.38 43.97 -11.54
N ILE I 163 40.32 43.19 -11.35
CA ILE I 163 40.46 41.73 -11.42
C ILE I 163 40.74 41.28 -12.85
N ARG I 164 40.03 41.85 -13.82
CA ARG I 164 40.33 41.55 -15.22
C ARG I 164 41.70 42.02 -15.63
N LYS I 165 42.22 43.07 -14.97
CA LYS I 165 43.58 43.53 -15.22
C LYS I 165 44.59 42.40 -15.03
N GLU I 166 44.67 41.88 -13.82
CA GLU I 166 45.60 40.79 -13.54
C GLU I 166 45.23 39.52 -14.30
N LEU I 167 43.93 39.27 -14.50
CA LEU I 167 43.52 38.09 -15.24
C LEU I 167 44.09 38.10 -16.66
N THR I 168 44.05 39.26 -17.33
CA THR I 168 44.63 39.37 -18.66
C THR I 168 46.15 39.40 -18.62
N GLY I 169 46.72 40.09 -17.63
CA GLY I 169 48.17 40.22 -17.59
C GLY I 169 48.90 38.91 -17.35
N VAL I 170 48.40 38.11 -16.41
CA VAL I 170 49.04 36.82 -16.14
C VAL I 170 48.97 35.92 -17.38
N GLN I 171 47.82 35.88 -18.03
CA GLN I 171 47.66 35.07 -19.23
C GLN I 171 48.59 35.54 -20.34
N ASP I 172 48.68 36.85 -20.54
CA ASP I 172 49.57 37.38 -21.58
C ASP I 172 51.02 37.05 -21.30
N ALA I 173 51.45 37.19 -20.04
CA ALA I 173 52.82 36.85 -19.67
C ALA I 173 53.10 35.38 -19.92
N ILE I 174 52.17 34.51 -19.52
CA ILE I 174 52.36 33.08 -19.73
C ILE I 174 52.45 32.76 -21.21
N GLN I 175 51.56 33.34 -22.02
CA GLN I 175 51.57 33.06 -23.45
C GLN I 175 52.88 33.51 -24.09
N ASN I 176 53.33 34.73 -23.77
CA ASN I 176 54.57 35.23 -24.36
C ASN I 176 55.76 34.39 -23.95
N ARG I 177 55.86 34.05 -22.66
CA ARG I 177 56.99 33.25 -22.19
C ARG I 177 56.98 31.87 -22.84
N GLN I 178 55.81 31.23 -22.91
CA GLN I 178 55.73 29.90 -23.51
C GLN I 178 56.09 29.94 -24.99
N TYR I 179 55.58 30.94 -25.72
CA TYR I 179 55.89 31.05 -27.13
C TYR I 179 57.38 31.24 -27.36
N ARG I 180 58.00 32.14 -26.59
CA ARG I 180 59.42 32.40 -26.76
C ARG I 180 60.25 31.16 -26.43
N ALA I 181 59.92 30.48 -25.32
CA ALA I 181 60.68 29.30 -24.94
C ALA I 181 60.53 28.17 -25.96
N ALA I 182 59.31 27.95 -26.45
CA ALA I 182 59.09 26.92 -27.45
C ALA I 182 59.84 27.22 -28.73
N GLY I 183 59.80 28.48 -29.18
CA GLY I 183 60.55 28.86 -30.37
C GLY I 183 62.04 28.64 -30.19
N GLU I 184 62.58 29.05 -29.05
CA GLU I 184 64.01 28.89 -28.81
C GLU I 184 64.41 27.42 -28.78
N GLN I 185 63.62 26.57 -28.12
CA GLN I 185 64.00 25.17 -28.01
C GLN I 185 63.85 24.45 -29.36
N ARG I 186 62.80 24.76 -30.13
CA ARG I 186 62.68 24.19 -31.46
C ARG I 186 63.83 24.63 -32.37
N ALA I 187 64.20 25.90 -32.29
CA ALA I 187 65.33 26.38 -33.08
C ALA I 187 66.62 25.67 -32.69
N GLN I 188 66.84 25.48 -31.39
CA GLN I 188 68.05 24.80 -30.93
C GLN I 188 68.08 23.35 -31.42
N ALA I 189 66.95 22.65 -31.34
CA ALA I 189 66.91 21.27 -31.81
C ALA I 189 67.15 21.18 -33.32
N ALA I 190 66.53 22.07 -34.08
CA ALA I 190 66.73 22.08 -35.53
C ALA I 190 68.18 22.38 -35.87
N ALA I 191 68.79 23.32 -35.17
CA ALA I 191 70.19 23.65 -35.41
C ALA I 191 71.10 22.48 -35.07
N ASN I 192 70.79 21.76 -33.98
CA ASN I 192 71.58 20.58 -33.64
C ASN I 192 71.49 19.52 -34.72
N ARG I 193 70.28 19.27 -35.22
CA ARG I 193 70.13 18.28 -36.29
C ARG I 193 70.86 18.72 -37.55
N ALA I 194 70.78 20.01 -37.89
CA ALA I 194 71.48 20.51 -39.07
C ALA I 194 72.99 20.38 -38.91
N ALA I 195 73.51 20.67 -37.72
CA ALA I 195 74.94 20.53 -37.47
C ALA I 195 75.39 19.09 -37.59
N GLU I 196 74.59 18.16 -37.05
CA GLU I 196 74.93 16.74 -37.18
C GLU I 196 74.95 16.32 -38.65
N ALA I 197 73.95 16.76 -39.42
CA ALA I 197 73.91 16.43 -40.84
C ALA I 197 75.11 17.01 -41.58
N HIS I 198 75.48 18.25 -41.24
CA HIS I 198 76.63 18.88 -41.88
C HIS I 198 77.92 18.14 -41.56
N SER I 199 78.09 17.72 -40.31
CA SER I 199 79.26 16.94 -39.94
C SER I 199 79.30 15.62 -40.69
N LEU I 200 78.15 14.95 -40.80
CA LEU I 200 78.10 13.69 -41.55
C LEU I 200 78.46 13.91 -43.01
N SER I 201 77.95 14.98 -43.61
CA SER I 201 78.26 15.27 -45.01
C SER I 201 79.74 15.57 -45.19
N MET I 202 80.33 16.35 -44.28
CA MET I 202 81.75 16.69 -44.37
C MET I 202 82.64 15.48 -44.11
N ALA I 203 82.14 14.48 -43.39
CA ALA I 203 82.96 13.33 -43.01
C ALA I 203 83.23 12.39 -44.19
N ALA I 204 82.90 12.84 -45.40
CA ALA I 204 83.21 12.04 -46.58
C ALA I 204 84.71 11.92 -46.78
N GLY I 205 85.16 10.72 -47.13
CA GLY I 205 86.56 10.46 -47.33
C GLY I 205 87.17 9.51 -46.30
N PHE I 211 92.11 14.53 -37.25
CA PHE I 211 91.00 13.62 -37.56
C PHE I 211 90.00 14.28 -38.50
N THR I 212 90.52 14.91 -39.56
CA THR I 212 89.70 15.59 -40.57
C THR I 212 88.78 16.63 -39.93
N ARG I 213 89.40 17.64 -39.32
CA ARG I 213 88.65 18.64 -38.57
C ARG I 213 88.04 19.69 -39.51
N GLU I 214 88.91 20.50 -40.14
CA GLU I 214 88.48 21.56 -41.06
C GLU I 214 87.49 22.53 -40.44
N GLN I 215 86.88 23.37 -41.28
CA GLN I 215 85.99 24.42 -40.77
C GLN I 215 84.69 23.86 -40.22
N ARG I 216 84.19 22.76 -40.77
CA ARG I 216 82.96 22.16 -40.26
C ARG I 216 83.13 21.73 -38.82
N ASP I 217 84.20 20.97 -38.53
CA ASP I 217 84.44 20.58 -37.15
C ASP I 217 84.96 21.72 -36.30
N GLU I 218 85.48 22.79 -36.90
CA GLU I 218 85.77 23.99 -36.13
C GLU I 218 84.48 24.62 -35.59
N LEU I 219 83.47 24.74 -36.47
CA LEU I 219 82.17 25.21 -36.03
C LEU I 219 81.56 24.27 -35.00
N ARG I 220 81.68 22.96 -35.23
CA ARG I 220 81.23 21.97 -34.25
C ARG I 220 81.93 22.16 -32.92
N ARG I 221 83.24 22.41 -32.95
CA ARG I 221 84.02 22.59 -31.73
C ARG I 221 83.56 23.81 -30.95
N ASP I 222 83.37 24.94 -31.64
CA ASP I 222 82.96 26.13 -30.91
C ASP I 222 81.54 25.99 -30.36
N ARG I 223 80.64 25.37 -31.13
CA ARG I 223 79.30 25.13 -30.62
C ARG I 223 79.32 24.19 -29.42
N ASP I 224 80.15 23.15 -29.48
CA ASP I 224 80.27 22.24 -28.34
C ASP I 224 80.88 22.92 -27.14
N GLU I 225 81.83 23.84 -27.35
CA GLU I 225 82.38 24.60 -26.23
C GLU I 225 81.30 25.47 -25.57
N ALA I 226 80.46 26.11 -26.39
CA ALA I 226 79.35 26.88 -25.85
C ALA I 226 78.40 25.99 -25.05
N LYS I 227 78.08 24.81 -25.59
CA LYS I 227 77.19 23.89 -24.90
C LYS I 227 77.80 23.41 -23.58
N LEU I 228 79.10 23.11 -23.59
CA LEU I 228 79.79 22.72 -22.37
C LEU I 228 79.75 23.83 -21.34
N VAL I 229 79.98 25.06 -21.77
CA VAL I 229 79.94 26.19 -20.85
C VAL I 229 78.56 26.30 -20.24
N SER I 230 77.52 26.27 -21.07
CA SER I 230 76.16 26.41 -20.55
C SER I 230 75.82 25.30 -19.57
N GLY I 231 76.14 24.05 -19.91
CA GLY I 231 75.83 22.94 -19.03
C GLY I 231 76.56 23.02 -17.71
N THR I 232 77.87 23.33 -17.76
CA THR I 232 78.65 23.43 -16.54
C THR I 232 78.12 24.55 -15.65
N ILE I 233 77.76 25.69 -16.24
CA ILE I 233 77.27 26.81 -15.44
C ILE I 233 75.94 26.46 -14.80
N ALA I 234 75.04 25.83 -15.55
CA ALA I 234 73.77 25.41 -14.99
C ALA I 234 73.97 24.41 -13.85
N THR I 235 74.88 23.45 -14.02
CA THR I 235 75.14 22.48 -12.96
C THR I 235 75.69 23.16 -11.72
N THR I 236 76.62 24.11 -11.90
CA THR I 236 77.18 24.81 -10.75
C THR I 236 76.10 25.60 -10.01
N PHE I 237 75.23 26.30 -10.73
CA PHE I 237 74.18 27.05 -10.07
C PHE I 237 73.22 26.11 -9.34
N GLN I 238 72.86 24.99 -9.97
CA GLN I 238 71.94 24.05 -9.33
C GLN I 238 72.56 23.47 -8.06
N ASP I 239 73.86 23.16 -8.10
CA ASP I 239 74.54 22.67 -6.90
C ASP I 239 74.57 23.75 -5.82
N TYR I 240 74.79 25.00 -6.20
CA TYR I 240 74.86 26.07 -5.22
C TYR I 240 73.51 26.31 -4.55
N ASP I 241 72.41 26.12 -5.29
CA ASP I 241 71.09 26.45 -4.76
C ASP I 241 70.76 25.64 -3.51
N GLU I 242 71.14 24.36 -3.48
CA GLU I 242 70.85 23.53 -2.32
C GLU I 242 71.56 24.05 -1.08
N SER I 243 72.84 24.43 -1.22
CA SER I 243 73.57 25.02 -0.11
C SER I 243 72.95 26.35 0.31
N ARG I 244 72.50 27.14 -0.67
CA ARG I 244 71.85 28.40 -0.34
C ARG I 244 70.61 28.18 0.51
N GLN I 245 69.79 27.19 0.14
CA GLN I 245 68.59 26.89 0.93
C GLN I 245 68.96 26.37 2.32
N ALA I 246 69.96 25.49 2.40
CA ALA I 246 70.36 24.94 3.68
C ALA I 246 70.83 26.03 4.63
N GLN I 247 71.61 26.99 4.12
CA GLN I 247 72.06 28.10 4.93
C GLN I 247 70.94 29.10 5.22
N SER I 248 70.01 29.27 4.28
CA SER I 248 68.87 30.15 4.50
C SER I 248 67.99 29.63 5.63
N GLU I 249 67.97 28.31 5.83
CA GLU I 249 67.30 27.75 6.99
C GLU I 249 67.80 28.41 8.28
N ILE I 250 69.11 28.43 8.47
CA ILE I 250 69.68 29.02 9.68
C ILE I 250 69.56 30.54 9.68
N MET I 251 69.69 31.20 8.52
CA MET I 251 69.45 32.64 8.53
C MET I 251 68.04 32.97 9.01
N ARG I 252 67.05 32.21 8.54
CA ARG I 252 65.68 32.44 8.98
C ARG I 252 65.51 32.11 10.46
N ILE I 253 66.12 31.02 10.92
CA ILE I 253 66.00 30.65 12.34
C ILE I 253 66.58 31.74 13.23
N VAL I 254 67.76 32.24 12.88
CA VAL I 254 68.40 33.29 13.66
C VAL I 254 67.57 34.57 13.61
N GLY I 255 67.09 34.94 12.42
CA GLY I 255 66.27 36.14 12.30
C GLY I 255 65.00 36.07 13.12
N LYS I 256 64.37 34.89 13.16
CA LYS I 256 63.20 34.72 14.01
C LYS I 256 63.58 34.79 15.48
N GLU I 257 64.76 34.26 15.84
CA GLU I 257 65.19 34.30 17.23
C GLU I 257 65.38 35.74 17.71
N VAL I 258 66.14 36.53 16.96
CA VAL I 258 66.32 37.94 17.35
C VAL I 258 65.08 38.75 17.01
N GLY I 259 64.51 38.55 15.82
CA GLY I 259 63.24 39.15 15.44
C GLY I 259 63.36 40.34 14.50
N MET I 260 63.27 40.07 13.21
CA MET I 260 63.27 41.02 12.10
C MET I 260 61.97 40.89 11.32
N PRO I 261 61.56 41.95 10.61
CA PRO I 261 60.39 41.83 9.72
C PRO I 261 60.66 40.80 8.63
N THR I 262 59.76 39.83 8.53
CA THR I 262 59.95 38.67 7.66
C THR I 262 58.68 38.40 6.86
N ASP I 263 58.85 37.66 5.76
CA ASP I 263 57.75 37.26 4.90
C ASP I 263 57.74 35.74 4.72
N ASP I 264 56.97 35.24 3.76
CA ASP I 264 56.78 33.81 3.60
C ASP I 264 58.10 33.07 3.41
N GLN I 265 59.11 33.71 2.81
CA GLN I 265 60.39 33.05 2.60
C GLN I 265 61.18 32.90 3.90
N GLY I 266 60.88 33.72 4.91
CA GLY I 266 61.51 33.61 6.21
C GLY I 266 62.72 34.50 6.43
N MET I 267 63.37 34.95 5.37
CA MET I 267 64.53 35.82 5.53
C MET I 267 64.08 37.26 5.74
N PRO I 268 64.78 38.00 6.60
CA PRO I 268 64.40 39.39 6.86
C PRO I 268 64.36 40.24 5.59
N ASP I 269 63.40 41.15 5.55
CA ASP I 269 63.14 41.98 4.37
C ASP I 269 64.27 42.98 4.18
N MET I 270 64.82 43.05 2.95
CA MET I 270 65.95 43.92 2.71
C MET I 270 65.60 45.39 2.88
N SER I 271 64.47 45.82 2.30
CA SER I 271 64.09 47.23 2.39
C SER I 271 63.75 47.63 3.82
N ARG I 272 63.04 46.76 4.54
CA ARG I 272 62.60 47.06 5.89
C ARG I 272 63.70 46.90 6.93
N ALA I 273 64.77 46.17 6.62
CA ALA I 273 65.85 45.95 7.58
C ALA I 273 66.70 47.21 7.68
N SER I 274 66.64 47.88 8.83
CA SER I 274 67.49 49.03 9.08
C SER I 274 68.88 48.57 9.51
N GLN I 275 69.75 49.54 9.78
CA GLN I 275 71.09 49.21 10.27
C GLN I 275 71.02 48.51 11.62
N ASP I 276 70.14 48.97 12.51
CA ASP I 276 69.96 48.31 13.79
C ASP I 276 69.41 46.89 13.60
N GLN I 277 68.51 46.71 12.63
CA GLN I 277 68.00 45.38 12.34
C GLN I 277 69.11 44.45 11.87
N LEU I 278 69.99 44.95 11.00
CA LEU I 278 71.11 44.13 10.52
C LEU I 278 72.20 43.97 11.57
N ASP I 279 72.17 44.78 12.64
CA ASP I 279 73.13 44.61 13.71
C ASP I 279 72.95 43.27 14.41
N ALA I 280 71.72 42.76 14.51
CA ALA I 280 71.49 41.45 15.08
C ALA I 280 72.16 40.37 14.23
N PHE I 281 72.02 40.47 12.90
CA PHE I 281 72.69 39.51 12.03
C PHE I 281 74.20 39.62 12.12
N SER I 282 74.72 40.85 12.23
CA SER I 282 76.15 41.04 12.38
C SER I 282 76.66 40.40 13.67
N ASN I 283 75.93 40.59 14.77
CA ASN I 283 76.32 39.97 16.04
C ASN I 283 76.24 38.46 15.96
N ALA I 284 75.22 37.92 15.27
CA ALA I 284 75.12 36.48 15.11
C ALA I 284 76.28 35.93 14.29
N LEU I 285 76.68 36.65 13.23
CA LEU I 285 77.83 36.23 12.44
C LEU I 285 79.10 36.26 13.25
N ASN I 286 79.28 37.31 14.07
CA ASN I 286 80.42 37.36 14.97
C ASN I 286 80.38 36.23 15.99
N GLU I 287 79.17 35.78 16.34
CA GLU I 287 79.03 34.72 17.33
C GLU I 287 79.46 33.37 16.77
N ALA I 288 78.79 32.91 15.72
CA ALA I 288 79.07 31.60 15.14
C ALA I 288 78.72 31.66 13.65
N GLY I 289 78.59 30.49 13.02
CA GLY I 289 78.27 30.41 11.62
C GLY I 289 79.48 30.37 10.73
N VAL I 290 80.21 31.49 10.68
CA VAL I 290 81.43 31.63 9.88
C VAL I 290 81.14 31.27 8.42
N GLN I 291 80.00 31.74 7.91
CA GLN I 291 79.62 31.51 6.52
C GLN I 291 80.11 32.69 5.70
N ALA I 292 81.31 32.57 5.12
CA ALA I 292 81.88 33.66 4.34
C ALA I 292 81.05 33.95 3.10
N ASN I 293 80.58 32.91 2.40
CA ASN I 293 79.81 33.06 1.17
C ASN I 293 80.57 33.90 0.14
N THR I 294 81.89 33.70 0.09
CA THR I 294 82.74 34.40 -0.87
C THR I 294 82.74 33.75 -2.25
N SER I 295 82.10 32.58 -2.39
CA SER I 295 81.98 31.87 -3.67
C SER I 295 81.77 32.78 -4.88
N PRO I 296 80.91 33.83 -4.83
CA PRO I 296 80.72 34.69 -6.01
C PRO I 296 82.00 35.17 -6.69
N THR I 297 83.17 35.02 -6.05
CA THR I 297 84.42 35.11 -6.81
C THR I 297 85.01 33.74 -7.09
N GLU I 298 85.33 32.96 -6.05
CA GLU I 298 86.05 31.71 -6.26
C GLU I 298 85.35 30.85 -7.30
N ARG I 299 84.02 30.78 -7.22
CA ARG I 299 83.23 29.98 -8.15
C ARG I 299 83.75 30.12 -9.57
N ARG I 300 83.75 31.34 -10.13
CA ARG I 300 83.99 31.41 -11.56
C ARG I 300 85.43 31.00 -11.89
N ASN I 301 86.38 31.37 -11.03
CA ASN I 301 87.76 30.96 -11.32
C ASN I 301 87.86 29.44 -11.33
N ALA I 302 87.19 28.78 -10.39
CA ALA I 302 87.14 27.33 -10.40
C ALA I 302 86.60 26.84 -11.74
N VAL I 303 85.48 27.41 -12.19
CA VAL I 303 84.93 27.01 -13.48
C VAL I 303 85.96 27.25 -14.57
N LEU I 304 86.64 28.40 -14.51
CA LEU I 304 87.70 28.68 -15.49
C LEU I 304 88.71 27.55 -15.52
N LYS I 305 89.17 27.12 -14.33
CA LYS I 305 90.13 26.04 -14.28
C LYS I 305 89.57 24.78 -14.93
N SER I 306 88.31 24.47 -14.64
CA SER I 306 87.67 23.33 -15.29
C SER I 306 87.69 23.50 -16.80
N LEU I 307 87.35 24.71 -17.25
CA LEU I 307 87.45 25.00 -18.68
C LEU I 307 88.89 24.83 -19.16
N VAL I 308 89.85 25.33 -18.37
CA VAL I 308 91.26 25.11 -18.68
C VAL I 308 91.56 23.62 -18.70
N ASP I 309 90.93 22.86 -17.80
CA ASP I 309 91.07 21.41 -17.84
C ASP I 309 90.47 20.85 -19.12
N ALA I 310 89.32 21.38 -19.54
CA ALA I 310 88.68 20.87 -20.75
C ALA I 310 89.40 21.34 -22.00
N GLY I 311 89.80 22.61 -22.03
CA GLY I 311 90.42 23.20 -23.21
C GLY I 311 89.41 24.01 -24.00
N VAL I 312 89.43 25.32 -23.84
CA VAL I 312 88.43 26.21 -24.41
C VAL I 312 89.14 27.36 -25.11
N SER I 313 88.63 27.74 -26.28
CA SER I 313 89.13 28.91 -26.97
C SER I 313 88.74 30.18 -26.22
N SER I 314 89.42 31.28 -26.55
CA SER I 314 89.21 32.53 -25.84
C SER I 314 87.77 33.01 -25.93
N LYS I 315 87.09 32.73 -27.05
CA LYS I 315 85.69 33.14 -27.19
C LYS I 315 84.82 32.45 -26.16
N GLY I 316 85.05 31.16 -25.91
CA GLY I 316 84.31 30.45 -24.89
C GLY I 316 84.57 31.00 -23.50
N ILE I 317 85.81 31.38 -23.23
CA ILE I 317 86.13 31.98 -21.93
C ILE I 317 85.41 33.30 -21.76
N ALA I 318 85.36 34.12 -22.82
CA ALA I 318 84.63 35.37 -22.75
C ALA I 318 83.14 35.13 -22.52
N GLN I 319 82.58 34.13 -23.20
CA GLN I 319 81.17 33.80 -23.00
C GLN I 319 80.92 33.36 -21.57
N ALA I 320 81.82 32.57 -20.99
CA ALA I 320 81.67 32.12 -19.61
C ALA I 320 81.75 33.29 -18.64
N LYS I 321 82.68 34.23 -18.88
CA LYS I 321 82.77 35.39 -18.02
C LYS I 321 81.53 36.25 -18.09
N GLN I 322 80.97 36.42 -19.30
CA GLN I 322 79.72 37.16 -19.43
C GLN I 322 78.58 36.45 -18.73
N GLU I 323 78.53 35.13 -18.82
CA GLU I 323 77.49 34.38 -18.12
C GLU I 323 77.62 34.55 -16.61
N MET I 324 78.86 34.54 -16.10
CA MET I 324 79.09 34.85 -14.69
C MET I 324 78.57 36.22 -14.30
N GLU I 325 78.94 37.26 -15.05
CA GLU I 325 78.52 38.60 -14.63
C GLU I 325 77.00 38.72 -14.67
N LEU I 326 76.37 38.19 -15.72
CA LEU I 326 74.91 38.32 -15.82
C LEU I 326 74.20 37.48 -14.78
N ARG I 327 74.70 36.27 -14.51
CA ARG I 327 74.08 35.40 -13.52
C ARG I 327 74.20 35.98 -12.14
N GLU I 328 75.36 36.54 -11.79
CA GLU I 328 75.53 37.14 -10.48
C GLU I 328 74.68 38.40 -10.34
N SER I 329 74.59 39.20 -11.41
CA SER I 329 73.69 40.36 -11.37
C SER I 329 72.25 39.91 -11.16
N LEU I 330 71.81 38.87 -11.87
CA LEU I 330 70.46 38.37 -11.73
C LEU I 330 70.20 37.84 -10.32
N GLU I 331 71.18 37.13 -9.75
CA GLU I 331 71.03 36.62 -8.39
C GLU I 331 70.96 37.75 -7.38
N GLY I 332 71.68 38.85 -7.64
CA GLY I 332 71.65 39.98 -6.72
C GLY I 332 70.35 40.76 -6.73
N LEU I 333 69.55 40.63 -7.78
CA LEU I 333 68.33 41.42 -7.89
C LEU I 333 67.25 40.87 -6.97
N ALA I 334 66.34 41.76 -6.58
CA ALA I 334 65.13 41.35 -5.88
C ALA I 334 64.21 40.59 -6.84
N PRO I 335 63.35 39.72 -6.33
CA PRO I 335 62.48 38.92 -7.23
C PRO I 335 61.67 39.77 -8.21
N GLN I 336 61.04 40.84 -7.74
CA GLN I 336 60.28 41.69 -8.64
C GLN I 336 61.19 42.40 -9.64
N ASP I 337 62.31 42.95 -9.15
CA ASP I 337 63.26 43.59 -10.04
C ASP I 337 63.89 42.57 -11.00
N ARG I 338 64.13 41.36 -10.53
CA ARG I 338 64.66 40.31 -11.40
C ARG I 338 63.68 39.99 -12.51
N THR I 339 62.38 39.88 -12.18
CA THR I 339 61.37 39.64 -13.19
C THR I 339 61.31 40.78 -14.20
N LYS I 340 61.38 42.02 -13.71
CA LYS I 340 61.38 43.17 -14.60
C LYS I 340 62.57 43.13 -15.57
N VAL I 341 63.76 42.83 -15.04
CA VAL I 341 64.96 42.80 -15.87
C VAL I 341 64.87 41.69 -16.90
N GLU I 342 64.44 40.50 -16.49
CA GLU I 342 64.37 39.39 -17.44
C GLU I 342 63.31 39.64 -18.51
N ALA I 343 62.20 40.28 -18.15
CA ALA I 343 61.18 40.60 -19.14
C ALA I 343 61.66 41.68 -20.10
N THR I 344 62.42 42.66 -19.61
CA THR I 344 63.02 43.64 -20.52
C THR I 344 64.02 42.98 -21.46
N ILE I 345 64.79 42.01 -20.95
CA ILE I 345 65.70 41.25 -21.80
C ILE I 345 64.93 40.51 -22.88
N GLY I 346 63.82 39.86 -22.50
CA GLY I 346 63.00 39.18 -23.49
C GLY I 346 62.45 40.14 -24.54
N ALA I 347 62.04 41.33 -24.11
CA ALA I 347 61.53 42.32 -25.05
C ALA I 347 62.61 42.77 -26.03
N VAL I 348 63.81 43.03 -25.52
CA VAL I 348 64.88 43.50 -26.39
C VAL I 348 65.40 42.37 -27.28
N ASN I 349 65.16 41.12 -26.90
CA ASN I 349 65.53 39.97 -27.71
C ASN I 349 64.38 39.45 -28.57
N ALA I 350 63.21 40.08 -28.50
CA ALA I 350 62.05 39.61 -29.26
C ALA I 350 62.31 39.64 -30.76
N GLU I 351 62.92 40.71 -31.27
CA GLU I 351 63.15 40.79 -32.71
C GLU I 351 64.16 39.75 -33.16
N LEU I 352 65.21 39.52 -32.35
CA LEU I 352 66.15 38.44 -32.66
C LEU I 352 65.47 37.09 -32.65
N ASP I 353 64.56 36.88 -31.70
CA ASP I 353 63.81 35.62 -31.63
C ASP I 353 62.94 35.44 -32.86
N THR I 354 62.29 36.51 -33.32
CA THR I 354 61.44 36.41 -34.50
C THR I 354 62.27 36.09 -35.75
N LEU I 355 63.42 36.77 -35.90
CA LEU I 355 64.28 36.46 -37.04
C LEU I 355 64.76 35.02 -36.97
N GLN I 356 65.16 34.56 -35.78
CA GLN I 356 65.64 33.19 -35.63
C GLN I 356 64.55 32.18 -35.98
N ARG I 357 63.34 32.37 -35.45
CA ARG I 357 62.29 31.41 -35.73
C ARG I 357 61.93 31.38 -37.21
N THR I 358 61.80 32.56 -37.83
CA THR I 358 61.46 32.61 -39.25
C THR I 358 62.52 31.91 -40.09
N ALA I 359 63.80 32.16 -39.78
CA ALA I 359 64.87 31.45 -40.47
C ALA I 359 64.73 29.95 -40.25
N THR I 360 64.31 29.53 -39.06
CA THR I 360 64.20 28.10 -38.81
C THR I 360 63.09 27.47 -39.66
N GLU I 361 61.92 28.11 -39.77
CA GLU I 361 60.90 27.51 -40.63
C GLU I 361 61.36 27.49 -42.07
N ASP I 362 62.00 28.57 -42.54
CA ASP I 362 62.48 28.58 -43.92
C ASP I 362 63.43 27.42 -44.17
N TYR I 363 64.42 27.26 -43.28
CA TYR I 363 65.43 26.23 -43.50
C TYR I 363 64.88 24.82 -43.32
N GLU I 364 63.93 24.61 -42.39
CA GLU I 364 63.38 23.27 -42.24
C GLU I 364 62.47 22.92 -43.42
N ARG I 365 61.78 23.90 -44.00
CA ARG I 365 61.05 23.63 -45.23
C ARG I 365 62.00 23.26 -46.35
N GLU I 366 63.13 23.98 -46.45
CA GLU I 366 64.11 23.64 -47.48
C GLU I 366 64.68 22.25 -47.24
N VAL I 367 64.83 21.85 -45.98
CA VAL I 367 65.25 20.48 -45.67
C VAL I 367 64.19 19.48 -46.11
N ALA I 368 62.92 19.78 -45.83
CA ALA I 368 61.84 18.91 -46.28
C ALA I 368 61.84 18.78 -47.80
N ARG I 369 62.29 19.82 -48.50
CA ARG I 369 62.41 19.72 -49.95
C ARG I 369 63.63 18.91 -50.37
N ASN I 370 64.74 19.02 -49.64
CA ASN I 370 66.01 18.46 -50.07
C ASN I 370 66.41 17.28 -49.21
N PRO I 371 66.55 16.08 -49.76
CA PRO I 371 67.05 14.95 -48.97
C PRO I 371 68.55 15.00 -48.75
N PHE I 372 69.26 15.65 -49.67
CA PHE I 372 70.72 15.69 -49.58
C PHE I 372 71.19 16.49 -48.38
N VAL I 373 70.40 17.48 -47.94
CA VAL I 373 70.79 18.28 -46.78
C VAL I 373 70.58 17.51 -45.47
N GLU I 374 69.75 16.47 -45.47
CA GLU I 374 69.47 15.70 -44.26
C GLU I 374 69.22 14.24 -44.63
N PRO I 375 70.22 13.38 -44.44
CA PRO I 375 70.03 11.94 -44.66
C PRO I 375 69.29 11.30 -43.49
N ASP I 376 69.13 9.98 -43.57
CA ASP I 376 68.46 9.23 -42.52
C ASP I 376 68.97 7.80 -42.52
N LYS I 377 69.15 7.24 -41.32
CA LYS I 377 69.60 5.86 -41.19
C LYS I 377 68.45 4.85 -41.32
N ASP I 378 67.21 5.31 -41.21
CA ASP I 378 66.07 4.40 -41.33
C ASP I 378 65.96 3.75 -42.70
N PRO I 379 66.05 4.47 -43.82
CA PRO I 379 65.90 3.82 -45.14
C PRO I 379 66.93 2.72 -45.39
N LEU I 380 68.00 2.66 -44.60
CA LEU I 380 68.95 1.55 -44.73
C LEU I 380 68.25 0.20 -44.55
N GLY I 381 67.19 0.15 -43.76
CA GLY I 381 66.43 -1.07 -43.60
C GLY I 381 65.24 -1.13 -44.53
N SER I 382 64.89 0.00 -45.14
CA SER I 382 63.73 0.05 -46.02
C SER I 382 64.01 -0.57 -47.38
N VAL I 383 65.24 -0.43 -47.89
CA VAL I 383 65.56 -0.81 -49.26
C VAL I 383 65.12 -2.23 -49.57
N ASN I 384 65.06 -3.09 -48.56
CA ASN I 384 64.71 -4.49 -48.78
C ASN I 384 63.36 -4.63 -49.49
N LYS I 385 62.38 -3.79 -49.13
CA LYS I 385 61.07 -3.91 -49.76
C LYS I 385 61.15 -3.65 -51.25
N ILE I 386 62.02 -2.71 -51.67
CA ILE I 386 62.22 -2.46 -53.09
C ILE I 386 62.73 -3.73 -53.76
N VAL I 387 63.56 -4.50 -53.07
CA VAL I 387 64.04 -5.77 -53.60
C VAL I 387 62.86 -6.67 -53.95
N ASP I 388 61.83 -6.68 -53.11
CA ASP I 388 60.65 -7.49 -53.39
C ASP I 388 59.99 -7.06 -54.69
N LYS I 389 59.97 -5.75 -54.96
CA LYS I 389 59.38 -5.25 -56.20
C LYS I 389 60.16 -5.70 -57.42
N ALA I 390 61.39 -6.19 -57.24
CA ALA I 390 62.17 -6.72 -58.34
C ALA I 390 61.90 -8.21 -58.59
N VAL I 391 61.08 -8.85 -57.78
CA VAL I 391 60.84 -10.28 -57.87
C VAL I 391 59.42 -10.60 -58.30
N LYS I 392 58.43 -9.87 -57.78
CA LYS I 392 57.02 -10.18 -58.04
C LYS I 392 56.70 -9.89 -59.49
N SER I 393 56.63 -10.94 -60.31
CA SER I 393 56.31 -10.84 -61.74
C SER I 393 57.23 -9.85 -62.44
N GLY I 394 58.51 -9.88 -62.08
CA GLY I 394 59.48 -8.96 -62.67
C GLY I 394 60.82 -9.61 -62.94
N PHE I 395 61.42 -9.25 -64.08
CA PHE I 395 62.73 -9.79 -64.46
C PHE I 395 63.81 -8.87 -63.91
N GLY I 396 64.42 -9.28 -62.80
CA GLY I 396 65.49 -8.50 -62.19
C GLY I 396 66.81 -9.23 -62.22
N TRP I 397 67.53 -9.21 -61.10
CA TRP I 397 68.79 -9.94 -61.01
C TRP I 397 68.54 -11.45 -61.09
N GLU I 398 69.49 -12.15 -61.70
CA GLU I 398 69.38 -13.60 -61.90
C GLU I 398 69.67 -14.30 -60.59
N GLY I 399 68.67 -14.28 -59.70
CA GLY I 399 68.80 -14.93 -58.40
C GLY I 399 69.89 -14.33 -57.52
N ASP I 400 69.97 -13.01 -57.48
CA ASP I 400 71.00 -12.31 -56.71
C ASP I 400 70.35 -11.31 -55.76
N ARG I 401 69.32 -11.77 -55.04
CA ARG I 401 68.65 -10.89 -54.08
C ARG I 401 69.60 -10.46 -52.97
N GLN I 402 70.40 -11.40 -52.46
CA GLN I 402 71.41 -11.05 -51.45
C GLN I 402 72.45 -10.10 -52.02
N ASP I 403 72.89 -10.34 -53.26
CA ASP I 403 73.84 -9.44 -53.89
C ASP I 403 73.25 -8.05 -54.09
N LEU I 404 71.98 -7.99 -54.52
CA LEU I 404 71.33 -6.69 -54.67
C LEU I 404 71.23 -5.97 -53.33
N ASN I 405 70.86 -6.68 -52.28
CA ASN I 405 70.78 -6.06 -50.95
C ASN I 405 72.14 -5.54 -50.52
N ASN I 406 73.19 -6.33 -50.72
CA ASN I 406 74.52 -5.91 -50.32
C ASN I 406 74.97 -4.67 -51.09
N MET I 407 74.75 -4.65 -52.41
CA MET I 407 75.16 -3.50 -53.20
C MET I 407 74.34 -2.26 -52.86
N LEU I 408 73.04 -2.44 -52.57
CA LEU I 408 72.22 -1.29 -52.22
C LEU I 408 72.60 -0.71 -50.85
N VAL I 409 72.88 -1.58 -49.87
CA VAL I 409 73.30 -1.05 -48.57
C VAL I 409 74.68 -0.43 -48.66
N ASP I 410 75.55 -0.96 -49.53
CA ASP I 410 76.84 -0.33 -49.75
C ASP I 410 76.67 1.06 -50.38
N PHE I 411 75.77 1.18 -51.35
CA PHE I 411 75.53 2.47 -51.99
C PHE I 411 74.93 3.47 -51.01
N ALA I 412 74.03 3.00 -50.14
CA ALA I 412 73.44 3.86 -49.13
C ALA I 412 74.35 4.11 -47.94
N THR I 413 75.47 3.39 -47.85
CA THR I 413 76.44 3.56 -46.77
C THR I 413 77.64 4.40 -47.20
N ASN I 414 78.25 4.08 -48.34
CA ASN I 414 79.42 4.79 -48.81
C ASN I 414 79.15 5.74 -49.97
N GLY I 415 78.14 5.46 -50.78
CA GLY I 415 77.80 6.31 -51.89
C GLY I 415 78.34 5.79 -53.22
N ILE I 416 77.77 6.32 -54.30
CA ILE I 416 78.18 5.93 -55.65
C ILE I 416 79.36 6.78 -56.07
N LYS I 417 80.15 6.24 -57.00
CA LYS I 417 81.32 6.95 -57.53
C LYS I 417 80.86 7.91 -58.61
N LEU I 418 80.75 9.19 -58.26
CA LEU I 418 80.35 10.20 -59.22
C LEU I 418 81.44 10.39 -60.27
N PRO I 419 81.08 10.59 -61.54
CA PRO I 419 82.11 10.73 -62.58
C PRO I 419 83.04 11.92 -62.36
N ASP I 420 82.63 12.94 -61.61
CA ASP I 420 83.51 14.08 -61.39
C ASP I 420 84.74 13.69 -60.58
N GLY I 421 84.63 12.65 -59.76
CA GLY I 421 85.74 12.21 -58.93
C GLY I 421 85.38 12.20 -57.45
N ARG I 422 84.10 12.35 -57.15
CA ARG I 422 83.61 12.38 -55.78
C ARG I 422 82.68 11.20 -55.53
N THR I 423 82.24 11.07 -54.28
CA THR I 423 81.36 9.98 -53.85
C THR I 423 80.22 10.58 -53.05
N ALA I 424 78.99 10.40 -53.53
CA ALA I 424 77.81 10.93 -52.88
C ALA I 424 76.83 9.81 -52.57
N VAL I 425 76.22 9.87 -51.39
CA VAL I 425 75.26 8.86 -50.96
C VAL I 425 73.89 9.16 -51.54
N VAL I 426 73.30 8.18 -52.20
CA VAL I 426 72.00 8.36 -52.85
C VAL I 426 70.91 8.33 -51.78
N PRO I 427 69.96 9.28 -51.81
CA PRO I 427 68.85 9.24 -50.84
C PRO I 427 67.83 8.15 -51.15
N SER I 428 66.74 8.12 -50.40
CA SER I 428 65.82 7.00 -50.46
C SER I 428 64.79 7.15 -51.60
N LYS I 429 64.01 8.23 -51.57
CA LYS I 429 62.91 8.32 -52.53
C LYS I 429 63.42 8.53 -53.95
N LEU I 430 64.56 9.21 -54.11
CA LEU I 430 65.18 9.26 -55.44
C LEU I 430 65.55 7.87 -55.92
N LEU I 431 66.08 7.03 -55.03
CA LEU I 431 66.41 5.67 -55.38
C LEU I 431 65.16 4.88 -55.81
N GLU I 432 64.08 4.99 -55.04
CA GLU I 432 62.91 4.18 -55.34
C GLU I 432 62.21 4.67 -56.61
N GLN I 433 62.24 5.98 -56.87
CA GLN I 433 61.66 6.48 -58.11
C GLN I 433 62.54 6.14 -59.30
N ALA I 434 63.86 6.02 -59.09
CA ALA I 434 64.74 5.51 -60.14
C ALA I 434 64.41 4.06 -60.45
N PHE I 435 64.15 3.25 -59.42
CA PHE I 435 63.84 1.85 -59.65
C PHE I 435 62.46 1.68 -60.29
N ASN I 436 61.50 2.50 -59.89
CA ASN I 436 60.11 2.36 -60.34
C ASN I 436 60.00 2.97 -61.74
N THR I 437 60.07 2.10 -62.75
CA THR I 437 59.93 2.52 -64.14
C THR I 437 58.59 2.02 -64.69
N THR I 438 58.35 2.25 -65.98
CA THR I 438 57.10 1.80 -66.59
C THR I 438 57.05 0.29 -66.71
N ASN I 439 58.19 -0.35 -66.95
CA ASN I 439 58.27 -1.80 -67.05
C ASN I 439 59.61 -2.26 -66.51
N THR I 440 59.59 -3.11 -65.49
CA THR I 440 60.79 -3.51 -64.78
C THR I 440 61.72 -4.39 -65.62
N TRP I 441 61.28 -4.87 -66.77
CA TRP I 441 62.12 -5.73 -67.60
C TRP I 441 63.34 -4.99 -68.13
N LEU I 442 63.33 -3.66 -68.13
CA LEU I 442 64.47 -2.90 -68.63
C LEU I 442 65.67 -3.01 -67.70
N PHE I 443 65.42 -3.11 -66.40
CA PHE I 443 66.48 -3.10 -65.38
C PHE I 443 66.58 -4.49 -64.77
N LYS I 444 67.55 -5.27 -65.25
CA LYS I 444 67.75 -6.64 -64.77
C LYS I 444 69.10 -6.84 -64.10
N ASN I 445 70.19 -6.48 -64.78
CA ASN I 445 71.52 -6.72 -64.24
C ASN I 445 71.94 -5.57 -63.34
N ALA I 446 72.96 -5.83 -62.51
CA ALA I 446 73.46 -4.81 -61.60
C ALA I 446 74.09 -3.65 -62.35
N GLY I 447 74.82 -3.94 -63.44
CA GLY I 447 75.44 -2.88 -64.21
C GLY I 447 74.42 -1.90 -64.78
N ASP I 448 73.31 -2.43 -65.30
CA ASP I 448 72.29 -1.57 -65.88
C ASP I 448 71.67 -0.65 -64.83
N VAL I 449 71.34 -1.19 -63.65
CA VAL I 449 70.72 -0.36 -62.62
C VAL I 449 71.70 0.65 -62.05
N GLU I 450 72.98 0.28 -61.91
CA GLU I 450 73.94 1.27 -61.42
C GLU I 450 74.19 2.35 -62.46
N LYS I 451 74.18 2.01 -63.75
CA LYS I 451 74.26 3.04 -64.78
C LYS I 451 73.05 3.95 -64.72
N ARG I 452 71.86 3.38 -64.49
CA ARG I 452 70.65 4.18 -64.38
C ARG I 452 70.74 5.17 -63.22
N ILE I 453 71.15 4.70 -62.05
CA ILE I 453 71.21 5.59 -60.90
C ILE I 453 72.32 6.62 -61.08
N ILE I 454 73.43 6.24 -61.73
CA ILE I 454 74.50 7.18 -62.00
C ILE I 454 74.02 8.30 -62.91
N GLU I 455 73.33 7.95 -64.00
CA GLU I 455 72.87 8.98 -64.93
C GLU I 455 71.76 9.81 -64.32
N LEU I 456 70.95 9.24 -63.42
CA LEU I 456 69.90 10.03 -62.79
C LEU I 456 70.45 10.99 -61.74
N MET I 457 71.48 10.59 -61.01
CA MET I 457 72.07 11.49 -60.02
C MET I 457 72.83 12.63 -60.69
N THR I 458 73.21 12.47 -61.95
CA THR I 458 73.91 13.51 -62.69
C THR I 458 72.96 14.50 -63.37
N THR I 459 71.68 14.48 -63.00
CA THR I 459 70.74 15.44 -63.56
C THR I 459 71.13 16.85 -63.18
N ASP I 460 70.95 17.79 -64.11
CA ASP I 460 71.38 19.17 -63.89
C ASP I 460 70.69 19.77 -62.67
N GLY I 461 69.36 19.68 -62.61
CA GLY I 461 68.66 20.18 -61.45
C GLY I 461 69.02 19.43 -60.18
N MET I 462 69.12 18.10 -60.28
CA MET I 462 69.51 17.31 -59.12
C MET I 462 70.92 17.68 -58.66
N THR I 463 71.85 17.88 -59.60
CA THR I 463 73.20 18.26 -59.24
C THR I 463 73.21 19.62 -58.54
N GLN I 464 72.52 20.60 -59.14
CA GLN I 464 72.45 21.93 -58.54
C GLN I 464 71.89 21.86 -57.12
N MET I 465 70.85 21.06 -56.92
CA MET I 465 70.29 20.86 -55.60
C MET I 465 71.32 20.22 -54.66
N ARG I 466 72.14 19.31 -55.19
CA ARG I 466 73.16 18.65 -54.38
C ARG I 466 74.17 19.66 -53.85
N GLU I 467 74.75 20.50 -54.72
CA GLU I 467 75.67 21.48 -54.15
C GLU I 467 74.96 22.65 -53.48
N ASP I 468 73.63 22.76 -53.62
CA ASP I 468 72.92 23.78 -52.85
C ASP I 468 72.73 23.35 -51.40
N ALA I 469 72.57 22.05 -51.15
CA ALA I 469 72.30 21.59 -49.78
C ALA I 469 73.37 22.01 -48.77
N PRO I 470 74.67 21.77 -48.99
CA PRO I 470 75.64 22.19 -47.97
C PRO I 470 75.70 23.68 -47.77
N THR I 471 75.48 24.46 -48.84
CA THR I 471 75.53 25.92 -48.71
C THR I 471 74.42 26.43 -47.81
N ILE I 472 73.19 25.94 -48.04
CA ILE I 472 72.08 26.37 -47.18
C ILE I 472 72.26 25.85 -45.77
N ARG I 473 72.84 24.65 -45.61
CA ARG I 473 73.07 24.13 -44.26
C ARG I 473 74.03 25.02 -43.48
N GLU I 474 75.17 25.38 -44.11
CA GLU I 474 76.13 26.23 -43.42
C GLU I 474 75.58 27.64 -43.22
N ASN I 475 74.75 28.12 -44.14
CA ASN I 475 74.11 29.41 -43.95
C ASN I 475 73.19 29.38 -42.73
N PHE I 476 72.42 28.29 -42.57
CA PHE I 476 71.57 28.15 -41.40
C PHE I 476 72.39 28.14 -40.12
N LEU I 477 73.49 27.39 -40.11
CA LEU I 477 74.34 27.33 -38.93
C LEU I 477 74.93 28.70 -38.61
N LYS I 478 75.43 29.41 -39.62
CA LYS I 478 75.98 30.74 -39.39
C LYS I 478 74.92 31.70 -38.87
N THR I 479 73.71 31.64 -39.44
CA THR I 479 72.65 32.54 -39.00
C THR I 479 72.27 32.28 -37.55
N VAL I 480 72.13 31.02 -37.15
CA VAL I 480 71.76 30.75 -35.77
C VAL I 480 72.89 31.13 -34.82
N SER I 481 74.14 30.92 -35.24
CA SER I 481 75.27 31.35 -34.40
C SER I 481 75.27 32.85 -34.21
N ASP I 482 75.04 33.60 -35.29
CA ASP I 482 75.00 35.05 -35.18
C ASP I 482 73.83 35.52 -34.33
N ILE I 483 72.68 34.85 -34.46
CA ILE I 483 71.52 35.21 -33.64
C ILE I 483 71.84 35.02 -32.16
N ALA I 484 72.45 33.87 -31.82
CA ALA I 484 72.82 33.63 -30.42
C ALA I 484 73.82 34.66 -29.92
N ASN I 485 74.82 34.98 -30.75
CA ASN I 485 75.83 35.95 -30.33
C ASN I 485 75.22 37.32 -30.10
N GLN I 486 74.32 37.75 -31.00
CA GLN I 486 73.68 39.05 -30.83
C GLN I 486 72.75 39.06 -29.62
N LYS I 487 72.04 37.96 -29.37
CA LYS I 487 71.22 37.86 -28.18
C LYS I 487 72.06 38.03 -26.92
N ARG I 488 73.17 37.30 -26.84
CA ARG I 488 74.04 37.41 -25.67
C ARG I 488 74.62 38.81 -25.55
N SER I 489 74.98 39.43 -26.67
CA SER I 489 75.60 40.75 -26.62
C SER I 489 74.62 41.80 -26.13
N ASN I 490 73.39 41.82 -26.67
CA ASN I 490 72.42 42.79 -26.19
C ASN I 490 72.04 42.52 -24.75
N ALA I 491 71.98 41.24 -24.36
CA ALA I 491 71.67 40.91 -22.97
C ALA I 491 72.75 41.44 -22.03
N VAL I 492 74.02 41.22 -22.36
CA VAL I 492 75.10 41.67 -21.47
C VAL I 492 75.13 43.19 -21.42
N LYS I 493 74.93 43.86 -22.55
CA LYS I 493 74.92 45.32 -22.55
C LYS I 493 73.80 45.87 -21.69
N VAL I 494 72.58 45.34 -21.85
CA VAL I 494 71.44 45.84 -21.08
C VAL I 494 71.65 45.57 -19.60
N THR I 495 72.14 44.37 -19.26
CA THR I 495 72.33 44.04 -17.84
C THR I 495 73.38 44.92 -17.20
N ARG I 496 74.51 45.16 -17.89
CA ARG I 496 75.54 46.00 -17.29
C ARG I 496 75.08 47.45 -17.20
N SER I 497 74.33 47.94 -18.19
CA SER I 497 73.80 49.29 -18.10
C SER I 497 72.84 49.42 -16.92
N ALA I 498 71.96 48.44 -16.74
CA ALA I 498 71.02 48.48 -15.62
C ALA I 498 71.75 48.42 -14.29
N GLU I 499 72.79 47.58 -14.20
CA GLU I 499 73.55 47.47 -12.96
C GLU I 499 74.26 48.78 -12.63
N ARG I 500 74.84 49.43 -13.66
CA ARG I 500 75.48 50.72 -13.42
C ARG I 500 74.47 51.77 -13.00
N GLU I 501 73.29 51.78 -13.63
CA GLU I 501 72.28 52.79 -13.30
C GLU I 501 71.73 52.59 -11.89
N LYS I 502 71.50 51.34 -11.48
CA LYS I 502 71.01 51.08 -10.13
C LYS I 502 72.02 51.52 -9.08
N GLY I 503 73.30 51.25 -9.31
CA GLY I 503 74.35 51.63 -8.37
C GLY I 503 75.64 52.02 -9.05
N ASP J 95 29.75 -58.01 55.49
CA ASP J 95 29.17 -57.93 56.81
C ASP J 95 30.15 -58.45 57.87
N ARG J 96 29.87 -58.14 59.13
CA ARG J 96 30.69 -58.55 60.25
C ARG J 96 29.92 -59.54 61.11
N ALA J 97 30.52 -60.71 61.37
CA ALA J 97 29.90 -61.75 62.17
C ALA J 97 30.59 -61.95 63.51
N ALA J 98 31.42 -61.00 63.94
CA ALA J 98 32.12 -61.13 65.21
C ALA J 98 31.16 -61.00 66.38
N THR J 99 31.50 -61.69 67.47
CA THR J 99 30.68 -61.69 68.68
C THR J 99 31.07 -60.49 69.54
N ARG J 100 30.08 -59.65 69.86
CA ARG J 100 30.34 -58.46 70.66
C ARG J 100 30.78 -58.82 72.08
N ASP J 101 30.00 -59.68 72.75
CA ASP J 101 30.29 -60.14 74.11
C ASP J 101 30.26 -58.93 75.04
N ALA J 102 31.35 -58.62 75.76
CA ALA J 102 31.31 -57.56 76.76
C ALA J 102 31.11 -56.18 76.13
N ILE J 103 31.89 -55.89 75.08
CA ILE J 103 31.95 -54.59 74.40
C ILE J 103 31.71 -53.43 75.36
N THR J 104 32.56 -53.32 76.39
CA THR J 104 32.35 -52.29 77.40
C THR J 104 32.66 -50.89 76.85
N LYS J 105 33.62 -50.78 75.93
CA LYS J 105 34.07 -49.50 75.42
C LYS J 105 34.10 -49.52 73.91
N GLN J 106 34.07 -48.32 73.32
CA GLN J 106 34.24 -48.08 71.89
C GLN J 106 33.07 -48.62 71.08
N ILE J 107 32.09 -49.24 71.73
CA ILE J 107 30.90 -49.76 71.06
C ILE J 107 29.63 -49.06 71.56
N SER J 108 29.50 -48.86 72.87
CA SER J 108 28.48 -47.94 73.36
C SER J 108 28.73 -46.54 72.83
N ALA J 109 30.00 -46.12 72.81
CA ALA J 109 30.36 -44.87 72.15
C ALA J 109 30.03 -44.92 70.66
N GLN J 110 30.18 -46.08 70.03
CA GLN J 110 29.81 -46.21 68.62
C GLN J 110 28.32 -45.97 68.42
N GLN J 111 27.49 -46.57 69.28
CA GLN J 111 26.05 -46.34 69.18
C GLN J 111 25.71 -44.88 69.43
N ASN J 112 26.37 -44.26 70.42
CA ASN J 112 26.09 -42.87 70.72
C ASN J 112 26.48 -41.96 69.56
N GLN J 113 27.62 -42.22 68.92
CA GLN J 113 28.03 -41.38 67.80
C GLN J 113 27.15 -41.63 66.59
N ALA J 114 26.67 -42.87 66.41
CA ALA J 114 25.69 -43.11 65.36
C ALA J 114 24.42 -42.31 65.59
N ALA J 115 23.96 -42.27 66.86
CA ALA J 115 22.79 -41.46 67.19
C ALA J 115 23.04 -39.99 66.93
N ALA J 116 24.22 -39.49 67.30
CA ALA J 116 24.55 -38.09 67.06
C ALA J 116 24.57 -37.78 65.56
N THR J 117 25.16 -38.67 64.76
CA THR J 117 25.22 -38.45 63.31
C THR J 117 23.83 -38.47 62.69
N GLN J 118 22.98 -39.41 63.08
CA GLN J 118 21.64 -39.45 62.51
C GLN J 118 20.83 -38.24 62.94
N LYS J 119 21.01 -37.77 64.18
CA LYS J 119 20.30 -36.58 64.61
C LYS J 119 20.76 -35.36 63.83
N PHE J 120 22.07 -35.25 63.58
CA PHE J 120 22.58 -34.15 62.77
C PHE J 120 22.04 -34.21 61.35
N ASP J 121 21.98 -35.41 60.77
CA ASP J 121 21.42 -35.56 59.42
C ASP J 121 19.95 -35.17 59.39
N ASP J 122 19.18 -35.58 60.40
CA ASP J 122 17.77 -35.22 60.46
C ASP J 122 17.59 -33.71 60.59
N MET J 123 18.41 -33.07 61.42
CA MET J 123 18.33 -31.62 61.56
C MET J 123 18.70 -30.91 60.27
N GLN J 124 19.72 -31.41 59.57
CA GLN J 124 20.14 -30.80 58.31
C GLN J 124 19.08 -31.01 57.23
N ALA J 125 18.34 -32.12 57.29
CA ALA J 125 17.29 -32.37 56.30
C ALA J 125 16.18 -31.33 56.38
N GLU J 126 16.02 -30.67 57.52
CA GLU J 126 15.00 -29.63 57.71
C GLU J 126 13.60 -30.17 57.42
N VAL J 127 13.19 -31.15 58.25
CA VAL J 127 11.86 -31.73 58.09
C VAL J 127 10.81 -30.67 58.33
N GLY J 128 9.82 -30.59 57.44
CA GLY J 128 8.82 -29.57 57.53
C GLY J 128 9.38 -28.20 57.16
N GLN J 129 8.73 -27.17 57.69
CA GLN J 129 9.12 -25.78 57.46
C GLN J 129 9.75 -25.21 58.73
N ARG J 130 10.92 -24.61 58.58
CA ARG J 130 11.65 -24.03 59.70
C ARG J 130 12.34 -22.76 59.21
N GLY J 131 13.29 -22.27 60.00
CA GLY J 131 14.04 -21.08 59.62
C GLY J 131 15.24 -21.39 58.76
N ILE J 132 16.41 -20.89 59.17
CA ILE J 132 17.68 -21.11 58.48
C ILE J 132 17.58 -20.64 57.03
N VAL J 133 17.43 -19.32 56.84
CA VAL J 133 17.37 -18.77 55.49
C VAL J 133 18.68 -19.01 54.75
N ASP J 134 19.81 -18.81 55.42
CA ASP J 134 21.12 -19.04 54.84
C ASP J 134 21.45 -20.54 54.93
N GLN J 135 22.70 -20.91 54.64
CA GLN J 135 23.09 -22.32 54.70
C GLN J 135 22.94 -22.87 56.12
N LEU J 136 23.43 -22.12 57.11
CA LEU J 136 23.32 -22.48 58.52
C LEU J 136 23.90 -23.87 58.78
N ARG J 137 25.17 -24.03 58.40
CA ARG J 137 25.85 -25.31 58.62
C ARG J 137 25.97 -25.62 60.10
N THR J 138 26.30 -24.62 60.92
CA THR J 138 26.41 -24.76 62.36
C THR J 138 27.42 -25.84 62.74
N LEU J 139 28.52 -25.92 61.98
CA LEU J 139 29.55 -26.90 62.28
C LEU J 139 30.29 -26.56 63.57
N SER J 140 30.64 -25.28 63.76
CA SER J 140 31.33 -24.81 64.94
C SER J 140 30.72 -23.51 65.42
N ALA J 141 31.19 -23.04 66.57
CA ALA J 141 30.68 -21.78 67.11
C ALA J 141 31.00 -20.61 66.19
N GLU J 142 32.22 -20.57 65.65
CA GLU J 142 32.60 -19.49 64.74
C GLU J 142 31.77 -19.56 63.46
N GLY J 143 31.61 -20.76 62.90
CA GLY J 143 30.79 -20.89 61.70
C GLY J 143 29.34 -20.56 61.95
N ARG J 144 28.81 -20.96 63.11
CA ARG J 144 27.42 -20.64 63.45
C ARG J 144 27.25 -19.13 63.61
N ALA J 145 28.22 -18.46 64.23
CA ALA J 145 28.15 -17.01 64.35
C ALA J 145 28.21 -16.34 62.98
N GLY J 146 29.05 -16.86 62.08
CA GLY J 146 29.09 -16.34 60.72
C GLY J 146 27.76 -16.51 60.00
N GLU J 147 27.12 -17.67 60.18
CA GLU J 147 25.81 -17.89 59.58
C GLU J 147 24.77 -16.95 60.17
N VAL J 148 24.82 -16.71 61.49
CA VAL J 148 23.89 -15.77 62.12
C VAL J 148 24.09 -14.37 61.55
N ASN J 149 25.35 -13.96 61.37
CA ASN J 149 25.63 -12.69 60.72
C ASN J 149 25.09 -12.65 59.30
N GLN J 150 25.19 -13.78 58.58
CA GLN J 150 24.62 -13.87 57.24
C GLN J 150 23.11 -13.68 57.28
N ILE J 151 22.46 -14.19 58.33
CA ILE J 151 21.02 -13.98 58.49
C ILE J 151 20.71 -12.50 58.66
N LEU J 152 21.52 -11.80 59.44
CA LEU J 152 21.35 -10.36 59.67
C LEU J 152 21.47 -9.58 58.37
N GLU J 162 32.30 5.44 53.85
CA GLU J 162 30.85 5.50 54.00
C GLU J 162 30.19 4.25 53.43
N ILE J 163 29.69 4.35 52.20
CA ILE J 163 29.10 3.19 51.55
C ILE J 163 30.18 2.18 51.18
N ARG J 164 31.31 2.66 50.64
CA ARG J 164 32.43 1.76 50.36
C ARG J 164 33.01 1.18 51.63
N LYS J 165 32.88 1.87 52.75
CA LYS J 165 33.33 1.34 54.03
C LYS J 165 32.66 0.00 54.32
N GLU J 166 31.33 0.00 54.44
CA GLU J 166 30.61 -1.23 54.71
C GLU J 166 30.73 -2.23 53.56
N LEU J 167 30.79 -1.73 52.31
CA LEU J 167 30.94 -2.62 51.17
C LEU J 167 32.22 -3.45 51.27
N THR J 168 33.32 -2.81 51.67
CA THR J 168 34.57 -3.55 51.85
C THR J 168 34.55 -4.39 53.12
N GLY J 169 33.97 -3.87 54.20
CA GLY J 169 34.01 -4.58 55.46
C GLY J 169 33.22 -5.88 55.44
N VAL J 170 32.02 -5.85 54.87
CA VAL J 170 31.21 -7.07 54.79
C VAL J 170 31.92 -8.13 53.95
N GLN J 171 32.48 -7.71 52.81
CA GLN J 171 33.20 -8.66 51.96
C GLN J 171 34.40 -9.24 52.68
N ASP J 172 35.18 -8.41 53.38
CA ASP J 172 36.34 -8.90 54.10
C ASP J 172 35.94 -9.89 55.18
N ALA J 173 34.88 -9.58 55.93
CA ALA J 173 34.41 -10.49 56.97
C ALA J 173 33.98 -11.82 56.38
N ILE J 174 33.24 -11.78 55.27
CA ILE J 174 32.79 -13.01 54.63
C ILE J 174 33.98 -13.83 54.16
N GLN J 175 34.96 -13.18 53.52
CA GLN J 175 36.12 -13.91 53.03
C GLN J 175 36.90 -14.56 54.16
N ASN J 176 37.15 -13.81 55.23
CA ASN J 176 37.91 -14.37 56.35
C ASN J 176 37.17 -15.53 56.99
N ARG J 177 35.87 -15.37 57.23
CA ARG J 177 35.10 -16.45 57.85
C ARG J 177 35.07 -17.69 56.98
N GLN J 178 34.84 -17.51 55.67
CA GLN J 178 34.79 -18.64 54.76
C GLN J 178 36.14 -19.35 54.69
N TYR J 179 37.23 -18.59 54.60
CA TYR J 179 38.55 -19.19 54.55
C TYR J 179 38.84 -20.00 55.81
N ARG J 180 38.55 -19.42 56.97
CA ARG J 180 38.83 -20.10 58.23
C ARG J 180 37.99 -21.38 58.34
N ALA J 181 36.70 -21.30 58.01
CA ALA J 181 35.83 -22.46 58.12
C ALA J 181 36.25 -23.56 57.16
N ALA J 182 36.59 -23.20 55.91
CA ALA J 182 37.02 -24.19 54.94
C ALA J 182 38.32 -24.85 55.38
N GLY J 183 39.27 -24.07 55.89
CA GLY J 183 40.50 -24.65 56.39
C GLY J 183 40.26 -25.61 57.53
N GLU J 184 39.42 -25.21 58.48
CA GLU J 184 39.13 -26.07 59.63
C GLU J 184 38.47 -27.37 59.20
N GLN J 185 37.50 -27.30 58.29
CA GLN J 185 36.79 -28.51 57.90
C GLN J 185 37.67 -29.43 57.06
N ARG J 186 38.50 -28.87 56.17
CA ARG J 186 39.44 -29.70 55.43
C ARG J 186 40.45 -30.36 56.35
N ALA J 187 40.95 -29.62 57.35
CA ALA J 187 41.88 -30.20 58.31
C ALA J 187 41.22 -31.33 59.09
N GLN J 188 39.96 -31.12 59.50
CA GLN J 188 39.25 -32.16 60.25
C GLN J 188 39.06 -33.41 59.40
N ALA J 189 38.67 -33.25 58.14
CA ALA J 189 38.48 -34.41 57.27
C ALA J 189 39.79 -35.15 57.04
N ALA J 190 40.88 -34.41 56.79
CA ALA J 190 42.18 -35.04 56.59
C ALA J 190 42.62 -35.78 57.84
N ALA J 191 42.41 -35.18 59.00
CA ALA J 191 42.78 -35.85 60.25
C ALA J 191 41.96 -37.11 60.47
N ASN J 192 40.67 -37.07 60.13
CA ASN J 192 39.83 -38.26 60.26
C ASN J 192 40.34 -39.38 59.36
N ARG J 193 40.67 -39.04 58.11
CA ARG J 193 41.20 -40.06 57.19
C ARG J 193 42.53 -40.62 57.70
N ALA J 194 43.41 -39.74 58.21
CA ALA J 194 44.68 -40.21 58.74
C ALA J 194 44.49 -41.12 59.94
N ALA J 195 43.55 -40.77 60.82
CA ALA J 195 43.28 -41.62 61.99
C ALA J 195 42.74 -42.98 61.57
N GLU J 196 41.85 -43.00 60.58
CA GLU J 196 41.35 -44.28 60.10
C GLU J 196 42.46 -45.13 59.50
N ALA J 197 43.34 -44.50 58.72
CA ALA J 197 44.47 -45.24 58.16
C ALA J 197 45.40 -45.76 59.24
N HIS J 198 45.65 -44.95 60.27
CA HIS J 198 46.51 -45.38 61.37
C HIS J 198 45.90 -46.56 62.12
N SER J 199 44.59 -46.51 62.36
CA SER J 199 43.92 -47.63 63.01
C SER J 199 44.02 -48.90 62.17
N LEU J 200 43.82 -48.76 60.85
CA LEU J 200 43.92 -49.92 59.97
C LEU J 200 45.34 -50.49 59.99
N SER J 201 46.35 -49.63 59.98
CA SER J 201 47.73 -50.09 60.02
C SER J 201 48.03 -50.79 61.34
N MET J 202 47.56 -50.23 62.46
CA MET J 202 47.80 -50.83 63.76
C MET J 202 47.04 -52.15 63.93
N ALA J 203 45.94 -52.33 63.20
CA ALA J 203 45.10 -53.51 63.37
C ALA J 203 45.75 -54.78 62.81
N ALA J 204 47.03 -54.70 62.45
CA ALA J 204 47.74 -55.88 61.98
C ALA J 204 47.87 -56.91 63.10
N GLY J 205 47.64 -58.17 62.75
CA GLY J 205 47.73 -59.25 63.71
C GLY J 205 46.40 -59.92 63.99
N PHE J 211 40.51 -55.86 72.95
CA PHE J 211 40.38 -55.99 71.50
C PHE J 211 41.51 -55.27 70.78
N THR J 212 42.75 -55.48 71.25
CA THR J 212 43.94 -54.88 70.68
C THR J 212 43.82 -53.36 70.63
N ARG J 213 43.72 -52.76 71.81
CA ARG J 213 43.49 -51.32 71.90
C ARG J 213 44.79 -50.53 71.72
N GLU J 214 45.73 -50.67 72.67
CA GLU J 214 47.02 -49.98 72.63
C GLU J 214 46.88 -48.47 72.49
N GLN J 215 48.00 -47.79 72.20
CA GLN J 215 48.01 -46.34 72.15
C GLN J 215 47.25 -45.79 70.95
N ARG J 216 47.27 -46.50 69.82
CA ARG J 216 46.54 -46.05 68.65
C ARG J 216 45.05 -45.96 68.93
N ASP J 217 44.47 -47.02 69.48
CA ASP J 217 43.06 -46.96 69.84
C ASP J 217 42.81 -46.12 71.08
N GLU J 218 43.82 -45.85 71.90
CA GLU J 218 43.66 -44.86 72.96
C GLU J 218 43.45 -43.46 72.36
N LEU J 219 44.27 -43.10 71.38
CA LEU J 219 44.07 -41.84 70.67
C LEU J 219 42.73 -41.82 69.96
N ARG J 220 42.37 -42.93 69.32
CA ARG J 220 41.06 -43.04 68.69
C ARG J 220 39.94 -42.84 69.71
N ARG J 221 40.10 -43.42 70.90
CA ARG J 221 39.08 -43.30 71.94
C ARG J 221 38.91 -41.86 72.40
N ASP J 222 40.02 -41.17 72.65
CA ASP J 222 39.90 -39.79 73.13
C ASP J 222 39.34 -38.88 72.03
N ARG J 223 39.75 -39.09 70.78
CA ARG J 223 39.18 -38.31 69.69
C ARG J 223 37.69 -38.58 69.53
N ASP J 224 37.28 -39.85 69.66
CA ASP J 224 35.87 -40.17 69.57
C ASP J 224 35.09 -39.59 70.75
N GLU J 225 35.68 -39.55 71.94
CA GLU J 225 35.02 -38.90 73.07
C GLU J 225 34.82 -37.42 72.81
N ALA J 226 35.82 -36.76 72.24
CA ALA J 226 35.67 -35.35 71.89
C ALA J 226 34.57 -35.17 70.85
N LYS J 227 34.52 -36.04 69.84
CA LYS J 227 33.49 -35.95 68.82
C LYS J 227 32.10 -36.18 69.41
N LEU J 228 31.98 -37.17 70.30
CA LEU J 228 30.71 -37.42 70.98
C LEU J 228 30.28 -36.20 71.79
N VAL J 229 31.21 -35.59 72.51
CA VAL J 229 30.89 -34.40 73.30
C VAL J 229 30.37 -33.30 72.38
N SER J 230 31.10 -33.03 71.30
CA SER J 230 30.70 -31.95 70.39
C SER J 230 29.32 -32.21 69.80
N GLY J 231 29.09 -33.44 69.32
CA GLY J 231 27.80 -33.76 68.73
C GLY J 231 26.66 -33.66 69.71
N THR J 232 26.84 -34.20 70.92
CA THR J 232 25.80 -34.14 71.93
C THR J 232 25.49 -32.70 72.31
N ILE J 233 26.52 -31.86 72.44
CA ILE J 233 26.30 -30.47 72.84
C ILE J 233 25.55 -29.72 71.73
N ALA J 234 25.95 -29.95 70.48
CA ALA J 234 25.26 -29.32 69.36
C ALA J 234 23.80 -29.75 69.31
N THR J 235 23.53 -31.04 69.51
CA THR J 235 22.15 -31.53 69.50
C THR J 235 21.34 -30.91 70.62
N THR J 236 21.93 -30.81 71.82
CA THR J 236 21.20 -30.20 72.94
C THR J 236 20.87 -28.75 72.67
N PHE J 237 21.84 -27.99 72.14
CA PHE J 237 21.57 -26.59 71.82
C PHE J 237 20.50 -26.45 70.75
N GLN J 238 20.56 -27.29 69.70
CA GLN J 238 19.56 -27.23 68.64
C GLN J 238 18.18 -27.56 69.19
N ASP J 239 18.08 -28.55 70.07
CA ASP J 239 16.79 -28.87 70.68
C ASP J 239 16.29 -27.72 71.54
N TYR J 240 17.19 -27.06 72.26
CA TYR J 240 16.79 -25.96 73.13
C TYR J 240 16.29 -24.77 72.32
N ASP J 241 16.86 -24.54 71.14
CA ASP J 241 16.52 -23.34 70.37
C ASP J 241 15.04 -23.29 70.00
N GLU J 242 14.45 -24.45 69.66
CA GLU J 242 13.04 -24.47 69.30
C GLU J 242 12.16 -24.05 70.47
N SER J 243 12.46 -24.57 71.67
CA SER J 243 11.73 -24.16 72.86
C SER J 243 11.94 -22.68 73.15
N ARG J 244 13.16 -22.18 72.94
CA ARG J 244 13.42 -20.76 73.14
C ARG J 244 12.56 -19.91 72.23
N GLN J 245 12.45 -20.30 70.96
CA GLN J 245 11.60 -19.54 70.02
C GLN J 245 10.13 -19.63 70.41
N ALA J 246 9.67 -20.83 70.80
CA ALA J 246 8.28 -21.00 71.17
C ALA J 246 7.92 -20.14 72.38
N GLN J 247 8.81 -20.06 73.36
CA GLN J 247 8.56 -19.22 74.52
C GLN J 247 8.75 -17.74 74.21
N SER J 248 9.66 -17.41 73.28
CA SER J 248 9.83 -16.03 72.87
C SER J 248 8.59 -15.50 72.18
N GLU J 249 7.83 -16.39 71.52
CA GLU J 249 6.54 -15.99 70.99
C GLU J 249 5.67 -15.34 72.07
N ILE J 250 5.52 -16.00 73.21
CA ILE J 250 4.70 -15.47 74.29
C ILE J 250 5.37 -14.28 74.98
N MET J 251 6.70 -14.29 75.12
CA MET J 251 7.34 -13.09 75.68
C MET J 251 7.03 -11.87 74.82
N ARG J 252 7.12 -12.02 73.49
CA ARG J 252 6.81 -10.90 72.61
C ARG J 252 5.34 -10.52 72.68
N ILE J 253 4.45 -11.51 72.74
CA ILE J 253 3.02 -11.20 72.82
C ILE J 253 2.70 -10.41 74.08
N VAL J 254 3.25 -10.86 75.21
CA VAL J 254 3.00 -10.17 76.48
C VAL J 254 3.61 -8.77 76.45
N GLY J 255 4.84 -8.65 75.93
CA GLY J 255 5.47 -7.35 75.86
C GLY J 255 4.71 -6.37 75.00
N LYS J 256 4.14 -6.85 73.89
CA LYS J 256 3.30 -6.00 73.07
C LYS J 256 2.01 -5.64 73.80
N GLU J 257 1.47 -6.58 74.57
CA GLU J 257 0.23 -6.31 75.31
C GLU J 257 0.44 -5.19 76.32
N VAL J 258 1.47 -5.31 77.17
CA VAL J 258 1.75 -4.25 78.14
C VAL J 258 2.40 -3.05 77.46
N GLY J 259 3.37 -3.29 76.58
CA GLY J 259 3.97 -2.26 75.76
C GLY J 259 5.34 -1.79 76.23
N MET J 260 6.38 -2.40 75.68
CA MET J 260 7.80 -2.10 75.88
C MET J 260 8.43 -1.72 74.55
N PRO J 261 9.54 -0.97 74.58
CA PRO J 261 10.28 -0.70 73.34
C PRO J 261 10.80 -1.99 72.73
N THR J 262 10.46 -2.22 71.47
CA THR J 262 10.73 -3.49 70.81
C THR J 262 11.31 -3.24 69.42
N ASP J 263 11.98 -4.28 68.90
CA ASP J 263 12.57 -4.25 67.56
C ASP J 263 12.05 -5.41 66.74
N ASP J 264 12.71 -5.68 65.60
CA ASP J 264 12.21 -6.69 64.66
C ASP J 264 12.05 -8.06 65.31
N GLN J 265 12.88 -8.38 66.30
CA GLN J 265 12.78 -9.68 66.96
C GLN J 265 11.56 -9.78 67.86
N GLY J 266 11.01 -8.65 68.30
CA GLY J 266 9.80 -8.63 69.10
C GLY J 266 9.99 -8.59 70.60
N MET J 267 11.16 -9.01 71.09
CA MET J 267 11.40 -9.00 72.52
C MET J 267 11.83 -7.61 72.96
N PRO J 268 11.41 -7.16 74.14
CA PRO J 268 11.78 -5.82 74.60
C PRO J 268 13.30 -5.64 74.68
N ASP J 269 13.74 -4.42 74.36
CA ASP J 269 15.16 -4.09 74.27
C ASP J 269 15.78 -4.07 75.67
N MET J 270 16.91 -4.78 75.83
CA MET J 270 17.52 -4.89 77.15
C MET J 270 18.01 -3.54 77.66
N SER J 271 18.72 -2.78 76.81
CA SER J 271 19.26 -1.51 77.25
C SER J 271 18.16 -0.50 77.55
N ARG J 272 17.11 -0.47 76.71
CA ARG J 272 16.04 0.50 76.86
C ARG J 272 15.03 0.11 77.93
N ALA J 273 14.99 -1.15 78.35
CA ALA J 273 14.05 -1.59 79.37
C ALA J 273 14.52 -1.12 80.73
N SER J 274 13.79 -0.19 81.33
CA SER J 274 14.06 0.25 82.68
C SER J 274 13.49 -0.74 83.69
N GLN J 275 13.67 -0.42 84.97
CA GLN J 275 13.09 -1.26 86.02
C GLN J 275 11.58 -1.26 85.95
N ASP J 276 10.98 -0.09 85.70
CA ASP J 276 9.53 -0.02 85.55
C ASP J 276 9.07 -0.80 84.31
N GLN J 277 9.86 -0.77 83.24
CA GLN J 277 9.53 -1.55 82.06
C GLN J 277 9.55 -3.04 82.37
N LEU J 278 10.56 -3.51 83.11
CA LEU J 278 10.63 -4.91 83.48
C LEU J 278 9.62 -5.28 84.56
N ASP J 279 9.02 -4.29 85.23
CA ASP J 279 7.98 -4.58 86.20
C ASP J 279 6.76 -5.23 85.54
N ALA J 280 6.46 -4.84 84.30
CA ALA J 280 5.35 -5.48 83.59
C ALA J 280 5.64 -6.96 83.35
N PHE J 281 6.87 -7.28 82.95
CA PHE J 281 7.24 -8.68 82.76
C PHE J 281 7.22 -9.43 84.09
N SER J 282 7.66 -8.80 85.17
CA SER J 282 7.62 -9.44 86.47
C SER J 282 6.18 -9.73 86.90
N ASN J 283 5.28 -8.77 86.68
CA ASN J 283 3.87 -9.00 87.01
C ASN J 283 3.27 -10.10 86.14
N ALA J 284 3.64 -10.14 84.86
CA ALA J 284 3.15 -11.20 83.99
C ALA J 284 3.65 -12.57 84.45
N LEU J 285 4.92 -12.65 84.86
CA LEU J 285 5.46 -13.90 85.37
C LEU J 285 4.74 -14.32 86.65
N ASN J 286 4.47 -13.37 87.54
CA ASN J 286 3.69 -13.67 88.73
C ASN J 286 2.28 -14.11 88.37
N GLU J 287 1.76 -13.62 87.25
CA GLU J 287 0.40 -13.96 86.84
C GLU J 287 0.31 -15.40 86.36
N ALA J 288 1.04 -15.73 85.30
CA ALA J 288 0.99 -17.06 84.70
C ALA J 288 2.35 -17.34 84.06
N GLY J 289 2.39 -18.35 83.18
CA GLY J 289 3.61 -18.71 82.52
C GLY J 289 4.40 -19.77 83.27
N VAL J 290 4.95 -19.39 84.42
CA VAL J 290 5.73 -20.28 85.27
C VAL J 290 6.89 -20.90 84.48
N GLN J 291 7.54 -20.07 83.65
CA GLN J 291 8.69 -20.52 82.87
C GLN J 291 9.94 -20.23 83.67
N ALA J 292 10.40 -21.22 84.43
CA ALA J 292 11.59 -21.03 85.26
C ALA J 292 12.83 -20.77 84.41
N ASN J 293 13.00 -21.52 83.32
CA ASN J 293 14.17 -21.42 82.44
C ASN J 293 15.46 -21.60 83.22
N THR J 294 15.44 -22.53 84.18
CA THR J 294 16.60 -22.85 84.99
C THR J 294 17.54 -23.82 84.29
N SER J 295 17.16 -24.35 83.13
CA SER J 295 17.99 -25.26 82.34
C SER J 295 19.48 -24.91 82.32
N PRO J 296 19.91 -23.63 82.18
CA PRO J 296 21.35 -23.31 82.17
C PRO J 296 22.16 -23.96 83.28
N THR J 297 21.53 -24.50 84.32
CA THR J 297 22.25 -25.42 85.19
C THR J 297 21.91 -26.87 84.89
N GLU J 298 20.63 -27.26 85.02
CA GLU J 298 20.27 -28.67 84.92
C GLU J 298 20.82 -29.26 83.63
N ARG J 299 20.71 -28.53 82.53
CA ARG J 299 21.19 -28.98 81.23
C ARG J 299 22.53 -29.69 81.34
N ARG J 300 23.56 -28.99 81.84
CA ARG J 300 24.88 -29.60 81.70
C ARG J 300 25.00 -30.83 82.57
N ASN J 301 24.40 -30.82 83.77
CA ASN J 301 24.49 -32.01 84.60
C ASN J 301 23.83 -33.19 83.90
N ALA J 302 22.69 -32.95 83.25
CA ALA J 302 22.06 -34.00 82.46
C ALA J 302 23.03 -34.53 81.42
N VAL J 303 23.68 -33.62 80.69
CA VAL J 303 24.66 -34.05 79.70
C VAL J 303 25.75 -34.86 80.38
N LEU J 304 26.21 -34.40 81.54
CA LEU J 304 27.22 -35.14 82.30
C LEU J 304 26.75 -36.57 82.54
N LYS J 305 25.50 -36.72 82.99
CA LYS J 305 24.97 -38.06 83.23
C LYS J 305 25.00 -38.89 81.96
N SER J 306 24.60 -38.28 80.83
CA SER J 306 24.67 -39.00 79.56
C SER J 306 26.11 -39.40 79.27
N LEU J 307 27.05 -38.49 79.50
CA LEU J 307 28.46 -38.85 79.37
C LEU J 307 28.81 -39.97 80.34
N VAL J 308 28.33 -39.88 81.58
CA VAL J 308 28.52 -40.96 82.53
C VAL J 308 27.88 -42.24 82.00
N ASP J 309 26.74 -42.11 81.33
CA ASP J 309 26.13 -43.26 80.68
C ASP J 309 27.03 -43.79 79.57
N ALA J 310 27.63 -42.89 78.80
CA ALA J 310 28.49 -43.32 77.70
C ALA J 310 29.83 -43.84 78.21
N GLY J 311 30.41 -43.15 79.18
CA GLY J 311 31.73 -43.51 79.68
C GLY J 311 32.80 -42.61 79.07
N VAL J 312 33.22 -41.59 79.82
CA VAL J 312 34.13 -40.58 79.31
C VAL J 312 35.27 -40.39 80.30
N SER J 313 36.48 -40.25 79.78
CA SER J 313 37.63 -39.91 80.62
C SER J 313 37.51 -38.49 81.14
N SER J 314 38.30 -38.20 82.17
CA SER J 314 38.21 -36.90 82.84
C SER J 314 38.49 -35.74 81.89
N LYS J 315 39.38 -35.96 80.91
CA LYS J 315 39.67 -34.91 79.94
C LYS J 315 38.43 -34.53 79.13
N GLY J 316 37.65 -35.54 78.72
CA GLY J 316 36.41 -35.25 78.01
C GLY J 316 35.41 -34.50 78.86
N ILE J 317 35.34 -34.84 80.15
CA ILE J 317 34.45 -34.13 81.06
C ILE J 317 34.87 -32.67 81.19
N ALA J 318 36.18 -32.43 81.30
CA ALA J 318 36.67 -31.06 81.38
C ALA J 318 36.35 -30.30 80.09
N GLN J 319 36.52 -30.95 78.93
CA GLN J 319 36.18 -30.31 77.67
C GLN J 319 34.70 -29.96 77.62
N ALA J 320 33.84 -30.87 78.08
CA ALA J 320 32.41 -30.61 78.09
C ALA J 320 32.05 -29.45 79.01
N LYS J 321 32.68 -29.39 80.18
CA LYS J 321 32.42 -28.28 81.10
C LYS J 321 32.86 -26.95 80.50
N GLN J 322 34.02 -26.94 79.83
CA GLN J 322 34.46 -25.73 79.16
C GLN J 322 33.51 -25.33 78.04
N GLU J 323 33.00 -26.31 77.28
CA GLU J 323 32.04 -26.01 76.23
C GLU J 323 30.76 -25.42 76.82
N MET J 324 30.31 -25.96 77.94
CA MET J 324 29.18 -25.36 78.66
C MET J 324 29.43 -23.91 79.05
N GLU J 325 30.57 -23.64 79.70
CA GLU J 325 30.79 -22.27 80.15
C GLU J 325 30.87 -21.31 78.97
N LEU J 326 31.57 -21.71 77.90
CA LEU J 326 31.71 -20.80 76.76
C LEU J 326 30.40 -20.64 76.01
N ARG J 327 29.63 -21.72 75.86
CA ARG J 327 28.36 -21.65 75.16
C ARG J 327 27.36 -20.78 75.93
N GLU J 328 27.32 -20.93 77.25
CA GLU J 328 26.41 -20.11 78.05
C GLU J 328 26.82 -18.65 78.03
N SER J 329 28.14 -18.38 78.09
CA SER J 329 28.61 -17.01 77.97
C SER J 329 28.22 -16.42 76.61
N LEU J 330 28.39 -17.20 75.54
CA LEU J 330 28.03 -16.73 74.20
C LEU J 330 26.54 -16.46 74.09
N GLU J 331 25.72 -17.35 74.66
CA GLU J 331 24.27 -17.15 74.64
C GLU J 331 23.87 -15.93 75.43
N GLY J 332 24.59 -15.61 76.51
CA GLY J 332 24.26 -14.45 77.31
C GLY J 332 24.61 -13.12 76.66
N LEU J 333 25.50 -13.13 75.67
CA LEU J 333 25.93 -11.89 75.04
C LEU J 333 24.85 -11.33 74.11
N ALA J 334 24.90 -10.02 73.93
CA ALA J 334 24.07 -9.38 72.92
C ALA J 334 24.61 -9.74 71.53
N PRO J 335 23.75 -9.71 70.50
CA PRO J 335 24.21 -10.10 69.15
C PRO J 335 25.46 -9.37 68.67
N GLN J 336 25.50 -8.05 68.83
CA GLN J 336 26.69 -7.30 68.42
C GLN J 336 27.90 -7.67 69.27
N ASP J 337 27.71 -7.74 70.59
CA ASP J 337 28.80 -8.15 71.47
C ASP J 337 29.22 -9.58 71.21
N ARG J 338 28.24 -10.45 70.90
CA ARG J 338 28.57 -11.84 70.56
C ARG J 338 29.42 -11.91 69.30
N THR J 339 29.07 -11.12 68.29
CA THR J 339 29.87 -11.07 67.06
C THR J 339 31.27 -10.56 67.35
N LYS J 340 31.38 -9.52 68.18
CA LYS J 340 32.70 -8.99 68.54
C LYS J 340 33.54 -10.05 69.23
N VAL J 341 32.94 -10.77 70.19
CA VAL J 341 33.69 -11.78 70.94
C VAL J 341 34.12 -12.92 70.03
N GLU J 342 33.23 -13.39 69.16
CA GLU J 342 33.59 -14.51 68.29
C GLU J 342 34.65 -14.10 67.27
N ALA J 343 34.60 -12.85 66.80
CA ALA J 343 35.63 -12.38 65.88
C ALA J 343 36.97 -12.22 66.58
N THR J 344 36.97 -11.76 67.83
CA THR J 344 38.22 -11.71 68.59
C THR J 344 38.77 -13.12 68.82
N ILE J 345 37.89 -14.08 69.07
CA ILE J 345 38.33 -15.47 69.21
C ILE J 345 38.96 -15.97 67.91
N GLY J 346 38.33 -15.66 66.78
CA GLY J 346 38.91 -16.03 65.50
C GLY J 346 40.27 -15.38 65.28
N ALA J 347 40.41 -14.12 65.67
CA ALA J 347 41.69 -13.44 65.51
C ALA J 347 42.77 -14.08 66.37
N VAL J 348 42.44 -14.40 67.62
CA VAL J 348 43.44 -14.99 68.51
C VAL J 348 43.73 -16.44 68.13
N ASN J 349 42.83 -17.09 67.38
CA ASN J 349 43.07 -18.43 66.88
C ASN J 349 43.61 -18.46 65.45
N ALA J 350 43.79 -17.29 64.83
CA ALA J 350 44.27 -17.24 63.46
C ALA J 350 45.64 -17.90 63.29
N GLU J 351 46.57 -17.65 64.21
CA GLU J 351 47.89 -18.24 64.07
C GLU J 351 47.85 -19.75 64.24
N LEU J 352 47.02 -20.23 65.17
CA LEU J 352 46.83 -21.68 65.31
C LEU J 352 46.22 -22.27 64.05
N ASP J 353 45.26 -21.56 63.45
CA ASP J 353 44.65 -22.03 62.22
C ASP J 353 45.67 -22.10 61.09
N THR J 354 46.54 -21.10 61.00
CA THR J 354 47.56 -21.10 59.94
C THR J 354 48.53 -22.27 60.14
N LEU J 355 48.98 -22.48 61.37
CA LEU J 355 49.86 -23.62 61.63
C LEU J 355 49.17 -24.93 61.28
N GLN J 356 47.91 -25.07 61.69
CA GLN J 356 47.17 -26.30 61.41
C GLN J 356 47.03 -26.53 59.91
N ARG J 357 46.63 -25.51 59.16
CA ARG J 357 46.45 -25.71 57.73
C ARG J 357 47.77 -26.05 57.05
N THR J 358 48.84 -25.33 57.38
CA THR J 358 50.13 -25.60 56.76
C THR J 358 50.59 -27.03 57.05
N ALA J 359 50.43 -27.47 58.31
CA ALA J 359 50.74 -28.85 58.62
C ALA J 359 49.89 -29.81 57.80
N THR J 360 48.62 -29.45 57.56
CA THR J 360 47.76 -30.34 56.78
C THR J 360 48.25 -30.46 55.33
N GLU J 361 48.62 -29.35 54.68
CA GLU J 361 49.12 -29.50 53.32
C GLU J 361 50.41 -30.31 53.31
N ASP J 362 51.31 -30.05 54.25
CA ASP J 362 52.55 -30.82 54.30
C ASP J 362 52.27 -32.30 54.42
N TYR J 363 51.40 -32.69 55.36
CA TYR J 363 51.16 -34.10 55.60
C TYR J 363 50.36 -34.74 54.47
N GLU J 364 49.44 -34.02 53.84
CA GLU J 364 48.71 -34.63 52.73
C GLU J 364 49.60 -34.79 51.50
N ARG J 365 50.55 -33.87 51.29
CA ARG J 365 51.53 -34.09 50.25
C ARG J 365 52.39 -35.32 50.54
N GLU J 366 52.80 -35.47 51.80
CA GLU J 366 53.57 -36.65 52.17
C GLU J 366 52.75 -37.93 51.96
N VAL J 367 51.44 -37.86 52.21
CA VAL J 367 50.56 -38.99 51.93
C VAL J 367 50.51 -39.26 50.43
N ALA J 368 50.38 -38.21 49.63
CA ALA J 368 50.39 -38.38 48.18
C ALA J 368 51.70 -39.02 47.71
N ARG J 369 52.79 -38.77 48.43
CA ARG J 369 54.06 -39.44 48.11
C ARG J 369 54.07 -40.89 48.57
N ASN J 370 53.48 -41.18 49.73
CA ASN J 370 53.62 -42.49 50.37
C ASN J 370 52.32 -43.28 50.31
N PRO J 371 52.30 -44.44 49.65
CA PRO J 371 51.08 -45.27 49.68
C PRO J 371 50.91 -46.01 50.99
N PHE J 372 52.03 -46.27 51.67
CA PHE J 372 51.98 -47.06 52.90
C PHE J 372 51.26 -46.31 54.02
N VAL J 373 51.29 -44.98 53.99
CA VAL J 373 50.60 -44.20 55.02
C VAL J 373 49.10 -44.18 54.80
N GLU J 374 48.63 -44.46 53.58
CA GLU J 374 47.20 -44.43 53.26
C GLU J 374 46.89 -45.49 52.22
N PRO J 375 46.33 -46.62 52.63
CA PRO J 375 45.90 -47.65 51.67
C PRO J 375 44.56 -47.27 51.05
N ASP J 376 44.05 -48.18 50.21
CA ASP J 376 42.77 -47.96 49.55
C ASP J 376 42.15 -49.31 49.23
N LYS J 377 40.82 -49.39 49.40
CA LYS J 377 40.10 -50.62 49.08
C LYS J 377 39.77 -50.74 47.59
N ASP J 378 39.86 -49.65 46.85
CA ASP J 378 39.56 -49.69 45.41
C ASP J 378 40.50 -50.60 44.63
N PRO J 379 41.83 -50.52 44.79
CA PRO J 379 42.72 -51.40 43.98
C PRO J 379 42.47 -52.88 44.19
N LEU J 380 41.74 -53.27 45.24
CA LEU J 380 41.36 -54.67 45.41
C LEU J 380 40.61 -55.20 44.19
N GLY J 381 39.87 -54.34 43.51
CA GLY J 381 39.19 -54.74 42.29
C GLY J 381 39.99 -54.42 41.04
N SER J 382 41.03 -53.61 41.19
CA SER J 382 41.84 -53.21 40.04
C SER J 382 42.79 -54.32 39.60
N VAL J 383 43.30 -55.11 40.54
CA VAL J 383 44.38 -56.06 40.25
C VAL J 383 44.03 -56.97 39.07
N ASN J 384 42.73 -57.20 38.84
CA ASN J 384 42.31 -58.10 37.78
C ASN J 384 42.88 -57.68 36.42
N LYS J 385 42.93 -56.37 36.15
CA LYS J 385 43.43 -55.93 34.86
C LYS J 385 44.89 -56.31 34.67
N ILE J 386 45.68 -56.28 35.75
CA ILE J 386 47.06 -56.72 35.68
C ILE J 386 47.11 -58.19 35.27
N VAL J 387 46.15 -58.98 35.72
CA VAL J 387 46.07 -60.38 35.32
C VAL J 387 45.98 -60.49 33.80
N ASP J 388 45.21 -59.59 33.17
CA ASP J 388 45.10 -59.60 31.72
C ASP J 388 46.47 -59.37 31.07
N LYS J 389 47.28 -58.49 31.66
CA LYS J 389 48.61 -58.24 31.12
C LYS J 389 49.51 -59.45 31.20
N ALA J 390 49.13 -60.46 32.00
CA ALA J 390 49.89 -61.70 32.07
C ALA J 390 49.47 -62.71 31.02
N VAL J 391 48.44 -62.42 30.22
CA VAL J 391 47.89 -63.37 29.27
C VAL J 391 48.13 -62.93 27.83
N LYS J 392 47.98 -61.64 27.54
CA LYS J 392 48.07 -61.15 26.17
C LYS J 392 49.50 -61.26 25.68
N SER J 393 49.77 -62.29 24.86
CA SER J 393 51.09 -62.55 24.29
C SER J 393 52.17 -62.60 25.37
N GLY J 394 51.84 -63.23 26.48
CA GLY J 394 52.77 -63.33 27.60
C GLY J 394 52.74 -64.68 28.29
N PHE J 395 53.92 -65.17 28.67
CA PHE J 395 54.03 -66.45 29.36
C PHE J 395 53.95 -66.22 30.87
N GLY J 396 52.77 -66.46 31.44
CA GLY J 396 52.59 -66.29 32.86
C GLY J 396 52.29 -67.60 33.57
N TRP J 397 51.29 -67.61 34.45
CA TRP J 397 50.90 -68.84 35.12
C TRP J 397 50.31 -69.82 34.12
N GLU J 398 50.54 -71.11 34.37
CA GLU J 398 50.09 -72.18 33.49
C GLU J 398 48.59 -72.39 33.69
N GLY J 399 47.81 -71.48 33.13
CA GLY J 399 46.35 -71.57 33.23
C GLY J 399 45.84 -71.45 34.65
N ASP J 400 46.38 -70.50 35.42
CA ASP J 400 46.01 -70.30 36.82
C ASP J 400 45.59 -68.86 37.05
N ARG J 401 44.74 -68.34 36.16
CA ARG J 401 44.26 -66.97 36.31
C ARG J 401 43.46 -66.81 37.60
N GLN J 402 42.59 -67.78 37.91
CA GLN J 402 41.85 -67.73 39.16
C GLN J 402 42.79 -67.84 40.36
N ASP J 403 43.79 -68.72 40.26
CA ASP J 403 44.76 -68.85 41.35
C ASP J 403 45.55 -67.55 41.53
N LEU J 404 45.95 -66.92 40.43
CA LEU J 404 46.66 -65.65 40.51
C LEU J 404 45.78 -64.59 41.16
N ASN J 405 44.50 -64.52 40.76
CA ASN J 405 43.61 -63.54 41.36
C ASN J 405 43.44 -63.79 42.85
N ASN J 406 43.28 -65.04 43.24
CA ASN J 406 43.12 -65.37 44.66
C ASN J 406 44.36 -64.99 45.45
N MET J 407 45.54 -65.32 44.94
CA MET J 407 46.76 -65.00 45.67
C MET J 407 47.01 -63.49 45.72
N LEU J 408 46.66 -62.76 44.65
CA LEU J 408 46.85 -61.32 44.67
C LEU J 408 45.88 -60.64 45.64
N VAL J 409 44.62 -61.08 45.67
CA VAL J 409 43.69 -60.46 46.62
C VAL J 409 44.05 -60.85 48.04
N ASP J 410 44.60 -62.05 48.25
CA ASP J 410 45.08 -62.40 49.58
C ASP J 410 46.26 -61.52 49.99
N PHE J 411 47.18 -61.25 49.06
CA PHE J 411 48.32 -60.40 49.37
C PHE J 411 47.88 -58.97 49.65
N ALA J 412 46.89 -58.48 48.90
CA ALA J 412 46.37 -57.14 49.13
C ALA J 412 45.40 -57.08 50.30
N THR J 413 45.02 -58.21 50.87
CA THR J 413 44.12 -58.26 52.03
C THR J 413 44.88 -58.49 53.33
N ASN J 414 45.77 -59.48 53.37
CA ASN J 414 46.51 -59.81 54.57
C ASN J 414 47.97 -59.37 54.53
N GLY J 415 48.57 -59.28 53.37
CA GLY J 415 49.95 -58.86 53.24
C GLY J 415 50.91 -60.03 53.06
N ILE J 416 52.10 -59.71 52.59
CA ILE J 416 53.14 -60.70 52.38
C ILE J 416 53.91 -60.92 53.67
N LYS J 417 54.51 -62.09 53.79
CA LYS J 417 55.30 -62.45 54.97
C LYS J 417 56.69 -61.85 54.82
N LEU J 418 56.94 -60.73 55.48
CA LEU J 418 58.24 -60.10 55.42
C LEU J 418 59.27 -60.97 56.15
N PRO J 419 60.49 -61.07 55.62
CA PRO J 419 61.50 -61.94 56.27
C PRO J 419 61.84 -61.53 57.70
N ASP J 420 61.62 -60.27 58.09
CA ASP J 420 61.93 -59.87 59.45
C ASP J 420 61.03 -60.57 60.47
N GLY J 421 59.83 -60.98 60.05
CA GLY J 421 58.90 -61.63 60.94
C GLY J 421 57.57 -60.92 61.02
N ARG J 422 57.35 -59.95 60.13
CA ARG J 422 56.14 -59.15 60.11
C ARG J 422 55.39 -59.40 58.80
N THR J 423 54.21 -58.79 58.71
CA THR J 423 53.35 -58.93 57.54
C THR J 423 52.87 -57.54 57.12
N ALA J 424 53.22 -57.13 55.90
CA ALA J 424 52.87 -55.83 55.38
C ALA J 424 52.09 -55.98 54.08
N VAL J 425 51.06 -55.15 53.91
CA VAL J 425 50.22 -55.20 52.72
C VAL J 425 50.87 -54.38 51.61
N VAL J 426 51.03 -55.00 50.45
CA VAL J 426 51.68 -54.35 49.31
C VAL J 426 50.70 -53.36 48.69
N PRO J 427 51.14 -52.13 48.39
CA PRO J 427 50.25 -51.17 47.72
C PRO J 427 50.04 -51.49 46.25
N SER J 428 49.35 -50.60 45.53
CA SER J 428 48.90 -50.91 44.17
C SER J 428 49.98 -50.62 43.14
N LYS J 429 50.43 -49.36 43.05
CA LYS J 429 51.33 -49.00 41.96
C LYS J 429 52.70 -49.66 42.12
N LEU J 430 53.15 -49.88 43.35
CA LEU J 430 54.37 -50.67 43.55
C LEU J 430 54.18 -52.07 42.99
N LEU J 431 53.01 -52.67 43.23
CA LEU J 431 52.73 -54.00 42.70
C LEU J 431 52.76 -54.00 41.18
N GLU J 432 52.11 -53.03 40.55
CA GLU J 432 52.02 -53.05 39.08
C GLU J 432 53.37 -52.73 38.45
N GLN J 433 54.18 -51.89 39.08
CA GLN J 433 55.51 -51.63 38.54
C GLN J 433 56.44 -52.83 38.78
N ALA J 434 56.20 -53.59 39.85
CA ALA J 434 56.92 -54.85 40.03
C ALA J 434 56.57 -55.84 38.93
N PHE J 435 55.28 -55.91 38.57
CA PHE J 435 54.86 -56.84 37.52
C PHE J 435 55.35 -56.40 36.15
N ASN J 436 55.35 -55.09 35.89
CA ASN J 436 55.69 -54.56 34.57
C ASN J 436 57.21 -54.54 34.43
N THR J 437 57.74 -55.58 33.79
CA THR J 437 59.17 -55.69 33.52
C THR J 437 59.43 -55.48 32.03
N THR J 438 60.70 -55.64 31.62
CA THR J 438 61.04 -55.47 30.21
C THR J 438 60.46 -56.59 29.35
N ASN J 439 60.41 -57.81 29.90
CA ASN J 439 59.85 -58.95 29.17
C ASN J 439 59.18 -59.87 30.18
N THR J 440 57.88 -60.11 29.99
CA THR J 440 57.08 -60.85 30.95
C THR J 440 57.44 -62.33 31.04
N TRP J 441 58.27 -62.83 30.12
CA TRP J 441 58.65 -64.24 30.16
C TRP J 441 59.44 -64.60 31.40
N LEU J 442 60.04 -63.62 32.07
CA LEU J 442 60.83 -63.91 33.26
C LEU J 442 59.95 -64.35 34.42
N PHE J 443 58.74 -63.80 34.51
CA PHE J 443 57.84 -64.05 35.64
C PHE J 443 56.68 -64.91 35.16
N LYS J 444 56.76 -66.21 35.42
CA LYS J 444 55.72 -67.16 35.00
C LYS J 444 55.05 -67.85 36.18
N ASN J 445 55.82 -68.46 37.07
CA ASN J 445 55.23 -69.20 38.18
C ASN J 445 54.92 -68.28 39.35
N ALA J 446 54.08 -68.77 40.26
CA ALA J 446 53.71 -67.99 41.44
C ALA J 446 54.91 -67.77 42.36
N GLY J 447 55.76 -68.78 42.51
CA GLY J 447 56.92 -68.64 43.37
C GLY J 447 57.86 -67.55 42.89
N ASP J 448 58.08 -67.48 41.58
CA ASP J 448 58.98 -66.45 41.04
C ASP J 448 58.44 -65.05 41.29
N VAL J 449 57.14 -64.84 41.04
CA VAL J 449 56.58 -63.51 41.23
C VAL J 449 56.52 -63.13 42.70
N GLU J 450 56.24 -64.09 43.60
CA GLU J 450 56.25 -63.75 45.01
C GLU J 450 57.66 -63.46 45.51
N LYS J 451 58.66 -64.17 44.98
CA LYS J 451 60.04 -63.83 45.31
C LYS J 451 60.38 -62.43 44.82
N ARG J 452 59.92 -62.09 43.61
CA ARG J 452 60.17 -60.76 43.06
C ARG J 452 59.57 -59.67 43.94
N ILE J 453 58.30 -59.83 44.35
CA ILE J 453 57.68 -58.80 45.16
C ILE J 453 58.30 -58.76 46.54
N ILE J 454 58.72 -59.91 47.07
CA ILE J 454 59.37 -59.93 48.38
C ILE J 454 60.69 -59.15 48.32
N GLU J 455 61.50 -59.41 47.30
CA GLU J 455 62.79 -58.73 47.22
C GLU J 455 62.61 -57.25 46.90
N LEU J 456 61.54 -56.88 46.17
CA LEU J 456 61.32 -55.47 45.89
C LEU J 456 60.81 -54.71 47.10
N MET J 457 59.97 -55.34 47.93
CA MET J 457 59.49 -54.66 49.13
C MET J 457 60.60 -54.50 50.16
N THR J 458 61.66 -55.30 50.06
CA THR J 458 62.79 -55.20 50.99
C THR J 458 63.83 -54.17 50.54
N THR J 459 63.49 -53.31 49.58
CA THR J 459 64.40 -52.26 49.16
C THR J 459 64.68 -51.31 50.31
N ASP J 460 65.94 -50.86 50.41
CA ASP J 460 66.35 -50.02 51.53
C ASP J 460 65.52 -48.74 51.60
N GLY J 461 65.42 -48.02 50.49
CA GLY J 461 64.59 -46.82 50.46
C GLY J 461 63.14 -47.13 50.70
N MET J 462 62.63 -48.20 50.07
CA MET J 462 61.25 -48.60 50.29
C MET J 462 61.00 -48.97 51.74
N THR J 463 61.93 -49.70 52.35
CA THR J 463 61.79 -50.07 53.75
C THR J 463 61.77 -48.83 54.64
N GLN J 464 62.73 -47.91 54.44
CA GLN J 464 62.78 -46.69 55.23
C GLN J 464 61.47 -45.91 55.10
N MET J 465 60.94 -45.83 53.88
CA MET J 465 59.65 -45.18 53.66
C MET J 465 58.54 -45.90 54.42
N ARG J 466 58.62 -47.24 54.48
CA ARG J 466 57.61 -48.02 55.18
C ARG J 466 57.58 -47.68 56.67
N GLU J 467 58.74 -47.71 57.34
CA GLU J 467 58.66 -47.31 58.75
C GLU J 467 58.57 -45.80 58.95
N ASP J 468 58.74 -45.01 57.89
CA ASP J 468 58.50 -43.58 58.02
C ASP J 468 57.00 -43.26 58.03
N ALA J 469 56.21 -44.02 57.29
CA ALA J 469 54.78 -43.72 57.19
C ALA J 469 54.05 -43.67 58.54
N PRO J 470 54.14 -44.67 59.42
CA PRO J 470 53.43 -44.57 60.70
C PRO J 470 53.91 -43.42 61.56
N THR J 471 55.21 -43.12 61.52
CA THR J 471 55.74 -42.03 62.34
C THR J 471 55.15 -40.69 61.93
N ILE J 472 55.13 -40.42 60.62
CA ILE J 472 54.55 -39.16 60.15
C ILE J 472 53.05 -39.14 60.40
N ARG J 473 52.38 -40.29 60.28
CA ARG J 473 50.94 -40.33 60.55
C ARG J 473 50.65 -39.96 62.01
N GLU J 474 51.36 -40.57 62.95
CA GLU J 474 51.13 -40.26 64.35
C GLU J 474 51.58 -38.85 64.70
N ASN J 475 52.61 -38.33 64.02
CA ASN J 475 52.99 -36.95 64.22
C ASN J 475 51.89 -36.00 63.76
N PHE J 476 51.27 -36.30 62.62
CA PHE J 476 50.14 -35.49 62.15
C PHE J 476 49.00 -35.52 63.15
N LEU J 477 48.67 -36.70 63.66
CA LEU J 477 47.58 -36.81 64.63
C LEU J 477 47.90 -36.03 65.91
N LYS J 478 49.13 -36.15 66.41
CA LYS J 478 49.51 -35.42 67.62
C LYS J 478 49.47 -33.92 67.38
N THR J 479 49.94 -33.47 66.21
CA THR J 479 49.94 -32.04 65.92
C THR J 479 48.52 -31.48 65.86
N VAL J 480 47.60 -32.19 65.19
CA VAL J 480 46.24 -31.67 65.11
C VAL J 480 45.57 -31.70 66.48
N SER J 481 45.85 -32.74 67.28
CA SER J 481 45.30 -32.78 68.63
C SER J 481 45.79 -31.60 69.46
N ASP J 482 47.10 -31.31 69.39
CA ASP J 482 47.64 -30.18 70.13
C ASP J 482 47.07 -28.87 69.64
N ILE J 483 46.88 -28.73 68.32
CA ILE J 483 46.30 -27.51 67.77
C ILE J 483 44.89 -27.30 68.31
N ALA J 484 44.08 -28.37 68.32
CA ALA J 484 42.73 -28.26 68.84
C ALA J 484 42.73 -27.91 70.33
N ASN J 485 43.62 -28.55 71.09
CA ASN J 485 43.69 -28.27 72.53
C ASN J 485 44.08 -26.82 72.80
N GLN J 486 45.06 -26.31 72.06
CA GLN J 486 45.49 -24.93 72.25
C GLN J 486 44.39 -23.95 71.81
N LYS J 487 43.69 -24.27 70.72
CA LYS J 487 42.57 -23.43 70.31
C LYS J 487 41.53 -23.34 71.41
N ARG J 488 41.13 -24.49 71.96
CA ARG J 488 40.14 -24.49 73.03
C ARG J 488 40.64 -23.75 74.26
N SER J 489 41.93 -23.92 74.58
CA SER J 489 42.49 -23.28 75.78
C SER J 489 42.49 -21.76 75.65
N ASN J 490 42.98 -21.24 74.53
CA ASN J 490 42.98 -19.80 74.36
C ASN J 490 41.55 -19.27 74.28
N ALA J 491 40.64 -20.02 73.66
CA ALA J 491 39.25 -19.59 73.60
C ALA J 491 38.64 -19.49 75.00
N VAL J 492 38.86 -20.50 75.84
CA VAL J 492 38.26 -20.47 77.18
C VAL J 492 38.87 -19.36 78.01
N LYS J 493 40.20 -19.16 77.89
CA LYS J 493 40.84 -18.08 78.65
C LYS J 493 40.31 -16.73 78.23
N VAL J 494 40.21 -16.47 76.92
CA VAL J 494 39.73 -15.17 76.45
C VAL J 494 38.28 -14.96 76.86
N THR J 495 37.44 -15.99 76.72
CA THR J 495 36.04 -15.85 77.08
C THR J 495 35.86 -15.57 78.57
N ARG J 496 36.58 -16.29 79.43
CA ARG J 496 36.43 -16.06 80.86
C ARG J 496 36.97 -14.70 81.27
N SER J 497 38.08 -14.27 80.65
CA SER J 497 38.60 -12.93 80.94
C SER J 497 37.59 -11.86 80.53
N ALA J 498 36.99 -12.01 79.34
CA ALA J 498 36.00 -11.04 78.88
C ALA J 498 34.78 -11.03 79.80
N GLU J 499 34.33 -12.21 80.23
CA GLU J 499 33.18 -12.28 81.12
C GLU J 499 33.46 -11.62 82.46
N ARG J 500 34.67 -11.84 83.00
CA ARG J 500 35.04 -11.19 84.26
C ARG J 500 35.13 -9.67 84.08
N GLU J 501 35.68 -9.22 82.95
CA GLU J 501 35.82 -7.77 82.74
C GLU J 501 34.47 -7.10 82.55
N LYS J 502 33.55 -7.73 81.83
CA LYS J 502 32.22 -7.15 81.65
C LYS J 502 31.48 -7.03 82.98
N GLY J 503 31.57 -8.06 83.82
CA GLY J 503 30.90 -8.05 85.11
C GLY J 503 31.70 -8.76 86.19
N ASP K 95 81.48 -22.57 4.66
CA ASP K 95 82.09 -22.36 5.95
C ASP K 95 83.60 -22.11 5.81
N ARG K 96 84.21 -21.59 6.87
CA ARG K 96 85.64 -21.29 6.90
C ARG K 96 86.31 -22.23 7.89
N ALA K 97 87.36 -22.92 7.43
CA ALA K 97 88.11 -23.85 8.26
C ALA K 97 89.52 -23.36 8.56
N ALA K 98 89.80 -22.08 8.36
CA ALA K 98 91.12 -21.55 8.61
C ALA K 98 91.42 -21.49 10.11
N THR K 99 92.70 -21.64 10.45
CA THR K 99 93.14 -21.62 11.84
C THR K 99 93.38 -20.19 12.27
N ARG K 100 92.71 -19.77 13.35
CA ARG K 100 92.85 -18.39 13.82
C ARG K 100 94.26 -18.13 14.35
N ASP K 101 94.75 -19.00 15.24
CA ASP K 101 96.09 -18.89 15.84
C ASP K 101 96.17 -17.59 16.62
N ALA K 102 97.08 -16.68 16.29
CA ALA K 102 97.27 -15.49 17.13
C ALA K 102 96.08 -14.56 17.06
N ILE K 103 95.59 -14.27 15.85
CA ILE K 103 94.52 -13.32 15.56
C ILE K 103 94.54 -12.14 16.53
N THR K 104 95.65 -11.40 16.55
CA THR K 104 95.77 -10.30 17.50
C THR K 104 94.88 -9.12 17.12
N LYS K 105 94.66 -8.90 15.82
CA LYS K 105 93.91 -7.75 15.34
C LYS K 105 92.86 -8.18 14.34
N GLN K 106 91.85 -7.31 14.17
CA GLN K 106 90.81 -7.46 13.16
C GLN K 106 89.87 -8.63 13.44
N ILE K 107 90.13 -9.37 14.52
CA ILE K 107 89.30 -10.49 14.92
C ILE K 107 88.66 -10.27 16.28
N SER K 108 89.44 -9.77 17.25
CA SER K 108 88.84 -9.25 18.47
C SER K 108 87.92 -8.07 18.15
N ALA K 109 88.35 -7.21 17.23
CA ALA K 109 87.48 -6.17 16.72
C ALA K 109 86.27 -6.76 16.01
N GLN K 110 86.44 -7.89 15.33
CA GLN K 110 85.31 -8.55 14.69
C GLN K 110 84.29 -9.02 15.72
N GLN K 111 84.75 -9.63 16.80
CA GLN K 111 83.84 -10.04 17.87
C GLN K 111 83.15 -8.83 18.50
N ASN K 112 83.90 -7.75 18.72
CA ASN K 112 83.31 -6.57 19.33
C ASN K 112 82.25 -5.94 18.42
N GLN K 113 82.51 -5.89 17.11
CA GLN K 113 81.51 -5.32 16.20
C GLN K 113 80.31 -6.24 16.06
N ALA K 114 80.52 -7.56 16.13
CA ALA K 114 79.39 -8.47 16.17
C ALA K 114 78.53 -8.22 17.40
N ALA K 115 79.17 -8.00 18.55
CA ALA K 115 78.43 -7.68 19.76
C ALA K 115 77.67 -6.38 19.62
N ALA K 116 78.31 -5.36 19.04
CA ALA K 116 77.63 -4.09 18.83
C ALA K 116 76.42 -4.24 17.92
N THR K 117 76.58 -5.00 16.83
CA THR K 117 75.48 -5.19 15.89
C THR K 117 74.32 -5.94 16.54
N GLN K 118 74.61 -6.99 17.30
CA GLN K 118 73.53 -7.73 17.93
C GLN K 118 72.84 -6.89 19.01
N LYS K 119 73.61 -6.06 19.73
CA LYS K 119 72.98 -5.18 20.71
C LYS K 119 72.08 -4.17 20.03
N PHE K 120 72.53 -3.61 18.90
CA PHE K 120 71.69 -2.68 18.16
C PHE K 120 70.43 -3.36 17.65
N ASP K 121 70.55 -4.60 17.16
CA ASP K 121 69.37 -5.33 16.70
C ASP K 121 68.41 -5.60 17.83
N ASP K 122 68.93 -5.98 19.01
CA ASP K 122 68.07 -6.22 20.17
C ASP K 122 67.36 -4.95 20.61
N MET K 123 68.07 -3.82 20.61
CA MET K 123 67.44 -2.55 20.97
C MET K 123 66.37 -2.16 19.96
N GLN K 124 66.63 -2.37 18.67
CA GLN K 124 65.66 -2.04 17.65
C GLN K 124 64.43 -2.95 17.71
N ALA K 125 64.63 -4.20 18.15
CA ALA K 125 63.50 -5.12 18.28
C ALA K 125 62.49 -4.65 19.32
N GLU K 126 62.91 -3.81 20.27
CA GLU K 126 62.03 -3.27 21.31
C GLU K 126 61.37 -4.39 22.10
N VAL K 127 62.21 -5.18 22.80
CA VAL K 127 61.69 -6.27 23.62
C VAL K 127 60.82 -5.70 24.73
N GLY K 128 59.64 -6.28 24.91
CA GLY K 128 58.70 -5.77 25.88
C GLY K 128 58.07 -4.47 25.42
N GLN K 129 57.64 -3.68 26.40
CA GLN K 129 57.01 -2.39 26.15
C GLN K 129 57.98 -1.28 26.56
N ARG K 130 58.18 -0.31 25.67
CA ARG K 130 59.08 0.80 25.92
C ARG K 130 58.48 2.04 25.27
N GLY K 131 59.29 3.09 25.12
CA GLY K 131 58.84 4.30 24.49
C GLY K 131 59.00 4.28 22.98
N ILE K 132 59.65 5.31 22.44
CA ILE K 132 59.91 5.43 21.00
C ILE K 132 58.61 5.39 20.22
N VAL K 133 57.77 6.42 20.40
CA VAL K 133 56.52 6.49 19.66
C VAL K 133 56.77 6.60 18.17
N ASP K 134 57.73 7.42 17.77
CA ASP K 134 58.10 7.59 16.37
C ASP K 134 59.04 6.45 15.96
N GLN K 135 59.65 6.55 14.78
CA GLN K 135 60.56 5.51 14.33
C GLN K 135 61.77 5.37 15.26
N LEU K 136 62.36 6.51 15.64
CA LEU K 136 63.49 6.55 16.57
C LEU K 136 64.64 5.64 16.09
N ARG K 137 65.09 5.91 14.87
CA ARG K 137 66.20 5.15 14.31
C ARG K 137 67.48 5.34 15.12
N THR K 138 67.75 6.58 15.54
CA THR K 138 68.92 6.92 16.35
C THR K 138 70.21 6.48 15.67
N LEU K 139 70.27 6.66 14.35
CA LEU K 139 71.48 6.31 13.62
C LEU K 139 72.63 7.27 13.93
N SER K 140 72.33 8.57 13.98
CA SER K 140 73.31 9.59 14.27
C SER K 140 72.71 10.62 15.22
N ALA K 141 73.55 11.55 15.68
CA ALA K 141 73.08 12.59 16.58
C ALA K 141 72.04 13.46 15.92
N GLU K 142 72.27 13.84 14.66
CA GLU K 142 71.29 14.67 13.94
C GLU K 142 69.98 13.92 13.75
N GLY K 143 70.06 12.65 13.34
CA GLY K 143 68.86 11.86 13.18
C GLY K 143 68.12 11.63 14.49
N ARG K 144 68.88 11.40 15.57
CA ARG K 144 68.26 11.22 16.87
C ARG K 144 67.56 12.50 17.34
N ALA K 145 68.19 13.65 17.08
CA ALA K 145 67.55 14.92 17.42
C ALA K 145 66.28 15.13 16.59
N GLY K 146 66.33 14.77 15.31
CA GLY K 146 65.13 14.85 14.50
C GLY K 146 64.01 13.95 15.01
N GLU K 147 64.35 12.74 15.44
CA GLU K 147 63.35 11.85 16.02
C GLU K 147 62.79 12.41 17.32
N VAL K 148 63.65 13.01 18.15
CA VAL K 148 63.17 13.63 19.40
C VAL K 148 62.21 14.76 19.08
N ASN K 149 62.54 15.57 18.07
CA ASN K 149 61.61 16.62 17.64
C ASN K 149 60.29 16.02 17.14
N GLN K 150 60.37 14.88 16.44
CA GLN K 150 59.16 14.19 16.00
C GLN K 150 58.33 13.74 17.20
N ILE K 151 58.98 13.34 18.29
CA ILE K 151 58.27 12.98 19.51
C ILE K 151 57.53 14.19 20.06
N LEU K 152 58.17 15.36 20.05
CA LEU K 152 57.55 16.59 20.53
C LEU K 152 56.32 16.96 19.72
N GLU K 162 51.52 33.10 10.81
CA GLU K 162 50.86 32.61 12.01
C GLU K 162 50.70 31.10 11.96
N ILE K 163 49.51 30.63 11.58
CA ILE K 163 49.29 29.19 11.44
C ILE K 163 50.06 28.66 10.24
N ARG K 164 50.03 29.37 9.12
CA ARG K 164 50.82 28.97 7.96
C ARG K 164 52.32 29.05 8.25
N LYS K 165 52.72 29.93 9.16
CA LYS K 165 54.12 30.01 9.57
C LYS K 165 54.62 28.66 10.06
N GLU K 166 54.02 28.16 11.14
CA GLU K 166 54.43 26.87 11.68
C GLU K 166 54.13 25.73 10.71
N LEU K 167 53.04 25.83 9.94
CA LEU K 167 52.73 24.78 8.97
C LEU K 167 53.85 24.62 7.95
N THR K 168 54.41 25.73 7.45
CA THR K 168 55.52 25.65 6.52
C THR K 168 56.82 25.27 7.22
N GLY K 169 57.04 25.80 8.44
CA GLY K 169 58.31 25.55 9.11
C GLY K 169 58.50 24.10 9.50
N VAL K 170 57.46 23.47 10.05
CA VAL K 170 57.56 22.06 10.44
C VAL K 170 57.83 21.20 9.22
N GLN K 171 57.11 21.46 8.12
CA GLN K 171 57.31 20.69 6.90
C GLN K 171 58.72 20.87 6.36
N ASP K 172 59.23 22.11 6.35
CA ASP K 172 60.58 22.37 5.85
C ASP K 172 61.61 21.65 6.71
N ALA K 173 61.46 21.70 8.03
CA ALA K 173 62.39 21.02 8.92
C ALA K 173 62.39 19.52 8.67
N ILE K 174 61.18 18.94 8.53
CA ILE K 174 61.08 17.50 8.28
C ILE K 174 61.75 17.14 6.96
N GLN K 175 61.49 17.92 5.91
CA GLN K 175 62.07 17.62 4.61
C GLN K 175 63.59 17.69 4.64
N ASN K 176 64.13 18.76 5.26
CA ASN K 176 65.58 18.89 5.31
C ASN K 176 66.21 17.76 6.12
N ARG K 177 65.64 17.44 7.28
CA ARG K 177 66.21 16.37 8.10
C ARG K 177 66.15 15.03 7.38
N GLN K 178 65.01 14.72 6.76
CA GLN K 178 64.87 13.46 6.04
C GLN K 178 65.85 13.38 4.88
N TYR K 179 65.99 14.45 4.11
CA TYR K 179 66.91 14.45 2.98
C TYR K 179 68.35 14.24 3.46
N ARG K 180 68.76 14.95 4.49
CA ARG K 180 70.13 14.82 5.00
C ARG K 180 70.38 13.41 5.52
N ALA K 181 69.44 12.86 6.30
CA ALA K 181 69.62 11.52 6.86
C ALA K 181 69.68 10.47 5.76
N ALA K 182 68.78 10.56 4.77
CA ALA K 182 68.78 9.61 3.67
C ALA K 182 70.08 9.68 2.88
N GLY K 183 70.55 10.89 2.59
CA GLY K 183 71.81 11.02 1.89
C GLY K 183 72.97 10.42 2.66
N GLU K 184 73.02 10.70 3.98
CA GLU K 184 74.11 10.16 4.79
C GLU K 184 74.08 8.64 4.84
N GLN K 185 72.89 8.05 5.00
CA GLN K 185 72.82 6.59 5.11
C GLN K 185 73.12 5.92 3.78
N ARG K 186 72.64 6.49 2.67
CA ARG K 186 72.98 5.93 1.37
C ARG K 186 74.48 6.03 1.10
N ALA K 187 75.09 7.16 1.45
CA ALA K 187 76.52 7.30 1.29
C ALA K 187 77.28 6.28 2.13
N GLN K 188 76.85 6.07 3.37
CA GLN K 188 77.51 5.10 4.23
C GLN K 188 77.40 3.68 3.66
N ALA K 189 76.21 3.31 3.16
CA ALA K 189 76.05 1.98 2.58
C ALA K 189 76.90 1.81 1.34
N ALA K 190 76.93 2.82 0.47
CA ALA K 190 77.75 2.74 -0.73
C ALA K 190 79.23 2.63 -0.39
N ALA K 191 79.67 3.40 0.61
CA ALA K 191 81.06 3.33 1.03
C ALA K 191 81.40 1.96 1.61
N ASN K 192 80.48 1.37 2.37
CA ASN K 192 80.70 0.03 2.92
C ASN K 192 80.85 -0.99 1.79
N ARG K 193 79.97 -0.92 0.79
CA ARG K 193 80.07 -1.84 -0.33
C ARG K 193 81.37 -1.65 -1.09
N ALA K 194 81.77 -0.39 -1.30
CA ALA K 194 83.02 -0.11 -2.00
C ALA K 194 84.22 -0.64 -1.22
N ALA K 195 84.21 -0.48 0.11
CA ALA K 195 85.29 -0.98 0.93
C ALA K 195 85.37 -2.50 0.87
N GLU K 196 84.22 -3.18 0.92
CA GLU K 196 84.22 -4.63 0.81
C GLU K 196 84.78 -5.08 -0.55
N ALA K 197 84.37 -4.40 -1.63
CA ALA K 197 84.88 -4.74 -2.94
C ALA K 197 86.39 -4.50 -3.02
N HIS K 198 86.87 -3.41 -2.43
CA HIS K 198 88.30 -3.12 -2.45
C HIS K 198 89.09 -4.18 -1.67
N SER K 199 88.56 -4.60 -0.53
CA SER K 199 89.21 -5.66 0.23
C SER K 199 89.25 -6.96 -0.56
N LEU K 200 88.15 -7.30 -1.22
CA LEU K 200 88.13 -8.51 -2.04
C LEU K 200 89.14 -8.43 -3.17
N SER K 201 89.24 -7.27 -3.82
CA SER K 201 90.20 -7.10 -4.91
C SER K 201 91.64 -7.21 -4.39
N MET K 202 91.92 -6.60 -3.24
CA MET K 202 93.26 -6.65 -2.68
C MET K 202 93.61 -8.05 -2.18
N ALA K 203 92.61 -8.87 -1.86
CA ALA K 203 92.86 -10.19 -1.27
C ALA K 203 93.39 -11.19 -2.30
N ALA K 204 93.76 -10.70 -3.49
CA ALA K 204 94.35 -11.57 -4.49
C ALA K 204 95.70 -12.09 -4.03
N GLY K 205 95.94 -13.37 -4.27
CA GLY K 205 97.18 -14.01 -3.87
C GLY K 205 97.01 -15.06 -2.78
N PHE K 211 98.48 -11.36 7.97
CA PHE K 211 97.43 -11.94 7.13
C PHE K 211 97.15 -11.06 5.91
N THR K 212 98.23 -10.62 5.25
CA THR K 212 98.15 -9.76 4.06
C THR K 212 97.32 -8.51 4.35
N ARG K 213 97.84 -7.68 5.26
CA ARG K 213 97.10 -6.50 5.71
C ARG K 213 97.27 -5.34 4.71
N GLU K 214 98.49 -4.81 4.60
CA GLU K 214 98.79 -3.71 3.69
C GLU K 214 97.89 -2.49 3.92
N GLN K 215 97.95 -1.53 2.99
CA GLN K 215 97.24 -0.27 3.16
C GLN K 215 95.73 -0.44 3.05
N ARG K 216 95.27 -1.39 2.21
CA ARG K 216 93.84 -1.62 2.08
C ARG K 216 93.23 -2.06 3.40
N ASP K 217 93.84 -3.06 4.04
CA ASP K 217 93.33 -3.48 5.34
C ASP K 217 93.69 -2.50 6.45
N GLU K 218 94.67 -1.62 6.25
CA GLU K 218 94.87 -0.52 7.19
C GLU K 218 93.68 0.43 7.16
N LEU K 219 93.23 0.79 5.97
CA LEU K 219 92.03 1.61 5.83
C LEU K 219 90.81 0.88 6.40
N ARG K 220 90.70 -0.41 6.11
CA ARG K 220 89.63 -1.22 6.68
C ARG K 220 89.69 -1.20 8.21
N ARG K 221 90.89 -1.30 8.77
CA ARG K 221 91.05 -1.32 10.22
C ARG K 221 90.63 -0.01 10.85
N ASP K 222 91.04 1.12 10.26
CA ASP K 222 90.66 2.39 10.86
C ASP K 222 89.16 2.65 10.72
N ARG K 223 88.57 2.28 9.58
CA ARG K 223 87.13 2.42 9.42
C ARG K 223 86.39 1.53 10.42
N ASP K 224 86.87 0.30 10.62
CA ASP K 224 86.24 -0.58 11.59
C ASP K 224 86.40 -0.06 13.01
N GLU K 225 87.54 0.56 13.33
CA GLU K 225 87.70 1.17 14.64
C GLU K 225 86.70 2.30 14.84
N ALA K 226 86.50 3.13 13.81
CA ALA K 226 85.49 4.18 13.90
C ALA K 226 84.10 3.61 14.11
N LYS K 227 83.78 2.54 13.36
CA LYS K 227 82.46 1.90 13.51
C LYS K 227 82.29 1.32 14.90
N LEU K 228 83.33 0.66 15.43
CA LEU K 228 83.28 0.13 16.78
C LEU K 228 83.06 1.23 17.80
N VAL K 229 83.77 2.35 17.64
CA VAL K 229 83.60 3.46 18.56
C VAL K 229 82.16 3.96 18.52
N SER K 230 81.64 4.18 17.32
CA SER K 230 80.27 4.69 17.20
C SER K 230 79.27 3.74 17.83
N GLY K 231 79.38 2.45 17.53
CA GLY K 231 78.45 1.48 18.06
C GLY K 231 78.51 1.37 19.58
N THR K 232 79.74 1.33 20.13
CA THR K 232 79.88 1.25 21.58
C THR K 232 79.31 2.48 22.26
N ILE K 233 79.55 3.66 21.69
CA ILE K 233 79.05 4.88 22.30
C ILE K 233 77.53 4.91 22.27
N ALA K 234 76.95 4.53 21.14
CA ALA K 234 75.49 4.47 21.04
C ALA K 234 74.91 3.49 22.05
N THR K 235 75.53 2.32 22.19
CA THR K 235 75.04 1.34 23.16
C THR K 235 75.13 1.87 24.58
N THR K 236 76.24 2.54 24.92
CA THR K 236 76.38 3.08 26.26
C THR K 236 75.33 4.15 26.55
N PHE K 237 75.08 5.03 25.58
CA PHE K 237 74.06 6.05 25.79
C PHE K 237 72.67 5.43 25.94
N GLN K 238 72.36 4.44 25.10
CA GLN K 238 71.06 3.78 25.18
C GLN K 238 70.88 3.08 26.54
N ASP K 239 71.94 2.43 27.03
CA ASP K 239 71.87 1.80 28.35
C ASP K 239 71.68 2.86 29.43
N TYR K 240 72.35 4.00 29.31
CA TYR K 240 72.24 5.04 30.33
C TYR K 240 70.84 5.64 30.37
N ASP K 241 70.18 5.73 29.21
CA ASP K 241 68.88 6.41 29.14
C ASP K 241 67.84 5.74 30.04
N GLU K 242 67.84 4.41 30.10
CA GLU K 242 66.87 3.71 30.93
C GLU K 242 67.06 4.05 32.41
N SER K 243 68.31 4.07 32.87
CA SER K 243 68.59 4.47 34.24
C SER K 243 68.20 5.92 34.49
N ARG K 244 68.45 6.78 33.49
CA ARG K 244 68.05 8.18 33.63
C ARG K 244 66.55 8.31 33.82
N GLN K 245 65.77 7.57 33.04
CA GLN K 245 64.32 7.62 33.19
C GLN K 245 63.88 7.06 34.54
N ALA K 246 64.49 5.94 34.95
CA ALA K 246 64.11 5.33 36.23
C ALA K 246 64.38 6.27 37.40
N GLN K 247 65.51 6.98 37.37
CA GLN K 247 65.82 7.95 38.42
C GLN K 247 64.98 9.21 38.28
N SER K 248 64.63 9.61 37.05
CA SER K 248 63.78 10.76 36.85
C SER K 248 62.39 10.52 37.42
N GLU K 249 61.95 9.25 37.46
CA GLU K 249 60.71 8.92 38.16
C GLU K 249 60.74 9.45 39.58
N ILE K 250 61.79 9.12 40.33
CA ILE K 250 61.88 9.57 41.72
C ILE K 250 62.16 11.06 41.82
N MET K 251 62.95 11.64 40.91
CA MET K 251 63.10 13.09 40.95
C MET K 251 61.74 13.79 40.81
N ARG K 252 60.92 13.32 39.88
CA ARG K 252 59.59 13.91 39.70
C ARG K 252 58.71 13.68 40.93
N ILE K 253 58.76 12.47 41.49
CA ILE K 253 57.93 12.17 42.67
C ILE K 253 58.31 13.10 43.82
N VAL K 254 59.61 13.24 44.07
CA VAL K 254 60.07 14.11 45.15
C VAL K 254 59.70 15.56 44.89
N GLY K 255 59.90 16.02 43.64
CA GLY K 255 59.56 17.39 43.30
C GLY K 255 58.08 17.68 43.48
N LYS K 256 57.23 16.72 43.13
CA LYS K 256 55.79 16.87 43.36
C LYS K 256 55.49 16.87 44.86
N GLU K 257 56.21 16.05 45.63
CA GLU K 257 55.98 16.00 47.07
C GLU K 257 56.28 17.35 47.72
N VAL K 258 57.47 17.90 47.47
CA VAL K 258 57.79 19.21 48.03
C VAL K 258 57.08 20.33 47.27
N GLY K 259 57.07 20.26 45.94
CA GLY K 259 56.30 21.17 45.11
C GLY K 259 57.12 22.26 44.44
N MET K 260 57.55 21.99 43.21
CA MET K 260 58.27 22.88 42.32
C MET K 260 57.47 23.10 41.04
N PRO K 261 57.70 24.21 40.34
CA PRO K 261 57.06 24.39 39.03
C PRO K 261 57.52 23.31 38.06
N THR K 262 56.55 22.61 37.48
CA THR K 262 56.80 21.43 36.66
C THR K 262 56.00 21.48 35.37
N ASP K 263 56.45 20.71 34.39
CA ASP K 263 55.79 20.60 33.10
C ASP K 263 55.49 19.13 32.79
N ASP K 264 55.14 18.84 31.54
CA ASP K 264 54.69 17.50 31.16
C ASP K 264 55.72 16.43 31.50
N GLN K 265 57.02 16.77 31.45
CA GLN K 265 58.05 15.79 31.76
C GLN K 265 58.10 15.46 33.25
N GLY K 266 57.61 16.35 34.11
CA GLY K 266 57.54 16.10 35.54
C GLY K 266 58.70 16.64 36.34
N MET K 267 59.86 16.88 35.73
CA MET K 267 60.99 17.41 36.46
C MET K 267 60.86 18.92 36.60
N PRO K 268 61.28 19.46 37.75
CA PRO K 268 61.17 20.91 37.95
C PRO K 268 61.91 21.71 36.88
N ASP K 269 61.33 22.85 36.52
CA ASP K 269 61.83 23.69 35.44
C ASP K 269 63.15 24.35 35.86
N MET K 270 64.18 24.25 35.02
CA MET K 270 65.49 24.78 35.37
C MET K 270 65.47 26.29 35.52
N SER K 271 64.87 26.99 34.56
CA SER K 271 64.85 28.45 34.62
C SER K 271 64.01 28.96 35.78
N ARG K 272 62.87 28.33 36.04
CA ARG K 272 61.97 28.76 37.09
C ARG K 272 62.40 28.33 38.48
N ALA K 273 63.27 27.33 38.59
CA ALA K 273 63.73 26.86 39.90
C ALA K 273 64.73 27.85 40.47
N SER K 274 64.33 28.53 41.54
CA SER K 274 65.24 29.41 42.26
C SER K 274 66.13 28.60 43.21
N GLN K 275 67.00 29.32 43.92
CA GLN K 275 67.85 28.65 44.90
C GLN K 275 67.01 28.02 46.01
N ASP K 276 65.98 28.72 46.47
CA ASP K 276 65.09 28.15 47.48
C ASP K 276 64.34 26.94 46.93
N GLN K 277 63.96 26.98 45.65
CA GLN K 277 63.32 25.83 45.03
C GLN K 277 64.26 24.63 45.00
N LEU K 278 65.52 24.85 44.64
CA LEU K 278 66.49 23.76 44.62
C LEU K 278 66.92 23.34 46.02
N ASP K 279 66.62 24.14 47.04
CA ASP K 279 66.92 23.75 48.41
C ASP K 279 66.14 22.51 48.81
N ALA K 280 64.90 22.37 48.31
CA ALA K 280 64.13 21.16 48.60
C ALA K 280 64.81 19.93 48.03
N PHE K 281 65.30 20.03 46.79
CA PHE K 281 66.03 18.92 46.18
C PHE K 281 67.32 18.62 46.94
N SER K 282 68.02 19.67 47.39
CA SER K 282 69.23 19.46 48.16
C SER K 282 68.94 18.74 49.47
N ASN K 283 67.86 19.14 50.16
CA ASN K 283 67.48 18.48 51.39
C ASN K 283 67.07 17.03 51.14
N ALA K 284 66.37 16.78 50.03
CA ALA K 284 66.00 15.40 49.70
C ALA K 284 67.24 14.55 49.41
N LEU K 285 68.21 15.12 48.71
CA LEU K 285 69.45 14.39 48.45
C LEU K 285 70.20 14.10 49.74
N ASN K 286 70.24 15.08 50.66
CA ASN K 286 70.84 14.83 51.96
C ASN K 286 70.07 13.78 52.73
N GLU K 287 68.76 13.67 52.48
CA GLU K 287 67.93 12.71 53.20
C GLU K 287 68.23 11.28 52.75
N ALA K 288 68.00 10.99 51.47
CA ALA K 288 68.18 9.65 50.94
C ALA K 288 68.54 9.77 49.47
N GLY K 289 68.42 8.67 48.73
CA GLY K 289 68.75 8.65 47.32
C GLY K 289 70.19 8.27 47.05
N VAL K 290 71.12 9.15 47.43
CA VAL K 290 72.55 8.93 47.27
C VAL K 290 72.87 8.65 45.80
N GLN K 291 72.23 9.39 44.89
CA GLN K 291 72.46 9.24 43.46
C GLN K 291 73.54 10.24 43.06
N ALA K 292 74.79 9.77 43.04
CA ALA K 292 75.91 10.66 42.71
C ALA K 292 75.81 11.15 41.27
N ASN K 293 75.48 10.25 40.34
CA ASN K 293 75.40 10.57 38.91
C ASN K 293 76.70 11.16 38.40
N THR K 294 77.82 10.61 38.91
CA THR K 294 79.15 11.03 38.49
C THR K 294 79.60 10.38 37.19
N SER K 295 78.83 9.43 36.67
CA SER K 295 79.12 8.75 35.40
C SER K 295 79.69 9.65 34.32
N PRO K 296 79.20 10.90 34.09
CA PRO K 296 79.78 11.75 33.04
C PRO K 296 81.30 11.85 33.04
N THR K 297 81.98 11.41 34.10
CA THR K 297 83.41 11.16 33.97
C THR K 297 83.70 9.67 33.83
N GLU K 298 83.34 8.85 34.83
CA GLU K 298 83.74 7.46 34.83
C GLU K 298 83.38 6.79 33.50
N ARG K 299 82.19 7.07 32.99
CA ARG K 299 81.72 6.50 31.74
C ARG K 299 82.84 6.46 30.70
N ARG K 300 83.38 7.63 30.33
CA ARG K 300 84.25 7.60 29.15
C ARG K 300 85.53 6.82 29.44
N ASN K 301 86.05 6.93 30.67
CA ASN K 301 87.26 6.16 30.96
C ASN K 301 86.98 4.68 30.84
N ALA K 302 85.82 4.24 31.33
CA ALA K 302 85.43 2.85 31.14
C ALA K 302 85.44 2.49 29.67
N VAL K 303 84.82 3.33 28.84
CA VAL K 303 84.82 3.08 27.41
C VAL K 303 86.25 3.00 26.90
N LEU K 304 87.10 3.92 27.36
CA LEU K 304 88.50 3.91 26.97
C LEU K 304 89.12 2.54 27.28
N LYS K 305 88.87 2.03 28.49
CA LYS K 305 89.40 0.73 28.85
C LYS K 305 88.90 -0.35 27.90
N SER K 306 87.60 -0.31 27.57
CA SER K 306 87.07 -1.26 26.61
C SER K 306 87.79 -1.12 25.27
N LEU K 307 88.01 0.13 24.84
CA LEU K 307 88.80 0.35 23.63
C LEU K 307 90.21 -0.20 23.81
N VAL K 308 90.81 0.03 24.99
CA VAL K 308 92.10 -0.56 25.30
C VAL K 308 92.00 -2.07 25.26
N ASP K 309 90.86 -2.62 25.72
CA ASP K 309 90.64 -4.06 25.60
C ASP K 309 90.56 -4.47 24.13
N ALA K 310 89.89 -3.66 23.31
CA ALA K 310 89.75 -4.00 21.90
C ALA K 310 91.05 -3.76 21.14
N GLY K 311 91.72 -2.64 21.41
CA GLY K 311 92.92 -2.27 20.68
C GLY K 311 92.61 -1.24 19.62
N VAL K 312 92.88 0.02 19.92
CA VAL K 312 92.49 1.13 19.05
C VAL K 312 93.69 2.04 18.85
N SER K 313 93.87 2.51 17.62
CA SER K 313 94.90 3.50 17.34
C SER K 313 94.55 4.84 17.97
N SER K 314 95.56 5.71 18.08
CA SER K 314 95.37 6.99 18.76
C SER K 314 94.29 7.83 18.10
N LYS K 315 94.13 7.73 16.78
CA LYS K 315 93.10 8.49 16.08
C LYS K 315 91.71 8.07 16.56
N GLY K 316 91.49 6.77 16.74
CA GLY K 316 90.22 6.31 17.27
C GLY K 316 89.95 6.80 18.68
N ILE K 317 90.99 6.85 19.51
CA ILE K 317 90.85 7.36 20.87
C ILE K 317 90.47 8.84 20.84
N ALA K 318 91.11 9.61 19.96
CA ALA K 318 90.76 11.02 19.82
C ALA K 318 89.32 11.18 19.36
N GLN K 319 88.89 10.36 18.40
CA GLN K 319 87.51 10.41 17.93
C GLN K 319 86.54 10.10 19.07
N ALA K 320 86.87 9.10 19.89
CA ALA K 320 86.00 8.74 21.01
C ALA K 320 85.93 9.87 22.04
N LYS K 321 87.07 10.51 22.33
CA LYS K 321 87.06 11.63 23.27
C LYS K 321 86.23 12.80 22.74
N GLN K 322 86.34 13.08 21.43
CA GLN K 322 85.51 14.13 20.84
C GLN K 322 84.03 13.76 20.90
N GLU K 323 83.70 12.49 20.66
CA GLU K 323 82.31 12.07 20.77
C GLU K 323 81.80 12.23 22.19
N MET K 324 82.63 11.89 23.19
CA MET K 324 82.27 12.16 24.58
C MET K 324 82.00 13.63 24.84
N GLU K 325 82.91 14.52 24.44
CA GLU K 325 82.70 15.93 24.76
C GLU K 325 81.43 16.45 24.08
N LEU K 326 81.21 16.09 22.81
CA LEU K 326 80.05 16.60 22.10
C LEU K 326 78.76 16.00 22.65
N ARG K 327 78.78 14.70 22.97
CA ARG K 327 77.59 14.05 23.50
C ARG K 327 77.21 14.62 24.87
N GLU K 328 78.20 14.85 25.72
CA GLU K 328 77.91 15.41 27.04
C GLU K 328 77.43 16.85 26.92
N SER K 329 78.02 17.63 26.01
CA SER K 329 77.52 18.97 25.77
C SER K 329 76.07 18.94 25.28
N LEU K 330 75.77 18.04 24.35
CA LEU K 330 74.41 17.92 23.84
C LEU K 330 73.43 17.51 24.94
N GLU K 331 73.83 16.57 25.79
CA GLU K 331 72.98 16.15 26.90
C GLU K 331 72.76 17.28 27.89
N GLY K 332 73.76 18.15 28.08
CA GLY K 332 73.60 19.25 29.00
C GLY K 332 72.69 20.36 28.52
N LEU K 333 72.44 20.43 27.21
CA LEU K 333 71.63 21.50 26.66
C LEU K 333 70.14 21.29 26.96
N ALA K 334 69.40 22.39 27.01
CA ALA K 334 67.96 22.33 27.06
C ALA K 334 67.41 21.84 25.73
N PRO K 335 66.21 21.22 25.72
CA PRO K 335 65.68 20.68 24.47
C PRO K 335 65.63 21.69 23.32
N GLN K 336 65.14 22.90 23.58
CA GLN K 336 65.11 23.91 22.52
C GLN K 336 66.51 24.32 22.09
N ASP K 337 67.39 24.56 23.07
CA ASP K 337 68.76 24.91 22.76
C ASP K 337 69.47 23.75 22.07
N ARG K 338 69.17 22.51 22.47
CA ARG K 338 69.76 21.35 21.81
C ARG K 338 69.32 21.28 20.35
N THR K 339 68.03 21.53 20.08
CA THR K 339 67.56 21.54 18.71
C THR K 339 68.24 22.65 17.90
N LYS K 340 68.39 23.82 18.50
CA LYS K 340 69.07 24.92 17.81
C LYS K 340 70.51 24.54 17.47
N VAL K 341 71.22 23.95 18.43
CA VAL K 341 72.62 23.58 18.21
C VAL K 341 72.73 22.51 17.12
N GLU K 342 71.88 21.48 17.18
CA GLU K 342 71.97 20.41 16.19
C GLU K 342 71.59 20.91 14.80
N ALA K 343 70.63 21.84 14.71
CA ALA K 343 70.29 22.40 13.41
C ALA K 343 71.39 23.29 12.87
N THR K 344 72.08 24.05 13.73
CA THR K 344 73.23 24.81 13.28
C THR K 344 74.35 23.89 12.80
N ILE K 345 74.53 22.76 13.50
CA ILE K 345 75.51 21.77 13.05
C ILE K 345 75.16 21.22 11.67
N GLY K 346 73.87 20.91 11.47
CA GLY K 346 73.43 20.46 10.16
C GLY K 346 73.67 21.50 9.09
N ALA K 347 73.40 22.77 9.41
CA ALA K 347 73.64 23.84 8.44
C ALA K 347 75.11 23.96 8.08
N VAL K 348 75.99 23.91 9.08
CA VAL K 348 77.41 24.05 8.81
C VAL K 348 77.97 22.81 8.14
N ASN K 349 77.29 21.67 8.24
CA ASN K 349 77.68 20.46 7.55
C ASN K 349 76.96 20.24 6.24
N ALA K 350 76.06 21.16 5.86
CA ALA K 350 75.29 21.01 4.63
C ALA K 350 76.19 20.93 3.40
N GLU K 351 77.20 21.79 3.31
CA GLU K 351 78.06 21.78 2.14
C GLU K 351 78.88 20.49 2.06
N LEU K 352 79.35 20.00 3.21
CA LEU K 352 80.04 18.72 3.24
C LEU K 352 79.11 17.60 2.81
N ASP K 353 77.85 17.65 3.26
CA ASP K 353 76.87 16.65 2.86
C ASP K 353 76.63 16.68 1.36
N THR K 354 76.52 17.87 0.78
CA THR K 354 76.30 17.98 -0.66
C THR K 354 77.49 17.42 -1.44
N LEU K 355 78.71 17.77 -1.02
CA LEU K 355 79.88 17.22 -1.68
C LEU K 355 79.91 15.70 -1.57
N GLN K 356 79.61 15.17 -0.38
CA GLN K 356 79.61 13.73 -0.17
C GLN K 356 78.59 13.04 -1.07
N ARG K 357 77.36 13.56 -1.09
CA ARG K 357 76.32 12.90 -1.89
C ARG K 357 76.68 12.94 -3.37
N THR K 358 77.13 14.10 -3.88
CA THR K 358 77.48 14.21 -5.29
C THR K 358 78.60 13.23 -5.65
N ALA K 359 79.62 13.15 -4.79
CA ALA K 359 80.67 12.16 -5.01
C ALA K 359 80.09 10.76 -5.03
N THR K 360 79.10 10.49 -4.19
CA THR K 360 78.53 9.15 -4.16
C THR K 360 77.80 8.82 -5.46
N GLU K 361 77.00 9.76 -6.00
CA GLU K 361 76.35 9.43 -7.27
C GLU K 361 77.39 9.25 -8.38
N ASP K 362 78.41 10.11 -8.41
CA ASP K 362 79.44 9.96 -9.43
C ASP K 362 80.10 8.59 -9.36
N TYR K 363 80.50 8.18 -8.15
CA TYR K 363 81.21 6.92 -8.02
C TYR K 363 80.30 5.72 -8.24
N GLU K 364 79.03 5.79 -7.84
CA GLU K 364 78.15 4.65 -8.08
C GLU K 364 77.81 4.52 -9.56
N ARG K 365 77.71 5.64 -10.28
CA ARG K 365 77.57 5.55 -11.73
C ARG K 365 78.80 4.92 -12.36
N GLU K 366 79.98 5.31 -11.88
CA GLU K 366 81.21 4.69 -12.40
C GLU K 366 81.24 3.20 -12.10
N VAL K 367 80.71 2.80 -10.93
CA VAL K 367 80.60 1.38 -10.61
C VAL K 367 79.63 0.70 -11.57
N ALA K 368 78.49 1.32 -11.84
CA ALA K 368 77.54 0.77 -12.81
C ALA K 368 78.18 0.61 -14.18
N ARG K 369 79.14 1.48 -14.51
CA ARG K 369 79.87 1.33 -15.76
C ARG K 369 80.90 0.20 -15.69
N ASN K 370 81.56 0.03 -14.54
CA ASN K 370 82.70 -0.86 -14.43
C ASN K 370 82.37 -2.09 -13.60
N PRO K 371 82.44 -3.29 -14.17
CA PRO K 371 82.23 -4.50 -13.36
C PRO K 371 83.44 -4.84 -12.49
N PHE K 372 84.63 -4.42 -12.95
CA PHE K 372 85.85 -4.77 -12.23
C PHE K 372 85.91 -4.09 -10.86
N VAL K 373 85.29 -2.93 -10.72
CA VAL K 373 85.30 -2.25 -9.43
C VAL K 373 84.36 -2.90 -8.43
N GLU K 374 83.39 -3.68 -8.89
CA GLU K 374 82.41 -4.32 -8.01
C GLU K 374 82.00 -5.68 -8.59
N PRO K 375 82.55 -6.76 -8.07
CA PRO K 375 82.13 -8.10 -8.51
C PRO K 375 80.82 -8.50 -7.84
N ASP K 376 80.39 -9.71 -8.12
CA ASP K 376 79.16 -10.25 -7.53
C ASP K 376 79.25 -11.76 -7.46
N LYS K 377 78.73 -12.32 -6.37
CA LYS K 377 78.70 -13.78 -6.21
C LYS K 377 77.53 -14.43 -6.92
N ASP K 378 76.53 -13.66 -7.31
CA ASP K 378 75.37 -14.23 -8.00
C ASP K 378 75.73 -14.86 -9.35
N PRO K 379 76.49 -14.21 -10.24
CA PRO K 379 76.77 -14.84 -11.54
C PRO K 379 77.50 -16.17 -11.44
N LEU K 380 78.06 -16.51 -10.27
CA LEU K 380 78.65 -17.83 -10.08
C LEU K 380 77.64 -18.93 -10.37
N GLY K 381 76.36 -18.68 -10.12
CA GLY K 381 75.34 -19.65 -10.44
C GLY K 381 74.70 -19.41 -11.79
N SER K 382 74.96 -18.23 -12.37
CA SER K 382 74.38 -17.89 -13.66
C SER K 382 75.06 -18.60 -14.82
N VAL K 383 76.38 -18.80 -14.72
CA VAL K 383 77.17 -19.28 -15.85
C VAL K 383 76.58 -20.54 -16.47
N ASN K 384 75.86 -21.33 -15.67
CA ASN K 384 75.31 -22.60 -16.17
C ASN K 384 74.43 -22.38 -17.39
N LYS K 385 73.64 -21.29 -17.42
CA LYS K 385 72.77 -21.08 -18.56
C LYS K 385 73.56 -20.87 -19.84
N ILE K 386 74.72 -20.21 -19.74
CA ILE K 386 75.59 -20.07 -20.90
C ILE K 386 76.02 -21.44 -21.41
N VAL K 387 76.23 -22.38 -20.51
CA VAL K 387 76.57 -23.75 -20.90
C VAL K 387 75.48 -24.30 -21.82
N ASP K 388 74.21 -24.02 -21.50
CA ASP K 388 73.13 -24.49 -22.36
C ASP K 388 73.26 -23.92 -23.77
N LYS K 389 73.67 -22.65 -23.88
CA LYS K 389 73.84 -22.05 -25.20
C LYS K 389 74.95 -22.72 -26.00
N ALA K 390 75.79 -23.52 -25.35
CA ALA K 390 76.82 -24.26 -26.05
C ALA K 390 76.34 -25.62 -26.55
N VAL K 391 75.11 -26.01 -26.24
CA VAL K 391 74.59 -27.33 -26.57
C VAL K 391 73.48 -27.26 -27.61
N LYS K 392 72.58 -26.28 -27.50
CA LYS K 392 71.41 -26.21 -28.37
C LYS K 392 71.85 -25.86 -29.78
N SER K 393 71.90 -26.88 -30.65
CA SER K 393 72.28 -26.73 -32.05
C SER K 393 73.63 -26.03 -32.19
N GLY K 394 74.56 -26.40 -31.32
CA GLY K 394 75.88 -25.79 -31.33
C GLY K 394 77.00 -26.77 -31.05
N PHE K 395 78.11 -26.61 -31.77
CA PHE K 395 79.27 -27.48 -31.60
C PHE K 395 80.19 -26.88 -30.54
N GLY K 396 80.12 -27.41 -29.33
CA GLY K 396 80.96 -26.94 -28.24
C GLY K 396 81.93 -28.00 -27.76
N TRP K 397 82.05 -28.15 -26.45
CA TRP K 397 82.90 -29.19 -25.90
C TRP K 397 82.36 -30.57 -26.24
N GLU K 398 83.28 -31.52 -26.44
CA GLU K 398 82.91 -32.89 -26.81
C GLU K 398 82.39 -33.61 -25.57
N GLY K 399 81.15 -33.31 -25.22
CA GLY K 399 80.53 -33.94 -24.06
C GLY K 399 81.20 -33.64 -22.75
N ASP K 400 81.59 -32.38 -22.53
CA ASP K 400 82.31 -31.97 -21.33
C ASP K 400 81.58 -30.81 -20.65
N ARG K 401 80.26 -30.96 -20.50
CA ARG K 401 79.48 -29.93 -19.85
C ARG K 401 79.91 -29.75 -18.40
N GLN K 402 80.14 -30.85 -17.69
CA GLN K 402 80.64 -30.75 -16.32
C GLN K 402 82.02 -30.13 -16.28
N ASP K 403 82.88 -30.51 -17.22
CA ASP K 403 84.22 -29.91 -17.28
C ASP K 403 84.14 -28.41 -17.58
N LEU K 404 83.26 -28.03 -18.50
CA LEU K 404 83.08 -26.60 -18.78
C LEU K 404 82.58 -25.86 -17.57
N ASN K 405 81.61 -26.42 -16.85
CA ASN K 405 81.11 -25.77 -15.64
C ASN K 405 82.21 -25.62 -14.60
N ASN K 406 83.02 -26.67 -14.40
CA ASN K 406 84.09 -26.61 -13.43
C ASN K 406 85.12 -25.55 -13.80
N MET K 407 85.52 -25.51 -15.08
CA MET K 407 86.51 -24.53 -15.48
C MET K 407 85.96 -23.11 -15.42
N LEU K 408 84.67 -22.92 -15.73
CA LEU K 408 84.09 -21.59 -15.65
C LEU K 408 83.96 -21.11 -14.22
N VAL K 409 83.55 -21.99 -13.30
CA VAL K 409 83.46 -21.57 -11.90
C VAL K 409 84.85 -21.35 -11.32
N ASP K 410 85.85 -22.11 -11.78
CA ASP K 410 87.22 -21.84 -11.35
C ASP K 410 87.69 -20.49 -11.84
N PHE K 411 87.37 -20.14 -13.10
CA PHE K 411 87.77 -18.85 -13.64
C PHE K 411 87.07 -17.71 -12.92
N ALA K 412 85.80 -17.90 -12.58
CA ALA K 412 85.05 -16.88 -11.85
C ALA K 412 85.36 -16.88 -10.36
N THR K 413 86.11 -17.87 -9.87
CA THR K 413 86.51 -17.94 -8.46
C THR K 413 87.94 -17.46 -8.24
N ASN K 414 88.89 -17.95 -9.03
CA ASN K 414 90.29 -17.59 -8.86
C ASN K 414 90.80 -16.63 -9.93
N GLY K 415 90.23 -16.64 -11.12
CA GLY K 415 90.65 -15.75 -12.18
C GLY K 415 91.56 -16.43 -13.19
N ILE K 416 91.69 -15.79 -14.34
CA ILE K 416 92.54 -16.29 -15.41
C ILE K 416 93.97 -15.81 -15.20
N LYS K 417 94.92 -16.55 -15.74
CA LYS K 417 96.34 -16.19 -15.63
C LYS K 417 96.66 -15.17 -16.70
N LEU K 418 96.73 -13.90 -16.30
CA LEU K 418 97.06 -12.85 -17.24
C LEU K 418 98.51 -12.98 -17.67
N PRO K 419 98.82 -12.71 -18.95
CA PRO K 419 100.20 -12.86 -19.42
C PRO K 419 101.21 -11.98 -18.71
N ASP K 420 100.77 -10.86 -18.11
CA ASP K 420 101.71 -9.99 -17.42
C ASP K 420 102.31 -10.68 -16.19
N GLY K 421 101.59 -11.64 -15.61
CA GLY K 421 102.06 -12.33 -14.43
C GLY K 421 101.10 -12.23 -13.27
N ARG K 422 99.91 -11.74 -13.54
CA ARG K 422 98.88 -11.54 -12.51
C ARG K 422 97.68 -12.43 -12.82
N THR K 423 96.71 -12.41 -11.90
CA THR K 423 95.49 -13.21 -12.01
C THR K 423 94.30 -12.31 -11.73
N ALA K 424 93.41 -12.17 -12.71
CA ALA K 424 92.24 -11.32 -12.59
C ALA K 424 90.97 -12.14 -12.85
N VAL K 425 89.94 -11.88 -12.06
CA VAL K 425 88.68 -12.60 -12.19
C VAL K 425 87.83 -11.95 -13.27
N VAL K 426 87.37 -12.76 -14.22
CA VAL K 426 86.59 -12.25 -15.34
C VAL K 426 85.17 -11.95 -14.86
N PRO K 427 84.59 -10.79 -15.20
CA PRO K 427 83.21 -10.52 -14.82
C PRO K 427 82.20 -11.30 -15.65
N SER K 428 80.91 -11.02 -15.46
CA SER K 428 79.86 -11.85 -16.03
C SER K 428 79.53 -11.46 -17.47
N LYS K 429 79.11 -10.20 -17.68
CA LYS K 429 78.61 -9.85 -19.00
C LYS K 429 79.73 -9.81 -20.03
N LEU K 430 80.96 -9.47 -19.62
CA LEU K 430 82.10 -9.60 -20.53
C LEU K 430 82.28 -11.06 -20.94
N LEU K 431 82.12 -11.98 -20.00
CA LEU K 431 82.24 -13.40 -20.31
C LEU K 431 81.16 -13.83 -21.31
N GLU K 432 79.92 -13.43 -21.07
CA GLU K 432 78.83 -13.89 -21.94
C GLU K 432 78.92 -13.26 -23.33
N GLN K 433 79.38 -12.01 -23.41
CA GLN K 433 79.57 -11.40 -24.73
C GLN K 433 80.78 -12.00 -25.45
N ALA K 434 81.78 -12.45 -24.70
CA ALA K 434 82.87 -13.21 -25.30
C ALA K 434 82.37 -14.52 -25.88
N PHE K 435 81.50 -15.20 -25.15
CA PHE K 435 80.97 -16.48 -25.63
C PHE K 435 80.03 -16.28 -26.82
N ASN K 436 79.22 -15.22 -26.80
CA ASN K 436 78.20 -15.00 -27.82
C ASN K 436 78.88 -14.41 -29.06
N THR K 437 79.18 -15.28 -30.02
CA THR K 437 79.78 -14.88 -31.28
C THR K 437 78.75 -15.01 -32.40
N THR K 438 79.17 -14.75 -33.64
CA THR K 438 78.26 -14.86 -34.77
C THR K 438 77.89 -16.32 -35.05
N ASN K 439 78.82 -17.24 -34.83
CA ASN K 439 78.57 -18.66 -35.04
C ASN K 439 79.37 -19.45 -34.03
N THR K 440 78.68 -20.24 -33.20
CA THR K 440 79.31 -20.93 -32.09
C THR K 440 80.26 -22.04 -32.52
N TRP K 441 80.27 -22.41 -33.80
CA TRP K 441 81.16 -23.48 -34.26
C TRP K 441 82.63 -23.11 -34.13
N LEU K 442 82.95 -21.82 -34.00
CA LEU K 442 84.34 -21.41 -33.88
C LEU K 442 84.93 -21.82 -32.53
N PHE K 443 84.11 -21.81 -31.48
CA PHE K 443 84.58 -22.06 -30.12
C PHE K 443 84.04 -23.42 -29.67
N LYS K 444 84.89 -24.45 -29.75
CA LYS K 444 84.51 -25.80 -29.38
C LYS K 444 85.33 -26.35 -28.22
N ASN K 445 86.66 -26.30 -28.31
CA ASN K 445 87.50 -26.88 -27.28
C ASN K 445 87.74 -25.86 -26.16
N ALA K 446 88.19 -26.38 -25.01
CA ALA K 446 88.47 -25.51 -23.87
C ALA K 446 89.64 -24.58 -24.16
N GLY K 447 90.67 -25.06 -24.85
CA GLY K 447 91.80 -24.22 -25.15
C GLY K 447 91.44 -23.03 -26.02
N ASP K 448 90.58 -23.25 -27.01
CA ASP K 448 90.17 -22.15 -27.89
C ASP K 448 89.39 -21.08 -27.12
N VAL K 449 88.46 -21.50 -26.26
CA VAL K 449 87.67 -20.51 -25.53
C VAL K 449 88.51 -19.79 -24.49
N GLU K 450 89.46 -20.48 -23.85
CA GLU K 450 90.31 -19.78 -22.89
C GLU K 450 91.25 -18.81 -23.61
N LYS K 451 91.74 -19.18 -24.80
CA LYS K 451 92.52 -18.23 -25.58
C LYS K 451 91.67 -17.02 -25.96
N ARG K 452 90.41 -17.25 -26.33
CA ARG K 452 89.51 -16.15 -26.68
C ARG K 452 89.33 -15.20 -25.51
N ILE K 453 89.03 -15.74 -24.32
CA ILE K 453 88.81 -14.87 -23.17
C ILE K 453 90.10 -14.17 -22.75
N ILE K 454 91.24 -14.86 -22.89
CA ILE K 454 92.52 -14.23 -22.56
C ILE K 454 92.79 -13.05 -23.48
N GLU K 455 92.60 -13.23 -24.78
CA GLU K 455 92.86 -12.14 -25.71
C GLU K 455 91.84 -11.02 -25.57
N LEU K 456 90.61 -11.33 -25.17
CA LEU K 456 89.62 -10.29 -24.98
C LEU K 456 89.87 -9.48 -23.71
N MET K 457 90.32 -10.13 -22.64
CA MET K 457 90.62 -9.40 -21.41
C MET K 457 91.85 -8.52 -21.56
N THR K 458 92.70 -8.81 -22.55
CA THR K 458 93.89 -8.00 -22.80
C THR K 458 93.62 -6.80 -23.71
N THR K 459 92.35 -6.47 -23.95
CA THR K 459 92.02 -5.31 -24.77
C THR K 459 92.54 -4.05 -24.10
N ASP K 460 93.04 -3.12 -24.92
CA ASP K 460 93.65 -1.90 -24.39
C ASP K 460 92.67 -1.11 -23.55
N GLY K 461 91.47 -0.85 -24.08
CA GLY K 461 90.47 -0.15 -23.29
C GLY K 461 90.04 -0.94 -22.07
N MET K 462 89.84 -2.24 -22.25
CA MET K 462 89.47 -3.10 -21.12
C MET K 462 90.56 -3.10 -20.06
N THR K 463 91.83 -3.18 -20.49
CA THR K 463 92.93 -3.16 -19.54
C THR K 463 92.96 -1.84 -18.77
N GLN K 464 92.88 -0.72 -19.50
CA GLN K 464 92.88 0.59 -18.86
C GLN K 464 91.75 0.70 -17.85
N MET K 465 90.56 0.21 -18.21
CA MET K 465 89.44 0.18 -17.28
C MET K 465 89.76 -0.68 -16.06
N ARG K 466 90.47 -1.78 -16.27
CA ARG K 466 90.83 -2.67 -15.17
C ARG K 466 91.72 -1.97 -14.15
N GLU K 467 92.80 -1.33 -14.59
CA GLU K 467 93.58 -0.62 -13.59
C GLU K 467 92.97 0.71 -13.18
N ASP K 468 91.92 1.17 -13.86
CA ASP K 468 91.21 2.36 -13.38
C ASP K 468 90.29 2.03 -12.21
N ALA K 469 89.72 0.83 -12.18
CA ALA K 469 88.76 0.49 -11.13
C ALA K 469 89.34 0.62 -9.71
N PRO K 470 90.49 0.03 -9.37
CA PRO K 470 90.98 0.20 -8.00
C PRO K 470 91.31 1.64 -7.64
N THR K 471 91.80 2.42 -8.60
CA THR K 471 92.15 3.80 -8.32
C THR K 471 90.91 4.61 -7.95
N ILE K 472 89.84 4.47 -8.74
CA ILE K 472 88.61 5.20 -8.41
C ILE K 472 88.00 4.67 -7.12
N ARG K 473 88.12 3.37 -6.85
CA ARG K 473 87.60 2.83 -5.59
C ARG K 473 88.31 3.45 -4.39
N GLU K 474 89.64 3.47 -4.41
CA GLU K 474 90.37 4.05 -3.29
C GLU K 474 90.17 5.55 -3.22
N ASN K 475 89.99 6.23 -4.36
CA ASN K 475 89.66 7.65 -4.32
C ASN K 475 88.33 7.89 -3.64
N PHE K 476 87.33 7.06 -3.93
CA PHE K 476 86.03 7.17 -3.28
C PHE K 476 86.17 6.97 -1.77
N LEU K 477 86.92 5.95 -1.37
CA LEU K 477 87.13 5.69 0.06
C LEU K 477 87.82 6.86 0.74
N LYS K 478 88.87 7.39 0.12
CA LYS K 478 89.59 8.52 0.70
C LYS K 478 88.68 9.74 0.81
N THR K 479 87.87 9.99 -0.23
CA THR K 479 86.99 11.16 -0.21
C THR K 479 85.95 11.04 0.90
N VAL K 480 85.34 9.87 1.07
CA VAL K 480 84.33 9.74 2.11
C VAL K 480 84.98 9.82 3.50
N SER K 481 86.19 9.28 3.65
CA SER K 481 86.90 9.39 4.92
C SER K 481 87.18 10.86 5.25
N ASP K 482 87.66 11.62 4.25
CA ASP K 482 87.94 13.03 4.48
C ASP K 482 86.66 13.81 4.78
N ILE K 483 85.57 13.46 4.11
CA ILE K 483 84.29 14.13 4.37
C ILE K 483 83.85 13.90 5.81
N ALA K 484 83.95 12.65 6.27
CA ALA K 484 83.58 12.34 7.65
C ALA K 484 84.48 13.07 8.64
N ASN K 485 85.79 13.09 8.37
CA ASN K 485 86.72 13.77 9.27
C ASN K 485 86.41 15.26 9.36
N GLN K 486 86.16 15.90 8.22
CA GLN K 486 85.85 17.32 8.21
C GLN K 486 84.52 17.60 8.90
N LYS K 487 83.53 16.73 8.69
CA LYS K 487 82.26 16.88 9.39
C LYS K 487 82.47 16.85 10.90
N ARG K 488 83.20 15.86 11.39
CA ARG K 488 83.46 15.75 12.82
C ARG K 488 84.25 16.95 13.33
N SER K 489 85.22 17.43 12.54
CA SER K 489 86.05 18.54 12.98
C SER K 489 85.25 19.82 13.11
N ASN K 490 84.45 20.15 12.09
CA ASN K 490 83.63 21.37 12.20
C ASN K 490 82.60 21.22 13.30
N ALA K 491 82.05 20.02 13.48
CA ALA K 491 81.09 19.81 14.56
C ALA K 491 81.72 20.06 15.93
N VAL K 492 82.91 19.50 16.16
CA VAL K 492 83.55 19.66 17.47
C VAL K 492 83.93 21.12 17.69
N LYS K 493 84.44 21.80 16.64
CA LYS K 493 84.79 23.20 16.80
C LYS K 493 83.57 24.05 17.14
N VAL K 494 82.47 23.86 16.41
CA VAL K 494 81.28 24.65 16.65
C VAL K 494 80.72 24.38 18.04
N THR K 495 80.69 23.10 18.44
CA THR K 495 80.15 22.76 19.75
C THR K 495 80.99 23.34 20.88
N ARG K 496 82.32 23.25 20.77
CA ARG K 496 83.15 23.79 21.84
C ARG K 496 83.08 25.31 21.88
N SER K 497 82.99 25.97 20.71
CA SER K 497 82.83 27.42 20.70
C SER K 497 81.52 27.82 21.34
N ALA K 498 80.43 27.12 21.02
CA ALA K 498 79.14 27.42 21.62
C ALA K 498 79.16 27.19 23.13
N GLU K 499 79.81 26.11 23.58
CA GLU K 499 79.88 25.84 25.00
C GLU K 499 80.68 26.91 25.74
N ARG K 500 81.78 27.36 25.14
CA ARG K 500 82.55 28.44 25.76
C ARG K 500 81.75 29.74 25.80
N GLU K 501 81.01 30.04 24.73
CA GLU K 501 80.25 31.28 24.68
C GLU K 501 79.10 31.28 25.69
N LYS K 502 78.42 30.14 25.83
CA LYS K 502 77.33 30.05 26.80
C LYS K 502 77.84 30.24 28.22
N GLY K 503 78.98 29.61 28.55
CA GLY K 503 79.55 29.73 29.88
C GLY K 503 81.06 29.74 29.86
N ASP L 95 64.65 -43.24 36.08
CA ASP L 95 64.70 -43.17 37.53
C ASP L 95 66.13 -43.33 38.04
N ARG L 96 66.34 -42.98 39.30
CA ARG L 96 67.65 -43.07 39.95
C ARG L 96 67.60 -44.13 41.04
N ALA L 97 68.54 -45.08 40.98
CA ALA L 97 68.61 -46.16 41.95
C ALA L 97 69.83 -46.05 42.86
N ALA L 98 70.48 -44.89 42.90
CA ALA L 98 71.66 -44.72 43.73
C ALA L 98 71.30 -44.72 45.21
N THR L 99 72.23 -45.19 46.03
CA THR L 99 72.04 -45.27 47.47
C THR L 99 72.42 -43.94 48.11
N ARG L 100 71.49 -43.34 48.84
CA ARG L 100 71.75 -42.06 49.47
C ARG L 100 72.81 -42.16 50.56
N ASP L 101 72.65 -43.11 51.47
CA ASP L 101 73.59 -43.35 52.57
C ASP L 101 73.64 -42.10 53.44
N ALA L 102 74.81 -41.47 53.61
CA ALA L 102 74.92 -40.35 54.56
C ALA L 102 74.13 -39.14 54.10
N ILE L 103 74.28 -38.76 52.83
CA ILE L 103 73.70 -37.56 52.21
C ILE L 103 73.60 -36.42 53.21
N THR L 104 74.74 -36.00 53.76
CA THR L 104 74.72 -34.94 54.78
C THR L 104 74.38 -33.58 54.19
N LYS L 105 74.80 -33.33 52.94
CA LYS L 105 74.64 -32.03 52.32
C LYS L 105 74.03 -32.19 50.93
N GLN L 106 73.44 -31.10 50.45
CA GLN L 106 72.91 -30.97 49.09
C GLN L 106 71.69 -31.85 48.85
N ILE L 107 71.28 -32.62 49.86
CA ILE L 107 70.11 -33.47 49.76
C ILE L 107 69.04 -33.08 50.77
N SER L 108 69.43 -32.77 52.01
CA SER L 108 68.51 -32.09 52.92
C SER L 108 68.13 -30.73 52.35
N ALA L 109 69.12 -30.03 51.80
CA ALA L 109 68.82 -28.79 51.07
C ALA L 109 67.92 -29.05 49.87
N GLN L 110 68.08 -30.21 49.21
CA GLN L 110 67.19 -30.56 48.11
C GLN L 110 65.76 -30.71 48.58
N GLN L 111 65.55 -31.41 49.70
CA GLN L 111 64.21 -31.56 50.24
C GLN L 111 63.64 -30.20 50.64
N ASN L 112 64.46 -29.35 51.26
CA ASN L 112 63.99 -28.05 51.68
C ASN L 112 63.60 -27.17 50.49
N GLN L 113 64.38 -27.21 49.41
CA GLN L 113 64.04 -26.42 48.23
C GLN L 113 62.82 -26.99 47.52
N ALA L 114 62.66 -28.31 47.54
CA ALA L 114 61.43 -28.90 47.02
C ALA L 114 60.22 -28.41 47.81
N ALA L 115 60.34 -28.36 49.14
CA ALA L 115 59.26 -27.83 49.97
C ALA L 115 58.98 -26.37 49.65
N ALA L 116 60.03 -25.58 49.48
CA ALA L 116 59.84 -24.17 49.14
C ALA L 116 59.14 -24.01 47.80
N THR L 117 59.55 -24.80 46.80
CA THR L 117 58.94 -24.71 45.48
C THR L 117 57.47 -25.12 45.52
N GLN L 118 57.15 -26.20 46.23
CA GLN L 118 55.75 -26.62 46.29
C GLN L 118 54.91 -25.62 47.06
N LYS L 119 55.46 -25.00 48.10
CA LYS L 119 54.72 -23.98 48.82
C LYS L 119 54.47 -22.76 47.94
N PHE L 120 55.47 -22.37 47.15
CA PHE L 120 55.29 -21.26 46.22
C PHE L 120 54.23 -21.59 45.17
N ASP L 121 54.25 -22.82 44.66
CA ASP L 121 53.23 -23.23 43.69
C ASP L 121 51.84 -23.22 44.30
N ASP L 122 51.71 -23.69 45.54
CA ASP L 122 50.41 -23.69 46.21
C ASP L 122 49.91 -22.27 46.45
N MET L 123 50.81 -21.37 46.84
CA MET L 123 50.42 -19.97 47.04
C MET L 123 50.01 -19.33 45.72
N GLN L 124 50.74 -19.62 44.64
CA GLN L 124 50.38 -19.05 43.34
C GLN L 124 49.07 -19.62 42.81
N ALA L 125 48.74 -20.87 43.17
CA ALA L 125 47.49 -21.46 42.74
C ALA L 125 46.28 -20.73 43.30
N GLU L 126 46.45 -20.01 44.42
CA GLU L 126 45.38 -19.24 45.05
C GLU L 126 44.20 -20.14 45.40
N VAL L 127 44.43 -21.09 46.30
CA VAL L 127 43.37 -22.00 46.72
C VAL L 127 42.29 -21.20 47.42
N GLY L 128 41.03 -21.46 47.05
CA GLY L 128 39.93 -20.71 47.58
C GLY L 128 39.90 -19.29 47.04
N GLN L 129 39.29 -18.40 47.82
CA GLN L 129 39.17 -16.99 47.47
C GLN L 129 40.11 -16.17 48.35
N ARG L 130 40.90 -15.31 47.71
CA ARG L 130 41.85 -14.46 48.41
C ARG L 130 41.91 -13.11 47.69
N GLY L 131 42.94 -12.33 47.99
CA GLY L 131 43.11 -11.04 47.36
C GLY L 131 43.88 -11.13 46.06
N ILE L 132 44.93 -10.32 45.93
CA ILE L 132 45.79 -10.30 44.75
C ILE L 132 44.96 -10.00 43.50
N VAL L 133 44.42 -8.79 43.42
CA VAL L 133 43.65 -8.40 42.24
C VAL L 133 44.53 -8.39 41.00
N ASP L 134 45.74 -7.86 41.12
CA ASP L 134 46.69 -7.81 40.02
C ASP L 134 47.40 -9.16 39.92
N GLN L 135 48.46 -9.25 39.11
CA GLN L 135 49.20 -10.50 38.97
C GLN L 135 49.81 -10.92 40.30
N LEU L 136 50.45 -9.99 40.99
CA LEU L 136 51.06 -10.23 42.30
C LEU L 136 52.03 -11.40 42.26
N ARG L 137 53.02 -11.29 41.36
CA ARG L 137 54.03 -12.33 41.23
C ARG L 137 54.85 -12.46 42.52
N THR L 138 55.21 -11.33 43.13
CA THR L 138 55.97 -11.30 44.37
C THR L 138 57.29 -12.06 44.25
N LEU L 139 57.94 -11.94 43.09
CA LEU L 139 59.22 -12.61 42.89
C LEU L 139 60.32 -11.97 43.73
N SER L 140 60.36 -10.64 43.78
CA SER L 140 61.35 -9.90 44.56
C SER L 140 60.67 -8.74 45.27
N ALA L 141 61.44 -8.06 46.11
CA ALA L 141 60.90 -6.92 46.85
C ALA L 141 60.49 -5.81 45.90
N GLU L 142 61.31 -5.53 44.89
CA GLU L 142 60.96 -4.48 43.92
C GLU L 142 59.71 -4.87 43.13
N GLY L 143 59.65 -6.12 42.68
CA GLY L 143 58.47 -6.57 41.95
C GLY L 143 57.22 -6.57 42.82
N ARG L 144 57.37 -6.98 44.08
CA ARG L 144 56.23 -6.96 44.99
C ARG L 144 55.75 -5.54 45.25
N ALA L 145 56.68 -4.60 45.40
CA ALA L 145 56.29 -3.20 45.56
C ALA L 145 55.59 -2.67 44.31
N GLY L 146 56.07 -3.06 43.14
CA GLY L 146 55.39 -2.68 41.91
C GLY L 146 53.98 -3.24 41.83
N GLU L 147 53.80 -4.50 42.23
CA GLU L 147 52.46 -5.09 42.26
C GLU L 147 51.56 -4.38 43.28
N VAL L 148 52.10 -4.01 44.44
CA VAL L 148 51.32 -3.27 45.42
C VAL L 148 50.89 -1.92 44.86
N ASN L 149 51.79 -1.25 44.15
CA ASN L 149 51.43 -0.01 43.47
C ASN L 149 50.34 -0.24 42.43
N GLN L 150 50.43 -1.36 41.71
CA GLN L 150 49.38 -1.72 40.75
C GLN L 150 48.04 -1.91 41.45
N ILE L 151 48.06 -2.46 42.67
CA ILE L 151 46.83 -2.59 43.44
C ILE L 151 46.24 -1.22 43.76
N LEU L 152 47.10 -0.27 44.14
CA LEU L 152 46.66 1.08 44.44
C LEU L 152 46.02 1.76 43.23
N GLU L 162 49.54 18.45 34.73
CA GLU L 162 48.34 18.17 35.52
C GLU L 162 47.84 16.75 35.26
N ILE L 163 46.85 16.61 34.38
CA ILE L 163 46.37 15.27 34.02
C ILE L 163 47.43 14.52 33.20
N ARG L 164 48.05 15.21 32.23
CA ARG L 164 49.13 14.59 31.47
C ARG L 164 50.33 14.29 32.35
N LYS L 165 50.51 15.04 33.44
CA LYS L 165 51.58 14.76 34.38
C LYS L 165 51.48 13.33 34.90
N GLU L 166 50.38 13.02 35.58
CA GLU L 166 50.19 11.68 36.12
C GLU L 166 50.06 10.65 35.01
N LEU L 167 49.45 11.02 33.88
CA LEU L 167 49.33 10.07 32.77
C LEU L 167 50.70 9.61 32.29
N THR L 168 51.66 10.52 32.17
CA THR L 168 53.01 10.14 31.78
C THR L 168 53.76 9.44 32.91
N GLY L 169 53.57 9.91 34.15
CA GLY L 169 54.33 9.34 35.26
C GLY L 169 53.99 7.90 35.55
N VAL L 170 52.68 7.58 35.56
CA VAL L 170 52.27 6.21 35.81
C VAL L 170 52.81 5.28 34.74
N GLN L 171 52.71 5.70 33.48
CA GLN L 171 53.21 4.89 32.37
C GLN L 171 54.72 4.69 32.48
N ASP L 172 55.46 5.75 32.80
CA ASP L 172 56.91 5.63 32.93
C ASP L 172 57.28 4.68 34.06
N ALA L 173 56.59 4.79 35.21
CA ALA L 173 56.87 3.91 36.32
C ALA L 173 56.60 2.45 35.94
N ILE L 174 55.47 2.20 35.28
CA ILE L 174 55.13 0.84 34.87
C ILE L 174 56.18 0.29 33.92
N GLN L 175 56.59 1.10 32.93
CA GLN L 175 57.57 0.63 31.95
C GLN L 175 58.90 0.31 32.62
N ASN L 176 59.37 1.20 33.50
CA ASN L 176 60.66 0.96 34.16
C ASN L 176 60.60 -0.29 35.04
N ARG L 177 59.52 -0.43 35.83
CA ARG L 177 59.41 -1.59 36.70
C ARG L 177 59.34 -2.88 35.90
N GLN L 178 58.54 -2.89 34.82
CA GLN L 178 58.40 -4.09 34.01
C GLN L 178 59.72 -4.45 33.34
N TYR L 179 60.44 -3.45 32.81
CA TYR L 179 61.72 -3.72 32.17
C TYR L 179 62.71 -4.30 33.16
N ARG L 180 62.81 -3.70 34.35
CA ARG L 180 63.75 -4.18 35.34
C ARG L 180 63.41 -5.60 35.78
N ALA L 181 62.13 -5.86 36.05
CA ALA L 181 61.73 -7.19 36.51
C ALA L 181 61.97 -8.24 35.43
N ALA L 182 61.64 -7.93 34.18
CA ALA L 182 61.86 -8.88 33.09
C ALA L 182 63.35 -9.16 32.91
N GLY L 183 64.19 -8.12 32.96
CA GLY L 183 65.61 -8.33 32.86
C GLY L 183 66.15 -9.20 33.98
N GLU L 184 65.71 -8.93 35.22
CA GLU L 184 66.18 -9.72 36.35
C GLU L 184 65.76 -11.18 36.23
N GLN L 185 64.51 -11.43 35.83
CA GLN L 185 64.04 -12.81 35.77
C GLN L 185 64.70 -13.57 34.61
N ARG L 186 64.89 -12.91 33.46
CA ARG L 186 65.60 -13.56 32.36
C ARG L 186 67.05 -13.86 32.74
N ALA L 187 67.71 -12.92 33.43
CA ALA L 187 69.07 -13.16 33.89
C ALA L 187 69.12 -14.34 34.86
N GLN L 188 68.16 -14.41 35.79
CA GLN L 188 68.15 -15.52 36.74
C GLN L 188 67.95 -16.85 36.04
N ALA L 189 67.03 -16.91 35.07
CA ALA L 189 66.80 -18.16 34.35
C ALA L 189 68.03 -18.57 33.55
N ALA L 190 68.67 -17.61 32.87
CA ALA L 190 69.87 -17.93 32.11
C ALA L 190 70.99 -18.41 33.03
N ALA L 191 71.14 -17.77 34.19
CA ALA L 191 72.16 -18.20 35.13
C ALA L 191 71.88 -19.60 35.67
N ASN L 192 70.60 -19.91 35.92
CA ASN L 192 70.25 -21.25 36.37
C ASN L 192 70.60 -22.30 35.32
N ARG L 193 70.26 -22.01 34.06
CA ARG L 193 70.60 -22.94 32.99
C ARG L 193 72.11 -23.12 32.85
N ALA L 194 72.85 -22.02 32.94
CA ALA L 194 74.31 -22.09 32.86
C ALA L 194 74.89 -22.89 34.01
N ALA L 195 74.36 -22.72 35.22
CA ALA L 195 74.85 -23.47 36.37
C ALA L 195 74.56 -24.96 36.20
N GLU L 196 73.37 -25.30 35.70
CA GLU L 196 73.07 -26.71 35.45
C GLU L 196 74.01 -27.30 34.42
N ALA L 197 74.28 -26.57 33.34
CA ALA L 197 75.20 -27.05 32.32
C ALA L 197 76.61 -27.22 32.89
N HIS L 198 77.04 -26.28 33.73
CA HIS L 198 78.37 -26.38 34.33
C HIS L 198 78.47 -27.59 35.24
N SER L 199 77.43 -27.84 36.03
CA SER L 199 77.42 -29.02 36.89
C SER L 199 77.47 -30.30 36.06
N LEU L 200 76.70 -30.35 34.98
CA LEU L 200 76.73 -31.53 34.10
C LEU L 200 78.11 -31.73 33.50
N SER L 201 78.76 -30.65 33.07
CA SER L 201 80.09 -30.76 32.49
C SER L 201 81.10 -31.23 33.54
N MET L 202 81.01 -30.70 34.75
CA MET L 202 81.93 -31.10 35.82
C MET L 202 81.69 -32.53 36.27
N ALA L 203 80.48 -33.05 36.09
CA ALA L 203 80.13 -34.38 36.58
C ALA L 203 80.78 -35.50 35.77
N ALA L 204 81.73 -35.14 34.90
CA ALA L 204 82.45 -36.15 34.13
C ALA L 204 83.30 -37.00 35.07
N GLY L 205 83.29 -38.31 34.82
CA GLY L 205 84.06 -39.24 35.64
C GLY L 205 83.20 -40.19 36.44
N PHE L 211 80.84 -36.84 47.16
CA PHE L 211 80.14 -37.14 45.91
C PHE L 211 80.63 -36.23 44.78
N THR L 212 81.95 -36.09 44.66
CA THR L 212 82.59 -35.27 43.64
C THR L 212 82.05 -33.83 43.68
N ARG L 213 82.32 -33.17 44.80
CA ARG L 213 81.79 -31.81 45.01
C ARG L 213 82.63 -30.76 44.30
N GLU L 214 83.87 -30.58 44.74
CA GLU L 214 84.80 -29.60 44.16
C GLU L 214 84.22 -28.18 44.11
N GLN L 215 84.89 -27.30 43.38
CA GLN L 215 84.50 -25.89 43.36
C GLN L 215 83.19 -25.67 42.62
N ARG L 216 82.92 -26.47 41.59
CA ARG L 216 81.67 -26.32 40.85
C ARG L 216 80.46 -26.56 41.76
N ASP L 217 80.48 -27.67 42.49
CA ASP L 217 79.39 -27.92 43.43
C ASP L 217 79.47 -27.05 44.66
N GLU L 218 80.64 -26.47 44.97
CA GLU L 218 80.68 -25.44 46.02
C GLU L 218 79.87 -24.21 45.60
N LEU L 219 80.08 -23.76 44.36
CA LEU L 219 79.28 -22.66 43.82
C LEU L 219 77.81 -23.04 43.78
N ARG L 220 77.52 -24.26 43.34
CA ARG L 220 76.15 -24.74 43.34
C ARG L 220 75.56 -24.72 44.74
N ARG L 221 76.35 -25.12 45.74
CA ARG L 221 75.87 -25.16 47.12
C ARG L 221 75.55 -23.77 47.63
N ASP L 222 76.44 -22.80 47.38
CA ASP L 222 76.16 -21.46 47.90
C ASP L 222 74.98 -20.83 47.17
N ARG L 223 74.86 -21.05 45.86
CA ARG L 223 73.70 -20.54 45.15
C ARG L 223 72.41 -21.18 45.65
N ASP L 224 72.44 -22.49 45.92
CA ASP L 224 71.27 -23.17 46.45
C ASP L 224 70.94 -22.68 47.86
N GLU L 225 71.95 -22.38 48.67
CA GLU L 225 71.69 -21.81 49.99
C GLU L 225 71.00 -20.45 49.87
N ALA L 226 71.47 -19.61 48.93
CA ALA L 226 70.81 -18.33 48.71
C ALA L 226 69.37 -18.52 48.26
N LYS L 227 69.13 -19.48 47.35
CA LYS L 227 67.78 -19.74 46.88
C LYS L 227 66.89 -20.24 48.01
N LEU L 228 67.42 -21.14 48.85
CA LEU L 228 66.67 -21.63 50.01
C LEU L 228 66.32 -20.48 50.95
N VAL L 229 67.27 -19.60 51.20
CA VAL L 229 67.02 -18.46 52.08
C VAL L 229 65.90 -17.60 51.50
N SER L 230 66.00 -17.27 50.21
CA SER L 230 64.99 -16.41 49.60
C SER L 230 63.61 -17.07 49.65
N GLY L 231 63.53 -18.35 49.30
CA GLY L 231 62.24 -19.03 49.32
C GLY L 231 61.64 -19.12 50.71
N THR L 232 62.46 -19.47 51.70
CA THR L 232 61.96 -19.57 53.07
C THR L 232 61.47 -18.22 53.58
N ILE L 233 62.21 -17.15 53.26
CA ILE L 233 61.81 -15.83 53.74
C ILE L 233 60.51 -15.39 53.08
N ALA L 234 60.38 -15.63 51.77
CA ALA L 234 59.13 -15.31 51.09
C ALA L 234 57.97 -16.09 51.67
N THR L 235 58.16 -17.38 51.95
CA THR L 235 57.09 -18.18 52.52
C THR L 235 56.69 -17.68 53.90
N THR L 236 57.68 -17.32 54.73
CA THR L 236 57.38 -16.80 56.06
C THR L 236 56.59 -15.50 55.97
N PHE L 237 57.00 -14.59 55.10
CA PHE L 237 56.27 -13.33 54.96
C PHE L 237 54.85 -13.57 54.46
N GLN L 238 54.68 -14.46 53.48
CA GLN L 238 53.35 -14.75 52.96
C GLN L 238 52.46 -15.35 54.04
N ASP L 239 53.01 -16.25 54.86
CA ASP L 239 52.24 -16.81 55.96
C ASP L 239 51.87 -15.75 56.98
N TYR L 240 52.79 -14.82 57.25
CA TYR L 240 52.52 -13.77 58.23
C TYR L 240 51.43 -12.81 57.75
N ASP L 241 51.36 -12.57 56.43
CA ASP L 241 50.42 -11.58 55.91
C ASP L 241 48.98 -11.93 56.23
N GLU L 242 48.62 -13.22 56.15
CA GLU L 242 47.25 -13.62 56.44
C GLU L 242 46.88 -13.32 57.88
N SER L 243 47.79 -13.63 58.82
CA SER L 243 47.54 -13.29 60.22
C SER L 243 47.46 -11.79 60.42
N ARG L 244 48.30 -11.02 59.71
CA ARG L 244 48.24 -9.57 59.81
C ARG L 244 46.88 -9.05 59.38
N GLN L 245 46.35 -9.57 58.27
CA GLN L 245 45.02 -9.15 57.82
C GLN L 245 43.93 -9.55 58.81
N ALA L 246 44.01 -10.78 59.33
CA ALA L 246 43.01 -11.26 60.27
C ALA L 246 42.98 -10.40 61.52
N GLN L 247 44.16 -10.02 62.03
CA GLN L 247 44.21 -9.14 63.20
C GLN L 247 43.85 -7.69 62.86
N SER L 248 44.16 -7.25 61.64
CA SER L 248 43.78 -5.91 61.21
C SER L 248 42.26 -5.78 61.14
N GLU L 249 41.56 -6.87 60.87
CA GLU L 249 40.11 -6.86 60.96
C GLU L 249 39.65 -6.33 62.31
N ILE L 250 40.17 -6.91 63.40
CA ILE L 250 39.79 -6.49 64.73
C ILE L 250 40.34 -5.12 65.08
N MET L 251 41.56 -4.78 64.64
CA MET L 251 42.03 -3.42 64.89
C MET L 251 41.08 -2.40 64.27
N ARG L 252 40.64 -2.64 63.03
CA ARG L 252 39.70 -1.73 62.39
C ARG L 252 38.36 -1.70 63.11
N ILE L 253 37.86 -2.87 63.53
CA ILE L 253 36.58 -2.91 64.22
C ILE L 253 36.64 -2.12 65.52
N VAL L 254 37.70 -2.32 66.30
CA VAL L 254 37.85 -1.58 67.55
C VAL L 254 38.00 -0.09 67.29
N GLY L 255 38.81 0.28 66.29
CA GLY L 255 38.99 1.69 65.98
C GLY L 255 37.70 2.37 65.55
N LYS L 256 36.87 1.65 64.79
CA LYS L 256 35.57 2.19 64.44
C LYS L 256 34.66 2.29 65.67
N GLU L 257 34.77 1.33 66.58
CA GLU L 257 33.94 1.36 67.79
C GLU L 257 34.26 2.59 68.63
N VAL L 258 35.54 2.81 68.94
CA VAL L 258 35.91 3.99 69.71
C VAL L 258 35.88 5.24 68.84
N GLY L 259 36.41 5.15 67.63
CA GLY L 259 36.31 6.22 66.64
C GLY L 259 37.57 7.06 66.48
N MET L 260 38.40 6.67 65.51
CA MET L 260 39.63 7.32 65.08
C MET L 260 39.52 7.72 63.62
N PRO L 261 40.30 8.71 63.18
CA PRO L 261 40.34 9.03 61.75
C PRO L 261 40.88 7.85 60.95
N THR L 262 40.11 7.43 59.95
CA THR L 262 40.39 6.21 59.21
C THR L 262 40.25 6.45 57.72
N ASP L 263 40.86 5.57 56.95
CA ASP L 263 40.80 5.61 55.48
C ASP L 263 40.32 4.28 54.94
N ASP L 264 40.46 4.07 53.63
CA ASP L 264 39.89 2.89 52.98
C ASP L 264 40.40 1.59 53.59
N GLN L 265 41.63 1.57 54.12
CA GLN L 265 42.15 0.36 54.74
C GLN L 265 41.50 0.06 56.08
N GLY L 266 40.92 1.06 56.74
CA GLY L 266 40.20 0.85 57.98
C GLY L 266 41.00 1.08 59.25
N MET L 267 42.32 1.00 59.18
CA MET L 267 43.14 1.22 60.35
C MET L 267 43.34 2.72 60.59
N PRO L 268 43.35 3.15 61.85
CA PRO L 268 43.53 4.59 62.13
C PRO L 268 44.82 5.14 61.54
N ASP L 269 44.75 6.39 61.08
CA ASP L 269 45.84 7.05 60.40
C ASP L 269 46.98 7.34 61.38
N MET L 270 48.21 6.96 61.02
CA MET L 270 49.33 7.14 61.94
C MET L 270 49.62 8.60 62.21
N SER L 271 49.67 9.42 61.16
CA SER L 271 49.99 10.83 61.35
C SER L 271 48.90 11.56 62.11
N ARG L 272 47.63 11.26 61.81
CA ARG L 272 46.51 11.94 62.43
C ARG L 272 46.19 11.42 63.83
N ALA L 273 46.67 10.22 64.19
CA ALA L 273 46.40 9.68 65.52
C ALA L 273 47.27 10.38 66.55
N SER L 274 46.63 11.16 67.43
CA SER L 274 47.34 11.78 68.53
C SER L 274 47.52 10.78 69.67
N GLN L 275 48.15 11.25 70.74
CA GLN L 275 48.32 10.40 71.93
C GLN L 275 46.96 10.03 72.53
N ASP L 276 46.04 10.99 72.58
CA ASP L 276 44.70 10.69 73.07
C ASP L 276 43.98 9.71 72.16
N GLN L 277 44.21 9.83 70.85
CA GLN L 277 43.62 8.87 69.91
C GLN L 277 44.15 7.47 70.15
N LEU L 278 45.47 7.35 70.37
CA LEU L 278 46.05 6.04 70.64
C LEU L 278 45.74 5.54 72.04
N ASP L 279 45.24 6.41 72.92
CA ASP L 279 44.83 5.97 74.25
C ASP L 279 43.67 4.99 74.17
N ALA L 280 42.77 5.17 73.20
CA ALA L 280 41.67 4.21 73.03
C ALA L 280 42.21 2.83 72.66
N PHE L 281 43.19 2.79 71.75
CA PHE L 281 43.80 1.51 71.40
C PHE L 281 44.54 0.90 72.58
N SER L 282 45.21 1.73 73.38
CA SER L 282 45.90 1.23 74.56
C SER L 282 44.91 0.63 75.56
N ASN L 283 43.79 1.31 75.78
CA ASN L 283 42.76 0.79 76.67
C ASN L 283 42.16 -0.50 76.14
N ALA L 284 41.96 -0.58 74.82
CA ALA L 284 41.43 -1.82 74.22
C ALA L 284 42.42 -2.97 74.39
N LEU L 285 43.72 -2.69 74.21
CA LEU L 285 44.73 -3.72 74.42
C LEU L 285 44.76 -4.17 75.86
N ASN L 286 44.65 -3.23 76.81
CA ASN L 286 44.57 -3.60 78.22
C ASN L 286 43.30 -4.40 78.50
N GLU L 287 42.25 -4.17 77.72
CA GLU L 287 40.99 -4.86 77.94
C GLU L 287 41.09 -6.32 77.50
N ALA L 288 41.35 -6.56 76.23
CA ALA L 288 41.41 -7.92 75.68
C ALA L 288 42.38 -7.93 74.52
N GLY L 289 42.30 -8.96 73.69
CA GLY L 289 43.18 -9.08 72.55
C GLY L 289 44.47 -9.84 72.86
N VAL L 290 45.32 -9.22 73.67
CA VAL L 290 46.60 -9.82 74.08
C VAL L 290 47.43 -10.20 72.85
N GLN L 291 47.42 -9.33 71.85
CA GLN L 291 48.20 -9.56 70.63
C GLN L 291 49.55 -8.89 70.81
N ALA L 292 50.54 -9.66 71.27
CA ALA L 292 51.87 -9.10 71.50
C ALA L 292 52.52 -8.64 70.21
N ASN L 293 52.40 -9.43 69.14
CA ASN L 293 53.00 -9.11 67.85
C ASN L 293 54.51 -8.91 67.98
N THR L 294 55.14 -9.72 68.83
CA THR L 294 56.57 -9.66 69.04
C THR L 294 57.36 -10.43 67.99
N SER L 295 56.66 -11.15 67.10
CA SER L 295 57.29 -11.90 66.01
C SER L 295 58.48 -11.20 65.36
N PRO L 296 58.44 -9.88 65.07
CA PRO L 296 59.61 -9.23 64.43
C PRO L 296 60.96 -9.53 65.07
N THR L 297 61.00 -10.11 66.27
CA THR L 297 62.24 -10.74 66.72
C THR L 297 62.18 -12.26 66.56
N GLU L 298 61.23 -12.93 67.24
CA GLU L 298 61.24 -14.38 67.27
C GLU L 298 61.34 -14.96 65.86
N ARG L 299 60.57 -14.37 64.93
CA ARG L 299 60.56 -14.82 63.54
C ARG L 299 61.95 -15.16 63.06
N ARG L 300 62.88 -14.19 63.06
CA ARG L 300 64.12 -14.47 62.35
C ARG L 300 64.92 -15.55 63.06
N ASN L 301 64.90 -15.57 64.40
CA ASN L 301 65.64 -16.61 65.09
C ASN L 301 65.09 -17.98 64.72
N ALA L 302 63.76 -18.08 64.64
CA ALA L 302 63.15 -19.33 64.18
C ALA L 302 63.69 -19.70 62.80
N VAL L 303 63.70 -18.74 61.88
CA VAL L 303 64.25 -19.00 60.56
C VAL L 303 65.69 -19.47 60.68
N LEU L 304 66.47 -18.79 61.54
CA LEU L 304 67.86 -19.18 61.76
C LEU L 304 67.93 -20.65 62.16
N LYS L 305 67.07 -21.06 63.10
CA LYS L 305 67.08 -22.45 63.52
C LYS L 305 66.77 -23.37 62.35
N SER L 306 65.78 -23.00 61.53
CA SER L 306 65.50 -23.79 60.34
C SER L 306 66.72 -23.86 59.44
N LEU L 307 67.40 -22.73 59.26
CA LEU L 307 68.65 -22.75 58.52
C LEU L 307 69.67 -23.64 59.20
N VAL L 308 69.74 -23.55 60.54
CA VAL L 308 70.60 -24.46 61.29
C VAL L 308 70.17 -25.90 61.07
N ASP L 309 68.85 -26.12 60.96
CA ASP L 309 68.36 -27.45 60.62
C ASP L 309 68.80 -27.84 59.22
N ALA L 310 68.76 -26.90 58.27
CA ALA L 310 69.15 -27.22 56.91
C ALA L 310 70.66 -27.34 56.78
N GLY L 311 71.40 -26.43 57.41
CA GLY L 311 72.84 -26.40 57.28
C GLY L 311 73.27 -25.35 56.28
N VAL L 312 73.70 -24.19 56.79
CA VAL L 312 74.00 -23.03 55.95
C VAL L 312 75.36 -22.47 56.36
N SER L 313 76.15 -22.09 55.36
CA SER L 313 77.41 -21.42 55.62
C SER L 313 77.16 -20.01 56.18
N SER L 314 78.20 -19.44 56.78
CA SER L 314 78.07 -18.14 57.43
C SER L 314 77.61 -17.05 56.47
N LYS L 315 78.01 -17.14 55.20
CA LYS L 315 77.58 -16.15 54.23
C LYS L 315 76.07 -16.17 54.05
N GLY L 316 75.48 -17.36 54.00
CA GLY L 316 74.03 -17.46 53.90
C GLY L 316 73.33 -16.90 55.12
N ILE L 317 73.90 -17.12 56.31
CA ILE L 317 73.32 -16.57 57.52
C ILE L 317 73.37 -15.05 57.48
N ALA L 318 74.49 -14.48 57.03
CA ALA L 318 74.59 -13.03 56.90
C ALA L 318 73.56 -12.50 55.90
N GLN L 319 73.39 -13.20 54.78
CA GLN L 319 72.39 -12.79 53.79
C GLN L 319 70.99 -12.81 54.40
N ALA L 320 70.69 -13.85 55.18
CA ALA L 320 69.37 -13.95 55.80
C ALA L 320 69.15 -12.84 56.82
N LYS L 321 70.18 -12.50 57.59
CA LYS L 321 70.05 -11.41 58.56
C LYS L 321 69.84 -10.08 57.85
N GLN L 322 70.55 -9.85 56.74
CA GLN L 322 70.33 -8.64 55.97
C GLN L 322 68.93 -8.60 55.38
N GLU L 323 68.43 -9.74 54.90
CA GLU L 323 67.07 -9.79 54.38
C GLU L 323 66.05 -9.47 55.48
N MET L 324 66.28 -9.99 56.68
CA MET L 324 65.45 -9.62 57.83
C MET L 324 65.45 -8.12 58.09
N GLU L 325 66.63 -7.52 58.19
CA GLU L 325 66.66 -6.10 58.54
C GLU L 325 65.98 -5.27 57.45
N LEU L 326 66.24 -5.58 56.18
CA LEU L 326 65.64 -4.79 55.10
C LEU L 326 64.14 -5.03 55.01
N ARG L 327 63.69 -6.27 55.19
CA ARG L 327 62.28 -6.58 55.11
C ARG L 327 61.51 -5.92 56.25
N GLU L 328 62.07 -5.94 57.46
CA GLU L 328 61.41 -5.30 58.59
C GLU L 328 61.38 -3.79 58.42
N SER L 329 62.47 -3.21 57.90
CA SER L 329 62.46 -1.78 57.62
C SER L 329 61.40 -1.43 56.58
N LEU L 330 61.30 -2.24 55.52
CA LEU L 330 60.30 -2.00 54.48
C LEU L 330 58.89 -2.13 55.04
N GLU L 331 58.65 -3.13 55.89
CA GLU L 331 57.33 -3.30 56.50
C GLU L 331 57.00 -2.12 57.42
N GLY L 332 58.00 -1.55 58.09
CA GLY L 332 57.74 -0.43 58.96
C GLY L 332 57.42 0.87 58.26
N LEU L 333 57.77 0.98 56.97
CA LEU L 333 57.56 2.23 56.24
C LEU L 333 56.09 2.42 55.89
N ALA L 334 55.70 3.67 55.74
CA ALA L 334 54.39 3.99 55.19
C ALA L 334 54.36 3.63 53.71
N PRO L 335 53.17 3.36 53.15
CA PRO L 335 53.10 2.96 51.73
C PRO L 335 53.78 3.92 50.77
N GLN L 336 53.55 5.23 50.92
CA GLN L 336 54.21 6.20 50.05
C GLN L 336 55.71 6.22 50.29
N ASP L 337 56.12 6.22 51.55
CA ASP L 337 57.54 6.20 51.86
C ASP L 337 58.17 4.89 51.41
N ARG L 338 57.44 3.78 51.55
CA ARG L 338 57.94 2.49 51.07
C ARG L 338 58.15 2.51 49.56
N THR L 339 57.21 3.09 48.82
CA THR L 339 57.38 3.20 47.37
C THR L 339 58.58 4.07 47.03
N LYS L 340 58.75 5.19 47.75
CA LYS L 340 59.90 6.05 47.51
C LYS L 340 61.21 5.30 47.75
N VAL L 341 61.28 4.56 48.85
CA VAL L 341 62.50 3.83 49.19
C VAL L 341 62.79 2.75 48.15
N GLU L 342 61.78 1.99 47.75
CA GLU L 342 62.01 0.91 46.79
C GLU L 342 62.39 1.48 45.42
N ALA L 343 61.82 2.62 45.04
CA ALA L 343 62.20 3.23 43.77
C ALA L 343 63.62 3.79 43.82
N THR L 344 64.03 4.36 44.95
CA THR L 344 65.42 4.77 45.10
C THR L 344 66.37 3.59 45.05
N ILE L 345 65.97 2.46 45.63
CA ILE L 345 66.77 1.24 45.54
C ILE L 345 66.90 0.79 44.08
N GLY L 346 65.79 0.82 43.35
CA GLY L 346 65.84 0.48 41.94
C GLY L 346 66.76 1.41 41.16
N ALA L 347 66.71 2.70 41.46
CA ALA L 347 67.57 3.66 40.78
C ALA L 347 69.04 3.38 41.07
N VAL L 348 69.37 3.12 42.34
CA VAL L 348 70.77 2.88 42.69
C VAL L 348 71.24 1.52 42.19
N ASN L 349 70.32 0.60 41.90
CA ASN L 349 70.65 -0.68 41.32
C ASN L 349 70.53 -0.71 39.80
N ALA L 350 70.12 0.40 39.19
CA ALA L 350 69.94 0.42 37.74
C ALA L 350 71.22 0.11 36.98
N GLU L 351 72.35 0.67 37.41
CA GLU L 351 73.60 0.41 36.69
C GLU L 351 74.03 -1.05 36.83
N LEU L 352 73.84 -1.64 38.03
CA LEU L 352 74.11 -3.05 38.21
C LEU L 352 73.21 -3.89 37.32
N ASP L 353 71.93 -3.51 37.22
CA ASP L 353 70.99 -4.22 36.37
C ASP L 353 71.42 -4.16 34.90
N THR L 354 71.87 -2.98 34.45
CA THR L 354 72.31 -2.84 33.06
C THR L 354 73.53 -3.71 32.79
N LEU L 355 74.50 -3.68 33.71
CA LEU L 355 75.68 -4.53 33.53
C LEU L 355 75.28 -6.01 33.50
N GLN L 356 74.39 -6.42 34.40
CA GLN L 356 73.95 -7.81 34.45
C GLN L 356 73.26 -8.22 33.16
N ARG L 357 72.33 -7.39 32.67
CA ARG L 357 71.60 -7.77 31.46
C ARG L 357 72.56 -7.84 30.27
N THR L 358 73.45 -6.85 30.12
CA THR L 358 74.37 -6.87 28.99
C THR L 358 75.26 -8.10 29.02
N ALA L 359 75.77 -8.44 30.21
CA ALA L 359 76.54 -9.67 30.35
C ALA L 359 75.69 -10.88 29.96
N THR L 360 74.40 -10.86 30.29
CA THR L 360 73.56 -12.00 29.94
C THR L 360 73.40 -12.15 28.44
N GLU L 361 73.16 -11.04 27.71
CA GLU L 361 73.06 -11.20 26.26
C GLU L 361 74.37 -11.67 25.67
N ASP L 362 75.49 -11.11 26.14
CA ASP L 362 76.79 -11.54 25.63
C ASP L 362 76.99 -13.04 25.83
N TYR L 363 76.74 -13.52 27.04
CA TYR L 363 76.99 -14.92 27.34
C TYR L 363 75.99 -15.84 26.65
N GLU L 364 74.73 -15.43 26.49
CA GLU L 364 73.79 -16.32 25.81
C GLU L 364 74.09 -16.37 24.31
N ARG L 365 74.58 -15.27 23.73
CA ARG L 365 75.04 -15.34 22.35
C ARG L 365 76.23 -16.28 22.22
N GLU L 366 77.16 -16.21 23.18
CA GLU L 366 78.29 -17.13 23.14
C GLU L 366 77.83 -18.58 23.30
N VAL L 367 76.78 -18.81 24.09
CA VAL L 367 76.19 -20.14 24.20
C VAL L 367 75.58 -20.56 22.86
N ALA L 368 74.86 -19.65 22.21
CA ALA L 368 74.31 -19.96 20.89
C ALA L 368 75.40 -20.31 19.90
N ARG L 369 76.59 -19.73 20.08
CA ARG L 369 77.72 -20.09 19.23
C ARG L 369 78.32 -21.44 19.61
N ASN L 370 78.36 -21.76 20.90
CA ASN L 370 79.10 -22.91 21.39
C ASN L 370 78.16 -24.01 21.88
N PRO L 371 78.16 -25.19 21.29
CA PRO L 371 77.34 -26.29 21.82
C PRO L 371 77.95 -26.91 23.06
N PHE L 372 79.28 -26.83 23.18
CA PHE L 372 79.97 -27.48 24.29
C PHE L 372 79.61 -26.83 25.62
N VAL L 373 79.28 -25.54 25.62
CA VAL L 373 78.91 -24.86 26.85
C VAL L 373 77.51 -25.22 27.31
N GLU L 374 76.66 -25.74 26.41
CA GLU L 374 75.28 -26.08 26.75
C GLU L 374 74.84 -27.29 25.93
N PRO L 375 74.83 -28.47 26.52
CA PRO L 375 74.32 -29.66 25.81
C PRO L 375 72.80 -29.68 25.85
N ASP L 376 72.24 -30.76 25.30
CA ASP L 376 70.79 -30.93 25.27
C ASP L 376 70.47 -32.41 25.22
N LYS L 377 69.42 -32.80 25.95
CA LYS L 377 68.98 -34.20 25.95
C LYS L 377 68.09 -34.53 24.76
N ASP L 378 67.56 -33.52 24.06
CA ASP L 378 66.70 -33.79 22.90
C ASP L 378 67.43 -34.51 21.77
N PRO L 379 68.63 -34.10 21.33
CA PRO L 379 69.28 -34.80 20.21
C PRO L 379 69.54 -36.27 20.48
N LEU L 380 69.46 -36.72 21.73
CA LEU L 380 69.58 -38.15 22.01
C LEU L 380 68.54 -38.95 21.24
N GLY L 381 67.37 -38.37 20.96
CA GLY L 381 66.38 -39.05 20.15
C GLY L 381 66.46 -38.67 18.70
N SER L 382 67.22 -37.62 18.39
CA SER L 382 67.32 -37.15 17.01
C SER L 382 68.25 -38.03 16.18
N VAL L 383 69.31 -38.58 16.78
CA VAL L 383 70.36 -39.26 16.03
C VAL L 383 69.79 -40.33 15.11
N ASN L 384 68.63 -40.89 15.46
CA ASN L 384 68.05 -41.96 14.66
C ASN L 384 67.85 -41.55 13.21
N LYS L 385 67.45 -40.30 12.97
CA LYS L 385 67.21 -39.89 11.59
C LYS L 385 68.50 -39.92 10.78
N ILE L 386 69.63 -39.57 11.42
CA ILE L 386 70.92 -39.68 10.73
C ILE L 386 71.17 -41.12 10.31
N VAL L 387 70.74 -42.08 11.14
CA VAL L 387 70.87 -43.49 10.78
C VAL L 387 70.17 -43.75 9.45
N ASP L 388 69.00 -43.14 9.24
CA ASP L 388 68.30 -43.31 7.97
C ASP L 388 69.14 -42.83 6.80
N LYS L 389 69.87 -41.72 6.99
CA LYS L 389 70.71 -41.21 5.92
C LYS L 389 71.86 -42.15 5.59
N ALA L 390 72.13 -43.14 6.45
CA ALA L 390 73.14 -44.13 6.16
C ALA L 390 72.60 -45.32 5.39
N VAL L 391 71.29 -45.37 5.12
CA VAL L 391 70.66 -46.51 4.48
C VAL L 391 70.14 -46.17 3.09
N LYS L 392 69.55 -44.99 2.91
CA LYS L 392 68.92 -44.62 1.65
C LYS L 392 69.99 -44.43 0.58
N SER L 393 70.13 -45.44 -0.27
CA SER L 393 71.10 -45.41 -1.38
C SER L 393 72.51 -45.10 -0.88
N GLY L 394 72.86 -45.69 0.25
CA GLY L 394 74.16 -45.44 0.85
C GLY L 394 74.79 -46.68 1.46
N PHE L 395 76.10 -46.83 1.28
CA PHE L 395 76.83 -47.98 1.83
C PHE L 395 77.32 -47.62 3.22
N GLY L 396 76.62 -48.08 4.25
CA GLY L 396 77.01 -47.84 5.62
C GLY L 396 77.40 -49.11 6.34
N TRP L 397 76.91 -49.27 7.58
CA TRP L 397 77.18 -50.49 8.33
C TRP L 397 76.51 -51.68 7.66
N GLU L 398 77.16 -52.84 7.76
CA GLU L 398 76.66 -54.07 7.15
C GLU L 398 75.51 -54.61 7.98
N GLY L 399 74.34 -53.99 7.82
CA GLY L 399 73.16 -54.42 8.55
C GLY L 399 73.27 -54.28 10.05
N ASP L 400 73.82 -53.17 10.53
CA ASP L 400 74.05 -52.94 11.95
C ASP L 400 73.41 -51.61 12.38
N ARG L 401 72.15 -51.41 11.95
CA ARG L 401 71.45 -50.19 12.33
C ARG L 401 71.25 -50.10 13.84
N GLN L 402 70.89 -51.22 14.47
CA GLN L 402 70.77 -51.24 15.92
C GLN L 402 72.11 -51.00 16.58
N ASP L 403 73.18 -51.61 16.06
CA ASP L 403 74.50 -51.39 16.61
C ASP L 403 74.92 -49.93 16.45
N LEU L 404 74.65 -49.33 15.29
CA LEU L 404 74.96 -47.92 15.09
C LEU L 404 74.19 -47.05 16.07
N ASN L 405 72.91 -47.33 16.27
CA ASN L 405 72.12 -46.56 17.22
C ASN L 405 72.67 -46.68 18.63
N ASN L 406 73.03 -47.91 19.04
CA ASN L 406 73.58 -48.11 20.37
C ASN L 406 74.89 -47.36 20.55
N MET L 407 75.79 -47.45 19.57
CA MET L 407 77.07 -46.77 19.70
C MET L 407 76.91 -45.25 19.67
N LEU L 408 75.96 -44.74 18.88
CA LEU L 408 75.75 -43.30 18.84
C LEU L 408 75.15 -42.78 20.13
N VAL L 409 74.18 -43.51 20.71
CA VAL L 409 73.62 -43.05 21.98
C VAL L 409 74.64 -43.19 23.10
N ASP L 410 75.52 -44.20 23.02
CA ASP L 410 76.60 -44.29 24.00
C ASP L 410 77.55 -43.11 23.88
N PHE L 411 77.89 -42.73 22.65
CA PHE L 411 78.78 -41.60 22.44
C PHE L 411 78.14 -40.29 22.92
N ALA L 412 76.85 -40.13 22.68
CA ALA L 412 76.14 -38.94 23.14
C ALA L 412 75.78 -39.01 24.62
N THR L 413 75.98 -40.15 25.28
CA THR L 413 75.72 -40.30 26.70
C THR L 413 76.98 -40.20 27.54
N ASN L 414 78.03 -40.94 27.17
CA ASN L 414 79.27 -40.96 27.93
C ASN L 414 80.41 -40.18 27.27
N GLY L 415 80.41 -40.06 25.95
CA GLY L 415 81.44 -39.33 25.25
C GLY L 415 82.49 -40.24 24.65
N ILE L 416 83.25 -39.68 23.71
CA ILE L 416 84.31 -40.41 23.05
C ILE L 416 85.59 -40.31 23.87
N LYS L 417 86.48 -41.28 23.70
CA LYS L 417 87.75 -41.31 24.42
C LYS L 417 88.73 -40.42 23.68
N LEU L 418 88.93 -39.21 24.19
CA LEU L 418 89.87 -38.29 23.58
C LEU L 418 91.30 -38.81 23.77
N PRO L 419 92.17 -38.66 22.77
CA PRO L 419 93.54 -39.19 22.89
C PRO L 419 94.33 -38.58 24.04
N ASP L 420 93.97 -37.37 24.51
CA ASP L 420 94.71 -36.77 25.61
C ASP L 420 94.54 -37.57 26.90
N GLY L 421 93.45 -38.30 27.04
CA GLY L 421 93.19 -39.08 28.22
C GLY L 421 91.89 -38.70 28.90
N ARG L 422 91.07 -37.91 28.21
CA ARG L 422 89.79 -37.44 28.73
C ARG L 422 88.65 -37.99 27.88
N THR L 423 87.42 -37.70 28.31
CA THR L 423 86.22 -38.15 27.64
C THR L 423 85.28 -36.97 27.49
N ALA L 424 84.95 -36.61 26.26
CA ALA L 424 84.08 -35.49 25.96
C ALA L 424 82.89 -35.94 25.13
N VAL L 425 81.71 -35.41 25.44
CA VAL L 425 80.49 -35.79 24.74
C VAL L 425 80.37 -34.95 23.47
N VAL L 426 80.17 -35.62 22.34
CA VAL L 426 80.08 -34.94 21.05
C VAL L 426 78.71 -34.28 20.93
N PRO L 427 78.64 -33.02 20.50
CA PRO L 427 77.34 -32.37 20.31
C PRO L 427 76.62 -32.87 19.06
N SER L 428 75.47 -32.26 18.73
CA SER L 428 74.60 -32.80 17.70
C SER L 428 75.01 -32.35 16.30
N LYS L 429 75.04 -31.04 16.06
CA LYS L 429 75.26 -30.59 14.69
C LYS L 429 76.68 -30.86 14.22
N LEU L 430 77.65 -30.85 15.13
CA LEU L 430 79.00 -31.29 14.76
C LEU L 430 78.98 -32.75 14.31
N LEU L 431 78.22 -33.59 15.03
CA LEU L 431 78.10 -34.99 14.65
C LEU L 431 77.48 -35.13 13.26
N GLU L 432 76.39 -34.41 13.00
CA GLU L 432 75.70 -34.59 11.72
C GLU L 432 76.51 -34.03 10.56
N GLN L 433 77.27 -32.94 10.80
CA GLN L 433 78.13 -32.43 9.74
C GLN L 433 79.33 -33.33 9.53
N ALA L 434 79.79 -34.02 10.58
CA ALA L 434 80.81 -35.04 10.40
C ALA L 434 80.30 -36.20 9.55
N PHE L 435 79.05 -36.62 9.78
CA PHE L 435 78.49 -37.71 9.00
C PHE L 435 78.21 -37.29 7.57
N ASN L 436 77.77 -36.06 7.36
CA ASN L 436 77.36 -35.59 6.03
C ASN L 436 78.61 -35.22 5.24
N THR L 437 79.07 -36.16 4.41
CA THR L 437 80.22 -35.94 3.55
C THR L 437 79.76 -35.82 2.09
N THR L 438 80.72 -35.70 1.18
CA THR L 438 80.38 -35.58 -0.24
C THR L 438 79.82 -36.89 -0.79
N ASN L 439 80.31 -38.03 -0.30
CA ASN L 439 79.82 -39.34 -0.73
C ASN L 439 79.91 -40.30 0.45
N THR L 440 78.76 -40.86 0.84
CA THR L 440 78.67 -41.68 2.04
C THR L 440 79.41 -43.00 1.93
N TRP L 441 79.86 -43.38 0.74
CA TRP L 441 80.58 -44.64 0.58
C TRP L 441 81.90 -44.68 1.34
N LEU L 442 82.44 -43.51 1.71
CA LEU L 442 83.70 -43.48 2.44
C LEU L 442 83.55 -44.00 3.86
N PHE L 443 82.40 -43.78 4.47
CA PHE L 443 82.16 -44.11 5.88
C PHE L 443 81.17 -45.28 5.94
N LYS L 444 81.70 -46.49 6.10
CA LYS L 444 80.87 -47.69 6.16
C LYS L 444 80.96 -48.41 7.50
N ASN L 445 82.17 -48.73 7.96
CA ASN L 445 82.34 -49.48 9.19
C ASN L 445 82.32 -48.55 10.40
N ALA L 446 82.10 -49.14 11.57
CA ALA L 446 82.08 -48.37 12.81
C ALA L 446 83.45 -47.77 13.12
N GLY L 447 84.52 -48.53 12.87
CA GLY L 447 85.84 -48.03 13.13
C GLY L 447 86.18 -46.79 12.32
N ASP L 448 85.79 -46.79 11.04
CA ASP L 448 86.07 -45.63 10.19
C ASP L 448 85.34 -44.39 10.67
N VAL L 449 84.06 -44.53 11.02
CA VAL L 449 83.30 -43.35 11.46
C VAL L 449 83.78 -42.86 12.83
N GLU L 450 84.16 -43.77 13.73
CA GLU L 450 84.68 -43.31 15.01
C GLU L 450 86.03 -42.64 14.84
N LYS L 451 86.87 -43.13 13.93
CA LYS L 451 88.12 -42.42 13.63
C LYS L 451 87.84 -41.04 13.06
N ARG L 452 86.83 -40.95 12.19
CA ARG L 452 86.46 -39.66 11.60
C ARG L 452 86.04 -38.67 12.68
N ILE L 453 85.16 -39.09 13.58
CA ILE L 453 84.68 -38.17 14.61
C ILE L 453 85.80 -37.84 15.59
N ILE L 454 86.70 -38.79 15.86
CA ILE L 454 87.82 -38.54 16.75
C ILE L 454 88.73 -37.47 16.15
N GLU L 455 89.07 -37.62 14.87
CA GLU L 455 89.97 -36.65 14.25
C GLU L 455 89.29 -35.30 14.06
N LEU L 456 87.96 -35.27 13.88
CA LEU L 456 87.28 -33.99 13.75
C LEU L 456 87.15 -33.27 15.08
N MET L 457 86.94 -34.00 16.18
CA MET L 457 86.87 -33.35 17.48
C MET L 457 88.21 -32.82 17.94
N THR L 458 89.31 -33.34 17.36
CA THR L 458 90.64 -32.88 17.70
C THR L 458 91.08 -31.67 16.88
N THR L 459 90.16 -31.02 16.18
CA THR L 459 90.50 -29.83 15.41
C THR L 459 90.98 -28.72 16.35
N ASP L 460 92.00 -27.98 15.90
CA ASP L 460 92.60 -26.95 16.75
C ASP L 460 91.58 -25.92 17.19
N GLY L 461 90.83 -25.36 16.25
CA GLY L 461 89.79 -24.41 16.62
C GLY L 461 88.70 -25.04 17.47
N MET L 462 88.28 -26.25 17.09
CA MET L 462 87.28 -26.96 17.88
C MET L 462 87.78 -27.24 19.29
N THR L 463 89.05 -27.65 19.42
CA THR L 463 89.61 -27.90 20.74
C THR L 463 89.64 -26.62 21.57
N GLN L 464 90.15 -25.54 20.99
CA GLN L 464 90.21 -24.26 21.70
C GLN L 464 88.82 -23.84 22.17
N MET L 465 87.81 -24.02 21.30
CA MET L 465 86.44 -23.72 21.67
C MET L 465 85.98 -24.62 22.82
N ARG L 466 86.43 -25.88 22.82
CA ARG L 466 86.05 -26.81 23.88
C ARG L 466 86.57 -26.35 25.24
N GLU L 467 87.86 -26.03 25.34
CA GLU L 467 88.30 -25.53 26.65
C GLU L 467 87.91 -24.08 26.89
N ASP L 468 87.40 -23.36 25.88
CA ASP L 468 86.87 -22.04 26.15
C ASP L 468 85.50 -22.09 26.80
N ALA L 469 84.69 -23.10 26.47
CA ALA L 469 83.33 -23.16 27.00
C ALA L 469 83.25 -23.16 28.52
N PRO L 470 83.98 -24.02 29.26
CA PRO L 470 83.87 -23.97 30.73
C PRO L 470 84.35 -22.67 31.32
N THR L 471 85.38 -22.06 30.72
CA THR L 471 85.90 -20.80 31.25
C THR L 471 84.86 -19.69 31.16
N ILE L 472 84.22 -19.55 30.00
CA ILE L 472 83.20 -18.52 29.86
C ILE L 472 81.99 -18.85 30.73
N ARG L 473 81.66 -20.14 30.90
CA ARG L 473 80.55 -20.50 31.76
C ARG L 473 80.80 -20.08 33.21
N GLU L 474 81.98 -20.40 33.74
CA GLU L 474 82.30 -20.02 35.11
C GLU L 474 82.46 -18.51 35.25
N ASN L 475 82.94 -17.84 34.20
CA ASN L 475 82.99 -16.38 34.24
C ASN L 475 81.59 -15.78 34.33
N PHE L 476 80.64 -16.34 33.57
CA PHE L 476 79.26 -15.88 33.64
C PHE L 476 78.69 -16.08 35.04
N LEU L 477 78.94 -17.26 35.62
CA LEU L 477 78.44 -17.53 36.97
C LEU L 477 79.05 -16.57 37.99
N LYS L 478 80.36 -16.34 37.91
CA LYS L 478 81.01 -15.43 38.84
C LYS L 478 80.48 -14.02 38.68
N THR L 479 80.27 -13.58 37.44
CA THR L 479 79.77 -12.23 37.20
C THR L 479 78.38 -12.04 37.77
N VAL L 480 77.49 -13.02 37.56
CA VAL L 480 76.13 -12.86 38.08
C VAL L 480 76.14 -12.92 39.60
N SER L 481 76.99 -13.76 40.19
CA SER L 481 77.10 -13.82 41.65
C SER L 481 77.57 -12.48 42.20
N ASP L 482 78.59 -11.88 41.57
CA ASP L 482 79.09 -10.59 42.03
C ASP L 482 78.03 -9.50 41.85
N ILE L 483 77.28 -9.55 40.76
CA ILE L 483 76.22 -8.57 40.53
C ILE L 483 75.18 -8.65 41.64
N ALA L 484 74.76 -9.88 41.97
CA ALA L 484 73.78 -10.06 43.04
C ALA L 484 74.32 -9.57 44.38
N ASN L 485 75.58 -9.90 44.67
CA ASN L 485 76.18 -9.48 45.94
C ASN L 485 76.25 -7.96 46.03
N GLN L 486 76.66 -7.30 44.95
CA GLN L 486 76.74 -5.84 44.96
C GLN L 486 75.36 -5.21 45.07
N LYS L 487 74.36 -5.79 44.39
CA LYS L 487 73.00 -5.30 44.52
C LYS L 487 72.54 -5.36 45.96
N ARG L 488 72.73 -6.51 46.62
CA ARG L 488 72.32 -6.65 48.01
C ARG L 488 73.09 -5.70 48.91
N SER L 489 74.39 -5.51 48.64
CA SER L 489 75.21 -4.65 49.49
C SER L 489 74.76 -3.19 49.39
N ASN L 490 74.57 -2.69 48.18
CA ASN L 490 74.12 -1.30 48.06
C ASN L 490 72.71 -1.14 48.61
N ALA L 491 71.85 -2.16 48.44
CA ALA L 491 70.52 -2.09 49.00
C ALA L 491 70.55 -2.00 50.52
N VAL L 492 71.36 -2.84 51.18
CA VAL L 492 71.40 -2.83 52.64
C VAL L 492 72.00 -1.52 53.14
N LYS L 493 73.04 -1.02 52.47
CA LYS L 493 73.63 0.24 52.89
C LYS L 493 72.64 1.39 52.77
N VAL L 494 71.93 1.48 51.64
CA VAL L 494 70.98 2.57 51.45
C VAL L 494 69.85 2.47 52.45
N THR L 495 69.33 1.25 52.68
CA THR L 495 68.23 1.08 53.61
C THR L 495 68.62 1.44 55.03
N ARG L 496 69.81 1.00 55.48
CA ARG L 496 70.22 1.33 56.84
C ARG L 496 70.51 2.82 56.99
N SER L 497 71.09 3.45 55.97
CA SER L 497 71.31 4.89 56.03
C SER L 497 69.98 5.64 56.11
N ALA L 498 68.99 5.24 55.30
CA ALA L 498 67.70 5.88 55.34
C ALA L 498 67.03 5.68 56.70
N GLU L 499 67.13 4.48 57.26
CA GLU L 499 66.52 4.21 58.56
C GLU L 499 67.17 5.04 59.65
N ARG L 500 68.50 5.19 59.62
CA ARG L 500 69.17 6.03 60.59
C ARG L 500 68.78 7.49 60.43
N GLU L 501 68.66 7.96 59.19
CA GLU L 501 68.32 9.36 58.95
C GLU L 501 66.89 9.67 59.38
N LYS L 502 65.96 8.76 59.12
CA LYS L 502 64.58 8.97 59.55
C LYS L 502 64.46 9.04 61.07
N GLY L 503 65.17 8.15 61.77
CA GLY L 503 65.13 8.12 63.22
C GLY L 503 66.46 7.74 63.83
#